data_9L3F
#
_entry.id   9L3F
#
loop_
_entity.id
_entity.type
_entity.pdbx_description
1 polymer 'Short transient receptor potential channel 5'
2 non-polymer 'ZINC ION'
3 non-polymer 'CALCIUM ION'
4 non-polymer (E)-1-(4-chlorobenzyl)-3-fluoro-1-(3-hydroxypropyl)-1,1,1,1-tetrahydro-1H-2,4-dioxa-1(8,3)-purina-3(1,3)-benzenacyclodecaphane-1,1-dione
#
_entity_poly.entity_id   1
_entity_poly.type   'polypeptide(L)'
_entity_poly.pdbx_seq_one_letter_code
;MAQLYYKKVNYSPYRDRIPLQIVRAETELSAEEKAFLSAVEKGDYATVKQALQEAEIYYNVNINCMDPLGRSALLIAIEN
ENLEIMELLLNHSVYVGDALLYAIRKEVVGAVELLLSYRKPSGEKQVPTLMMDTQFSEFTPDITPIMLAAHTNNYEIIKL
LVQKRVTIPRPHQIRCNCVECVSSSEVDSLRHSRSRLNIYKALASPSLIALSSEDPILTAFRLGWELKELSKVENEFKAE
YEELSQQCKLFAKDLLDQARSSRELEIILNHRDDHSEELDPQKYHDLAKLKVAIKYHQKEFVAQPNCQQLLATLWYDGFP
GWRRKHWVVKLLTCMTIGFLFPMLSIAYLISPRSNLGLFIKKPFIKFICHTASYLTFLFMLLLASQHIVRTDLHVQGPPP
TVVEWMILPWVLGFIWGEIKEMWDGGFTEYIHDWWNLMDFAMNSLYLATISLKIVAYVKYNGSRPREEWEMWHPTLIAEA
LFAISNILSSLRLISLFTANSHLGPLQISLGRMLLDILKFLFIYCLVLLAFANGLNQLYFYYETRAIDEPNNCKGIRCEK
QNNAFSTLFETLQSLFWSVFGLLNLYVTNVKARHEFTEFVGATMFGTYNVISLVVLLNMLIAMMNNSYQLIADHADIEWK
FARTKLWMSYFDEGGTLPPPFNIIPSPKSFLYLGNWFNNTFCPKRDPDGRRRRHNLRSFTERHADSLIQNQHYQEVIRNL
VKRYVAAMIRNSKTNEGLTEENFKELKQDISSFRYEVLDLLGNRK
;
_entity_poly.pdbx_strand_id   A,B,C,D
#
loop_
_chem_comp.id
_chem_comp.type
_chem_comp.name
_chem_comp.formula
A1EH7 non-polymer (E)-1-(4-chlorobenzyl)-3-fluoro-1-(3-hydroxypropyl)-1,1,1,1-tetrahydro-1H-2,4-dioxa-1(8,3)-purina-3(1,3)-benzenacyclodecaphane-1,1-dione 'C27 H28 Cl F N4 O5'
CA non-polymer 'CALCIUM ION' 'Ca 2'
ZN non-polymer 'ZINC ION' 'Zn 2'
#
# COMPACT_ATOMS: atom_id res chain seq x y z
N ARG A 15 18.33 33.16 -41.71
CA ARG A 15 18.79 33.19 -40.33
C ARG A 15 18.11 32.10 -39.51
N ASP A 16 18.67 30.89 -39.58
CA ASP A 16 18.17 29.73 -38.85
C ASP A 16 19.11 29.28 -37.75
N ARG A 17 20.00 30.16 -37.29
CA ARG A 17 20.97 29.85 -36.26
C ARG A 17 20.75 30.74 -35.04
N ILE A 18 21.21 30.26 -33.89
CA ILE A 18 21.10 30.97 -32.63
C ILE A 18 22.51 31.27 -32.12
N PRO A 19 22.91 32.53 -32.01
CA PRO A 19 24.21 32.84 -31.43
C PRO A 19 24.19 32.75 -29.90
N LEU A 20 25.39 32.66 -29.34
CA LEU A 20 25.55 32.54 -27.90
C LEU A 20 26.67 33.45 -27.43
N GLN A 21 26.49 34.06 -26.26
CA GLN A 21 27.51 34.94 -25.68
C GLN A 21 27.23 35.11 -24.20
N ILE A 22 28.15 35.77 -23.52
CA ILE A 22 28.05 36.03 -22.08
C ILE A 22 27.51 37.44 -21.88
N VAL A 23 26.49 37.58 -21.04
CA VAL A 23 25.81 38.85 -20.88
C VAL A 23 26.26 39.57 -19.61
N ARG A 24 26.61 38.81 -18.57
CA ARG A 24 27.05 39.37 -17.30
C ARG A 24 28.51 38.97 -17.10
N ALA A 25 29.43 39.83 -17.53
CA ALA A 25 30.84 39.51 -17.55
C ALA A 25 31.50 39.83 -16.21
N GLU A 26 32.65 39.21 -15.97
CA GLU A 26 33.43 39.39 -14.76
C GLU A 26 34.91 39.44 -15.11
N THR A 27 35.74 39.61 -14.10
CA THR A 27 37.18 39.68 -14.27
C THR A 27 37.77 38.28 -14.43
N GLU A 28 38.99 38.22 -14.96
CA GLU A 28 39.69 36.96 -15.21
C GLU A 28 41.09 37.03 -14.63
N LEU A 29 41.77 35.88 -14.63
CA LEU A 29 43.08 35.73 -14.02
C LEU A 29 44.16 35.67 -15.09
N SER A 30 45.35 36.16 -14.73
CA SER A 30 46.49 36.12 -15.62
C SER A 30 47.10 34.71 -15.62
N ALA A 31 48.11 34.51 -16.46
CA ALA A 31 48.77 33.22 -16.57
C ALA A 31 49.88 33.03 -15.55
N GLU A 32 50.17 34.06 -14.75
CA GLU A 32 51.14 33.94 -13.67
C GLU A 32 50.50 33.70 -12.32
N GLU A 33 49.21 34.00 -12.17
CA GLU A 33 48.48 33.78 -10.93
C GLU A 33 47.69 32.48 -10.95
N LYS A 34 47.88 31.65 -11.98
CA LYS A 34 47.19 30.37 -12.11
C LYS A 34 48.05 29.20 -11.68
N ALA A 35 49.34 29.22 -12.01
CA ALA A 35 50.23 28.16 -11.56
C ALA A 35 50.33 28.12 -10.04
N PHE A 36 50.22 29.27 -9.38
CA PHE A 36 50.23 29.33 -7.93
C PHE A 36 49.07 28.51 -7.35
N LEU A 37 47.84 28.84 -7.75
CA LEU A 37 46.67 28.12 -7.25
C LEU A 37 46.67 26.66 -7.71
N SER A 38 47.30 26.37 -8.85
CA SER A 38 47.37 24.98 -9.28
C SER A 38 48.35 24.17 -8.42
N ALA A 39 49.44 24.80 -7.99
CA ALA A 39 50.38 24.13 -7.11
C ALA A 39 49.81 23.98 -5.71
N VAL A 40 48.93 24.87 -5.28
CA VAL A 40 48.32 24.72 -3.96
C VAL A 40 47.42 23.49 -3.90
N GLU A 41 46.78 23.11 -5.02
CA GLU A 41 45.80 22.03 -5.01
C GLU A 41 46.42 20.63 -5.10
N LYS A 42 47.75 20.52 -5.24
CA LYS A 42 48.37 19.22 -5.43
C LYS A 42 49.26 18.79 -4.28
N GLY A 43 49.71 19.72 -3.42
CA GLY A 43 50.53 19.36 -2.29
C GLY A 43 51.97 19.79 -2.41
N ASP A 44 52.38 20.33 -3.56
CA ASP A 44 53.76 20.76 -3.75
C ASP A 44 54.10 21.87 -2.75
N TYR A 45 55.11 21.62 -1.92
CA TYR A 45 55.47 22.53 -0.83
C TYR A 45 56.70 23.35 -1.12
N ALA A 46 57.56 22.91 -2.04
CA ALA A 46 58.80 23.63 -2.32
C ALA A 46 58.65 24.68 -3.40
N THR A 47 57.60 24.60 -4.24
CA THR A 47 57.39 25.59 -5.28
C THR A 47 56.52 26.74 -4.81
N VAL A 48 55.55 26.48 -3.93
CA VAL A 48 54.75 27.57 -3.37
C VAL A 48 55.61 28.45 -2.47
N LYS A 49 56.56 27.85 -1.75
CA LYS A 49 57.43 28.61 -0.87
C LYS A 49 58.35 29.54 -1.66
N GLN A 50 58.61 29.26 -2.93
CA GLN A 50 59.43 30.12 -3.77
C GLN A 50 58.61 31.26 -4.37
N ALA A 51 57.36 30.98 -4.75
CA ALA A 51 56.48 32.03 -5.22
C ALA A 51 56.11 33.00 -4.12
N LEU A 52 56.04 32.54 -2.87
CA LEU A 52 55.79 33.46 -1.77
C LEU A 52 56.96 34.37 -1.49
N GLN A 53 58.18 33.96 -1.84
CA GLN A 53 59.36 34.77 -1.59
C GLN A 53 59.70 35.69 -2.76
N GLU A 54 59.45 35.26 -3.99
CA GLU A 54 59.74 36.13 -5.12
C GLU A 54 58.80 37.33 -5.19
N ALA A 55 57.64 37.27 -4.55
CA ALA A 55 56.66 38.34 -4.59
C ALA A 55 56.89 39.39 -3.50
N GLU A 56 58.06 39.40 -2.88
CA GLU A 56 58.41 40.43 -1.90
C GLU A 56 59.56 41.30 -2.36
N ILE A 57 60.31 40.91 -3.39
CA ILE A 57 61.36 41.73 -3.96
C ILE A 57 60.80 42.38 -5.22
N TYR A 58 60.31 41.56 -6.15
CA TYR A 58 59.53 42.02 -7.28
C TYR A 58 58.05 41.90 -6.96
N TYR A 59 57.23 42.62 -7.72
CA TYR A 59 55.78 42.68 -7.49
C TYR A 59 55.06 42.29 -8.77
N ASN A 60 54.75 40.99 -8.91
CA ASN A 60 54.02 40.51 -10.07
C ASN A 60 52.79 39.66 -9.73
N VAL A 61 52.63 39.24 -8.48
CA VAL A 61 51.50 38.41 -8.06
C VAL A 61 50.92 39.00 -6.78
N ASN A 62 49.60 38.97 -6.66
CA ASN A 62 48.92 39.32 -5.42
C ASN A 62 48.35 38.05 -4.81
N ILE A 63 48.66 37.81 -3.54
CA ILE A 63 48.37 36.52 -2.89
C ILE A 63 46.92 36.40 -2.45
N ASN A 64 46.08 37.37 -2.75
CA ASN A 64 44.66 37.34 -2.38
C ASN A 64 43.75 37.18 -3.58
N CYS A 65 44.18 36.41 -4.58
CA CYS A 65 43.36 36.22 -5.78
C CYS A 65 42.21 35.26 -5.48
N MET A 66 41.26 35.19 -6.42
CA MET A 66 40.05 34.39 -6.25
C MET A 66 39.75 33.64 -7.53
N ASP A 67 39.66 32.31 -7.43
CA ASP A 67 39.42 31.46 -8.58
C ASP A 67 37.99 31.67 -9.09
N PRO A 68 37.64 31.05 -10.23
CA PRO A 68 36.28 31.22 -10.78
C PRO A 68 35.13 31.08 -9.79
N LEU A 69 35.27 30.24 -8.77
CA LEU A 69 34.15 29.92 -7.89
C LEU A 69 34.22 30.62 -6.54
N GLY A 70 35.06 31.64 -6.42
CA GLY A 70 35.15 32.40 -5.19
C GLY A 70 36.04 31.82 -4.12
N ARG A 71 36.87 30.83 -4.45
CA ARG A 71 37.76 30.19 -3.50
C ARG A 71 39.15 30.80 -3.61
N SER A 72 39.71 31.20 -2.48
CA SER A 72 41.03 31.79 -2.43
C SER A 72 42.04 30.72 -2.02
N ALA A 73 43.28 31.14 -1.75
CA ALA A 73 44.35 30.20 -1.46
C ALA A 73 44.26 29.61 -0.06
N LEU A 74 43.46 30.17 0.83
CA LEU A 74 43.32 29.67 2.19
C LEU A 74 42.07 28.82 2.38
N LEU A 75 41.13 28.88 1.44
CA LEU A 75 39.95 28.02 1.49
C LEU A 75 40.12 26.74 0.68
N ILE A 76 41.19 26.62 -0.08
CA ILE A 76 41.52 25.36 -0.74
C ILE A 76 42.34 24.45 0.17
N ALA A 77 43.05 25.01 1.14
CA ALA A 77 43.85 24.23 2.08
C ALA A 77 43.07 23.78 3.30
N ILE A 78 41.81 24.20 3.44
CA ILE A 78 40.99 23.76 4.57
C ILE A 78 40.14 22.57 4.14
N GLU A 79 39.70 22.56 2.89
CA GLU A 79 38.86 21.44 2.44
C GLU A 79 39.69 20.19 2.19
N ASN A 80 40.90 20.34 1.67
CA ASN A 80 41.90 19.28 1.71
C ASN A 80 42.69 19.47 2.99
N GLU A 81 42.47 18.60 3.97
CA GLU A 81 42.95 18.90 5.32
C GLU A 81 44.47 18.84 5.36
N ASN A 82 45.12 20.00 5.19
CA ASN A 82 46.57 20.13 5.16
C ASN A 82 46.97 21.17 6.19
N LEU A 83 47.61 20.73 7.27
CA LEU A 83 47.98 21.62 8.37
C LEU A 83 49.42 22.12 8.27
N GLU A 84 50.08 21.91 7.15
CA GLU A 84 51.45 22.37 6.95
C GLU A 84 51.56 23.50 5.94
N ILE A 85 50.51 23.78 5.18
CA ILE A 85 50.50 24.89 4.24
C ILE A 85 49.74 26.05 4.87
N MET A 86 48.80 25.72 5.77
CA MET A 86 48.09 26.77 6.50
C MET A 86 49.05 27.56 7.38
N GLU A 87 49.92 26.85 8.12
CA GLU A 87 50.89 27.53 8.95
C GLU A 87 51.94 28.28 8.14
N LEU A 88 52.11 27.93 6.86
CA LEU A 88 53.02 28.69 6.01
C LEU A 88 52.35 29.93 5.45
N LEU A 89 51.07 29.82 5.07
CA LEU A 89 50.34 30.97 4.56
C LEU A 89 49.98 31.96 5.66
N LEU A 90 49.96 31.53 6.92
CA LEU A 90 49.62 32.44 8.01
C LEU A 90 50.84 33.17 8.56
N ASN A 91 52.03 32.59 8.45
CA ASN A 91 53.24 33.29 8.87
C ASN A 91 53.55 34.47 7.96
N HIS A 92 53.10 34.43 6.72
CA HIS A 92 53.01 35.61 5.88
C HIS A 92 51.63 36.23 6.06
N SER A 93 51.54 37.53 5.86
CA SER A 93 50.30 38.24 6.13
C SER A 93 49.33 38.02 4.97
N VAL A 94 48.30 37.20 5.21
CA VAL A 94 47.19 37.05 4.26
C VAL A 94 45.93 37.58 4.93
N TYR A 95 44.84 37.64 4.17
CA TYR A 95 43.60 38.24 4.65
C TYR A 95 42.68 37.14 5.15
N VAL A 96 42.45 37.10 6.45
CA VAL A 96 41.58 36.13 7.09
C VAL A 96 40.21 36.79 7.27
N GLY A 97 39.24 36.37 6.48
CA GLY A 97 37.91 36.94 6.57
C GLY A 97 36.97 36.09 7.39
N ASP A 98 35.97 35.50 6.73
CA ASP A 98 35.04 34.59 7.38
C ASP A 98 35.53 33.15 7.24
N ALA A 99 36.77 32.92 7.68
CA ALA A 99 37.39 31.62 7.54
C ALA A 99 37.25 30.74 8.78
N LEU A 100 36.67 31.26 9.85
CA LEU A 100 36.40 30.44 11.02
C LEU A 100 35.04 29.77 10.96
N LEU A 101 34.15 30.24 10.09
CA LEU A 101 32.85 29.62 9.89
C LEU A 101 32.89 28.51 8.86
N TYR A 102 33.95 28.42 8.04
CA TYR A 102 34.11 27.33 7.10
C TYR A 102 34.79 26.12 7.70
N ALA A 103 35.39 26.26 8.88
CA ALA A 103 36.04 25.15 9.57
C ALA A 103 35.18 24.55 10.67
N ILE A 104 34.06 25.18 11.02
CA ILE A 104 33.10 24.61 11.94
C ILE A 104 32.01 23.83 11.21
N ARG A 105 31.75 24.15 9.94
CA ARG A 105 30.79 23.38 9.17
C ARG A 105 31.37 22.06 8.71
N LYS A 106 32.65 22.03 8.37
CA LYS A 106 33.39 20.80 8.11
C LYS A 106 34.18 20.46 9.37
N GLU A 107 33.75 19.41 10.07
CA GLU A 107 34.10 19.20 11.48
C GLU A 107 35.53 18.69 11.60
N VAL A 108 36.48 19.61 11.67
CA VAL A 108 37.87 19.31 11.98
C VAL A 108 38.23 20.06 13.27
N VAL A 109 39.20 19.51 14.00
CA VAL A 109 39.54 20.05 15.31
C VAL A 109 40.88 20.78 15.32
N GLY A 110 41.85 20.35 14.52
CA GLY A 110 43.13 21.05 14.50
C GLY A 110 43.02 22.46 13.95
N ALA A 111 42.24 22.64 12.88
CA ALA A 111 42.12 23.95 12.25
C ALA A 111 41.49 24.96 13.19
N VAL A 112 40.45 24.57 13.92
CA VAL A 112 39.80 25.49 14.86
C VAL A 112 40.80 26.03 15.86
N GLU A 113 41.54 25.14 16.51
CA GLU A 113 42.52 25.57 17.50
C GLU A 113 43.61 26.44 16.87
N LEU A 114 44.11 26.02 15.71
CA LEU A 114 45.15 26.80 15.05
C LEU A 114 44.69 28.22 14.76
N LEU A 115 43.44 28.38 14.29
CA LEU A 115 42.93 29.71 13.96
C LEU A 115 42.67 30.52 15.22
N LEU A 116 42.18 29.89 16.29
CA LEU A 116 42.01 30.61 17.55
C LEU A 116 43.34 31.10 18.09
N SER A 117 44.40 30.31 17.94
CA SER A 117 45.69 30.70 18.52
C SER A 117 46.31 31.90 17.83
N TYR A 118 46.18 32.00 16.50
CA TYR A 118 46.79 33.09 15.74
C TYR A 118 45.98 34.38 15.78
N ARG A 119 44.94 34.44 16.60
CA ARG A 119 44.11 35.65 16.73
C ARG A 119 44.94 36.91 16.95
N GLN A 135 33.25 40.52 -0.89
CA GLN A 135 31.89 40.75 -0.42
C GLN A 135 30.94 39.69 -0.97
N PHE A 136 31.13 38.45 -0.52
CA PHE A 136 30.22 37.36 -0.85
C PHE A 136 30.45 36.24 0.14
N SER A 137 29.36 35.70 0.67
CA SER A 137 29.46 34.61 1.64
C SER A 137 28.24 33.71 1.50
N GLU A 138 28.36 32.52 2.06
CA GLU A 138 27.26 31.56 2.10
C GLU A 138 26.42 31.68 3.36
N PHE A 139 26.75 32.59 4.26
CA PHE A 139 26.09 32.72 5.55
C PHE A 139 25.45 34.10 5.68
N THR A 140 24.25 34.12 6.25
CA THR A 140 23.54 35.36 6.48
C THR A 140 24.29 36.22 7.51
N PRO A 141 24.03 37.54 7.53
CA PRO A 141 24.87 38.44 8.36
C PRO A 141 24.63 38.35 9.87
N ASP A 142 23.84 37.39 10.34
CA ASP A 142 23.57 37.28 11.77
C ASP A 142 24.17 36.05 12.44
N ILE A 143 24.67 35.08 11.68
CA ILE A 143 25.23 33.87 12.27
C ILE A 143 26.48 34.19 13.04
N THR A 144 26.59 33.64 14.24
CA THR A 144 27.75 33.74 15.11
C THR A 144 28.37 32.36 15.32
N PRO A 145 29.61 32.29 15.82
CA PRO A 145 30.25 30.97 15.98
C PRO A 145 29.54 30.06 16.97
N ILE A 146 29.20 30.55 18.16
CA ILE A 146 28.56 29.70 19.15
C ILE A 146 27.16 29.29 18.70
N MET A 147 26.53 30.07 17.82
CA MET A 147 25.21 29.70 17.31
C MET A 147 25.33 28.70 16.16
N LEU A 148 26.40 28.76 15.38
CA LEU A 148 26.57 27.83 14.27
C LEU A 148 27.12 26.49 14.72
N ALA A 149 27.90 26.47 15.80
CA ALA A 149 28.43 25.21 16.32
C ALA A 149 27.38 24.39 17.04
N ALA A 150 26.19 24.94 17.28
CA ALA A 150 25.11 24.23 17.94
C ALA A 150 24.08 23.66 16.97
N HIS A 151 23.99 24.20 15.75
CA HIS A 151 23.16 23.58 14.73
C HIS A 151 23.70 22.20 14.37
N THR A 152 25.01 22.11 14.13
CA THR A 152 25.67 20.82 14.17
C THR A 152 25.72 20.33 15.61
N ASN A 153 26.05 19.06 15.79
CA ASN A 153 25.92 18.44 17.10
C ASN A 153 27.23 17.81 17.56
N ASN A 154 28.31 18.58 17.48
CA ASN A 154 29.58 18.13 18.04
C ASN A 154 29.65 18.41 19.53
N TYR A 155 30.33 17.52 20.25
CA TYR A 155 30.52 17.67 21.69
C TYR A 155 31.88 18.23 22.05
N GLU A 156 32.91 17.96 21.25
CA GLU A 156 34.26 18.44 21.56
C GLU A 156 34.48 19.87 21.09
N ILE A 157 33.76 20.32 20.05
CA ILE A 157 33.93 21.68 19.56
C ILE A 157 33.16 22.66 20.44
N ILE A 158 31.99 22.27 20.94
CA ILE A 158 31.22 23.15 21.81
C ILE A 158 31.98 23.41 23.11
N LYS A 159 32.67 22.39 23.63
CA LYS A 159 33.37 22.55 24.90
C LYS A 159 34.55 23.49 24.80
N LEU A 160 35.07 23.75 23.59
CA LEU A 160 36.19 24.67 23.45
C LEU A 160 35.77 26.12 23.40
N LEU A 161 34.53 26.41 23.00
CA LEU A 161 34.04 27.77 22.89
C LEU A 161 33.34 28.26 24.15
N VAL A 162 32.96 27.36 25.06
CA VAL A 162 32.32 27.76 26.31
C VAL A 162 33.34 28.01 27.41
N GLN A 163 34.57 27.52 27.25
CA GLN A 163 35.62 27.83 28.22
C GLN A 163 36.12 29.26 28.07
N LYS A 164 35.96 29.85 26.89
CA LYS A 164 35.98 31.30 26.73
C LYS A 164 34.54 31.82 26.86
N ARG A 165 34.43 33.08 27.23
CA ARG A 165 33.12 33.63 27.59
C ARG A 165 32.29 33.95 26.34
N VAL A 166 31.08 33.42 26.28
CA VAL A 166 30.17 33.61 25.16
C VAL A 166 28.78 33.94 25.71
N THR A 167 27.82 34.15 24.80
CA THR A 167 26.49 34.61 25.18
C THR A 167 25.53 34.38 24.02
N ILE A 168 24.28 34.07 24.36
CA ILE A 168 23.20 33.93 23.37
C ILE A 168 22.07 34.88 23.75
N PRO A 169 21.46 35.60 22.80
CA PRO A 169 20.36 36.52 23.14
C PRO A 169 19.13 35.82 23.68
N ARG A 170 18.12 36.60 24.09
CA ARG A 170 16.91 36.08 24.69
C ARG A 170 15.69 36.49 23.88
N PRO A 171 14.84 35.56 23.46
CA PRO A 171 13.65 35.93 22.69
C PRO A 171 12.50 36.35 23.59
N HIS A 172 11.74 37.34 23.11
CA HIS A 172 10.61 37.84 23.88
C HIS A 172 9.46 36.84 23.87
N GLN A 173 8.53 37.03 24.81
CA GLN A 173 7.38 36.16 24.91
C GLN A 173 6.42 36.39 23.75
N ILE A 174 5.47 35.47 23.59
CA ILE A 174 4.49 35.58 22.52
C ILE A 174 3.59 36.78 22.75
N ARG A 175 3.10 37.36 21.65
CA ARG A 175 2.15 38.47 21.68
C ARG A 175 2.71 39.70 22.39
N CYS A 176 4.03 39.86 22.41
CA CYS A 176 4.64 41.03 23.02
C CYS A 176 4.34 42.27 22.19
N ASN A 177 4.23 43.41 22.88
CA ASN A 177 3.76 44.63 22.24
C ASN A 177 4.65 45.83 22.56
N CYS A 178 5.94 45.61 22.77
CA CYS A 178 6.85 46.73 22.99
C CYS A 178 7.03 47.51 21.70
N VAL A 179 7.65 48.69 21.81
CA VAL A 179 7.82 49.52 20.63
C VAL A 179 8.78 48.88 19.64
N GLU A 180 9.75 48.10 20.12
CA GLU A 180 10.68 47.46 19.19
C GLU A 180 10.00 46.36 18.39
N CYS A 181 9.20 45.52 19.05
CA CYS A 181 8.57 44.41 18.36
C CYS A 181 7.55 44.87 17.33
N VAL A 182 7.02 46.09 17.46
CA VAL A 182 6.05 46.60 16.50
C VAL A 182 6.68 47.57 15.50
N SER A 183 7.85 48.14 15.83
CA SER A 183 8.55 49.02 14.90
C SER A 183 9.37 48.21 13.91
N SER A 184 10.13 47.22 14.38
CA SER A 184 10.95 46.42 13.48
C SER A 184 10.11 45.53 12.58
N SER A 185 8.91 45.16 13.03
CA SER A 185 8.08 44.24 12.26
C SER A 185 7.35 44.92 11.11
N GLU A 186 7.68 46.18 10.85
CA GLU A 186 7.06 46.90 9.72
C GLU A 186 8.06 47.65 8.89
N VAL A 187 9.34 47.53 9.21
CA VAL A 187 10.39 48.06 8.38
C VAL A 187 11.05 46.98 7.54
N ASP A 188 11.26 45.81 8.14
CA ASP A 188 11.71 44.62 7.42
C ASP A 188 11.03 43.42 8.07
N SER A 189 10.12 42.79 7.34
CA SER A 189 9.30 41.71 7.89
C SER A 189 9.76 40.33 7.46
N LEU A 190 10.72 40.23 6.53
CA LEU A 190 11.27 38.94 6.15
C LEU A 190 12.58 38.64 6.84
N ARG A 191 13.21 39.65 7.45
CA ARG A 191 14.40 39.46 8.25
C ARG A 191 14.10 39.26 9.73
N HIS A 192 12.99 39.83 10.21
CA HIS A 192 12.58 39.66 11.60
C HIS A 192 11.99 38.29 11.88
N SER A 193 11.55 37.57 10.86
CA SER A 193 10.96 36.24 11.03
C SER A 193 11.96 35.14 10.79
N ARG A 194 13.23 35.48 10.61
CA ARG A 194 14.30 34.50 10.43
C ARG A 194 15.17 34.33 11.66
N SER A 195 15.35 35.38 12.45
CA SER A 195 16.24 35.30 13.61
C SER A 195 15.65 34.42 14.70
N ARG A 196 14.33 34.46 14.89
CA ARG A 196 13.71 33.67 15.96
C ARG A 196 13.88 32.17 15.69
N LEU A 197 13.72 31.76 14.43
CA LEU A 197 13.92 30.35 14.10
C LEU A 197 15.34 29.92 14.38
N ASN A 198 16.32 30.78 14.06
CA ASN A 198 17.72 30.43 14.33
C ASN A 198 17.97 30.27 15.83
N ILE A 199 17.47 31.22 16.63
CA ILE A 199 17.68 31.13 18.08
C ILE A 199 17.03 29.87 18.64
N TYR A 200 15.82 29.56 18.19
CA TYR A 200 15.13 28.40 18.73
C TYR A 200 15.74 27.09 18.25
N LYS A 201 16.38 27.08 17.07
CA LYS A 201 17.13 25.89 16.66
C LYS A 201 18.43 25.76 17.45
N ALA A 202 19.00 26.87 17.90
CA ALA A 202 20.21 26.81 18.71
C ALA A 202 19.91 26.27 20.10
N LEU A 203 18.83 26.76 20.73
CA LEU A 203 18.57 26.43 22.13
C LEU A 203 18.16 24.98 22.35
N ALA A 204 17.67 24.29 21.32
CA ALA A 204 17.04 22.98 21.48
C ALA A 204 17.97 21.81 21.10
N SER A 205 19.26 21.93 21.33
CA SER A 205 20.12 20.81 20.98
C SER A 205 20.49 19.97 22.20
N PRO A 206 20.57 18.64 22.05
CA PRO A 206 20.84 17.79 23.22
C PRO A 206 22.15 18.08 23.93
N SER A 207 23.23 18.34 23.19
CA SER A 207 24.52 18.55 23.85
C SER A 207 24.53 19.82 24.69
N LEU A 208 23.97 20.91 24.17
CA LEU A 208 23.92 22.15 24.93
C LEU A 208 23.01 22.00 26.16
N ILE A 209 21.95 21.21 26.05
CA ILE A 209 21.08 20.99 27.20
C ILE A 209 21.79 20.14 28.25
N ALA A 210 22.58 19.17 27.82
CA ALA A 210 23.23 18.25 28.75
C ALA A 210 24.54 18.80 29.31
N LEU A 211 25.05 19.90 28.77
CA LEU A 211 26.34 20.42 29.20
C LEU A 211 26.22 21.58 30.19
N SER A 212 25.18 22.40 30.10
CA SER A 212 25.11 23.64 30.89
C SER A 212 23.80 23.83 31.64
N SER A 213 23.00 22.77 31.84
CA SER A 213 21.74 22.88 32.56
C SER A 213 21.86 22.27 33.94
N GLU A 214 21.03 22.76 34.87
CA GLU A 214 21.05 22.23 36.23
C GLU A 214 20.17 21.00 36.39
N ASP A 215 19.09 20.90 35.64
CA ASP A 215 18.19 19.75 35.68
C ASP A 215 17.80 19.40 34.26
N PRO A 216 18.50 18.46 33.63
CA PRO A 216 18.30 18.20 32.19
C PRO A 216 16.98 17.51 31.86
N ILE A 217 16.23 17.05 32.85
CA ILE A 217 14.99 16.32 32.56
C ILE A 217 13.82 17.29 32.59
N LEU A 218 13.87 18.26 33.49
CA LEU A 218 12.78 19.21 33.65
C LEU A 218 12.88 20.39 32.70
N THR A 219 13.96 20.50 31.93
CA THR A 219 14.11 21.54 30.94
C THR A 219 13.66 21.10 29.55
N ALA A 220 13.56 19.79 29.32
CA ALA A 220 12.97 19.27 28.09
C ALA A 220 11.46 19.10 28.20
N PHE A 221 10.89 19.27 29.39
CA PHE A 221 9.44 19.26 29.54
C PHE A 221 8.85 20.64 29.23
N ARG A 222 9.49 21.70 29.73
CA ARG A 222 8.97 23.05 29.61
C ARG A 222 9.31 23.71 28.28
N LEU A 223 10.15 23.08 27.47
CA LEU A 223 10.54 23.66 26.19
C LEU A 223 9.98 22.90 25.00
N GLY A 224 9.54 21.66 25.19
CA GLY A 224 8.83 20.93 24.18
C GLY A 224 7.33 21.11 24.23
N TRP A 225 6.86 22.01 25.09
CA TRP A 225 5.44 22.34 25.20
C TRP A 225 5.10 23.71 24.65
N GLU A 226 6.05 24.64 24.65
CA GLU A 226 5.83 25.97 24.07
C GLU A 226 6.52 26.14 22.73
N LEU A 227 7.05 25.07 22.16
CA LEU A 227 7.39 25.04 20.74
C LEU A 227 6.26 24.49 19.90
N LYS A 228 5.17 24.04 20.53
CA LYS A 228 3.97 23.60 19.82
C LYS A 228 2.91 24.69 19.75
N GLU A 229 2.83 25.56 20.75
CA GLU A 229 1.94 26.70 20.66
C GLU A 229 2.37 27.64 19.53
N LEU A 230 3.67 27.88 19.40
CA LEU A 230 4.18 28.69 18.30
C LEU A 230 3.88 28.09 16.94
N SER A 231 3.49 26.82 16.88
CA SER A 231 3.14 26.18 15.62
C SER A 231 1.74 26.56 15.13
N LYS A 232 1.01 27.37 15.88
CA LYS A 232 -0.35 27.76 15.49
C LYS A 232 -0.45 29.21 15.04
N VAL A 233 0.33 30.11 15.62
CA VAL A 233 0.25 31.51 15.22
C VAL A 233 1.12 31.80 14.00
N GLU A 234 2.12 30.97 13.74
CA GLU A 234 3.01 31.14 12.59
C GLU A 234 2.71 30.04 11.58
N ASN A 235 1.80 30.35 10.64
CA ASN A 235 1.37 29.35 9.66
C ASN A 235 2.45 29.05 8.63
N GLU A 236 3.48 29.89 8.51
CA GLU A 236 4.48 29.68 7.47
C GLU A 236 5.47 28.57 7.82
N PHE A 237 5.87 28.48 9.09
CA PHE A 237 6.92 27.55 9.52
C PHE A 237 6.36 26.47 10.44
N LYS A 238 5.15 26.00 10.13
CA LYS A 238 4.46 25.02 10.95
C LYS A 238 5.24 23.71 11.02
N ALA A 239 5.56 23.14 9.85
CA ALA A 239 6.34 21.90 9.81
C ALA A 239 7.64 22.01 10.60
N GLU A 240 8.39 23.09 10.38
CA GLU A 240 9.64 23.31 11.07
C GLU A 240 9.48 23.28 12.59
N TYR A 241 8.59 24.13 13.12
CA TYR A 241 8.39 24.15 14.57
C TYR A 241 7.93 22.79 15.08
N GLU A 242 7.03 22.14 14.34
CA GLU A 242 6.55 20.83 14.74
C GLU A 242 7.71 19.84 14.88
N GLU A 243 8.61 19.81 13.90
CA GLU A 243 9.70 18.84 13.96
C GLU A 243 10.71 19.20 15.04
N LEU A 244 10.92 20.49 15.30
CA LEU A 244 11.78 20.84 16.43
C LEU A 244 11.17 20.42 17.76
N SER A 245 9.83 20.31 17.82
CA SER A 245 9.19 19.87 19.05
C SER A 245 9.37 18.38 19.33
N GLN A 246 9.92 17.61 18.41
CA GLN A 246 10.09 16.17 18.63
C GLN A 246 11.46 15.80 19.16
N GLN A 247 12.49 16.61 18.92
CA GLN A 247 13.81 16.31 19.45
C GLN A 247 13.87 16.44 20.97
N CYS A 248 12.81 16.94 21.60
CA CYS A 248 12.78 17.14 23.04
C CYS A 248 12.00 16.04 23.77
N LYS A 249 11.49 15.05 23.06
CA LYS A 249 10.75 13.95 23.66
C LYS A 249 11.49 12.63 23.67
N LEU A 250 12.49 12.45 22.80
CA LEU A 250 13.31 11.25 22.82
C LEU A 250 14.46 11.37 23.80
N PHE A 251 14.95 12.59 24.02
CA PHE A 251 16.09 12.82 24.90
C PHE A 251 15.83 12.27 26.29
N ALA A 252 14.69 12.65 26.88
CA ALA A 252 14.39 12.22 28.24
C ALA A 252 14.18 10.72 28.33
N LYS A 253 13.54 10.14 27.30
CA LYS A 253 13.31 8.70 27.29
C LYS A 253 14.63 7.92 27.30
N ASP A 254 15.58 8.34 26.46
CA ASP A 254 16.88 7.66 26.43
C ASP A 254 17.63 7.87 27.74
N LEU A 255 17.71 9.11 28.20
CA LEU A 255 18.37 9.40 29.46
C LEU A 255 17.78 8.58 30.60
N LEU A 256 16.50 8.22 30.51
CA LEU A 256 15.92 7.37 31.54
C LEU A 256 16.28 5.90 31.33
N ASP A 257 16.22 5.40 30.11
CA ASP A 257 16.47 3.97 29.92
C ASP A 257 17.96 3.64 29.90
N GLN A 258 18.83 4.59 30.27
CA GLN A 258 20.23 4.27 30.52
C GLN A 258 20.51 3.90 31.99
N ALA A 259 19.55 3.31 32.70
CA ALA A 259 19.69 2.97 34.11
C ALA A 259 20.05 1.49 34.29
N ARG A 260 20.74 1.18 35.39
CA ARG A 260 21.33 -0.13 35.60
C ARG A 260 20.91 -0.78 36.93
N SER A 261 19.92 -0.23 37.63
CA SER A 261 19.54 -0.77 38.93
C SER A 261 18.19 -0.19 39.33
N SER A 262 17.73 -0.56 40.53
CA SER A 262 16.43 -0.16 41.04
C SER A 262 16.49 1.03 41.99
N ARG A 263 17.54 1.11 42.81
CA ARG A 263 17.70 2.27 43.68
C ARG A 263 17.79 3.55 42.88
N GLU A 264 18.36 3.50 41.67
CA GLU A 264 18.44 4.69 40.83
C GLU A 264 17.06 5.13 40.35
N LEU A 265 16.22 4.18 39.93
CA LEU A 265 14.86 4.53 39.56
C LEU A 265 14.10 5.12 40.74
N GLU A 266 14.25 4.52 41.92
CA GLU A 266 13.53 5.02 43.08
C GLU A 266 14.00 6.42 43.46
N ILE A 267 15.28 6.72 43.24
CA ILE A 267 15.78 8.07 43.53
C ILE A 267 15.26 9.06 42.50
N ILE A 268 15.24 8.68 41.23
CA ILE A 268 14.85 9.63 40.19
C ILE A 268 13.37 9.95 40.27
N LEU A 269 12.52 8.93 40.29
CA LEU A 269 11.08 9.19 40.19
C LEU A 269 10.47 9.83 41.43
N ASN A 270 11.24 10.09 42.49
CA ASN A 270 10.71 10.65 43.72
C ASN A 270 11.41 11.95 44.11
N HIS A 271 11.80 12.76 43.12
CA HIS A 271 12.51 14.01 43.39
C HIS A 271 11.52 15.17 43.37
N ARG A 272 11.50 15.95 44.44
CA ARG A 272 10.63 17.11 44.57
C ARG A 272 11.49 18.33 44.90
N ASP A 273 11.44 19.33 44.02
CA ASP A 273 12.23 20.54 44.21
C ASP A 273 11.39 21.58 44.94
N ASP A 274 11.97 22.16 45.99
CA ASP A 274 11.31 23.17 46.81
C ASP A 274 9.99 22.66 47.38
N TYR A 284 6.44 13.95 49.99
CA TYR A 284 7.27 13.09 50.84
C TYR A 284 7.88 11.95 50.04
N HIS A 285 7.17 10.82 49.98
CA HIS A 285 7.64 9.64 49.27
C HIS A 285 6.66 9.15 48.22
N ASP A 286 5.71 9.98 47.81
CA ASP A 286 4.86 9.63 46.70
C ASP A 286 5.59 9.96 45.39
N LEU A 287 5.03 9.45 44.28
CA LEU A 287 5.66 9.61 42.97
C LEU A 287 5.48 11.06 42.53
N ALA A 288 6.34 11.92 43.07
CA ALA A 288 6.23 13.37 42.88
C ALA A 288 6.82 13.85 41.57
N LYS A 289 7.29 12.96 40.71
CA LYS A 289 7.76 13.33 39.39
C LYS A 289 7.11 12.54 38.27
N LEU A 290 6.31 11.53 38.58
CA LEU A 290 5.50 10.85 37.59
C LEU A 290 4.14 11.51 37.41
N LYS A 291 3.79 12.46 38.27
CA LYS A 291 2.56 13.24 38.12
C LYS A 291 2.76 14.49 37.27
N VAL A 292 3.99 14.98 37.18
CA VAL A 292 4.28 16.14 36.33
C VAL A 292 4.36 15.74 34.85
N ALA A 293 4.72 14.49 34.56
CA ALA A 293 4.79 14.04 33.18
C ALA A 293 3.41 13.72 32.59
N ILE A 294 2.36 13.67 33.41
CA ILE A 294 1.02 13.42 32.90
C ILE A 294 0.29 14.72 32.58
N LYS A 295 0.61 15.82 33.27
CA LYS A 295 0.03 17.11 32.97
C LYS A 295 0.76 17.83 31.85
N TYR A 296 1.68 17.16 31.17
CA TYR A 296 2.33 17.70 29.98
C TYR A 296 2.13 16.80 28.77
N HIS A 297 1.44 15.67 28.93
CA HIS A 297 1.12 14.75 27.83
C HIS A 297 2.39 14.19 27.19
N GLN A 298 3.18 13.51 28.01
CA GLN A 298 4.38 12.80 27.57
C GLN A 298 4.04 11.32 27.53
N LYS A 299 3.73 10.81 26.34
CA LYS A 299 3.22 9.46 26.20
C LYS A 299 4.31 8.41 26.03
N GLU A 300 5.56 8.81 25.87
CA GLU A 300 6.67 7.86 25.77
C GLU A 300 7.45 7.72 27.06
N PHE A 301 7.26 8.63 28.00
CA PHE A 301 7.96 8.59 29.28
C PHE A 301 7.23 7.75 30.32
N VAL A 302 5.95 7.44 30.11
CA VAL A 302 5.16 6.69 31.07
C VAL A 302 4.66 5.37 30.47
N ALA A 303 5.22 4.95 29.34
CA ALA A 303 4.85 3.71 28.67
C ALA A 303 6.08 2.87 28.38
N GLN A 304 6.95 2.73 29.39
CA GLN A 304 8.21 2.04 29.30
C GLN A 304 8.23 0.81 30.22
N PRO A 305 8.94 -0.25 29.83
CA PRO A 305 8.98 -1.47 30.68
C PRO A 305 9.25 -1.24 32.15
N ASN A 306 10.26 -0.45 32.50
CA ASN A 306 10.62 -0.31 33.91
C ASN A 306 9.56 0.47 34.68
N CYS A 307 9.02 1.54 34.09
CA CYS A 307 7.98 2.30 34.76
C CYS A 307 6.68 1.51 34.84
N GLN A 308 6.42 0.63 33.88
CA GLN A 308 5.23 -0.21 33.90
C GLN A 308 5.43 -1.50 34.68
N GLN A 309 6.64 -1.75 35.18
CA GLN A 309 6.89 -2.86 36.08
C GLN A 309 7.02 -2.43 37.53
N LEU A 310 7.39 -1.19 37.79
CA LEU A 310 7.39 -0.70 39.16
C LEU A 310 5.96 -0.54 39.68
N LEU A 311 4.99 -0.29 38.80
CA LEU A 311 3.62 -0.03 39.21
C LEU A 311 2.85 -1.32 39.45
N ALA A 312 3.05 -2.32 38.58
CA ALA A 312 2.34 -3.59 38.72
C ALA A 312 2.65 -4.30 40.02
N THR A 313 3.75 -3.93 40.70
CA THR A 313 4.07 -4.47 42.00
C THR A 313 3.41 -3.67 43.12
N LEU A 314 2.57 -2.70 42.75
CA LEU A 314 1.74 -1.98 43.72
C LEU A 314 0.26 -2.08 43.41
N TRP A 315 -0.13 -2.37 42.17
CA TRP A 315 -1.54 -2.60 41.86
C TRP A 315 -2.00 -4.01 42.23
N TYR A 316 -1.08 -4.91 42.52
CA TYR A 316 -1.39 -6.29 42.89
C TYR A 316 -0.84 -6.60 44.26
N ASP A 317 -1.09 -5.71 45.21
CA ASP A 317 -0.61 -5.88 46.57
C ASP A 317 -1.57 -6.77 47.33
N GLY A 318 -1.04 -7.80 47.98
CA GLY A 318 -1.84 -8.79 48.67
C GLY A 318 -2.08 -10.07 47.89
N PHE A 319 -1.68 -10.10 46.62
CA PHE A 319 -1.78 -11.30 45.78
C PHE A 319 -0.37 -11.62 45.32
N PRO A 320 0.42 -12.30 46.15
CA PRO A 320 1.85 -12.43 45.86
C PRO A 320 2.16 -13.11 44.54
N GLY A 321 1.25 -13.94 44.02
CA GLY A 321 1.49 -14.59 42.75
C GLY A 321 0.31 -14.55 41.81
N TRP A 322 0.52 -14.02 40.60
CA TRP A 322 -0.49 -14.04 39.56
C TRP A 322 -0.14 -15.04 38.46
N ARG A 323 0.70 -16.02 38.77
CA ARG A 323 1.05 -17.08 37.83
C ARG A 323 0.18 -18.31 38.08
N ARG A 324 -1.08 -18.18 37.69
CA ARG A 324 -2.09 -19.21 37.94
C ARG A 324 -2.77 -19.57 36.62
N LYS A 325 -3.62 -20.59 36.69
CA LYS A 325 -4.38 -21.02 35.51
C LYS A 325 -5.22 -19.87 34.99
N HIS A 326 -5.12 -19.61 33.68
CA HIS A 326 -5.62 -18.36 33.12
C HIS A 326 -7.14 -18.28 33.18
N TRP A 327 -7.84 -19.39 33.01
CA TRP A 327 -9.27 -19.37 32.75
C TRP A 327 -10.14 -19.93 33.87
N VAL A 328 -9.55 -20.45 34.95
CA VAL A 328 -10.37 -21.06 35.98
C VAL A 328 -10.13 -20.46 37.37
N VAL A 329 -8.91 -20.56 37.89
CA VAL A 329 -8.69 -20.21 39.29
C VAL A 329 -8.71 -18.69 39.49
N LYS A 330 -7.99 -17.95 38.65
CA LYS A 330 -8.04 -16.50 38.74
C LYS A 330 -9.38 -15.95 38.29
N LEU A 331 -10.15 -16.73 37.53
CA LEU A 331 -11.51 -16.35 37.18
C LEU A 331 -12.46 -16.54 38.35
N LEU A 332 -12.22 -17.54 39.19
CA LEU A 332 -13.11 -17.84 40.29
C LEU A 332 -12.81 -17.05 41.55
N THR A 333 -11.54 -16.73 41.81
CA THR A 333 -11.22 -15.99 43.03
C THR A 333 -11.87 -14.61 43.05
N CYS A 334 -12.01 -13.98 41.89
CA CYS A 334 -12.63 -12.66 41.85
C CYS A 334 -14.13 -12.73 42.08
N MET A 335 -14.81 -13.70 41.45
CA MET A 335 -16.22 -13.94 41.75
C MET A 335 -16.41 -14.23 43.24
N THR A 336 -15.46 -14.94 43.85
CA THR A 336 -15.55 -15.20 45.28
C THR A 336 -15.45 -13.91 46.09
N ILE A 337 -14.51 -13.04 45.71
CA ILE A 337 -14.34 -11.78 46.43
C ILE A 337 -15.53 -10.86 46.23
N GLY A 338 -16.21 -10.99 45.08
CA GLY A 338 -17.26 -10.03 44.74
C GLY A 338 -18.38 -9.96 45.75
N PHE A 339 -18.86 -11.13 46.20
CA PHE A 339 -20.04 -11.18 47.07
C PHE A 339 -19.80 -10.53 48.43
N LEU A 340 -18.56 -10.36 48.85
CA LEU A 340 -18.25 -9.94 50.21
C LEU A 340 -18.23 -8.44 50.40
N PHE A 341 -18.65 -7.66 49.41
CA PHE A 341 -18.54 -6.20 49.52
C PHE A 341 -19.40 -5.60 50.63
N PRO A 342 -20.63 -6.07 50.93
CA PRO A 342 -21.37 -5.45 52.03
C PRO A 342 -20.72 -5.66 53.39
N MET A 343 -20.31 -6.90 53.68
CA MET A 343 -19.65 -7.15 54.96
C MET A 343 -18.31 -6.45 55.06
N LEU A 344 -17.56 -6.38 53.96
CA LEU A 344 -16.31 -5.62 53.98
C LEU A 344 -16.56 -4.15 54.27
N SER A 345 -17.59 -3.57 53.64
CA SER A 345 -17.90 -2.16 53.86
C SER A 345 -18.28 -1.91 55.30
N ILE A 346 -19.17 -2.73 55.87
CA ILE A 346 -19.61 -2.48 57.24
C ILE A 346 -18.48 -2.74 58.22
N ALA A 347 -17.60 -3.69 57.92
CA ALA A 347 -16.45 -3.94 58.79
C ALA A 347 -15.51 -2.75 58.81
N TYR A 348 -15.24 -2.18 57.63
CA TYR A 348 -14.46 -0.95 57.59
C TYR A 348 -15.17 0.18 58.32
N LEU A 349 -16.50 0.20 58.27
CA LEU A 349 -17.26 1.27 58.90
C LEU A 349 -17.18 1.20 60.42
N ILE A 350 -17.29 0.00 60.99
CA ILE A 350 -17.35 -0.11 62.44
C ILE A 350 -15.96 -0.01 63.07
N SER A 351 -14.95 -0.58 62.43
CA SER A 351 -13.59 -0.54 62.98
C SER A 351 -12.57 -0.48 61.85
N PRO A 352 -11.84 0.62 61.71
CA PRO A 352 -10.89 0.76 60.61
C PRO A 352 -9.46 0.34 60.92
N ARG A 353 -9.17 -0.19 62.11
CA ARG A 353 -7.82 -0.59 62.47
C ARG A 353 -7.73 -2.05 62.90
N SER A 354 -8.75 -2.86 62.64
CA SER A 354 -8.70 -4.27 62.96
C SER A 354 -7.96 -5.03 61.87
N ASN A 355 -7.96 -6.36 61.99
CA ASN A 355 -7.37 -7.21 60.97
C ASN A 355 -8.33 -7.54 59.84
N LEU A 356 -9.63 -7.33 60.03
CA LEU A 356 -10.58 -7.40 58.93
C LEU A 356 -10.70 -6.07 58.21
N GLY A 357 -10.71 -4.97 58.96
CA GLY A 357 -10.42 -3.68 58.38
C GLY A 357 -8.99 -3.61 57.90
N LEU A 358 -8.68 -2.52 57.20
CA LEU A 358 -7.38 -2.29 56.57
C LEU A 358 -7.15 -3.26 55.41
N PHE A 359 -8.06 -4.20 55.19
CA PHE A 359 -7.97 -5.14 54.08
C PHE A 359 -8.72 -4.65 52.84
N ILE A 360 -9.45 -3.54 52.95
CA ILE A 360 -10.10 -2.93 51.81
C ILE A 360 -9.26 -1.82 51.19
N LYS A 361 -8.25 -1.33 51.89
CA LYS A 361 -7.41 -0.23 51.39
C LYS A 361 -6.28 -0.79 50.51
N LYS A 362 -6.69 -1.45 49.43
CA LYS A 362 -5.77 -2.03 48.47
C LYS A 362 -6.31 -1.68 47.09
N PRO A 363 -5.46 -1.23 46.17
CA PRO A 363 -5.96 -0.71 44.89
C PRO A 363 -6.83 -1.68 44.11
N PHE A 364 -6.73 -2.98 44.36
CA PHE A 364 -7.52 -3.95 43.60
C PHE A 364 -8.89 -4.21 44.23
N ILE A 365 -8.94 -4.31 45.56
CA ILE A 365 -10.20 -4.63 46.24
C ILE A 365 -11.20 -3.49 46.06
N LYS A 366 -10.73 -2.24 46.11
CA LYS A 366 -11.64 -1.11 45.92
C LYS A 366 -12.25 -1.14 44.52
N PHE A 367 -11.43 -1.42 43.50
CA PHE A 367 -11.95 -1.54 42.15
C PHE A 367 -13.00 -2.64 42.06
N ILE A 368 -12.70 -3.81 42.65
CA ILE A 368 -13.65 -4.92 42.57
C ILE A 368 -14.97 -4.56 43.23
N CYS A 369 -14.90 -3.96 44.43
CA CYS A 369 -16.13 -3.61 45.14
C CYS A 369 -16.94 -2.57 44.38
N HIS A 370 -16.27 -1.55 43.82
CA HIS A 370 -17.01 -0.52 43.10
C HIS A 370 -17.62 -1.05 41.81
N THR A 371 -16.93 -1.97 41.13
CA THR A 371 -17.52 -2.58 39.95
C THR A 371 -18.68 -3.49 40.31
N ALA A 372 -18.63 -4.15 41.46
CA ALA A 372 -19.70 -5.05 41.85
C ALA A 372 -20.93 -4.30 42.36
N SER A 373 -20.73 -3.12 42.94
CA SER A 373 -21.87 -2.34 43.44
C SER A 373 -22.74 -1.77 42.33
N TYR A 374 -22.38 -1.95 41.06
CA TYR A 374 -23.10 -1.39 39.93
C TYR A 374 -24.01 -2.40 39.23
N LEU A 375 -23.58 -3.65 39.15
CA LEU A 375 -24.40 -4.66 38.49
C LEU A 375 -25.68 -4.96 39.27
N THR A 376 -25.64 -4.80 40.59
CA THR A 376 -26.86 -4.97 41.40
C THR A 376 -27.87 -3.89 41.06
N PHE A 377 -27.43 -2.63 40.96
CA PHE A 377 -28.32 -1.55 40.53
C PHE A 377 -28.85 -1.81 39.13
N LEU A 378 -27.98 -2.23 38.21
CA LEU A 378 -28.43 -2.50 36.84
C LEU A 378 -29.27 -3.75 36.72
N PHE A 379 -29.35 -4.58 37.75
CA PHE A 379 -30.21 -5.75 37.74
C PHE A 379 -31.48 -5.54 38.56
N MET A 380 -31.52 -4.55 39.44
CA MET A 380 -32.71 -4.19 40.18
C MET A 380 -33.60 -3.24 39.39
N LEU A 381 -33.32 -3.04 38.10
CA LEU A 381 -34.16 -2.25 37.22
C LEU A 381 -34.96 -3.08 36.25
N LEU A 382 -34.45 -4.23 35.81
CA LEU A 382 -35.21 -5.13 34.95
C LEU A 382 -36.46 -5.67 35.65
N LEU A 383 -36.48 -5.67 36.99
CA LEU A 383 -37.67 -6.09 37.71
C LEU A 383 -38.76 -5.02 37.63
N ALA A 384 -38.39 -3.75 37.52
CA ALA A 384 -39.37 -2.68 37.42
C ALA A 384 -39.91 -2.52 36.00
N SER A 385 -39.20 -3.00 34.99
CA SER A 385 -39.69 -2.92 33.62
C SER A 385 -40.83 -3.90 33.38
N GLN A 386 -40.56 -5.19 33.56
CA GLN A 386 -41.59 -6.22 33.49
C GLN A 386 -42.04 -6.53 34.91
N HIS A 387 -43.32 -6.29 35.20
CA HIS A 387 -43.83 -6.42 36.55
C HIS A 387 -43.77 -7.87 37.01
N ILE A 388 -43.12 -8.10 38.16
CA ILE A 388 -43.17 -9.41 38.78
C ILE A 388 -44.54 -9.66 39.39
N VAL A 389 -45.00 -8.72 40.22
CA VAL A 389 -46.35 -8.69 40.77
C VAL A 389 -46.69 -7.23 41.07
N ARG A 390 -47.86 -6.78 40.63
CA ARG A 390 -48.28 -5.39 40.81
C ARG A 390 -49.80 -5.35 40.91
N THR A 391 -50.35 -4.15 40.86
CA THR A 391 -51.78 -3.91 40.87
C THR A 391 -52.23 -3.38 39.51
N ASP A 392 -53.53 -3.46 39.27
CA ASP A 392 -54.07 -3.00 38.00
C ASP A 392 -53.93 -1.49 37.87
N LEU A 393 -54.07 -1.01 36.64
CA LEU A 393 -53.67 0.35 36.26
C LEU A 393 -54.91 1.14 35.82
N HIS A 394 -55.58 1.74 36.80
CA HIS A 394 -56.65 2.69 36.51
C HIS A 394 -56.64 3.93 37.38
N VAL A 395 -55.85 3.98 38.44
CA VAL A 395 -55.79 5.14 39.31
C VAL A 395 -54.88 6.20 38.69
N GLN A 396 -55.19 7.47 38.96
CA GLN A 396 -54.34 8.56 38.49
C GLN A 396 -52.94 8.45 39.05
N GLY A 397 -52.81 8.46 40.37
CA GLY A 397 -51.52 8.31 41.00
C GLY A 397 -51.54 7.30 42.13
N PRO A 398 -50.79 6.22 41.98
CA PRO A 398 -50.70 5.22 43.03
C PRO A 398 -49.53 5.48 43.94
N PRO A 399 -49.50 4.88 45.13
CA PRO A 399 -48.33 4.99 45.99
C PRO A 399 -47.17 4.21 45.41
N PRO A 400 -45.93 4.56 45.78
CA PRO A 400 -44.77 3.81 45.26
C PRO A 400 -44.76 2.39 45.80
N THR A 401 -44.34 1.46 44.95
CA THR A 401 -44.28 0.06 45.32
C THR A 401 -42.94 -0.27 45.96
N VAL A 402 -42.80 -1.51 46.43
CA VAL A 402 -41.64 -1.90 47.23
C VAL A 402 -40.35 -1.77 46.43
N VAL A 403 -40.39 -2.11 45.14
CA VAL A 403 -39.19 -2.06 44.32
C VAL A 403 -38.66 -0.63 44.20
N GLU A 404 -39.57 0.36 44.18
CA GLU A 404 -39.14 1.74 44.05
C GLU A 404 -38.62 2.32 45.36
N TRP A 405 -39.06 1.78 46.51
CA TRP A 405 -38.65 2.34 47.79
C TRP A 405 -37.16 2.20 48.04
N MET A 406 -36.51 1.23 47.40
CA MET A 406 -35.11 0.93 47.68
C MET A 406 -34.14 1.46 46.63
N ILE A 407 -34.62 2.22 45.65
CA ILE A 407 -33.74 2.75 44.61
C ILE A 407 -33.22 4.15 44.94
N LEU A 408 -33.96 4.92 45.74
CA LEU A 408 -33.53 6.27 46.09
C LEU A 408 -32.15 6.34 46.77
N PRO A 409 -31.75 5.38 47.63
CA PRO A 409 -30.40 5.47 48.20
C PRO A 409 -29.29 5.52 47.16
N TRP A 410 -29.37 4.70 46.11
CA TRP A 410 -28.35 4.74 45.07
C TRP A 410 -28.27 6.11 44.42
N VAL A 411 -29.42 6.71 44.11
CA VAL A 411 -29.44 8.01 43.44
C VAL A 411 -28.85 9.08 44.36
N LEU A 412 -29.25 9.07 45.64
CA LEU A 412 -28.71 10.04 46.58
C LEU A 412 -27.20 9.89 46.73
N GLY A 413 -26.72 8.64 46.78
CA GLY A 413 -25.28 8.42 46.88
C GLY A 413 -24.53 8.89 45.65
N PHE A 414 -25.09 8.65 44.47
CA PHE A 414 -24.46 9.15 43.24
C PHE A 414 -24.37 10.66 43.23
N ILE A 415 -25.46 11.33 43.61
CA ILE A 415 -25.45 12.80 43.63
C ILE A 415 -24.44 13.32 44.65
N TRP A 416 -24.38 12.70 45.82
CA TRP A 416 -23.43 13.15 46.84
C TRP A 416 -21.99 12.93 46.39
N GLY A 417 -21.72 11.79 45.75
CA GLY A 417 -20.38 11.57 45.22
C GLY A 417 -20.00 12.58 44.16
N GLU A 418 -20.94 12.90 43.25
CA GLU A 418 -20.66 13.87 42.21
C GLU A 418 -20.38 15.25 42.81
N ILE A 419 -21.19 15.67 43.79
CA ILE A 419 -20.99 17.00 44.35
C ILE A 419 -19.72 17.04 45.19
N LYS A 420 -19.33 15.92 45.81
CA LYS A 420 -18.10 15.91 46.60
C LYS A 420 -16.86 15.91 45.72
N GLU A 421 -16.92 15.22 44.58
CA GLU A 421 -15.76 15.15 43.70
C GLU A 421 -15.39 16.52 43.14
N MET A 422 -16.37 17.41 43.02
CA MET A 422 -16.11 18.77 42.52
C MET A 422 -15.43 19.66 43.54
N TRP A 423 -15.30 19.22 44.79
CA TRP A 423 -14.76 20.06 45.85
C TRP A 423 -13.24 19.97 45.92
N ASP A 424 -12.71 18.77 46.12
CA ASP A 424 -11.26 18.57 46.20
C ASP A 424 -10.65 18.35 44.81
N GLY A 425 -10.95 19.26 43.90
CA GLY A 425 -10.46 19.17 42.53
C GLY A 425 -10.78 20.41 41.73
N GLY A 426 -9.98 20.66 40.69
CA GLY A 426 -10.18 21.87 39.88
C GLY A 426 -11.48 21.79 39.10
N PHE A 427 -12.26 22.87 39.16
CA PHE A 427 -13.47 22.96 38.34
C PHE A 427 -13.13 22.91 36.87
N THR A 428 -12.05 23.58 36.47
CA THR A 428 -11.57 23.47 35.09
C THR A 428 -11.18 22.04 34.76
N GLU A 429 -10.52 21.36 35.70
CA GLU A 429 -10.19 19.96 35.49
C GLU A 429 -11.44 19.11 35.39
N TYR A 430 -12.50 19.48 36.14
CA TYR A 430 -13.74 18.72 36.10
C TYR A 430 -14.42 18.85 34.75
N ILE A 431 -14.54 20.07 34.23
CA ILE A 431 -15.31 20.33 33.02
C ILE A 431 -14.57 19.81 31.78
N HIS A 432 -13.35 19.31 31.98
CA HIS A 432 -12.54 18.82 30.88
C HIS A 432 -12.72 17.34 30.58
N ASP A 433 -13.58 16.64 31.32
CA ASP A 433 -13.87 15.24 31.05
C ASP A 433 -15.24 15.13 30.39
N TRP A 434 -15.31 14.30 29.35
CA TRP A 434 -16.49 14.22 28.50
C TRP A 434 -17.53 13.23 29.01
N TRP A 435 -17.22 12.47 30.06
CA TRP A 435 -18.21 11.58 30.66
C TRP A 435 -19.08 12.26 31.71
N ASN A 436 -18.77 13.52 32.04
CA ASN A 436 -19.51 14.21 33.11
C ASN A 436 -20.88 14.68 32.64
N LEU A 437 -21.00 15.09 31.37
CA LEU A 437 -22.29 15.54 30.87
C LEU A 437 -23.31 14.41 30.85
N MET A 438 -22.85 13.17 30.62
CA MET A 438 -23.75 12.02 30.70
C MET A 438 -24.33 11.88 32.10
N ASP A 439 -23.47 11.96 33.11
CA ASP A 439 -23.94 11.88 34.50
C ASP A 439 -24.87 13.03 34.83
N PHE A 440 -24.58 14.23 34.32
CA PHE A 440 -25.44 15.38 34.56
C PHE A 440 -26.83 15.14 33.98
N ALA A 441 -26.91 14.71 32.72
CA ALA A 441 -28.21 14.45 32.11
C ALA A 441 -28.96 13.34 32.83
N MET A 442 -28.26 12.25 33.20
CA MET A 442 -28.90 11.16 33.92
C MET A 442 -29.48 11.64 35.25
N ASN A 443 -28.71 12.45 35.99
CA ASN A 443 -29.18 12.92 37.28
C ASN A 443 -30.37 13.87 37.13
N SER A 444 -30.36 14.71 36.11
CA SER A 444 -31.49 15.62 35.89
C SER A 444 -32.76 14.84 35.56
N LEU A 445 -32.64 13.87 34.65
CA LEU A 445 -33.81 13.08 34.28
C LEU A 445 -34.28 12.18 35.41
N TYR A 446 -33.39 11.79 36.33
CA TYR A 446 -33.83 11.05 37.51
C TYR A 446 -34.50 11.97 38.53
N LEU A 447 -34.06 13.23 38.62
CA LEU A 447 -34.60 14.14 39.60
C LEU A 447 -35.98 14.67 39.22
N ALA A 448 -36.24 14.85 37.92
CA ALA A 448 -37.55 15.37 37.53
C ALA A 448 -38.70 14.44 37.91
N THR A 449 -38.44 13.12 37.91
CA THR A 449 -39.50 12.14 38.08
C THR A 449 -40.17 12.26 39.45
N ILE A 450 -39.40 12.57 40.49
CA ILE A 450 -39.97 12.63 41.84
C ILE A 450 -41.04 13.72 41.91
N SER A 451 -40.70 14.93 41.47
CA SER A 451 -41.68 16.01 41.48
C SER A 451 -42.86 15.69 40.58
N LEU A 452 -42.59 15.15 39.39
CA LEU A 452 -43.70 14.85 38.48
C LEU A 452 -44.61 13.76 39.03
N LYS A 453 -44.11 12.90 39.92
CA LYS A 453 -44.92 11.85 40.50
C LYS A 453 -45.61 12.27 41.79
N ILE A 454 -45.11 13.30 42.48
CA ILE A 454 -45.76 13.75 43.70
C ILE A 454 -46.84 14.78 43.38
N VAL A 455 -46.65 15.55 42.30
CA VAL A 455 -47.69 16.50 41.91
C VAL A 455 -48.98 15.79 41.58
N ALA A 456 -48.90 14.68 40.84
CA ALA A 456 -50.11 13.94 40.49
C ALA A 456 -50.69 13.19 41.68
N TYR A 457 -49.85 12.83 42.66
CA TYR A 457 -50.37 12.17 43.85
C TYR A 457 -51.11 13.14 44.76
N VAL A 458 -50.70 14.41 44.76
CA VAL A 458 -51.35 15.39 45.64
C VAL A 458 -52.54 16.06 44.96
N LYS A 459 -52.48 16.29 43.65
CA LYS A 459 -53.57 16.99 42.97
C LYS A 459 -54.76 16.06 42.74
N TYR A 460 -54.54 14.96 42.04
CA TYR A 460 -55.64 14.13 41.56
C TYR A 460 -56.11 13.14 42.63
N ASN A 461 -57.23 12.50 42.35
CA ASN A 461 -57.85 11.52 43.24
C ASN A 461 -58.94 10.80 42.46
N GLY A 462 -59.17 9.54 42.81
CA GLY A 462 -60.19 8.74 42.17
C GLY A 462 -59.63 7.78 41.13
N SER A 463 -60.54 7.31 40.28
CA SER A 463 -60.17 6.36 39.23
C SER A 463 -61.07 6.57 38.03
N ARG A 464 -60.50 6.36 36.85
CA ARG A 464 -61.23 6.45 35.58
C ARG A 464 -60.48 5.64 34.55
N PRO A 465 -61.17 5.12 33.53
CA PRO A 465 -60.50 4.29 32.52
C PRO A 465 -59.38 5.05 31.81
N ARG A 466 -58.49 4.27 31.19
CA ARG A 466 -57.30 4.82 30.56
C ARG A 466 -57.58 5.42 29.18
N GLU A 467 -58.69 5.05 28.56
CA GLU A 467 -58.99 5.51 27.20
C GLU A 467 -59.58 6.91 27.14
N GLU A 468 -59.67 7.61 28.28
CA GLU A 468 -60.25 8.95 28.29
C GLU A 468 -59.31 10.01 28.85
N TRP A 469 -58.06 9.67 29.15
CA TRP A 469 -57.12 10.66 29.67
C TRP A 469 -56.72 11.64 28.58
N GLU A 470 -56.03 12.71 28.99
CA GLU A 470 -55.59 13.75 28.08
C GLU A 470 -54.20 13.44 27.56
N MET A 471 -53.80 14.10 26.49
CA MET A 471 -52.49 13.88 25.94
C MET A 471 -51.38 14.46 26.83
N TRP A 472 -51.69 15.41 27.72
CA TRP A 472 -50.68 16.04 28.56
C TRP A 472 -50.97 15.78 30.03
N HIS A 473 -51.26 14.53 30.37
CA HIS A 473 -51.54 14.17 31.75
C HIS A 473 -50.22 13.89 32.49
N PRO A 474 -50.10 14.37 33.74
CA PRO A 474 -48.82 14.21 34.46
C PRO A 474 -48.35 12.77 34.58
N THR A 475 -49.26 11.81 34.75
CA THR A 475 -48.87 10.42 34.88
C THR A 475 -48.31 9.84 33.59
N LEU A 476 -48.64 10.44 32.44
CA LEU A 476 -48.13 9.95 31.16
C LEU A 476 -46.77 10.53 30.81
N ILE A 477 -46.53 11.80 31.16
CA ILE A 477 -45.23 12.42 30.90
C ILE A 477 -44.18 11.97 31.90
N ALA A 478 -44.58 11.37 33.01
CA ALA A 478 -43.65 10.88 34.01
C ALA A 478 -43.22 9.45 33.77
N GLU A 479 -43.63 8.84 32.65
CA GLU A 479 -43.19 7.50 32.30
C GLU A 479 -42.31 7.46 31.05
N ALA A 480 -42.28 8.54 30.26
CA ALA A 480 -41.39 8.57 29.11
C ALA A 480 -39.95 8.83 29.53
N LEU A 481 -39.75 9.77 30.45
CA LEU A 481 -38.39 10.08 30.91
C LEU A 481 -37.76 8.90 31.64
N PHE A 482 -38.56 8.17 32.42
CA PHE A 482 -38.04 6.99 33.12
C PHE A 482 -37.62 5.92 32.14
N ALA A 483 -38.29 5.84 30.98
CA ALA A 483 -37.88 4.89 29.95
C ALA A 483 -36.63 5.35 29.23
N ILE A 484 -36.53 6.65 28.94
CA ILE A 484 -35.36 7.17 28.24
C ILE A 484 -34.10 7.05 29.10
N SER A 485 -34.24 7.23 30.41
CA SER A 485 -33.06 7.27 31.27
C SER A 485 -32.34 5.93 31.32
N ASN A 486 -33.06 4.81 31.16
CA ASN A 486 -32.43 3.51 31.26
C ASN A 486 -31.40 3.30 30.15
N ILE A 487 -31.64 3.88 28.97
CA ILE A 487 -30.71 3.72 27.87
C ILE A 487 -29.40 4.44 28.18
N LEU A 488 -29.49 5.70 28.62
CA LEU A 488 -28.28 6.43 28.98
C LEU A 488 -27.63 5.89 30.25
N SER A 489 -28.34 5.06 31.02
CA SER A 489 -27.75 4.44 32.19
C SER A 489 -27.17 3.06 31.92
N SER A 490 -27.49 2.45 30.78
CA SER A 490 -26.96 1.13 30.45
C SER A 490 -25.80 1.15 29.48
N LEU A 491 -25.61 2.23 28.73
CA LEU A 491 -24.54 2.33 27.74
C LEU A 491 -23.24 2.84 28.34
N ARG A 492 -23.10 2.84 29.65
CA ARG A 492 -21.89 3.36 30.29
C ARG A 492 -20.93 2.24 30.67
N LEU A 493 -21.22 1.00 30.28
CA LEU A 493 -20.32 -0.12 30.52
C LEU A 493 -19.28 -0.28 29.42
N ILE A 494 -19.11 0.75 28.59
CA ILE A 494 -18.05 0.76 27.59
C ILE A 494 -16.83 1.52 28.08
N SER A 495 -16.92 2.17 29.24
CA SER A 495 -15.77 2.83 29.86
C SER A 495 -14.94 1.88 30.71
N LEU A 496 -15.24 0.58 30.67
CA LEU A 496 -14.48 -0.43 31.39
C LEU A 496 -13.60 -1.27 30.46
N PHE A 497 -13.61 -0.97 29.16
CA PHE A 497 -12.85 -1.75 28.19
C PHE A 497 -11.36 -1.44 28.19
N THR A 498 -10.92 -0.41 28.92
CA THR A 498 -9.52 -0.03 28.92
C THR A 498 -8.67 -0.89 29.84
N ALA A 499 -9.28 -1.71 30.69
CA ALA A 499 -8.56 -2.54 31.64
C ALA A 499 -8.28 -3.95 31.12
N ASN A 500 -8.59 -4.22 29.86
CA ASN A 500 -8.39 -5.54 29.27
C ASN A 500 -7.54 -5.40 28.02
N SER A 501 -6.76 -6.44 27.72
CA SER A 501 -5.81 -6.38 26.62
C SER A 501 -6.45 -6.62 25.26
N HIS A 502 -7.60 -7.29 25.19
CA HIS A 502 -8.23 -7.59 23.92
C HIS A 502 -9.20 -6.50 23.48
N LEU A 503 -10.04 -6.02 24.39
CA LEU A 503 -11.00 -4.97 24.08
C LEU A 503 -10.41 -3.57 24.21
N GLY A 504 -9.20 -3.45 24.73
CA GLY A 504 -8.56 -2.17 24.91
C GLY A 504 -8.29 -1.43 23.61
N PRO A 505 -7.44 -2.00 22.75
CA PRO A 505 -7.07 -1.32 21.50
C PRO A 505 -8.22 -1.16 20.50
N LEU A 506 -9.44 -1.57 20.83
CA LEU A 506 -10.57 -1.37 19.92
C LEU A 506 -11.28 -0.04 20.14
N GLN A 507 -11.39 0.39 21.40
CA GLN A 507 -11.98 1.69 21.68
C GLN A 507 -11.13 2.82 21.13
N ILE A 508 -9.81 2.66 21.15
CA ILE A 508 -8.93 3.71 20.66
C ILE A 508 -8.99 3.82 19.14
N SER A 509 -9.22 2.70 18.45
CA SER A 509 -9.41 2.74 17.01
C SER A 509 -10.81 3.17 16.61
N LEU A 510 -11.80 2.94 17.48
CA LEU A 510 -13.15 3.44 17.21
C LEU A 510 -13.24 4.94 17.42
N GLY A 511 -12.45 5.49 18.34
CA GLY A 511 -12.50 6.92 18.59
C GLY A 511 -12.13 7.76 17.37
N ARG A 512 -11.35 7.20 16.45
CA ARG A 512 -10.95 7.95 15.27
C ARG A 512 -12.02 7.97 14.18
N MET A 513 -12.86 6.92 14.13
CA MET A 513 -13.89 6.86 13.10
C MET A 513 -14.91 7.97 13.23
N LEU A 514 -15.12 8.47 14.45
CA LEU A 514 -16.13 9.50 14.68
C LEU A 514 -15.66 10.90 14.34
N LEU A 515 -14.43 11.07 13.86
CA LEU A 515 -13.96 12.35 13.36
C LEU A 515 -14.00 12.42 11.84
N ASP A 516 -14.72 11.51 11.19
CA ASP A 516 -14.84 11.46 9.75
C ASP A 516 -16.23 11.78 9.25
N ILE A 517 -17.26 11.51 10.05
CA ILE A 517 -18.64 11.67 9.60
C ILE A 517 -19.09 13.13 9.67
N LEU A 518 -18.33 14.00 10.35
CA LEU A 518 -18.81 15.36 10.61
C LEU A 518 -18.90 16.18 9.31
N LYS A 519 -17.87 16.11 8.47
CA LYS A 519 -17.88 16.95 7.26
C LYS A 519 -18.90 16.45 6.24
N PHE A 520 -19.00 15.12 6.06
N PHE A 520 -19.02 15.12 6.14
CA PHE A 520 -20.03 14.58 5.18
CA PHE A 520 -20.00 14.55 5.25
C PHE A 520 -21.41 14.88 5.72
C PHE A 520 -21.37 14.97 5.74
N LEU A 521 -21.56 14.91 7.05
CA LEU A 521 -22.83 15.34 7.64
C LEU A 521 -23.12 16.80 7.35
N PHE A 522 -22.08 17.64 7.35
CA PHE A 522 -22.24 19.05 7.00
C PHE A 522 -22.76 19.19 5.57
N ILE A 523 -22.18 18.44 4.64
CA ILE A 523 -22.64 18.52 3.26
C ILE A 523 -24.06 17.95 3.12
N TYR A 524 -24.35 16.86 3.83
CA TYR A 524 -25.65 16.21 3.71
C TYR A 524 -26.77 17.10 4.26
N CYS A 525 -26.49 17.86 5.33
CA CYS A 525 -27.52 18.73 5.88
C CYS A 525 -27.91 19.82 4.91
N LEU A 526 -26.94 20.33 4.13
CA LEU A 526 -27.26 21.33 3.12
C LEU A 526 -28.00 20.72 1.94
N VAL A 527 -27.57 19.52 1.51
CA VAL A 527 -28.27 18.86 0.40
C VAL A 527 -29.69 18.49 0.79
N LEU A 528 -29.98 18.33 2.08
CA LEU A 528 -31.34 18.02 2.51
C LEU A 528 -32.17 19.29 2.70
N LEU A 529 -31.59 20.35 3.28
CA LEU A 529 -32.31 21.61 3.40
C LEU A 529 -32.62 22.22 2.05
N ALA A 530 -31.81 21.93 1.03
CA ALA A 530 -32.10 22.44 -0.31
C ALA A 530 -33.37 21.83 -0.86
N PHE A 531 -33.49 20.50 -0.82
CA PHE A 531 -34.65 19.82 -1.38
C PHE A 531 -35.89 19.90 -0.50
N ALA A 532 -35.74 20.19 0.79
CA ALA A 532 -36.90 20.23 1.68
C ALA A 532 -37.86 21.38 1.36
N ASN A 533 -37.49 22.30 0.48
CA ASN A 533 -38.33 23.46 0.16
C ASN A 533 -39.08 23.32 -1.15
N GLY A 534 -38.42 22.81 -2.20
CA GLY A 534 -39.06 22.72 -3.50
C GLY A 534 -40.30 21.85 -3.48
N LEU A 535 -40.19 20.66 -2.88
CA LEU A 535 -41.34 19.76 -2.82
C LEU A 535 -42.47 20.35 -1.98
N ASN A 536 -42.13 20.99 -0.86
CA ASN A 536 -43.14 21.60 -0.02
C ASN A 536 -43.87 22.72 -0.74
N GLN A 537 -43.17 23.45 -1.61
CA GLN A 537 -43.80 24.57 -2.30
C GLN A 537 -44.78 24.12 -3.37
N LEU A 538 -44.68 22.87 -3.83
CA LEU A 538 -45.48 22.40 -4.95
C LEU A 538 -46.77 21.69 -4.54
N TYR A 539 -46.80 21.05 -3.37
CA TYR A 539 -47.92 20.21 -2.98
C TYR A 539 -48.80 20.85 -1.89
N PHE A 540 -48.56 22.10 -1.54
CA PHE A 540 -49.29 22.72 -0.43
C PHE A 540 -50.62 23.32 -0.86
N TYR A 541 -51.15 22.90 -2.00
CA TYR A 541 -52.48 23.31 -2.43
C TYR A 541 -53.55 22.24 -2.26
N TYR A 542 -53.15 20.98 -2.09
CA TYR A 542 -54.08 19.86 -2.06
C TYR A 542 -54.13 19.19 -0.69
N GLU A 543 -54.00 19.97 0.38
CA GLU A 543 -54.01 19.44 1.73
C GLU A 543 -55.45 19.18 2.16
N THR A 544 -55.82 17.91 2.29
CA THR A 544 -57.15 17.53 2.72
C THR A 544 -57.22 17.54 4.25
N ARG A 545 -58.29 16.99 4.81
CA ARG A 545 -58.49 16.92 6.24
C ARG A 545 -58.44 15.46 6.70
N ALA A 546 -58.67 15.26 7.99
CA ALA A 546 -58.62 13.92 8.57
C ALA A 546 -59.96 13.20 8.50
N ILE A 547 -61.06 13.89 8.76
CA ILE A 547 -62.37 13.26 8.77
C ILE A 547 -62.73 12.71 7.39
N ASP A 548 -62.28 13.36 6.32
CA ASP A 548 -62.56 12.92 4.96
C ASP A 548 -61.61 11.82 4.48
N GLU A 549 -60.92 11.14 5.38
CA GLU A 549 -59.99 10.09 5.01
C GLU A 549 -60.35 8.81 5.77
N PRO A 550 -60.06 7.65 5.18
CA PRO A 550 -60.45 6.38 5.81
C PRO A 550 -59.76 6.17 7.16
N ASN A 551 -60.54 5.69 8.13
CA ASN A 551 -60.08 5.33 9.47
C ASN A 551 -59.58 6.53 10.28
N ASN A 552 -59.81 7.75 9.81
CA ASN A 552 -59.45 8.97 10.52
C ASN A 552 -57.96 8.99 10.88
N CYS A 553 -57.13 8.72 9.90
CA CYS A 553 -55.68 8.75 10.06
C CYS A 553 -55.09 9.71 9.03
N LYS A 554 -54.20 10.59 9.47
CA LYS A 554 -53.65 11.63 8.61
C LYS A 554 -52.13 11.65 8.76
N GLY A 555 -51.44 11.49 7.63
CA GLY A 555 -49.98 11.49 7.61
C GLY A 555 -49.44 10.09 7.35
N ILE A 556 -48.11 10.02 7.33
CA ILE A 556 -47.42 8.73 7.25
C ILE A 556 -47.60 8.03 8.59
N ARG A 557 -47.21 6.76 8.65
CA ARG A 557 -47.36 5.83 9.78
C ARG A 557 -48.77 5.25 9.87
N CYS A 558 -49.67 5.59 8.96
CA CYS A 558 -50.95 4.90 8.86
C CYS A 558 -50.75 3.58 8.13
N GLU A 559 -51.84 2.89 7.81
CA GLU A 559 -51.72 1.71 6.96
C GLU A 559 -51.60 2.11 5.49
N LYS A 560 -52.41 3.08 5.07
CA LYS A 560 -52.34 3.66 3.72
C LYS A 560 -51.80 5.08 3.86
N GLN A 561 -50.57 5.29 3.41
CA GLN A 561 -49.89 6.56 3.66
C GLN A 561 -50.47 7.67 2.79
N ASN A 562 -50.56 8.87 3.36
CA ASN A 562 -51.13 10.00 2.66
C ASN A 562 -50.63 11.28 3.31
N ASN A 563 -50.71 12.39 2.55
CA ASN A 563 -50.33 13.71 3.03
C ASN A 563 -48.88 13.73 3.53
N ALA A 564 -47.96 13.38 2.63
CA ALA A 564 -46.56 13.27 2.99
C ALA A 564 -45.74 14.52 2.65
N PHE A 565 -46.27 15.42 1.83
CA PHE A 565 -45.53 16.60 1.40
C PHE A 565 -46.33 17.88 1.62
N SER A 566 -47.12 17.93 2.70
CA SER A 566 -47.97 19.10 2.93
C SER A 566 -47.21 20.23 3.61
N THR A 567 -46.71 19.99 4.82
CA THR A 567 -46.04 21.01 5.61
C THR A 567 -44.53 20.78 5.62
N LEU A 568 -43.81 21.71 6.27
CA LEU A 568 -42.36 21.64 6.33
C LEU A 568 -41.86 20.64 7.36
N PHE A 569 -42.69 20.28 8.35
CA PHE A 569 -42.24 19.33 9.37
C PHE A 569 -42.38 17.89 8.89
N GLU A 570 -43.32 17.61 7.99
CA GLU A 570 -43.50 16.25 7.49
C GLU A 570 -42.55 15.95 6.33
N THR A 571 -42.26 16.97 5.51
CA THR A 571 -41.33 16.81 4.40
C THR A 571 -39.90 16.55 4.87
N LEU A 572 -39.61 16.79 6.15
CA LEU A 572 -38.30 16.49 6.69
C LEU A 572 -38.21 15.08 7.26
N GLN A 573 -39.33 14.52 7.71
CA GLN A 573 -39.34 13.14 8.18
C GLN A 573 -39.48 12.14 7.04
N SER A 574 -40.22 12.51 5.99
CA SER A 574 -40.39 11.61 4.85
C SER A 574 -39.07 11.39 4.12
N LEU A 575 -38.31 12.47 3.90
CA LEU A 575 -37.03 12.33 3.22
C LEU A 575 -36.03 11.55 4.06
N PHE A 576 -36.15 11.57 5.39
CA PHE A 576 -35.29 10.75 6.22
C PHE A 576 -35.69 9.28 6.13
N TRP A 577 -36.97 8.98 6.31
CA TRP A 577 -37.43 7.59 6.26
C TRP A 577 -37.26 6.98 4.88
N SER A 578 -37.12 7.81 3.83
CA SER A 578 -36.92 7.29 2.49
C SER A 578 -35.48 6.88 2.21
N VAL A 579 -34.59 6.94 3.20
CA VAL A 579 -33.22 6.49 3.00
C VAL A 579 -33.09 4.99 3.23
N PHE A 580 -33.89 4.44 4.14
CA PHE A 580 -33.82 3.01 4.45
C PHE A 580 -34.70 2.17 3.54
N GLY A 581 -35.79 2.74 3.02
CA GLY A 581 -36.61 2.03 2.05
C GLY A 581 -38.03 1.78 2.51
N LEU A 582 -38.46 2.47 3.56
CA LEU A 582 -39.77 2.25 4.15
C LEU A 582 -40.81 3.24 3.66
N LEU A 583 -40.61 3.84 2.48
CA LEU A 583 -41.55 4.77 1.89
C LEU A 583 -41.94 4.28 0.51
N ASN A 584 -43.24 4.27 0.22
CA ASN A 584 -43.77 3.72 -1.02
C ASN A 584 -43.77 4.79 -2.11
N LEU A 585 -44.18 4.39 -3.31
CA LEU A 585 -44.13 5.27 -4.48
C LEU A 585 -45.46 5.93 -4.81
N TYR A 586 -46.58 5.45 -4.25
CA TYR A 586 -47.88 6.01 -4.59
C TYR A 586 -48.24 7.23 -3.75
N VAL A 587 -47.25 7.86 -3.10
CA VAL A 587 -47.49 9.10 -2.38
C VAL A 587 -47.29 10.33 -3.25
N THR A 588 -46.85 10.15 -4.48
CA THR A 588 -46.63 11.26 -5.41
C THR A 588 -47.77 11.42 -6.40
N ASN A 589 -48.85 10.64 -6.25
CA ASN A 589 -50.01 10.74 -7.12
C ASN A 589 -51.04 11.65 -6.46
N VAL A 590 -51.36 12.75 -7.13
CA VAL A 590 -52.25 13.77 -6.58
C VAL A 590 -53.62 13.63 -7.21
N LYS A 591 -54.63 14.08 -6.47
CA LYS A 591 -56.00 14.12 -6.98
C LYS A 591 -56.14 15.28 -7.97
N ALA A 592 -57.37 15.50 -8.44
CA ALA A 592 -57.80 16.62 -9.30
C ALA A 592 -57.35 16.47 -10.75
N ARG A 593 -56.91 15.28 -11.17
CA ARG A 593 -56.67 14.91 -12.56
C ARG A 593 -55.50 15.65 -13.22
N HIS A 594 -54.84 16.56 -12.52
CA HIS A 594 -53.73 17.29 -13.12
C HIS A 594 -52.53 16.37 -13.30
N GLU A 595 -52.03 16.28 -14.54
CA GLU A 595 -51.02 15.30 -14.90
C GLU A 595 -49.61 15.87 -15.06
N PHE A 596 -49.48 17.16 -15.38
CA PHE A 596 -48.15 17.73 -15.56
C PHE A 596 -47.41 17.90 -14.24
N THR A 597 -48.15 18.08 -13.14
CA THR A 597 -47.50 18.28 -11.84
C THR A 597 -46.88 16.98 -11.32
N GLU A 598 -47.59 15.86 -11.50
CA GLU A 598 -47.10 14.58 -10.97
C GLU A 598 -45.75 14.21 -11.57
N PHE A 599 -45.54 14.54 -12.85
CA PHE A 599 -44.27 14.21 -13.48
C PHE A 599 -43.12 15.00 -12.87
N VAL A 600 -43.34 16.29 -12.62
CA VAL A 600 -42.30 17.11 -12.01
C VAL A 600 -42.02 16.62 -10.59
N GLY A 601 -43.07 16.24 -9.85
CA GLY A 601 -42.85 15.71 -8.52
C GLY A 601 -42.06 14.42 -8.53
N ALA A 602 -42.39 13.51 -9.44
CA ALA A 602 -41.65 12.25 -9.53
C ALA A 602 -40.21 12.48 -9.93
N THR A 603 -39.97 13.45 -10.82
CA THR A 603 -38.58 13.75 -11.22
C THR A 603 -37.79 14.33 -10.06
N MET A 604 -38.39 15.25 -9.31
CA MET A 604 -37.70 15.81 -8.15
C MET A 604 -37.42 14.75 -7.09
N PHE A 605 -38.33 13.78 -6.94
CA PHE A 605 -38.10 12.72 -5.97
C PHE A 605 -37.05 11.73 -6.44
N GLY A 606 -36.98 11.48 -7.76
CA GLY A 606 -36.00 10.53 -8.27
C GLY A 606 -34.60 11.09 -8.40
N THR A 607 -34.48 12.42 -8.56
CA THR A 607 -33.15 13.01 -8.64
C THR A 607 -32.45 13.02 -7.28
N TYR A 608 -33.22 13.07 -6.19
CA TYR A 608 -32.63 13.15 -4.86
C TYR A 608 -32.01 11.84 -4.42
N ASN A 609 -32.42 10.71 -5.01
CA ASN A 609 -31.94 9.41 -4.56
C ASN A 609 -30.55 9.11 -5.10
N VAL A 610 -30.29 9.50 -6.36
CA VAL A 610 -28.99 9.22 -6.96
C VAL A 610 -27.88 9.98 -6.24
N ILE A 611 -28.17 11.19 -5.75
CA ILE A 611 -27.13 11.99 -5.12
C ILE A 611 -26.80 11.49 -3.72
N SER A 612 -27.75 10.85 -3.05
CA SER A 612 -27.56 10.43 -1.66
C SER A 612 -27.18 8.97 -1.51
N LEU A 613 -27.69 8.08 -2.36
CA LEU A 613 -27.47 6.65 -2.20
C LEU A 613 -26.36 6.09 -3.07
N VAL A 614 -25.90 6.84 -4.09
CA VAL A 614 -24.94 6.32 -5.04
C VAL A 614 -23.63 7.13 -5.05
N VAL A 615 -23.64 8.40 -4.66
CA VAL A 615 -22.45 9.24 -4.76
C VAL A 615 -21.84 9.55 -3.41
N LEU A 616 -22.59 9.48 -2.32
CA LEU A 616 -22.06 9.82 -1.00
C LEU A 616 -21.65 8.60 -0.19
N LEU A 617 -22.49 7.55 -0.16
CA LEU A 617 -22.13 6.36 0.59
C LEU A 617 -20.96 5.59 -0.04
N ASN A 618 -20.64 5.88 -1.30
CA ASN A 618 -19.45 5.30 -1.92
C ASN A 618 -18.19 6.10 -1.62
N MET A 619 -18.29 7.17 -0.85
CA MET A 619 -17.14 7.98 -0.43
C MET A 619 -16.79 7.80 1.04
N LEU A 620 -17.79 7.63 1.90
CA LEU A 620 -17.52 7.34 3.30
C LEU A 620 -16.67 6.07 3.43
N ILE A 621 -17.02 5.02 2.69
CA ILE A 621 -16.26 3.78 2.76
C ILE A 621 -14.82 4.01 2.32
N ALA A 622 -14.63 4.69 1.19
CA ALA A 622 -13.31 4.89 0.63
C ALA A 622 -12.47 5.85 1.47
N MET A 623 -13.08 6.68 2.30
CA MET A 623 -12.29 7.53 3.19
C MET A 623 -12.01 6.86 4.52
N MET A 624 -12.97 6.11 5.07
CA MET A 624 -12.74 5.39 6.32
C MET A 624 -11.72 4.27 6.13
N ASN A 625 -11.68 3.65 4.96
CA ASN A 625 -10.67 2.64 4.68
C ASN A 625 -9.27 3.22 4.78
N ASN A 626 -9.06 4.42 4.24
CA ASN A 626 -7.76 5.07 4.34
C ASN A 626 -7.49 5.55 5.76
N SER A 627 -8.52 6.06 6.45
CA SER A 627 -8.32 6.57 7.80
C SER A 627 -7.97 5.46 8.78
N TYR A 628 -8.43 4.23 8.53
CA TYR A 628 -8.13 3.14 9.45
C TYR A 628 -6.70 2.65 9.34
N GLN A 629 -6.09 2.77 8.17
CA GLN A 629 -4.75 2.22 7.94
C GLN A 629 -3.65 3.18 8.35
N LEU A 630 -3.97 4.24 9.09
CA LEU A 630 -2.97 5.15 9.63
C LEU A 630 -2.97 5.19 11.15
N ILE A 631 -4.00 4.65 11.81
CA ILE A 631 -4.04 4.57 13.26
C ILE A 631 -3.68 3.18 13.77
N ALA A 632 -3.53 2.21 12.87
CA ALA A 632 -3.13 0.87 13.29
C ALA A 632 -1.78 0.89 14.01
N ASP A 633 -0.84 1.66 13.50
CA ASP A 633 0.42 1.85 14.20
C ASP A 633 0.22 2.73 15.42
N HIS A 634 1.17 2.65 16.35
CA HIS A 634 1.11 3.28 17.66
C HIS A 634 -0.30 3.21 18.25
N ALA A 635 -0.80 1.98 18.34
CA ALA A 635 -2.05 1.69 19.00
C ALA A 635 -1.86 1.07 20.38
N ASP A 636 -0.61 0.83 20.78
CA ASP A 636 -0.30 0.34 22.12
C ASP A 636 0.29 1.40 23.03
N ILE A 637 0.76 2.52 22.48
CA ILE A 637 1.28 3.60 23.31
C ILE A 637 0.14 4.47 23.85
N GLU A 638 -1.04 4.42 23.25
CA GLU A 638 -2.15 5.25 23.67
C GLU A 638 -3.15 4.53 24.56
N TRP A 639 -3.05 3.19 24.67
CA TRP A 639 -3.89 2.45 25.59
C TRP A 639 -3.27 2.34 26.98
N LYS A 640 -1.95 2.16 27.04
CA LYS A 640 -1.26 2.05 28.31
C LYS A 640 -1.28 3.37 29.07
N PHE A 641 -1.20 4.49 28.35
CA PHE A 641 -1.37 5.80 28.99
C PHE A 641 -2.74 5.90 29.66
N ALA A 642 -3.78 5.44 28.97
CA ALA A 642 -5.13 5.52 29.52
C ALA A 642 -5.28 4.65 30.75
N ARG A 643 -4.79 3.39 30.69
CA ARG A 643 -4.96 2.53 31.85
C ARG A 643 -4.07 2.95 33.01
N THR A 644 -2.93 3.59 32.74
CA THR A 644 -2.12 4.15 33.81
C THR A 644 -2.84 5.31 34.49
N LYS A 645 -3.43 6.20 33.69
CA LYS A 645 -4.21 7.29 34.27
C LYS A 645 -5.40 6.74 35.05
N LEU A 646 -5.93 5.60 34.65
CA LEU A 646 -6.99 4.95 35.42
C LEU A 646 -6.46 4.48 36.77
N TRP A 647 -5.38 3.69 36.76
CA TRP A 647 -4.84 3.13 38.00
C TRP A 647 -4.44 4.21 38.98
N MET A 648 -3.91 5.34 38.49
CA MET A 648 -3.41 6.37 39.40
C MET A 648 -4.51 7.07 40.18
N SER A 649 -5.77 6.69 39.99
CA SER A 649 -6.89 7.35 40.67
C SER A 649 -7.24 6.69 42.00
N TYR A 650 -6.94 5.41 42.17
CA TYR A 650 -7.22 4.69 43.41
C TYR A 650 -6.05 4.66 44.37
N PHE A 651 -4.86 5.05 43.94
CA PHE A 651 -3.68 4.91 44.78
C PHE A 651 -3.78 5.77 46.04
N ASP A 652 -4.49 6.87 45.98
CA ASP A 652 -4.56 7.78 47.11
C ASP A 652 -5.59 7.29 48.12
N GLU A 653 -5.33 7.59 49.39
CA GLU A 653 -6.20 7.17 50.49
C GLU A 653 -7.39 8.12 50.56
N GLY A 654 -8.53 7.68 50.03
CA GLY A 654 -9.75 8.45 50.08
C GLY A 654 -10.84 7.75 50.86
N GLY A 655 -10.68 6.45 51.06
CA GLY A 655 -11.67 5.66 51.76
C GLY A 655 -13.05 5.73 51.16
N THR A 656 -13.14 5.69 49.84
CA THR A 656 -14.42 5.85 49.14
C THR A 656 -15.23 4.58 49.28
N LEU A 657 -16.26 4.61 50.13
CA LEU A 657 -17.18 3.51 50.25
C LEU A 657 -18.08 3.43 49.01
N PRO A 658 -18.69 2.28 48.76
CA PRO A 658 -19.66 2.17 47.66
C PRO A 658 -20.79 3.16 47.82
N PRO A 659 -21.57 3.40 46.76
CA PRO A 659 -22.58 4.46 46.78
C PRO A 659 -23.60 4.27 47.90
N PRO A 660 -24.17 3.08 48.12
CA PRO A 660 -25.21 2.97 49.16
C PRO A 660 -24.73 3.34 50.55
N PHE A 661 -23.56 2.85 50.96
CA PHE A 661 -23.01 3.16 52.26
C PHE A 661 -22.32 4.51 52.32
N ASN A 662 -22.37 5.30 51.26
CA ASN A 662 -21.65 6.57 51.18
C ASN A 662 -22.37 7.70 51.88
N ILE A 663 -23.49 7.43 52.56
CA ILE A 663 -24.26 8.46 53.27
C ILE A 663 -24.43 7.98 54.71
N ILE A 664 -23.49 8.36 55.57
CA ILE A 664 -23.52 7.99 56.98
C ILE A 664 -23.49 9.24 57.86
N ARG A 702 14.32 19.57 57.84
CA ARG A 702 13.97 20.84 57.24
C ARG A 702 15.01 21.26 56.21
N HIS A 703 16.21 21.61 56.67
CA HIS A 703 17.30 21.98 55.78
C HIS A 703 18.14 20.76 55.39
N ALA A 704 18.62 20.01 56.39
CA ALA A 704 19.51 18.90 56.11
C ALA A 704 18.88 17.88 55.15
N ASP A 705 17.57 17.68 55.26
CA ASP A 705 16.89 16.77 54.35
C ASP A 705 17.02 17.23 52.90
N SER A 706 16.69 18.50 52.64
CA SER A 706 16.79 19.03 51.30
C SER A 706 18.22 18.98 50.79
N LEU A 707 19.19 19.31 51.65
CA LEU A 707 20.58 19.24 51.23
C LEU A 707 20.99 17.82 50.85
N ILE A 708 20.59 16.84 51.65
CA ILE A 708 20.94 15.45 51.35
C ILE A 708 20.30 15.01 50.05
N GLN A 709 19.03 15.39 49.81
CA GLN A 709 18.37 14.98 48.59
C GLN A 709 19.03 15.59 47.36
N ASN A 710 19.32 16.90 47.42
CA ASN A 710 19.98 17.54 46.28
C ASN A 710 21.38 17.01 46.08
N GLN A 711 22.03 16.54 47.14
CA GLN A 711 23.36 15.97 46.98
C GLN A 711 23.29 14.58 46.36
N HIS A 712 22.26 13.80 46.70
CA HIS A 712 22.12 12.47 46.13
C HIS A 712 21.66 12.51 44.68
N TYR A 713 20.92 13.54 44.28
CA TYR A 713 20.31 13.54 42.95
C TYR A 713 21.29 13.88 41.83
N GLN A 714 22.48 14.40 42.14
CA GLN A 714 23.37 14.86 41.07
C GLN A 714 24.27 13.77 40.51
N GLU A 715 24.70 12.82 41.35
CA GLU A 715 25.62 11.78 40.89
C GLU A 715 24.98 10.89 39.84
N VAL A 716 23.73 10.51 40.04
CA VAL A 716 23.01 9.70 39.07
C VAL A 716 22.95 10.42 37.73
N ILE A 717 22.66 11.73 37.76
CA ILE A 717 22.60 12.51 36.53
C ILE A 717 23.95 12.50 35.82
N ARG A 718 25.03 12.66 36.58
CA ARG A 718 26.37 12.67 35.98
C ARG A 718 26.66 11.35 35.27
N ASN A 719 26.38 10.23 35.94
CA ASN A 719 26.65 8.92 35.34
C ASN A 719 25.80 8.71 34.09
N LEU A 720 24.51 9.02 34.17
CA LEU A 720 23.62 8.85 33.02
C LEU A 720 24.10 9.66 31.83
N VAL A 721 24.55 10.90 32.07
CA VAL A 721 25.01 11.75 30.97
C VAL A 721 26.25 11.15 30.32
N LYS A 722 27.21 10.69 31.14
CA LYS A 722 28.41 10.06 30.60
C LYS A 722 28.06 8.91 29.67
N ARG A 723 27.24 7.97 30.17
CA ARG A 723 26.91 6.79 29.36
C ARG A 723 26.21 7.16 28.08
N TYR A 724 25.24 8.09 28.15
CA TYR A 724 24.48 8.48 26.97
C TYR A 724 25.39 9.09 25.91
N VAL A 725 26.28 9.99 26.32
CA VAL A 725 27.17 10.64 25.37
C VAL A 725 28.06 9.61 24.68
N ALA A 726 28.65 8.70 25.47
CA ALA A 726 29.55 7.71 24.87
C ALA A 726 28.81 6.83 23.87
N ALA A 727 27.61 6.35 24.22
CA ALA A 727 26.86 5.49 23.31
C ALA A 727 26.50 6.22 22.02
N MET A 728 26.08 7.49 22.14
CA MET A 728 25.68 8.22 20.94
C MET A 728 26.87 8.50 20.04
N ILE A 729 28.05 8.73 20.62
CA ILE A 729 29.25 8.87 19.78
C ILE A 729 29.57 7.56 19.07
N ARG A 730 29.46 6.43 19.78
CA ARG A 730 29.82 5.16 19.17
C ARG A 730 28.87 4.78 18.03
N ASN A 731 27.58 5.09 18.17
CA ASN A 731 26.61 4.67 17.15
C ASN A 731 26.88 5.26 15.77
N SER A 732 27.60 6.39 15.71
CA SER A 732 27.78 7.08 14.43
C SER A 732 28.79 6.38 13.54
N LYS A 733 29.93 5.96 14.12
CA LYS A 733 31.03 5.41 13.31
C LYS A 733 30.65 4.14 12.57
N THR A 734 29.58 3.45 12.96
CA THR A 734 29.24 2.17 12.37
C THR A 734 28.17 2.26 11.29
N ASN A 735 27.31 3.27 11.33
CA ASN A 735 26.17 3.34 10.43
C ASN A 735 26.22 4.55 9.52
N GLU A 736 27.38 4.82 8.93
CA GLU A 736 27.55 5.95 8.02
C GLU A 736 28.31 5.49 6.79
N GLY A 737 27.91 6.00 5.62
CA GLY A 737 28.52 5.63 4.37
C GLY A 737 29.59 6.62 3.91
N LEU A 738 30.22 6.29 2.79
CA LEU A 738 31.28 7.11 2.22
C LEU A 738 30.72 8.03 1.14
N THR A 739 31.57 8.95 0.68
CA THR A 739 31.17 9.94 -0.30
C THR A 739 32.41 10.38 -1.07
N GLU A 740 32.29 11.47 -1.84
CA GLU A 740 33.37 11.90 -2.71
C GLU A 740 34.45 12.70 -1.98
N GLU A 741 34.11 13.35 -0.86
CA GLU A 741 35.10 14.13 -0.14
C GLU A 741 36.28 13.28 0.31
N ASN A 742 36.06 11.99 0.56
CA ASN A 742 37.10 11.14 1.14
C ASN A 742 38.18 10.82 0.12
N PHE A 743 37.77 10.52 -1.13
CA PHE A 743 38.70 10.11 -2.17
C PHE A 743 39.79 11.15 -2.43
N LYS A 744 39.43 12.44 -2.39
CA LYS A 744 40.37 13.50 -2.71
C LYS A 744 41.50 13.59 -1.70
N GLU A 745 41.20 13.42 -0.41
CA GLU A 745 42.24 13.50 0.61
C GLU A 745 43.28 12.40 0.43
N LEU A 746 42.83 11.18 0.10
CA LEU A 746 43.78 10.10 -0.13
C LEU A 746 44.68 10.41 -1.33
N LYS A 747 44.07 10.91 -2.41
CA LYS A 747 44.88 11.28 -3.57
C LYS A 747 45.94 12.33 -3.20
N GLN A 748 45.55 13.33 -2.41
CA GLN A 748 46.51 14.36 -2.03
C GLN A 748 47.63 13.82 -1.15
N ASP A 749 47.28 12.90 -0.23
CA ASP A 749 48.31 12.27 0.61
C ASP A 749 49.37 11.60 -0.25
N ILE A 750 48.94 10.74 -1.18
CA ILE A 750 49.91 10.07 -2.05
C ILE A 750 50.72 11.09 -2.85
N SER A 751 50.06 12.16 -3.32
CA SER A 751 50.74 13.15 -4.13
C SER A 751 51.88 13.82 -3.37
N SER A 752 51.59 14.32 -2.16
CA SER A 752 52.62 15.03 -1.40
C SER A 752 53.76 14.10 -0.99
N PHE A 753 53.44 12.87 -0.59
CA PHE A 753 54.47 11.88 -0.30
C PHE A 753 55.42 11.73 -1.49
N ARG A 754 54.85 11.52 -2.68
CA ARG A 754 55.65 11.37 -3.89
C ARG A 754 56.56 12.57 -4.12
N TYR A 755 56.00 13.77 -4.03
CA TYR A 755 56.78 14.97 -4.33
C TYR A 755 57.99 15.10 -3.40
N GLU A 756 57.78 14.92 -2.10
CA GLU A 756 58.91 15.11 -1.19
C GLU A 756 59.97 14.02 -1.36
N VAL A 757 59.54 12.77 -1.59
CA VAL A 757 60.53 11.71 -1.76
C VAL A 757 61.37 11.95 -3.01
N LEU A 758 60.73 12.34 -4.12
CA LEU A 758 61.47 12.63 -5.33
C LEU A 758 62.44 13.79 -5.11
N ASP A 759 61.98 14.83 -4.41
CA ASP A 759 62.85 15.96 -4.10
C ASP A 759 64.12 15.49 -3.38
N LEU A 760 63.96 14.70 -2.32
CA LEU A 760 65.13 14.24 -1.58
C LEU A 760 66.05 13.39 -2.44
N LEU A 761 65.49 12.37 -3.12
CA LEU A 761 66.33 11.41 -3.81
C LEU A 761 67.04 12.01 -5.02
N GLY A 762 66.30 12.75 -5.85
CA GLY A 762 66.87 13.26 -7.10
C GLY A 762 68.01 14.23 -6.87
N ASN A 763 67.85 15.15 -5.92
CA ASN A 763 68.89 16.13 -5.63
C ASN A 763 69.75 15.62 -4.48
N ARG B 15 18.60 43.23 31.02
CA ARG B 15 19.17 41.88 31.00
C ARG B 15 18.44 41.01 29.98
N ASP B 16 18.86 41.11 28.72
CA ASP B 16 18.28 40.33 27.63
C ASP B 16 19.26 39.30 27.09
N ARG B 17 20.27 38.92 27.87
CA ARG B 17 21.27 37.96 27.45
C ARG B 17 21.24 36.74 28.36
N ILE B 18 21.73 35.62 27.83
CA ILE B 18 21.78 34.35 28.55
C ILE B 18 23.24 33.95 28.69
N PRO B 19 23.79 33.88 29.91
CA PRO B 19 25.16 33.40 30.08
C PRO B 19 25.24 31.89 29.99
N LEU B 20 26.47 31.40 29.77
CA LEU B 20 26.71 29.97 29.64
C LEU B 20 27.96 29.60 30.43
N GLN B 21 27.94 28.43 31.05
CA GLN B 21 29.08 27.94 31.81
C GLN B 21 28.93 26.44 32.02
N ILE B 22 29.97 25.83 32.58
CA ILE B 22 30.00 24.39 32.84
C ILE B 22 29.64 24.16 34.30
N VAL B 23 28.69 23.26 34.55
CA VAL B 23 28.16 23.05 35.89
C VAL B 23 28.79 21.82 36.55
N ARG B 24 29.12 20.81 35.76
CA ARG B 24 29.72 19.58 36.27
C ARG B 24 31.14 19.47 35.71
N ALA B 25 32.10 19.98 36.47
CA ALA B 25 33.48 20.11 36.02
C ALA B 25 34.26 18.82 36.26
N GLU B 26 35.35 18.67 35.51
CA GLU B 26 36.22 17.51 35.61
C GLU B 26 37.68 17.97 35.50
N THR B 27 38.60 17.02 35.59
CA THR B 27 40.03 17.31 35.50
C THR B 27 40.45 17.49 34.05
N GLU B 28 41.60 18.12 33.85
CA GLU B 28 42.14 18.39 32.53
C GLU B 28 43.59 17.93 32.45
N LEU B 29 44.14 17.97 31.23
CA LEU B 29 45.46 17.46 30.94
C LEU B 29 46.45 18.60 30.76
N SER B 30 47.71 18.34 31.13
CA SER B 30 48.77 19.31 30.96
C SER B 30 49.23 19.35 29.51
N ALA B 31 50.14 20.25 29.20
CA ALA B 31 50.65 20.41 27.85
C ALA B 31 51.80 19.46 27.54
N GLU B 32 52.26 18.69 28.53
CA GLU B 32 53.29 17.69 28.30
C GLU B 32 52.73 16.29 28.14
N GLU B 33 51.50 16.05 28.57
CA GLU B 33 50.84 14.76 28.43
C GLU B 33 49.93 14.71 27.22
N LYS B 34 49.94 15.75 26.38
CA LYS B 34 49.12 15.81 25.19
C LYS B 34 49.87 15.43 23.92
N ALA B 35 51.14 15.87 23.80
CA ALA B 35 51.94 15.47 22.65
C ALA B 35 52.14 13.96 22.61
N PHE B 36 52.21 13.31 23.76
CA PHE B 36 52.32 11.86 23.82
C PHE B 36 51.14 11.19 23.14
N LEU B 37 49.92 11.50 23.59
CA LEU B 37 48.73 10.91 22.99
C LEU B 37 48.53 11.36 21.55
N SER B 38 49.04 12.53 21.19
CA SER B 38 48.93 12.96 19.80
C SER B 38 49.88 12.17 18.89
N ALA B 39 51.06 11.82 19.40
CA ALA B 39 51.99 11.00 18.65
C ALA B 39 51.51 9.57 18.54
N VAL B 40 50.76 9.09 19.53
CA VAL B 40 50.24 7.72 19.45
C VAL B 40 49.22 7.58 18.31
N GLU B 41 48.46 8.65 18.02
CA GLU B 41 47.38 8.56 17.03
C GLU B 41 47.84 8.68 15.59
N LYS B 42 49.12 8.92 15.33
CA LYS B 42 49.60 9.14 13.98
C LYS B 42 50.52 8.07 13.45
N GLY B 43 51.12 7.25 14.32
CA GLY B 43 51.99 6.17 13.89
C GLY B 43 53.46 6.41 14.15
N ASP B 44 53.83 7.58 14.64
CA ASP B 44 55.23 7.86 14.93
C ASP B 44 55.76 6.91 15.99
N TYR B 45 56.80 6.16 15.64
CA TYR B 45 57.33 5.11 16.50
C TYR B 45 58.62 5.49 17.19
N ALA B 46 59.36 6.47 16.66
CA ALA B 46 60.64 6.85 17.24
C ALA B 46 60.52 7.93 18.31
N THR B 47 59.41 8.67 18.33
CA THR B 47 59.22 9.71 19.34
C THR B 47 58.52 9.19 20.58
N VAL B 48 57.60 8.24 20.42
CA VAL B 48 56.96 7.63 21.59
C VAL B 48 57.97 6.81 22.38
N LYS B 49 58.90 6.15 21.68
CA LYS B 49 59.92 5.35 22.35
C LYS B 49 60.87 6.21 23.17
N GLN B 50 61.00 7.49 22.86
CA GLN B 50 61.84 8.39 23.63
C GLN B 50 61.11 8.93 24.85
N ALA B 51 59.82 9.22 24.70
CA ALA B 51 59.01 9.65 25.84
C ALA B 51 58.83 8.53 26.85
N LEU B 52 58.81 7.27 26.40
CA LEU B 52 58.73 6.16 27.34
C LEU B 52 60.02 5.97 28.12
N GLN B 53 61.15 6.42 27.58
CA GLN B 53 62.43 6.25 28.27
C GLN B 53 62.78 7.44 29.14
N GLU B 54 62.39 8.66 28.74
CA GLU B 54 62.69 9.82 29.57
C GLU B 54 61.88 9.83 30.86
N ALA B 55 60.76 9.10 30.93
CA ALA B 55 59.91 9.08 32.10
C ALA B 55 60.32 8.02 33.11
N GLU B 56 61.54 7.48 33.00
CA GLU B 56 62.07 6.55 33.99
C GLU B 56 63.27 7.09 34.74
N ILE B 57 63.89 8.16 34.26
CA ILE B 57 64.97 8.83 34.97
C ILE B 57 64.40 10.04 35.67
N TYR B 58 63.77 10.92 34.90
CA TYR B 58 62.95 12.00 35.45
C TYR B 58 61.49 11.57 35.49
N TYR B 59 60.69 12.28 36.29
CA TYR B 59 59.29 11.94 36.50
C TYR B 59 58.44 13.16 36.19
N ASN B 60 57.97 13.26 34.94
CA ASN B 60 57.11 14.36 34.53
C ASN B 60 55.84 13.93 33.82
N VAL B 61 55.72 12.67 33.42
CA VAL B 61 54.54 12.15 32.72
C VAL B 61 54.14 10.84 33.36
N ASN B 62 52.82 10.62 33.48
CA ASN B 62 52.27 9.34 33.90
C ASN B 62 51.62 8.68 32.69
N ILE B 63 52.01 7.43 32.43
CA ILE B 63 51.62 6.76 31.17
C ILE B 63 50.21 6.20 31.20
N ASN B 64 49.45 6.45 32.27
CA ASN B 64 48.08 5.98 32.38
C ASN B 64 47.06 7.11 32.31
N CYS B 65 47.32 8.13 31.50
CA CYS B 65 46.41 9.26 31.41
C CYS B 65 45.19 8.88 30.57
N MET B 66 44.17 9.74 30.61
CA MET B 66 42.90 9.47 29.95
C MET B 66 42.42 10.72 29.22
N ASP B 67 42.21 10.60 27.92
CA ASP B 67 41.78 11.73 27.09
C ASP B 67 40.36 12.13 27.45
N PRO B 68 39.86 13.24 26.88
CA PRO B 68 38.48 13.69 27.20
C PRO B 68 37.41 12.62 27.16
N LEU B 69 37.53 11.60 26.32
CA LEU B 69 36.44 10.64 26.12
C LEU B 69 36.70 9.30 26.81
N GLY B 70 37.65 9.26 27.74
CA GLY B 70 37.90 8.03 28.48
C GLY B 70 38.81 7.04 27.81
N ARG B 71 39.50 7.42 26.74
CA ARG B 71 40.38 6.53 26.01
C ARG B 71 41.81 6.74 26.47
N SER B 72 42.50 5.66 26.80
CA SER B 72 43.88 5.71 27.25
C SER B 72 44.79 5.38 26.08
N ALA B 73 46.09 5.21 26.37
CA ALA B 73 47.07 4.99 25.32
C ALA B 73 47.02 3.57 24.73
N LEU B 74 46.36 2.63 25.39
CA LEU B 74 46.27 1.26 24.89
C LEU B 74 44.95 0.97 24.19
N LEU B 75 43.95 1.83 24.34
CA LEU B 75 42.70 1.70 23.62
C LEU B 75 42.65 2.51 22.34
N ILE B 76 43.66 3.35 22.10
CA ILE B 76 43.81 4.02 20.81
C ILE B 76 44.59 3.16 19.82
N ALA B 77 45.43 2.24 20.30
CA ALA B 77 46.20 1.37 19.44
C ALA B 77 45.47 0.09 19.07
N ILE B 78 44.28 -0.14 19.62
CA ILE B 78 43.50 -1.33 19.27
C ILE B 78 42.50 -0.98 18.18
N GLU B 79 41.97 0.24 18.21
CA GLU B 79 40.98 0.62 17.20
C GLU B 79 41.66 0.91 15.86
N ASN B 80 42.84 1.53 15.88
CA ASN B 80 43.72 1.55 14.71
C ASN B 80 44.62 0.33 14.82
N GLU B 81 44.37 -0.68 13.99
CA GLU B 81 44.99 -1.97 14.23
C GLU B 81 46.50 -1.91 14.01
N ASN B 82 47.24 -1.66 15.09
CA ASN B 82 48.70 -1.54 15.06
C ASN B 82 49.28 -2.53 16.06
N LEU B 83 49.94 -3.57 15.56
CA LEU B 83 50.49 -4.62 16.41
C LEU B 83 51.95 -4.42 16.75
N GLU B 84 52.51 -3.25 16.46
CA GLU B 84 53.89 -2.95 16.77
C GLU B 84 54.06 -1.93 17.89
N ILE B 85 52.99 -1.24 18.28
CA ILE B 85 53.03 -0.29 19.38
C ILE B 85 52.43 -0.97 20.61
N MET B 86 51.54 -1.94 20.40
CA MET B 86 51.01 -2.71 21.51
C MET B 86 52.10 -3.52 22.19
N GLU B 87 52.95 -4.19 21.40
CA GLU B 87 54.05 -4.94 21.96
C GLU B 87 55.10 -4.05 22.60
N LEU B 88 55.13 -2.77 22.24
CA LEU B 88 56.06 -1.85 22.89
C LEU B 88 55.48 -1.32 24.20
N LEU B 89 54.18 -1.04 24.23
CA LEU B 89 53.54 -0.57 25.45
C LEU B 89 53.36 -1.69 26.47
N LEU B 90 53.39 -2.95 26.04
CA LEU B 90 53.24 -4.05 26.98
C LEU B 90 54.56 -4.50 27.58
N ASN B 91 55.68 -4.32 26.87
CA ASN B 91 56.98 -4.64 27.44
C ASN B 91 57.35 -3.70 28.58
N HIS B 92 56.81 -2.49 28.59
CA HIS B 92 56.78 -1.66 29.78
C HIS B 92 55.49 -1.93 30.53
N SER B 93 55.52 -1.74 31.85
CA SER B 93 54.38 -2.08 32.68
C SER B 93 53.31 -1.01 32.56
N VAL B 94 52.22 -1.32 31.85
CA VAL B 94 51.05 -0.46 31.83
C VAL B 94 49.90 -1.21 32.49
N TYR B 95 48.76 -0.54 32.67
CA TYR B 95 47.63 -1.09 33.40
C TYR B 95 46.64 -1.68 32.39
N VAL B 96 46.51 -3.00 32.39
CA VAL B 96 45.58 -3.70 31.51
C VAL B 96 44.32 -3.98 32.31
N GLY B 97 43.24 -3.26 32.00
CA GLY B 97 42.00 -3.45 32.71
C GLY B 97 41.03 -4.34 31.97
N ASP B 98 39.94 -3.76 31.48
CA ASP B 98 38.96 -4.48 30.67
C ASP B 98 39.29 -4.32 29.19
N ALA B 99 40.52 -4.67 28.83
CA ALA B 99 40.99 -4.50 27.46
C ALA B 99 40.85 -5.74 26.61
N LEU B 100 40.41 -6.86 27.18
CA LEU B 100 40.14 -8.05 26.40
C LEU B 100 38.71 -8.09 25.88
N LEU B 101 37.82 -7.30 26.45
CA LEU B 101 36.45 -7.19 25.96
C LEU B 101 36.29 -6.16 24.86
N TYR B 102 37.27 -5.29 24.66
CA TYR B 102 37.25 -4.33 23.57
C TYR B 102 37.84 -4.90 22.28
N ALA B 103 38.54 -6.03 22.35
CA ALA B 103 39.11 -6.66 21.18
C ALA B 103 38.28 -7.84 20.69
N ILE B 104 37.26 -8.26 21.43
CA ILE B 104 36.32 -9.26 20.95
C ILE B 104 35.09 -8.62 20.31
N ARG B 105 34.79 -7.37 20.64
CA ARG B 105 33.69 -6.67 19.98
C ARG B 105 34.09 -6.19 18.60
N LYS B 106 35.34 -5.76 18.44
CA LYS B 106 35.92 -5.45 17.14
C LYS B 106 36.75 -6.65 16.71
N GLU B 107 36.26 -7.38 15.72
CA GLU B 107 36.70 -8.76 15.48
C GLU B 107 38.06 -8.79 14.81
N VAL B 108 39.11 -8.78 15.64
CA VAL B 108 40.48 -9.00 15.19
C VAL B 108 41.02 -10.23 15.89
N VAL B 109 41.98 -10.91 15.24
CA VAL B 109 42.46 -12.18 15.73
C VAL B 109 43.87 -12.09 16.32
N GLY B 110 44.74 -11.23 15.80
CA GLY B 110 46.07 -11.09 16.35
C GLY B 110 46.08 -10.56 17.77
N ALA B 111 45.24 -9.54 18.03
CA ALA B 111 45.22 -8.91 19.34
C ALA B 111 44.77 -9.88 20.43
N VAL B 112 43.75 -10.69 20.14
CA VAL B 112 43.26 -11.67 21.12
C VAL B 112 44.38 -12.59 21.55
N GLU B 113 45.08 -13.19 20.59
CA GLU B 113 46.18 -14.11 20.91
C GLU B 113 47.29 -13.39 21.66
N LEU B 114 47.67 -12.20 21.20
CA LEU B 114 48.73 -11.44 21.86
C LEU B 114 48.39 -11.19 23.32
N LEU B 115 47.15 -10.80 23.60
CA LEU B 115 46.76 -10.50 24.98
C LEU B 115 46.68 -11.78 25.82
N LEU B 116 46.20 -12.88 25.25
CA LEU B 116 46.19 -14.14 25.99
C LEU B 116 47.61 -14.59 26.33
N SER B 117 48.57 -14.35 25.44
CA SER B 117 49.93 -14.84 25.67
C SER B 117 50.62 -14.09 26.81
N TYR B 118 50.41 -12.78 26.92
CA TYR B 118 51.08 -11.97 27.93
C TYR B 118 50.41 -12.06 29.30
N ARG B 119 49.44 -12.96 29.49
CA ARG B 119 48.76 -13.13 30.76
C ARG B 119 49.73 -13.27 31.93
N GLN B 135 37.21 3.68 36.76
CA GLN B 135 35.92 3.12 37.14
C GLN B 135 34.82 3.58 36.18
N PHE B 136 34.91 3.14 34.93
CA PHE B 136 33.87 3.39 33.95
C PHE B 136 34.05 2.41 32.81
N SER B 137 32.95 1.79 32.37
CA SER B 137 33.00 0.82 31.29
C SER B 137 31.69 0.86 30.52
N GLU B 138 31.72 0.30 29.32
CA GLU B 138 30.53 0.18 28.49
C GLU B 138 29.80 -1.14 28.69
N PHE B 139 30.30 -2.00 29.58
CA PHE B 139 29.76 -3.34 29.76
C PHE B 139 29.27 -3.51 31.20
N THR B 140 28.13 -4.17 31.36
CA THR B 140 27.57 -4.43 32.68
C THR B 140 28.49 -5.39 33.44
N PRO B 141 28.38 -5.43 34.79
CA PRO B 141 29.36 -6.18 35.58
C PRO B 141 29.22 -7.70 35.53
N ASP B 142 28.37 -8.23 34.65
CA ASP B 142 28.20 -9.68 34.58
C ASP B 142 28.71 -10.32 33.29
N ILE B 143 29.05 -9.52 32.27
CA ILE B 143 29.52 -10.08 31.00
C ILE B 143 30.86 -10.76 31.19
N THR B 144 30.99 -11.96 30.64
CA THR B 144 32.22 -12.73 30.61
C THR B 144 32.71 -12.92 29.17
N PRO B 145 33.96 -13.32 28.97
CA PRO B 145 34.46 -13.44 27.59
C PRO B 145 33.74 -14.48 26.75
N ILE B 146 33.54 -15.69 27.28
CA ILE B 146 32.88 -16.74 26.51
C ILE B 146 31.42 -16.40 26.25
N MET B 147 30.81 -15.56 27.10
CA MET B 147 29.44 -15.15 26.87
C MET B 147 29.35 -14.01 25.86
N LEU B 148 30.37 -13.16 25.80
CA LEU B 148 30.35 -12.04 24.86
C LEU B 148 30.79 -12.46 23.47
N ALA B 149 31.64 -13.47 23.36
CA ALA B 149 32.07 -13.97 22.06
C ALA B 149 31.00 -14.77 21.35
N ALA B 150 29.90 -15.09 22.03
CA ALA B 150 28.80 -15.83 21.43
C ALA B 150 27.65 -14.94 20.98
N HIS B 151 27.52 -13.73 21.53
CA HIS B 151 26.56 -12.79 21.00
C HIS B 151 26.92 -12.39 19.57
N THR B 152 28.18 -12.07 19.33
CA THR B 152 28.71 -12.06 17.98
C THR B 152 28.82 -13.49 17.49
N ASN B 153 29.03 -13.66 16.18
CA ASN B 153 28.92 -15.00 15.59
C ASN B 153 30.19 -15.35 14.83
N ASN B 154 31.34 -15.18 15.48
CA ASN B 154 32.59 -15.65 14.89
C ASN B 154 32.79 -17.13 15.16
N TYR B 155 33.43 -17.81 14.22
CA TYR B 155 33.74 -19.23 14.35
C TYR B 155 35.19 -19.49 14.75
N GLU B 156 36.12 -18.61 14.37
CA GLU B 156 37.52 -18.82 14.70
C GLU B 156 37.86 -18.32 16.10
N ILE B 157 37.12 -17.34 16.62
CA ILE B 157 37.39 -16.83 17.96
C ILE B 157 36.81 -17.74 19.02
N ILE B 158 35.63 -18.33 18.75
CA ILE B 158 35.03 -19.25 19.72
C ILE B 158 35.90 -20.48 19.89
N LYS B 159 36.51 -20.97 18.80
CA LYS B 159 37.32 -22.17 18.89
C LYS B 159 38.60 -21.98 19.70
N LEU B 160 39.04 -20.74 19.90
CA LEU B 160 40.25 -20.50 20.70
C LEU B 160 39.97 -20.48 22.19
N LEU B 161 38.74 -20.17 22.60
CA LEU B 161 38.40 -20.09 24.01
C LEU B 161 37.85 -21.39 24.57
N VAL B 162 37.44 -22.32 23.71
CA VAL B 162 36.94 -23.62 24.18
C VAL B 162 38.07 -24.64 24.31
N GLN B 163 39.22 -24.40 23.70
CA GLN B 163 40.36 -25.28 23.90
C GLN B 163 41.01 -25.08 25.26
N LYS B 164 40.82 -23.91 25.88
CA LYS B 164 40.98 -23.75 27.30
C LYS B 164 39.62 -23.97 27.97
N ARG B 165 39.66 -24.33 29.26
CA ARG B 165 38.44 -24.79 29.92
C ARG B 165 37.58 -23.60 30.34
N VAL B 166 36.30 -23.64 29.95
CA VAL B 166 35.34 -22.58 30.23
C VAL B 166 34.04 -23.23 30.70
N THR B 167 33.05 -22.40 31.02
CA THR B 167 31.81 -22.86 31.61
C THR B 167 30.74 -21.78 31.48
N ILE B 168 29.50 -22.21 31.31
CA ILE B 168 28.34 -21.31 31.29
C ILE B 168 27.33 -21.77 32.34
N PRO B 169 26.74 -20.86 33.13
CA PRO B 169 25.78 -21.27 34.16
C PRO B 169 24.52 -21.91 33.60
N ARG B 170 23.64 -22.37 34.48
CA ARG B 170 22.43 -23.07 34.09
C ARG B 170 21.21 -22.35 34.63
N PRO B 171 20.23 -22.00 33.80
CA PRO B 171 19.03 -21.32 34.28
C PRO B 171 18.00 -22.29 34.82
N HIS B 172 17.32 -21.87 35.90
CA HIS B 172 16.31 -22.72 36.52
C HIS B 172 15.06 -22.80 35.64
N GLN B 173 14.23 -23.81 35.93
CA GLN B 173 13.00 -24.00 35.19
C GLN B 173 11.99 -22.90 35.51
N ILE B 174 10.93 -22.83 34.71
CA ILE B 174 9.90 -21.83 34.91
C ILE B 174 9.15 -22.12 36.21
N ARG B 175 8.64 -21.05 36.84
CA ARG B 175 7.82 -21.14 38.04
C ARG B 175 8.56 -21.80 39.22
N CYS B 176 9.89 -21.73 39.22
CA CYS B 176 10.66 -22.28 40.32
C CYS B 176 10.43 -21.46 41.59
N ASN B 177 10.50 -22.13 42.74
CA ASN B 177 10.12 -21.52 44.01
C ASN B 177 11.15 -21.78 45.10
N CYS B 178 12.42 -21.90 44.74
CA CYS B 178 13.45 -22.04 45.75
C CYS B 178 13.63 -20.73 46.51
N VAL B 179 14.37 -20.78 47.62
CA VAL B 179 14.54 -19.58 48.43
C VAL B 179 15.35 -18.53 47.68
N GLU B 180 16.26 -18.94 46.80
CA GLU B 180 17.05 -17.95 46.08
C GLU B 180 16.20 -17.21 45.06
N CYS B 181 15.37 -17.93 44.29
CA CYS B 181 14.57 -17.30 43.26
C CYS B 181 13.53 -16.35 43.83
N VAL B 182 13.14 -16.51 45.09
CA VAL B 182 12.17 -15.61 45.70
C VAL B 182 12.82 -14.57 46.61
N SER B 183 14.06 -14.81 47.05
CA SER B 183 14.79 -13.82 47.84
C SER B 183 15.44 -12.77 46.96
N SER B 184 16.12 -13.20 45.89
CA SER B 184 16.78 -12.25 45.01
C SER B 184 15.79 -11.42 44.21
N SER B 185 14.60 -11.95 43.96
CA SER B 185 13.61 -11.27 43.15
C SER B 185 12.88 -10.16 43.89
N GLU B 186 13.31 -9.86 45.12
CA GLU B 186 12.70 -8.78 45.90
C GLU B 186 13.72 -7.87 46.54
N VAL B 187 14.98 -8.10 46.29
CA VAL B 187 16.03 -7.19 46.70
C VAL B 187 16.49 -6.31 45.55
N ASP B 188 16.64 -6.89 44.36
CA ASP B 188 16.90 -6.16 43.13
C ASP B 188 16.15 -6.87 42.01
N SER B 189 15.11 -6.21 41.48
CA SER B 189 14.24 -6.83 40.50
C SER B 189 14.51 -6.38 39.08
N LEU B 190 15.38 -5.39 38.88
CA LEU B 190 15.76 -4.97 37.54
C LEU B 190 17.09 -5.57 37.10
N ARG B 191 17.85 -6.13 38.04
CA ARG B 191 19.09 -6.83 37.71
C ARG B 191 18.87 -8.33 37.56
N HIS B 192 17.87 -8.89 38.24
CA HIS B 192 17.54 -10.31 38.12
C HIS B 192 16.84 -10.64 36.81
N SER B 193 16.24 -9.66 36.14
CA SER B 193 15.53 -9.88 34.89
C SER B 193 16.39 -9.58 33.67
N ARG B 194 17.68 -9.30 33.88
CA ARG B 194 18.62 -9.06 32.80
C ARG B 194 19.55 -10.22 32.54
N SER B 195 19.90 -10.99 33.57
CA SER B 195 20.86 -12.08 33.39
C SER B 195 20.25 -13.21 32.57
N ARG B 196 18.97 -13.50 32.76
CA ARG B 196 18.35 -14.62 32.03
C ARG B 196 18.33 -14.36 30.54
N LEU B 197 18.05 -13.11 30.14
CA LEU B 197 18.05 -12.78 28.72
C LEU B 197 19.46 -12.95 28.13
N ASN B 198 20.49 -12.57 28.87
CA ASN B 198 21.85 -12.73 28.40
C ASN B 198 22.20 -14.20 28.21
N ILE B 199 21.86 -15.03 29.19
CA ILE B 199 22.18 -16.46 29.08
C ILE B 199 21.43 -17.09 27.91
N TYR B 200 20.17 -16.72 27.72
CA TYR B 200 19.41 -17.32 26.64
C TYR B 200 19.84 -16.82 25.27
N LYS B 201 20.38 -15.59 25.20
CA LYS B 201 20.97 -15.13 23.94
C LYS B 201 22.30 -15.83 23.67
N ALA B 202 23.02 -16.22 24.72
CA ALA B 202 24.27 -16.95 24.53
C ALA B 202 24.01 -18.36 24.02
N LEU B 203 23.05 -19.06 24.63
CA LEU B 203 22.85 -20.48 24.33
C LEU B 203 22.31 -20.74 22.92
N ALA B 204 21.69 -19.75 22.28
CA ALA B 204 20.93 -19.97 21.05
C ALA B 204 21.69 -19.53 19.80
N SER B 205 23.01 -19.68 19.77
CA SER B 205 23.72 -19.25 18.56
C SER B 205 24.08 -20.45 17.69
N PRO B 206 24.00 -20.31 16.37
CA PRO B 206 24.26 -21.46 15.49
C PRO B 206 25.65 -22.08 15.63
N SER B 207 26.70 -21.27 15.79
CA SER B 207 28.05 -21.82 15.86
C SER B 207 28.25 -22.65 17.11
N LEU B 208 27.77 -22.15 18.26
CA LEU B 208 27.91 -22.91 19.50
C LEU B 208 27.09 -24.20 19.45
N ILE B 209 25.95 -24.17 18.77
CA ILE B 209 25.15 -25.40 18.65
C ILE B 209 25.83 -26.39 17.73
N ALA B 210 26.48 -25.91 16.67
CA ALA B 210 27.11 -26.80 15.70
C ALA B 210 28.50 -27.26 16.10
N LEU B 211 29.08 -26.67 17.14
CA LEU B 211 30.44 -27.00 17.53
C LEU B 211 30.53 -27.99 18.69
N SER B 212 29.57 -27.97 19.62
CA SER B 212 29.69 -28.75 20.85
C SER B 212 28.47 -29.60 21.18
N SER B 213 27.58 -29.86 20.22
CA SER B 213 26.40 -30.67 20.46
C SER B 213 26.56 -32.05 19.83
N GLU B 214 25.86 -33.04 20.42
CA GLU B 214 25.92 -34.39 19.89
C GLU B 214 24.93 -34.63 18.76
N ASP B 215 23.78 -33.95 18.78
CA ASP B 215 22.77 -34.08 17.73
C ASP B 215 22.25 -32.68 17.41
N PRO B 216 22.80 -32.01 16.40
CA PRO B 216 22.46 -30.59 16.17
C PRO B 216 21.07 -30.37 15.62
N ILE B 217 20.33 -31.41 15.24
CA ILE B 217 19.01 -31.22 14.66
C ILE B 217 17.95 -31.33 15.75
N LEU B 218 18.17 -32.22 16.71
CA LEU B 218 17.20 -32.46 17.76
C LEU B 218 17.35 -31.49 18.93
N THR B 219 18.39 -30.64 18.92
CA THR B 219 18.57 -29.62 19.95
C THR B 219 17.97 -28.28 19.54
N ALA B 220 17.72 -28.07 18.26
CA ALA B 220 16.99 -26.89 17.81
C ALA B 220 15.48 -27.11 17.79
N PHE B 221 15.01 -28.34 18.02
CA PHE B 221 13.58 -28.59 18.18
C PHE B 221 13.13 -28.32 19.60
N ARG B 222 13.91 -28.77 20.59
CA ARG B 222 13.53 -28.68 21.99
C ARG B 222 13.84 -27.32 22.61
N LEU B 223 14.54 -26.44 21.90
CA LEU B 223 14.91 -25.14 22.42
C LEU B 223 14.17 -23.99 21.73
N GLY B 224 13.62 -24.23 20.54
CA GLY B 224 12.76 -23.28 19.88
C GLY B 224 11.30 -23.44 20.23
N TRP B 225 10.99 -24.33 21.17
CA TRP B 225 9.63 -24.54 21.66
C TRP B 225 9.40 -23.99 23.06
N GLU B 226 10.43 -23.92 23.88
CA GLU B 226 10.31 -23.36 25.22
C GLU B 226 10.92 -21.97 25.32
N LEU B 227 11.29 -21.36 24.21
CA LEU B 227 11.53 -19.92 24.13
C LEU B 227 10.28 -19.17 23.70
N LYS B 228 9.20 -19.88 23.37
CA LYS B 228 7.92 -19.27 23.07
C LYS B 228 6.97 -19.27 24.26
N GLU B 229 7.06 -20.27 25.13
CA GLU B 229 6.29 -20.23 26.37
C GLU B 229 6.72 -19.07 27.25
N LEU B 230 8.04 -18.83 27.35
CA LEU B 230 8.55 -17.70 28.10
C LEU B 230 8.09 -16.36 27.54
N SER B 231 7.55 -16.34 26.32
CA SER B 231 7.04 -15.11 25.72
C SER B 231 5.67 -14.73 26.25
N LYS B 232 5.07 -15.52 27.13
CA LYS B 232 3.75 -15.24 27.66
C LYS B 232 3.76 -14.78 29.10
N VAL B 233 4.68 -15.29 29.93
CA VAL B 233 4.71 -14.89 31.33
C VAL B 233 5.52 -13.61 31.52
N GLU B 234 6.41 -13.28 30.59
CA GLU B 234 7.23 -12.07 30.66
C GLU B 234 6.73 -11.10 29.60
N ASN B 235 5.79 -10.23 30.00
CA ASN B 235 5.19 -9.29 29.06
C ASN B 235 6.15 -8.18 28.64
N GLU B 236 7.26 -7.98 29.36
CA GLU B 236 8.14 -6.87 29.05
C GLU B 236 9.03 -7.16 27.84
N PHE B 237 9.52 -8.40 27.71
CA PHE B 237 10.49 -8.76 26.68
C PHE B 237 9.88 -9.72 25.65
N LYS B 238 8.61 -9.49 25.32
CA LYS B 238 7.88 -10.38 24.41
C LYS B 238 8.53 -10.40 23.03
N ALA B 239 8.70 -9.22 22.43
CA ALA B 239 9.33 -9.13 21.12
C ALA B 239 10.69 -9.82 21.09
N GLU B 240 11.53 -9.53 22.09
CA GLU B 240 12.86 -10.14 22.17
C GLU B 240 12.79 -11.66 22.16
N TYR B 241 12.04 -12.25 23.10
CA TYR B 241 11.96 -13.71 23.14
C TYR B 241 11.40 -14.26 21.84
N GLU B 242 10.38 -13.58 21.29
CA GLU B 242 9.80 -14.03 20.02
C GLU B 242 10.85 -14.10 18.93
N GLU B 243 11.67 -13.05 18.80
CA GLU B 243 12.65 -13.05 17.72
C GLU B 243 13.77 -14.04 17.97
N LEU B 244 14.14 -14.28 19.23
CA LEU B 244 15.10 -15.34 19.49
C LEU B 244 14.55 -16.71 19.12
N SER B 245 13.23 -16.87 19.17
CA SER B 245 12.63 -18.15 18.80
C SER B 245 12.67 -18.43 17.30
N GLN B 246 13.06 -17.47 16.47
CA GLN B 246 13.10 -17.68 15.03
C GLN B 246 14.46 -18.12 14.50
N GLN B 247 15.55 -17.80 15.20
CA GLN B 247 16.86 -18.24 14.77
C GLN B 247 17.05 -19.75 14.90
N CYS B 248 16.10 -20.46 15.50
CA CYS B 248 16.20 -21.89 15.70
C CYS B 248 15.36 -22.68 14.70
N LYS B 249 14.69 -22.02 13.76
CA LYS B 249 13.88 -22.69 12.75
C LYS B 249 14.49 -22.65 11.35
N LEU B 250 15.39 -21.71 11.08
CA LEU B 250 16.08 -21.68 9.79
C LEU B 250 17.31 -22.57 9.78
N PHE B 251 17.94 -22.73 10.94
CA PHE B 251 19.17 -23.52 11.05
C PHE B 251 18.94 -24.94 10.54
N ALA B 252 17.91 -25.61 11.04
CA ALA B 252 17.66 -27.00 10.65
C ALA B 252 17.29 -27.11 9.17
N LYS B 253 16.52 -26.13 8.66
CA LYS B 253 16.14 -26.16 7.26
C LYS B 253 17.36 -26.07 6.34
N ASP B 254 18.29 -25.16 6.66
CA ASP B 254 19.50 -25.05 5.84
C ASP B 254 20.37 -26.29 5.96
N LEU B 255 20.61 -26.73 7.20
CA LEU B 255 21.40 -27.94 7.41
C LEU B 255 20.81 -29.13 6.65
N LEU B 256 19.49 -29.13 6.44
CA LEU B 256 18.90 -30.21 5.65
C LEU B 256 19.09 -29.99 4.15
N ASP B 257 18.88 -28.77 3.66
CA ASP B 257 18.97 -28.58 2.22
C ASP B 257 20.41 -28.45 1.72
N GLN B 258 21.40 -28.75 2.58
CA GLN B 258 22.78 -28.91 2.12
C GLN B 258 23.12 -30.35 1.72
N ALA B 259 22.16 -31.13 1.23
CA ALA B 259 22.37 -32.53 0.88
C ALA B 259 22.58 -32.69 -0.63
N ARG B 260 23.31 -33.74 -1.00
CA ARG B 260 23.77 -33.92 -2.38
C ARG B 260 23.39 -35.28 -2.98
N SER B 261 22.52 -36.05 -2.34
CA SER B 261 22.18 -37.38 -2.82
C SER B 261 20.93 -37.87 -2.11
N SER B 262 20.52 -39.10 -2.43
CA SER B 262 19.31 -39.70 -1.89
C SER B 262 19.56 -40.64 -0.72
N ARG B 263 20.67 -41.38 -0.75
CA ARG B 263 21.02 -42.22 0.39
C ARG B 263 21.19 -41.41 1.66
N GLU B 264 21.67 -40.17 1.56
CA GLU B 264 21.81 -39.32 2.73
C GLU B 264 20.45 -38.94 3.31
N LEU B 265 19.49 -38.58 2.45
CA LEU B 265 18.14 -38.31 2.95
C LEU B 265 17.54 -39.54 3.62
N GLU B 266 17.71 -40.71 3.00
CA GLU B 266 17.14 -41.92 3.58
C GLU B 266 17.78 -42.25 4.92
N ILE B 267 19.07 -41.94 5.09
CA ILE B 267 19.73 -42.18 6.37
C ILE B 267 19.24 -41.18 7.42
N ILE B 268 19.09 -39.91 7.03
CA ILE B 268 18.73 -38.90 8.02
C ILE B 268 17.29 -39.09 8.50
N LEU B 269 16.34 -39.18 7.57
CA LEU B 269 14.94 -39.18 7.99
C LEU B 269 14.50 -40.46 8.69
N ASN B 270 15.36 -41.45 8.86
CA ASN B 270 14.99 -42.72 9.48
C ASN B 270 15.85 -43.04 10.70
N HIS B 271 16.25 -42.02 11.46
CA HIS B 271 17.10 -42.23 12.63
C HIS B 271 16.24 -42.27 13.88
N ARG B 272 16.39 -43.34 14.66
CA ARG B 272 15.65 -43.52 15.91
C ARG B 272 16.66 -43.77 17.02
N ASP B 273 16.67 -42.89 18.03
CA ASP B 273 17.58 -43.01 19.15
C ASP B 273 16.91 -43.79 20.28
N ASP B 274 17.63 -44.79 20.78
CA ASP B 274 17.14 -45.65 21.86
C ASP B 274 15.82 -46.32 21.49
N TYR B 284 11.57 -49.26 13.21
CA TYR B 284 12.35 -50.05 12.27
C TYR B 284 12.79 -49.22 11.07
N HIS B 285 11.95 -49.21 10.02
CA HIS B 285 12.25 -48.48 8.80
C HIS B 285 11.15 -47.51 8.42
N ASP B 286 10.26 -47.17 9.35
CA ASP B 286 9.30 -46.12 9.09
C ASP B 286 9.95 -44.76 9.32
N LEU B 287 9.27 -43.70 8.88
CA LEU B 287 9.81 -42.35 8.98
C LEU B 287 9.76 -41.91 10.44
N ALA B 288 10.75 -42.38 11.21
CA ALA B 288 10.76 -42.19 12.65
C ALA B 288 11.31 -40.83 13.07
N LYS B 289 11.61 -39.94 12.13
CA LYS B 289 12.03 -38.59 12.46
C LYS B 289 11.22 -37.53 11.74
N LEU B 290 10.34 -37.91 10.82
CA LEU B 290 9.39 -36.98 10.24
C LEU B 290 8.10 -36.90 11.04
N LYS B 291 7.91 -37.78 12.02
CA LYS B 291 6.77 -37.70 12.91
C LYS B 291 7.04 -36.84 14.13
N VAL B 292 8.30 -36.65 14.50
CA VAL B 292 8.64 -35.78 15.62
C VAL B 292 8.58 -34.30 15.21
N ALA B 293 8.77 -33.98 13.94
CA ALA B 293 8.69 -32.61 13.48
C ALA B 293 7.26 -32.13 13.30
N ILE B 294 6.28 -33.03 13.37
CA ILE B 294 4.87 -32.62 13.26
C ILE B 294 4.26 -32.34 14.63
N LYS B 295 4.74 -33.00 15.68
CA LYS B 295 4.28 -32.73 17.04
C LYS B 295 5.00 -31.56 17.67
N TYR B 296 5.79 -30.81 16.91
CA TYR B 296 6.41 -29.58 17.37
C TYR B 296 6.03 -28.39 16.50
N HIS B 297 5.23 -28.60 15.46
CA HIS B 297 4.73 -27.55 14.57
C HIS B 297 5.88 -26.82 13.88
N GLN B 298 6.66 -27.59 13.12
CA GLN B 298 7.74 -27.06 12.29
C GLN B 298 7.24 -27.06 10.85
N LYS B 299 6.81 -25.89 10.37
CA LYS B 299 6.14 -25.81 9.08
C LYS B 299 7.09 -25.56 7.92
N GLU B 300 8.37 -25.30 8.19
CA GLU B 300 9.36 -25.14 7.13
C GLU B 300 10.21 -26.37 6.90
N PHE B 301 10.19 -27.32 7.83
CA PHE B 301 10.97 -28.54 7.71
C PHE B 301 10.23 -29.64 6.96
N VAL B 302 8.93 -29.52 6.79
CA VAL B 302 8.12 -30.54 6.12
C VAL B 302 7.44 -30.00 4.87
N ALA B 303 7.87 -28.83 4.39
CA ALA B 303 7.32 -28.20 3.20
C ALA B 303 8.44 -27.83 2.23
N GLN B 304 9.34 -28.77 1.99
CA GLN B 304 10.53 -28.60 1.18
C GLN B 304 10.48 -29.51 -0.04
N PRO B 305 11.05 -29.09 -1.18
CA PRO B 305 11.01 -29.93 -2.39
C PRO B 305 11.42 -31.38 -2.20
N ASN B 306 12.53 -31.66 -1.51
CA ASN B 306 13.00 -33.03 -1.41
C ASN B 306 12.08 -33.87 -0.52
N CYS B 307 11.63 -33.31 0.60
CA CYS B 307 10.73 -34.04 1.47
C CYS B 307 9.36 -34.24 0.81
N GLN B 308 8.94 -33.30 -0.03
CA GLN B 308 7.67 -33.42 -0.74
C GLN B 308 7.79 -34.19 -2.04
N GLN B 309 9.01 -34.60 -2.42
CA GLN B 309 9.20 -35.48 -3.56
C GLN B 309 9.49 -36.92 -3.14
N LEU B 310 10.00 -37.13 -1.93
CA LEU B 310 10.14 -38.51 -1.46
C LEU B 310 8.79 -39.13 -1.14
N LEU B 311 7.79 -38.31 -0.79
CA LEU B 311 6.49 -38.83 -0.39
C LEU B 311 5.60 -39.13 -1.60
N ALA B 312 5.63 -38.27 -2.61
CA ALA B 312 4.80 -38.46 -3.79
C ALA B 312 5.14 -39.74 -4.53
N THR B 313 6.30 -40.34 -4.28
CA THR B 313 6.67 -41.61 -4.85
C THR B 313 6.19 -42.77 -3.98
N LEU B 314 5.43 -42.46 -2.93
CA LEU B 314 4.76 -43.48 -2.13
C LEU B 314 3.25 -43.28 -2.07
N TRP B 315 2.74 -42.08 -2.31
CA TRP B 315 1.30 -41.86 -2.39
C TRP B 315 0.72 -42.28 -3.74
N TYR B 316 1.56 -42.52 -4.75
CA TYR B 316 1.12 -42.90 -6.08
C TYR B 316 1.74 -44.25 -6.44
N ASP B 317 1.65 -45.20 -5.53
CA ASP B 317 2.22 -46.53 -5.75
C ASP B 317 1.22 -47.37 -6.54
N GLY B 318 1.70 -47.98 -7.62
CA GLY B 318 0.85 -48.74 -8.52
C GLY B 318 0.42 -47.99 -9.76
N PHE B 319 0.71 -46.69 -9.84
CA PHE B 319 0.42 -45.87 -11.01
C PHE B 319 1.75 -45.31 -11.48
N PRO B 320 2.52 -46.08 -12.25
CA PRO B 320 3.91 -45.70 -12.53
C PRO B 320 4.04 -44.35 -13.23
N GLY B 321 3.03 -43.91 -13.96
CA GLY B 321 3.10 -42.63 -14.64
C GLY B 321 1.86 -41.78 -14.47
N TRP B 322 2.03 -40.56 -13.97
CA TRP B 322 0.95 -39.59 -13.88
C TRP B 322 1.10 -38.48 -14.92
N ARG B 323 1.85 -38.74 -15.98
CA ARG B 323 2.03 -37.77 -17.07
C ARG B 323 1.05 -38.11 -18.20
N ARG B 324 -0.21 -37.81 -17.94
CA ARG B 324 -1.30 -38.13 -18.84
C ARG B 324 -2.11 -36.88 -19.14
N LYS B 325 -3.06 -37.01 -20.06
CA LYS B 325 -3.94 -35.90 -20.41
C LYS B 325 -4.71 -35.44 -19.17
N HIS B 326 -4.67 -34.13 -18.93
CA HIS B 326 -5.08 -33.59 -17.63
C HIS B 326 -6.58 -33.76 -17.38
N TRP B 327 -7.40 -33.65 -18.43
CA TRP B 327 -8.83 -33.49 -18.24
C TRP B 327 -9.66 -34.68 -18.71
N VAL B 328 -9.05 -35.72 -19.29
CA VAL B 328 -9.85 -36.82 -19.82
C VAL B 328 -9.45 -38.17 -19.23
N VAL B 329 -8.22 -38.61 -19.46
CA VAL B 329 -7.85 -39.99 -19.14
C VAL B 329 -7.70 -40.18 -17.64
N LYS B 330 -6.97 -39.28 -16.98
CA LYS B 330 -6.85 -39.35 -15.52
C LYS B 330 -8.17 -39.01 -14.84
N LEU B 331 -9.07 -38.31 -15.53
CA LEU B 331 -10.40 -38.05 -15.00
C LEU B 331 -11.28 -39.29 -15.09
N LEU B 332 -11.08 -40.11 -16.11
CA LEU B 332 -11.92 -41.29 -16.32
C LEU B 332 -11.45 -42.51 -15.56
N THR B 333 -10.13 -42.68 -15.38
CA THR B 333 -9.64 -43.87 -14.68
C THR B 333 -10.14 -43.92 -13.24
N CYS B 334 -10.30 -42.76 -12.60
CA CYS B 334 -10.76 -42.77 -11.22
C CYS B 334 -12.26 -43.10 -11.13
N MET B 335 -13.06 -42.53 -12.02
CA MET B 335 -14.47 -42.94 -12.10
C MET B 335 -14.58 -44.43 -12.37
N THR B 336 -13.67 -44.98 -13.18
CA THR B 336 -13.68 -46.42 -13.44
C THR B 336 -13.38 -47.20 -12.16
N ILE B 337 -12.38 -46.75 -11.39
CA ILE B 337 -12.03 -47.46 -10.16
C ILE B 337 -13.14 -47.32 -9.11
N GLY B 338 -13.91 -46.23 -9.17
CA GLY B 338 -14.86 -45.96 -8.10
C GLY B 338 -15.89 -47.05 -7.92
N PHE B 339 -16.47 -47.54 -9.03
CA PHE B 339 -17.57 -48.50 -8.95
C PHE B 339 -17.17 -49.83 -8.34
N LEU B 340 -15.88 -50.16 -8.30
CA LEU B 340 -15.43 -51.49 -7.91
C LEU B 340 -15.24 -51.67 -6.41
N PHE B 341 -15.64 -50.70 -5.59
CA PHE B 341 -15.37 -50.80 -4.17
C PHE B 341 -16.09 -51.96 -3.47
N PRO B 342 -17.32 -52.35 -3.81
CA PRO B 342 -17.91 -53.50 -3.11
C PRO B 342 -17.19 -54.81 -3.39
N MET B 343 -16.89 -55.08 -4.66
CA MET B 343 -16.18 -56.31 -5.00
C MET B 343 -14.77 -56.30 -4.43
N LEU B 344 -14.10 -55.14 -4.44
CA LEU B 344 -12.77 -55.07 -3.82
C LEU B 344 -12.85 -55.36 -2.34
N SER B 345 -13.84 -54.81 -1.65
CA SER B 345 -13.99 -55.04 -0.21
C SER B 345 -14.23 -56.51 0.08
N ILE B 346 -15.17 -57.14 -0.64
CA ILE B 346 -15.47 -58.54 -0.35
C ILE B 346 -14.30 -59.43 -0.73
N ALA B 347 -13.55 -59.08 -1.77
CA ALA B 347 -12.38 -59.86 -2.14
C ALA B 347 -11.32 -59.80 -1.05
N TYR B 348 -11.08 -58.60 -0.51
CA TYR B 348 -10.17 -58.49 0.63
C TYR B 348 -10.70 -59.26 1.83
N LEU B 349 -12.03 -59.31 1.99
CA LEU B 349 -12.61 -59.99 3.14
C LEU B 349 -12.43 -61.51 3.05
N ILE B 350 -12.62 -62.09 1.87
CA ILE B 350 -12.59 -63.54 1.77
C ILE B 350 -11.16 -64.07 1.73
N SER B 351 -10.26 -63.35 1.05
CA SER B 351 -8.88 -63.80 0.94
C SER B 351 -7.94 -62.60 0.90
N PRO B 352 -7.11 -62.40 1.91
CA PRO B 352 -6.22 -61.23 1.95
C PRO B 352 -4.83 -61.45 1.39
N ARG B 353 -4.52 -62.61 0.82
CA ARG B 353 -3.19 -62.87 0.29
C ARG B 353 -3.21 -63.30 -1.18
N SER B 354 -4.33 -63.12 -1.87
CA SER B 354 -4.42 -63.46 -3.29
C SER B 354 -3.85 -62.33 -4.13
N ASN B 355 -3.98 -62.45 -5.44
CA ASN B 355 -3.56 -61.39 -6.35
C ASN B 355 -4.63 -60.34 -6.58
N LEU B 356 -5.89 -60.63 -6.23
CA LEU B 356 -6.91 -59.59 -6.20
C LEU B 356 -6.94 -58.88 -4.87
N GLY B 357 -6.78 -59.62 -3.78
CA GLY B 357 -6.40 -59.01 -2.52
C GLY B 357 -5.01 -58.43 -2.60
N LEU B 358 -4.64 -57.70 -1.55
CA LEU B 358 -3.38 -56.96 -1.45
C LEU B 358 -3.33 -55.80 -2.44
N PHE B 359 -4.34 -55.65 -3.29
CA PHE B 359 -4.45 -54.55 -4.23
C PHE B 359 -5.23 -53.37 -3.66
N ILE B 360 -5.83 -53.53 -2.48
CA ILE B 360 -6.49 -52.42 -1.80
C ILE B 360 -5.59 -51.74 -0.79
N LYS B 361 -4.47 -52.36 -0.42
CA LYS B 361 -3.58 -51.79 0.59
C LYS B 361 -2.58 -50.84 -0.07
N LYS B 362 -3.12 -49.80 -0.71
CA LYS B 362 -2.34 -48.77 -1.37
C LYS B 362 -2.95 -47.43 -0.97
N PRO B 363 -2.12 -46.45 -0.61
CA PRO B 363 -2.66 -45.20 -0.04
C PRO B 363 -3.68 -44.49 -0.92
N PHE B 364 -3.72 -44.75 -2.22
CA PHE B 364 -4.65 -44.06 -3.09
C PHE B 364 -5.99 -44.79 -3.21
N ILE B 365 -5.95 -46.12 -3.31
CA ILE B 365 -7.18 -46.89 -3.49
C ILE B 365 -8.06 -46.78 -2.25
N LYS B 366 -7.47 -46.79 -1.06
CA LYS B 366 -8.26 -46.65 0.16
C LYS B 366 -8.97 -45.31 0.20
N PHE B 367 -8.26 -44.23 -0.16
CA PHE B 367 -8.89 -42.91 -0.23
C PHE B 367 -10.05 -42.91 -1.21
N ILE B 368 -9.85 -43.49 -2.41
CA ILE B 368 -10.90 -43.49 -3.41
C ILE B 368 -12.13 -44.25 -2.91
N CYS B 369 -11.91 -45.43 -2.32
CA CYS B 369 -13.04 -46.22 -1.84
C CYS B 369 -13.79 -45.52 -0.72
N HIS B 370 -13.06 -44.90 0.22
CA HIS B 370 -13.74 -44.24 1.33
C HIS B 370 -14.49 -43.00 0.86
N THR B 371 -13.95 -42.27 -0.13
CA THR B 371 -14.68 -41.14 -0.67
C THR B 371 -15.91 -41.59 -1.45
N ALA B 372 -15.84 -42.75 -2.11
CA ALA B 372 -16.97 -43.22 -2.90
C ALA B 372 -18.07 -43.81 -2.02
N SER B 373 -17.72 -44.36 -0.86
CA SER B 373 -18.72 -44.94 0.03
C SER B 373 -19.60 -43.90 0.69
N TYR B 374 -19.35 -42.60 0.47
CA TYR B 374 -20.10 -41.53 1.11
C TYR B 374 -21.16 -40.91 0.21
N LEU B 375 -20.88 -40.80 -1.10
CA LEU B 375 -21.84 -40.21 -2.01
C LEU B 375 -23.08 -41.09 -2.17
N THR B 376 -22.93 -42.40 -2.02
CA THR B 376 -24.09 -43.28 -2.05
C THR B 376 -25.01 -43.01 -0.87
N PHE B 377 -24.44 -42.88 0.33
CA PHE B 377 -25.24 -42.51 1.50
C PHE B 377 -25.91 -41.16 1.31
N LEU B 378 -25.16 -40.18 0.79
CA LEU B 378 -25.73 -38.85 0.58
C LEU B 378 -26.72 -38.80 -0.58
N PHE B 379 -26.79 -39.84 -1.41
CA PHE B 379 -27.78 -39.91 -2.47
C PHE B 379 -28.96 -40.81 -2.13
N MET B 380 -28.81 -41.69 -1.14
CA MET B 380 -29.91 -42.50 -0.66
C MET B 380 -30.75 -41.78 0.38
N LEU B 381 -30.54 -40.47 0.55
CA LEU B 381 -31.36 -39.65 1.43
C LEU B 381 -32.32 -38.73 0.69
N LEU B 382 -31.95 -38.28 -0.52
CA LEU B 382 -32.87 -37.49 -1.32
C LEU B 382 -34.11 -38.28 -1.72
N LEU B 383 -34.03 -39.61 -1.72
CA LEU B 383 -35.21 -40.42 -2.00
C LEU B 383 -36.18 -40.41 -0.84
N ALA B 384 -35.69 -40.26 0.38
CA ALA B 384 -36.55 -40.22 1.56
C ALA B 384 -37.18 -38.86 1.77
N SER B 385 -36.60 -37.80 1.21
CA SER B 385 -37.18 -36.46 1.35
C SER B 385 -38.43 -36.33 0.50
N GLN B 386 -38.29 -36.49 -0.81
CA GLN B 386 -39.42 -36.51 -1.72
C GLN B 386 -39.80 -37.96 -2.00
N HIS B 387 -41.02 -38.33 -1.61
CA HIS B 387 -41.44 -39.73 -1.70
C HIS B 387 -41.49 -40.19 -3.14
N ILE B 388 -40.80 -41.28 -3.43
CA ILE B 388 -40.93 -41.92 -4.74
C ILE B 388 -42.27 -42.63 -4.83
N VAL B 389 -42.58 -43.49 -3.84
CA VAL B 389 -43.87 -44.15 -3.67
C VAL B 389 -44.03 -44.46 -2.19
N ARG B 390 -45.17 -44.09 -1.62
CA ARG B 390 -45.42 -44.30 -0.20
C ARG B 390 -46.92 -44.50 0.02
N THR B 391 -47.34 -44.49 1.28
CA THR B 391 -48.74 -44.60 1.66
C THR B 391 -49.22 -43.26 2.23
N ASP B 392 -50.54 -43.12 2.30
CA ASP B 392 -51.12 -41.90 2.81
C ASP B 392 -50.83 -41.74 4.30
N LEU B 393 -51.01 -40.52 4.78
CA LEU B 393 -50.50 -40.10 6.08
C LEU B 393 -51.66 -39.76 7.01
N HIS B 394 -52.20 -40.78 7.69
CA HIS B 394 -53.19 -40.55 8.73
C HIS B 394 -52.98 -41.41 9.97
N VAL B 395 -52.10 -42.40 9.93
CA VAL B 395 -51.86 -43.26 11.09
C VAL B 395 -50.89 -42.57 12.04
N GLN B 396 -51.05 -42.85 13.34
CA GLN B 396 -50.13 -42.30 14.33
C GLN B 396 -48.70 -42.76 14.06
N GLY B 397 -48.48 -44.07 14.06
CA GLY B 397 -47.17 -44.61 13.79
C GLY B 397 -47.21 -45.75 12.78
N PRO B 398 -46.59 -45.54 11.63
CA PRO B 398 -46.54 -46.59 10.61
C PRO B 398 -45.27 -47.41 10.76
N PRO B 399 -45.23 -48.61 10.16
CA PRO B 399 -43.99 -49.38 10.14
C PRO B 399 -42.96 -48.73 9.24
N PRO B 400 -41.68 -48.99 9.46
CA PRO B 400 -40.65 -48.41 8.59
C PRO B 400 -40.73 -48.95 7.17
N THR B 401 -40.50 -48.08 6.20
CA THR B 401 -40.55 -48.45 4.80
C THR B 401 -39.20 -49.00 4.34
N VAL B 402 -39.17 -49.46 3.09
CA VAL B 402 -37.99 -50.18 2.58
C VAL B 402 -36.76 -49.28 2.58
N VAL B 403 -36.93 -48.00 2.23
CA VAL B 403 -35.79 -47.09 2.16
C VAL B 403 -35.14 -46.93 3.52
N GLU B 404 -35.92 -46.97 4.59
CA GLU B 404 -35.37 -46.79 5.93
C GLU B 404 -34.69 -48.06 6.45
N TRP B 405 -35.09 -49.23 5.96
CA TRP B 405 -34.55 -50.48 6.48
C TRP B 405 -33.06 -50.62 6.18
N MET B 406 -32.56 -49.95 5.15
CA MET B 406 -31.19 -50.12 4.69
C MET B 406 -30.26 -49.00 5.11
N ILE B 407 -30.72 -48.05 5.94
CA ILE B 407 -29.86 -46.95 6.36
C ILE B 407 -29.18 -47.23 7.69
N LEU B 408 -29.76 -48.07 8.54
CA LEU B 408 -29.16 -48.38 9.84
C LEU B 408 -27.75 -48.95 9.75
N PRO B 409 -27.39 -49.79 8.77
CA PRO B 409 -25.99 -50.26 8.71
C PRO B 409 -24.97 -49.14 8.64
N TRP B 410 -25.21 -48.10 7.84
CA TRP B 410 -24.27 -46.99 7.76
C TRP B 410 -24.10 -46.32 9.11
N VAL B 411 -25.19 -46.10 9.83
CA VAL B 411 -25.12 -45.42 11.13
C VAL B 411 -24.36 -46.28 12.12
N LEU B 412 -24.66 -47.58 12.17
CA LEU B 412 -23.95 -48.48 13.07
C LEU B 412 -22.45 -48.52 12.75
N GLY B 413 -22.11 -48.54 11.47
CA GLY B 413 -20.70 -48.54 11.09
C GLY B 413 -20.00 -47.26 11.49
N PHE B 414 -20.67 -46.11 11.30
CA PHE B 414 -20.08 -44.84 11.73
C PHE B 414 -19.84 -44.82 13.23
N ILE B 415 -20.81 -45.27 14.02
CA ILE B 415 -20.65 -45.28 15.46
C ILE B 415 -19.51 -46.21 15.87
N TRP B 416 -19.43 -47.38 15.25
CA TRP B 416 -18.37 -48.32 15.60
C TRP B 416 -17.00 -47.77 15.23
N GLY B 417 -16.90 -47.12 14.07
CA GLY B 417 -15.63 -46.50 13.71
C GLY B 417 -15.23 -45.40 14.66
N GLU B 418 -16.19 -44.57 15.08
CA GLU B 418 -15.89 -43.50 16.03
C GLU B 418 -15.42 -44.06 17.36
N ILE B 419 -16.11 -45.09 17.87
CA ILE B 419 -15.72 -45.63 19.17
C ILE B 419 -14.39 -46.38 19.08
N LYS B 420 -14.08 -46.97 17.92
CA LYS B 420 -12.81 -47.67 17.78
C LYS B 420 -11.65 -46.70 17.64
N GLU B 421 -11.86 -45.57 16.96
CA GLU B 421 -10.79 -44.60 16.77
C GLU B 421 -10.31 -44.02 18.09
N MET B 422 -11.20 -43.96 19.10
CA MET B 422 -10.83 -43.42 20.40
C MET B 422 -9.99 -44.39 21.22
N TRP B 423 -9.81 -45.63 20.76
CA TRP B 423 -9.11 -46.64 21.55
C TRP B 423 -7.60 -46.59 21.29
N ASP B 424 -7.19 -46.77 20.04
CA ASP B 424 -5.77 -46.74 19.69
C ASP B 424 -5.29 -45.32 19.41
N GLY B 425 -5.56 -44.41 20.34
CA GLY B 425 -5.19 -43.03 20.20
C GLY B 425 -5.42 -42.23 21.47
N GLY B 426 -4.69 -41.13 21.64
CA GLY B 426 -4.82 -40.34 22.85
C GLY B 426 -6.16 -39.64 22.92
N PHE B 427 -6.83 -39.76 24.07
CA PHE B 427 -8.08 -39.04 24.29
C PHE B 427 -7.86 -37.54 24.20
N THR B 428 -6.75 -37.05 24.76
CA THR B 428 -6.39 -35.64 24.60
C THR B 428 -6.17 -35.30 23.13
N GLU B 429 -5.51 -36.19 22.39
CA GLU B 429 -5.35 -35.97 20.96
C GLU B 429 -6.70 -35.98 20.24
N TYR B 430 -7.64 -36.79 20.73
CA TYR B 430 -8.96 -36.85 20.10
C TYR B 430 -9.73 -35.55 20.31
N ILE B 431 -9.75 -35.03 21.54
CA ILE B 431 -10.58 -33.88 21.87
C ILE B 431 -9.99 -32.61 21.28
N HIS B 432 -8.83 -32.71 20.64
CA HIS B 432 -8.15 -31.55 20.08
C HIS B 432 -8.50 -31.29 18.61
N ASP B 433 -9.38 -32.09 18.02
CA ASP B 433 -9.84 -31.86 16.66
C ASP B 433 -11.25 -31.29 16.69
N TRP B 434 -11.49 -30.27 15.87
CA TRP B 434 -12.74 -29.52 15.92
C TRP B 434 -13.84 -30.11 15.04
N TRP B 435 -13.53 -31.14 14.25
CA TRP B 435 -14.56 -31.81 13.48
C TRP B 435 -15.27 -32.92 14.25
N ASN B 436 -14.81 -33.22 15.47
CA ASN B 436 -15.38 -34.33 16.23
C ASN B 436 -16.73 -33.95 16.85
N LEU B 437 -16.90 -32.70 17.27
CA LEU B 437 -18.17 -32.29 17.85
C LEU B 437 -19.31 -32.36 16.83
N MET B 438 -19.00 -32.10 15.55
CA MET B 438 -20.00 -32.26 14.50
C MET B 438 -20.49 -33.70 14.43
N ASP B 439 -19.55 -34.65 14.42
CA ASP B 439 -19.92 -36.07 14.39
C ASP B 439 -20.70 -36.46 15.63
N PHE B 440 -20.32 -35.91 16.79
CA PHE B 440 -21.04 -36.20 18.02
C PHE B 440 -22.49 -35.74 17.94
N ALA B 441 -22.70 -34.49 17.51
CA ALA B 441 -24.06 -33.97 17.39
C ALA B 441 -24.87 -34.76 16.37
N MET B 442 -24.27 -35.09 15.23
CA MET B 442 -24.97 -35.86 14.20
C MET B 442 -25.39 -37.21 14.75
N ASN B 443 -24.48 -37.90 15.46
CA ASN B 443 -24.80 -39.22 15.98
C ASN B 443 -25.89 -39.15 17.05
N SER B 444 -25.86 -38.13 17.90
CA SER B 444 -26.91 -37.98 18.91
C SER B 444 -28.27 -37.75 18.27
N LEU B 445 -28.33 -36.84 17.30
CA LEU B 445 -29.60 -36.56 16.63
C LEU B 445 -30.08 -37.74 15.79
N TYR B 446 -29.17 -38.59 15.32
CA TYR B 446 -29.59 -39.80 14.63
C TYR B 446 -30.08 -40.86 15.60
N LEU B 447 -29.51 -40.90 16.81
CA LEU B 447 -29.87 -41.92 17.78
C LEU B 447 -31.21 -41.64 18.45
N ALA B 448 -31.56 -40.36 18.65
CA ALA B 448 -32.83 -40.05 19.31
C ALA B 448 -34.03 -40.53 18.51
N THR B 449 -33.91 -40.53 17.17
CA THR B 449 -35.06 -40.79 16.31
C THR B 449 -35.61 -42.19 16.49
N ILE B 450 -34.74 -43.18 16.73
CA ILE B 450 -35.19 -44.56 16.85
C ILE B 450 -36.13 -44.71 18.04
N SER B 451 -35.70 -44.23 19.21
CA SER B 451 -36.56 -44.31 20.39
C SER B 451 -37.83 -43.50 20.19
N LEU B 452 -37.71 -42.28 19.63
CA LEU B 452 -38.90 -41.46 19.44
C LEU B 452 -39.89 -42.10 18.47
N LYS B 453 -39.40 -42.94 17.56
CA LYS B 453 -40.28 -43.60 16.60
C LYS B 453 -40.83 -44.93 17.09
N ILE B 454 -40.17 -45.57 18.06
CA ILE B 454 -40.68 -46.84 18.58
C ILE B 454 -41.67 -46.58 19.71
N VAL B 455 -41.47 -45.50 20.46
CA VAL B 455 -42.42 -45.16 21.53
C VAL B 455 -43.82 -44.94 20.94
N ALA B 456 -43.91 -44.20 19.83
CA ALA B 456 -45.21 -43.94 19.23
C ALA B 456 -45.77 -45.19 18.55
N TYR B 457 -44.91 -46.10 18.10
CA TYR B 457 -45.40 -47.34 17.50
C TYR B 457 -45.97 -48.29 18.54
N VAL B 458 -45.43 -48.26 19.75
CA VAL B 458 -45.91 -49.17 20.79
C VAL B 458 -47.06 -48.58 21.59
N LYS B 459 -47.07 -47.26 21.82
CA LYS B 459 -48.12 -46.64 22.62
C LYS B 459 -49.42 -46.51 21.83
N TYR B 460 -49.39 -45.81 20.71
CA TYR B 460 -50.59 -45.42 20.01
C TYR B 460 -51.08 -46.54 19.08
N ASN B 461 -52.29 -46.33 18.55
CA ASN B 461 -52.94 -47.28 17.64
C ASN B 461 -54.15 -46.59 17.05
N GLY B 462 -54.49 -46.97 15.81
CA GLY B 462 -55.64 -46.41 15.13
C GLY B 462 -55.26 -45.35 14.12
N SER B 463 -56.27 -44.56 13.74
CA SER B 463 -56.08 -43.50 12.77
C SER B 463 -57.04 -42.36 13.07
N ARG B 464 -56.58 -41.14 12.79
CA ARG B 464 -57.39 -39.94 12.96
C ARG B 464 -56.80 -38.85 12.07
N PRO B 465 -57.63 -37.90 11.63
CA PRO B 465 -57.13 -36.84 10.74
C PRO B 465 -56.00 -36.05 11.36
N ARG B 466 -55.24 -35.37 10.50
CA ARG B 466 -54.04 -34.65 10.93
C ARG B 466 -54.35 -33.30 11.55
N GLU B 467 -55.55 -32.76 11.31
CA GLU B 467 -55.90 -31.42 11.78
C GLU B 467 -56.33 -31.39 13.25
N GLU B 468 -56.27 -32.53 13.94
CA GLU B 468 -56.70 -32.57 15.34
C GLU B 468 -55.61 -33.04 16.30
N TRP B 469 -54.38 -33.27 15.82
CA TRP B 469 -53.31 -33.71 16.70
C TRP B 469 -52.89 -32.58 17.65
N GLU B 470 -52.06 -32.94 18.62
CA GLU B 470 -51.59 -31.99 19.62
C GLU B 470 -50.27 -31.36 19.16
N MET B 471 -49.89 -30.25 19.77
CA MET B 471 -48.65 -29.62 19.40
C MET B 471 -47.43 -30.43 19.87
N TRP B 472 -47.58 -31.31 20.85
CA TRP B 472 -46.44 -32.08 21.37
C TRP B 472 -46.64 -33.57 21.14
N HIS B 473 -47.03 -33.94 19.93
CA HIS B 473 -47.24 -35.34 19.59
C HIS B 473 -45.91 -35.98 19.19
N PRO B 474 -45.65 -37.21 19.66
CA PRO B 474 -44.35 -37.84 19.36
C PRO B 474 -44.03 -37.94 17.87
N THR B 475 -45.03 -38.17 17.02
CA THR B 475 -44.77 -38.29 15.59
C THR B 475 -44.38 -36.96 14.96
N LEU B 476 -44.71 -35.84 15.59
CA LEU B 476 -44.36 -34.54 15.04
C LEU B 476 -42.98 -34.08 15.48
N ILE B 477 -42.58 -34.39 16.71
CA ILE B 477 -41.25 -34.04 17.20
C ILE B 477 -40.17 -34.96 16.64
N ALA B 478 -40.56 -36.10 16.08
CA ALA B 478 -39.61 -37.04 15.50
C ALA B 478 -39.36 -36.78 14.02
N GLU B 479 -39.91 -35.70 13.47
CA GLU B 479 -39.64 -35.32 12.09
C GLU B 479 -38.87 -34.01 11.96
N ALA B 480 -38.78 -33.22 13.01
CA ALA B 480 -37.98 -31.99 12.95
C ALA B 480 -36.49 -32.31 13.06
N LEU B 481 -36.12 -33.21 13.97
CA LEU B 481 -34.72 -33.57 14.14
C LEU B 481 -34.16 -34.26 12.89
N PHE B 482 -34.97 -35.11 12.26
CA PHE B 482 -34.53 -35.76 11.04
C PHE B 482 -34.30 -34.76 9.92
N ALA B 483 -35.06 -33.66 9.91
CA ALA B 483 -34.83 -32.62 8.92
C ALA B 483 -33.58 -31.79 9.25
N ILE B 484 -33.36 -31.50 10.53
CA ILE B 484 -32.21 -30.69 10.92
C ILE B 484 -30.92 -31.46 10.67
N SER B 485 -30.93 -32.79 10.86
CA SER B 485 -29.70 -33.55 10.77
C SER B 485 -29.12 -33.56 9.36
N ASN B 486 -29.97 -33.46 8.33
CA ASN B 486 -29.47 -33.52 6.97
C ASN B 486 -28.56 -32.34 6.65
N ILE B 487 -28.82 -31.19 7.25
CA ILE B 487 -27.99 -30.02 7.00
C ILE B 487 -26.60 -30.21 7.58
N LEU B 488 -26.52 -30.66 8.83
CA LEU B 488 -25.21 -30.93 9.43
C LEU B 488 -24.54 -32.14 8.82
N SER B 489 -25.27 -32.97 8.07
CA SER B 489 -24.66 -34.11 7.39
C SER B 489 -24.25 -33.80 5.96
N SER B 490 -24.72 -32.70 5.38
CA SER B 490 -24.37 -32.34 4.01
C SER B 490 -23.28 -31.28 3.92
N LEU B 491 -23.03 -30.51 4.98
CA LEU B 491 -22.03 -29.45 4.96
C LEU B 491 -20.65 -29.93 5.33
N ARG B 492 -20.40 -31.24 5.31
CA ARG B 492 -19.11 -31.78 5.70
C ARG B 492 -18.24 -32.10 4.48
N LEU B 493 -18.70 -31.75 3.28
CA LEU B 493 -17.91 -31.93 2.07
C LEU B 493 -16.97 -30.76 1.80
N ILE B 494 -16.75 -29.90 2.80
CA ILE B 494 -15.78 -28.83 2.70
C ILE B 494 -14.45 -29.22 3.33
N SER B 495 -14.37 -30.38 3.98
CA SER B 495 -13.13 -30.90 4.51
C SER B 495 -12.34 -31.70 3.48
N LEU B 496 -12.78 -31.70 2.22
CA LEU B 496 -12.08 -32.36 1.14
C LEU B 496 -11.37 -31.38 0.22
N PHE B 497 -11.44 -30.08 0.51
CA PHE B 497 -10.84 -29.06 -0.35
C PHE B 497 -9.34 -28.95 -0.19
N THR B 498 -8.74 -29.63 0.78
CA THR B 498 -7.30 -29.54 1.01
C THR B 498 -6.48 -30.40 0.07
N ALA B 499 -7.11 -31.29 -0.69
CA ALA B 499 -6.41 -32.20 -1.59
C ALA B 499 -6.32 -31.68 -3.01
N ASN B 500 -6.76 -30.44 -3.26
CA ASN B 500 -6.74 -29.85 -4.59
C ASN B 500 -5.98 -28.53 -4.54
N SER B 501 -5.35 -28.18 -5.66
CA SER B 501 -4.47 -27.01 -5.70
C SER B 501 -5.23 -25.70 -5.87
N HIS B 502 -6.44 -25.74 -6.42
CA HIS B 502 -7.20 -24.51 -6.65
C HIS B 502 -8.08 -24.14 -5.47
N LEU B 503 -8.80 -25.11 -4.90
CA LEU B 503 -9.65 -24.86 -3.75
C LEU B 503 -8.91 -24.94 -2.42
N GLY B 504 -7.66 -25.36 -2.43
CA GLY B 504 -6.88 -25.48 -1.22
C GLY B 504 -6.63 -24.16 -0.52
N PRO B 505 -5.90 -23.25 -1.18
CA PRO B 505 -5.57 -21.96 -0.53
C PRO B 505 -6.76 -21.05 -0.26
N LEU B 506 -7.99 -21.47 -0.53
CA LEU B 506 -9.16 -20.65 -0.22
C LEU B 506 -9.69 -20.91 1.18
N GLN B 507 -9.67 -22.16 1.62
CA GLN B 507 -10.10 -22.48 2.98
C GLN B 507 -9.18 -21.86 4.01
N ILE B 508 -7.88 -21.78 3.71
CA ILE B 508 -6.94 -21.22 4.66
C ILE B 508 -7.10 -19.72 4.77
N SER B 509 -7.50 -19.05 3.69
CA SER B 509 -7.78 -17.62 3.75
C SER B 509 -9.16 -17.33 4.33
N LEU B 510 -10.10 -18.26 4.20
CA LEU B 510 -11.40 -18.09 4.83
C LEU B 510 -11.32 -18.30 6.35
N GLY B 511 -10.40 -19.15 6.80
CA GLY B 511 -10.28 -19.38 8.23
C GLY B 511 -9.93 -18.15 9.03
N ARG B 512 -9.27 -17.17 8.39
CA ARG B 512 -8.88 -15.96 9.09
C ARG B 512 -10.02 -14.96 9.22
N MET B 513 -10.97 -14.97 8.27
CA MET B 513 -12.07 -14.02 8.32
C MET B 513 -12.97 -14.22 9.53
N LEU B 514 -13.03 -15.44 10.06
CA LEU B 514 -13.90 -15.75 11.18
C LEU B 514 -13.31 -15.36 12.53
N LEU B 515 -12.11 -14.79 12.56
CA LEU B 515 -11.54 -14.24 13.79
C LEU B 515 -11.70 -12.73 13.87
N ASP B 516 -12.55 -12.15 13.03
CA ASP B 516 -12.78 -10.72 12.99
C ASP B 516 -14.16 -10.31 13.46
N ILE B 517 -15.16 -11.20 13.29
CA ILE B 517 -16.53 -10.84 13.61
C ILE B 517 -16.82 -10.93 15.11
N LEU B 518 -15.93 -11.55 15.89
CA LEU B 518 -16.23 -11.83 17.30
C LEU B 518 -16.34 -10.55 18.12
N LYS B 519 -15.40 -9.62 17.94
CA LYS B 519 -15.39 -8.41 18.77
C LYS B 519 -16.54 -7.47 18.39
N PHE B 520 -16.78 -7.31 17.08
N PHE B 520 -16.81 -7.39 17.08
CA PHE B 520 -17.93 -6.52 16.65
CA PHE B 520 -17.90 -6.59 16.61
C PHE B 520 -19.23 -7.16 17.10
C PHE B 520 -19.18 -7.18 17.16
N LEU B 521 -19.28 -8.49 17.14
CA LEU B 521 -20.44 -9.17 17.70
C LEU B 521 -20.59 -8.89 19.19
N PHE B 522 -19.48 -8.80 19.91
CA PHE B 522 -19.51 -8.45 21.33
C PHE B 522 -20.12 -7.07 21.53
N ILE B 523 -19.70 -6.10 20.71
CA ILE B 523 -20.25 -4.76 20.84
C ILE B 523 -21.72 -4.73 20.43
N TYR B 524 -22.08 -5.47 19.37
CA TYR B 524 -23.44 -5.45 18.87
C TYR B 524 -24.41 -6.07 19.87
N CYS B 525 -23.98 -7.11 20.59
CA CYS B 525 -24.87 -7.73 21.57
C CYS B 525 -25.21 -6.78 22.70
N LEU B 526 -24.25 -5.93 23.10
CA LEU B 526 -24.54 -4.94 24.13
C LEU B 526 -25.42 -3.82 23.60
N VAL B 527 -25.16 -3.37 22.36
CA VAL B 527 -26.00 -2.32 21.78
C VAL B 527 -27.42 -2.81 21.56
N LEU B 528 -27.63 -4.13 21.43
CA LEU B 528 -28.98 -4.66 21.28
C LEU B 528 -29.66 -4.90 22.62
N LEU B 529 -28.92 -5.42 23.61
CA LEU B 529 -29.50 -5.59 24.94
C LEU B 529 -29.84 -4.25 25.59
N ALA B 530 -29.14 -3.18 25.21
CA ALA B 530 -29.47 -1.87 25.75
C ALA B 530 -30.84 -1.41 25.27
N PHE B 531 -31.10 -1.48 23.97
CA PHE B 531 -32.36 -1.00 23.42
C PHE B 531 -33.51 -1.97 23.63
N ALA B 532 -33.24 -3.25 23.89
CA ALA B 532 -34.33 -4.22 24.07
C ALA B 532 -35.17 -3.97 25.31
N ASN B 533 -34.78 -3.05 26.18
CA ASN B 533 -35.51 -2.78 27.42
C ASN B 533 -36.36 -1.53 27.36
N GLY B 534 -35.83 -0.44 26.79
CA GLY B 534 -36.59 0.81 26.77
C GLY B 534 -37.90 0.68 26.03
N LEU B 535 -37.88 0.08 24.84
CA LEU B 535 -39.11 -0.06 24.06
C LEU B 535 -40.10 -0.98 24.77
N ASN B 536 -39.60 -2.06 25.38
CA ASN B 536 -40.49 -2.97 26.09
C ASN B 536 -41.15 -2.30 27.28
N GLN B 537 -40.44 -1.38 27.94
CA GLN B 537 -41.00 -0.72 29.11
C GLN B 537 -42.10 0.27 28.76
N LEU B 538 -42.17 0.72 27.51
CA LEU B 538 -43.09 1.78 27.13
C LEU B 538 -44.41 1.26 26.57
N TYR B 539 -44.43 0.09 25.92
CA TYR B 539 -45.60 -0.39 25.22
C TYR B 539 -46.32 -1.53 25.94
N PHE B 540 -45.93 -1.86 27.17
CA PHE B 540 -46.50 -3.01 27.86
C PHE B 540 -47.79 -2.68 28.59
N TYR B 541 -48.45 -1.57 28.23
CA TYR B 541 -49.75 -1.25 28.79
C TYR B 541 -50.91 -1.50 27.83
N TYR B 542 -50.64 -1.64 26.54
CA TYR B 542 -51.68 -1.75 25.52
C TYR B 542 -51.69 -3.14 24.87
N GLU B 543 -51.41 -4.19 25.64
CA GLU B 543 -51.37 -5.54 25.10
C GLU B 543 -52.79 -6.08 25.00
N THR B 544 -53.28 -6.24 23.77
CA THR B 544 -54.61 -6.77 23.54
C THR B 544 -54.56 -8.30 23.56
N ARG B 545 -55.64 -8.94 23.12
CA ARG B 545 -55.74 -10.38 23.07
C ARG B 545 -55.83 -10.85 21.62
N ALA B 546 -55.97 -12.16 21.44
CA ALA B 546 -56.02 -12.75 20.11
C ALA B 546 -57.42 -12.77 19.53
N ILE B 547 -58.42 -13.12 20.34
CA ILE B 547 -59.80 -13.22 19.84
C ILE B 547 -60.31 -11.88 19.34
N ASP B 548 -59.87 -10.78 19.94
CA ASP B 548 -60.30 -9.44 19.53
C ASP B 548 -59.52 -8.90 18.33
N GLU B 549 -58.83 -9.76 17.59
CA GLU B 549 -58.06 -9.34 16.43
C GLU B 549 -58.48 -10.12 15.20
N PRO B 550 -58.36 -9.52 14.02
CA PRO B 550 -58.83 -10.19 12.81
C PRO B 550 -58.07 -11.48 12.53
N ASN B 551 -58.82 -12.51 12.12
CA ASN B 551 -58.32 -13.82 11.73
C ASN B 551 -57.64 -14.58 12.86
N ASN B 552 -57.77 -14.12 14.10
CA ASN B 552 -57.22 -14.80 15.27
C ASN B 552 -55.72 -15.04 15.12
N CYS B 553 -54.99 -14.00 14.77
CA CYS B 553 -53.54 -14.06 14.66
C CYS B 553 -52.94 -12.97 15.54
N LYS B 554 -51.92 -13.34 16.32
CA LYS B 554 -51.32 -12.44 17.30
C LYS B 554 -49.82 -12.47 17.15
N GLY B 555 -49.22 -11.31 16.92
CA GLY B 555 -47.79 -11.18 16.77
C GLY B 555 -47.41 -10.88 15.32
N ILE B 556 -46.10 -10.77 15.11
CA ILE B 556 -45.56 -10.65 13.76
C ILE B 556 -45.72 -11.99 13.07
N ARG B 557 -45.46 -12.04 11.76
CA ARG B 557 -45.63 -13.18 10.86
C ARG B 557 -47.07 -13.38 10.43
N CYS B 558 -48.00 -12.53 10.86
CA CYS B 558 -49.36 -12.56 10.32
C CYS B 558 -49.34 -11.82 8.98
N GLU B 559 -50.52 -11.59 8.41
CA GLU B 559 -50.60 -10.72 7.23
C GLU B 559 -50.54 -9.26 7.61
N LYS B 560 -51.26 -8.88 8.66
CA LYS B 560 -51.24 -7.53 9.24
C LYS B 560 -50.54 -7.61 10.59
N GLN B 561 -49.34 -7.08 10.67
CA GLN B 561 -48.52 -7.27 11.85
C GLN B 561 -49.03 -6.42 13.02
N ASN B 562 -48.95 -7.00 14.22
CA ASN B 562 -49.45 -6.33 15.41
C ASN B 562 -48.76 -6.93 16.64
N ASN B 563 -48.78 -6.17 17.73
CA ASN B 563 -48.23 -6.60 19.01
C ASN B 563 -46.76 -7.00 18.88
N ALA B 564 -45.95 -6.05 18.43
CA ALA B 564 -44.53 -6.31 18.18
C ALA B 564 -43.62 -5.88 19.32
N PHE B 565 -44.12 -5.10 20.28
CA PHE B 565 -43.28 -4.60 21.38
C PHE B 565 -43.93 -4.87 22.73
N SER B 566 -44.63 -6.00 22.87
CA SER B 566 -45.32 -6.29 24.12
C SER B 566 -44.40 -6.90 25.17
N THR B 567 -43.84 -8.08 24.87
CA THR B 567 -43.01 -8.80 25.81
C THR B 567 -41.54 -8.71 25.42
N LEU B 568 -40.69 -9.30 26.27
CA LEU B 568 -39.24 -9.24 26.04
C LEU B 568 -38.77 -10.25 25.00
N PHE B 569 -39.56 -11.30 24.74
CA PHE B 569 -39.14 -12.28 23.74
C PHE B 569 -39.47 -11.83 22.32
N GLU B 570 -40.51 -11.02 22.14
CA GLU B 570 -40.85 -10.53 20.81
C GLU B 570 -40.03 -9.32 20.41
N THR B 571 -39.70 -8.47 21.39
CA THR B 571 -38.87 -7.29 21.13
C THR B 571 -37.46 -7.66 20.72
N LEU B 572 -37.04 -8.90 20.93
CA LEU B 572 -35.73 -9.36 20.49
C LEU B 572 -35.76 -9.92 19.08
N GLN B 573 -36.89 -10.47 18.64
CA GLN B 573 -37.01 -10.95 17.27
C GLN B 573 -37.34 -9.82 16.31
N SER B 574 -38.12 -8.83 16.75
CA SER B 574 -38.46 -7.72 15.86
C SER B 574 -37.22 -6.90 15.51
N LEU B 575 -36.38 -6.60 16.49
CA LEU B 575 -35.17 -5.83 16.23
C LEU B 575 -34.20 -6.60 15.34
N PHE B 576 -34.22 -7.93 15.38
CA PHE B 576 -33.40 -8.71 14.46
C PHE B 576 -33.95 -8.66 13.04
N TRP B 577 -35.25 -8.94 12.89
CA TRP B 577 -35.85 -8.94 11.56
C TRP B 577 -35.85 -7.55 10.93
N SER B 578 -35.70 -6.49 11.73
CA SER B 578 -35.65 -5.14 11.20
C SER B 578 -34.29 -4.75 10.63
N VAL B 579 -33.33 -5.67 10.61
CA VAL B 579 -32.04 -5.37 10.01
C VAL B 579 -32.05 -5.62 8.50
N PHE B 580 -32.83 -6.58 8.04
CA PHE B 580 -32.90 -6.90 6.61
C PHE B 580 -33.93 -6.06 5.87
N GLY B 581 -34.97 -5.62 6.55
CA GLY B 581 -35.94 -4.72 5.93
C GLY B 581 -37.34 -5.28 5.83
N LEU B 582 -37.62 -6.36 6.57
CA LEU B 582 -38.89 -7.05 6.50
C LEU B 582 -39.87 -6.63 7.59
N LEU B 583 -39.68 -5.43 8.15
CA LEU B 583 -40.56 -4.89 9.19
C LEU B 583 -41.11 -3.56 8.73
N ASN B 584 -42.42 -3.37 8.86
CA ASN B 584 -43.08 -2.17 8.38
C ASN B 584 -43.05 -1.07 9.44
N LEU B 585 -43.60 0.09 9.09
CA LEU B 585 -43.54 1.26 9.95
C LEU B 585 -44.81 1.51 10.75
N TYR B 586 -45.93 0.86 10.40
CA TYR B 586 -47.19 1.10 11.10
C TYR B 586 -47.34 0.25 12.34
N VAL B 587 -46.25 -0.32 12.86
CA VAL B 587 -46.30 -1.05 14.12
C VAL B 587 -46.04 -0.16 15.33
N THR B 588 -45.71 1.11 15.11
CA THR B 588 -45.45 2.06 16.18
C THR B 588 -46.64 2.97 16.46
N ASN B 589 -47.77 2.73 15.81
CA ASN B 589 -48.98 3.50 16.01
C ASN B 589 -49.86 2.79 17.04
N VAL B 590 -50.11 3.43 18.17
CA VAL B 590 -50.84 2.84 19.27
C VAL B 590 -52.26 3.36 19.27
N LYS B 591 -53.16 2.56 19.83
CA LYS B 591 -54.55 2.96 20.02
C LYS B 591 -54.64 3.94 21.20
N ALA B 592 -55.87 4.32 21.54
CA ALA B 592 -56.25 5.16 22.69
C ALA B 592 -55.92 6.63 22.49
N ARG B 593 -55.63 7.08 21.27
CA ARG B 593 -55.54 8.48 20.88
C ARG B 593 -54.36 9.23 21.48
N HIS B 594 -53.55 8.59 22.32
CA HIS B 594 -52.42 9.28 22.93
C HIS B 594 -51.34 9.54 21.88
N GLU B 595 -50.94 10.81 21.74
CA GLU B 595 -50.07 11.23 20.65
C GLU B 595 -48.63 11.50 21.08
N PHE B 596 -48.39 11.83 22.34
CA PHE B 596 -47.03 12.12 22.77
C PHE B 596 -46.18 10.86 22.86
N THR B 597 -46.80 9.71 23.11
CA THR B 597 -46.04 8.47 23.25
C THR B 597 -45.53 7.97 21.89
N GLU B 598 -46.36 8.09 20.85
CA GLU B 598 -45.97 7.60 19.54
C GLU B 598 -44.72 8.30 19.02
N PHE B 599 -44.57 9.58 19.32
CA PHE B 599 -43.39 10.31 18.85
C PHE B 599 -42.13 9.80 19.53
N VAL B 600 -42.18 9.54 20.83
CA VAL B 600 -41.02 9.00 21.53
C VAL B 600 -40.69 7.60 21.02
N GLY B 601 -41.71 6.80 20.75
CA GLY B 601 -41.46 5.48 20.20
C GLY B 601 -40.81 5.53 18.83
N ALA B 602 -41.30 6.40 17.95
CA ALA B 602 -40.71 6.55 16.63
C ALA B 602 -39.28 7.05 16.72
N THR B 603 -39.00 7.97 17.64
CA THR B 603 -37.64 8.47 17.79
C THR B 603 -36.71 7.37 18.29
N MET B 604 -37.14 6.58 19.27
CA MET B 604 -36.31 5.48 19.75
C MET B 604 -36.07 4.45 18.67
N PHE B 605 -37.06 4.22 17.80
CA PHE B 605 -36.88 3.26 16.72
C PHE B 605 -35.97 3.81 15.62
N GLY B 606 -36.03 5.11 15.37
CA GLY B 606 -35.20 5.68 14.32
C GLY B 606 -33.76 5.92 14.72
N THR B 607 -33.51 6.11 16.03
CA THR B 607 -32.14 6.29 16.48
C THR B 607 -31.34 4.99 16.42
N TYR B 608 -32.02 3.85 16.55
CA TYR B 608 -31.33 2.56 16.57
C TYR B 608 -30.82 2.15 15.19
N ASN B 609 -31.39 2.71 14.12
CA ASN B 609 -31.01 2.28 12.78
C ASN B 609 -29.71 2.92 12.32
N VAL B 610 -29.50 4.19 12.68
CA VAL B 610 -28.28 4.88 12.27
C VAL B 610 -27.05 4.26 12.91
N ILE B 611 -27.17 3.75 14.14
CA ILE B 611 -26.01 3.22 14.83
C ILE B 611 -25.63 1.84 14.29
N SER B 612 -26.60 1.09 13.76
CA SER B 612 -26.35 -0.28 13.32
C SER B 612 -26.11 -0.42 11.83
N LEU B 613 -26.78 0.39 11.00
CA LEU B 613 -26.70 0.23 9.55
C LEU B 613 -25.72 1.18 8.88
N VAL B 614 -25.27 2.23 9.58
CA VAL B 614 -24.43 3.25 8.96
C VAL B 614 -23.06 3.37 9.62
N VAL B 615 -22.90 2.98 10.88
CA VAL B 615 -21.64 3.18 11.59
C VAL B 615 -20.90 1.87 11.83
N LEU B 616 -21.58 0.73 11.85
CA LEU B 616 -20.91 -0.54 12.13
C LEU B 616 -20.57 -1.32 10.87
N LEU B 617 -21.51 -1.43 9.92
CA LEU B 617 -21.22 -2.16 8.69
C LEU B 617 -20.21 -1.45 7.81
N ASN B 618 -19.94 -0.17 8.06
CA ASN B 618 -18.87 0.53 7.36
C ASN B 618 -17.51 0.34 8.02
N MET B 619 -17.44 -0.43 9.10
CA MET B 619 -16.18 -0.76 9.76
C MET B 619 -15.75 -2.20 9.56
N LEU B 620 -16.70 -3.14 9.50
CA LEU B 620 -16.35 -4.52 9.17
C LEU B 620 -15.64 -4.59 7.83
N ILE B 621 -16.15 -3.88 6.82
CA ILE B 621 -15.52 -3.91 5.50
C ILE B 621 -14.10 -3.37 5.58
N ALA B 622 -13.94 -2.22 6.24
CA ALA B 622 -12.64 -1.56 6.30
C ALA B 622 -11.63 -2.33 7.16
N MET B 623 -12.10 -3.20 8.05
CA MET B 623 -11.16 -4.01 8.81
C MET B 623 -10.84 -5.33 8.11
N MET B 624 -11.84 -5.95 7.47
CA MET B 624 -11.59 -7.18 6.74
C MET B 624 -10.72 -6.94 5.51
N ASN B 625 -10.83 -5.76 4.89
CA ASN B 625 -9.96 -5.42 3.78
C ASN B 625 -8.50 -5.42 4.20
N ASN B 626 -8.21 -4.85 5.38
CA ASN B 626 -6.83 -4.86 5.88
C ASN B 626 -6.41 -6.25 6.33
N SER B 627 -7.33 -7.00 6.95
CA SER B 627 -6.99 -8.32 7.43
C SER B 627 -6.68 -9.29 6.29
N TYR B 628 -7.29 -9.09 5.12
CA TYR B 628 -7.04 -9.99 4.01
C TYR B 628 -5.67 -9.78 3.37
N GLN B 629 -5.14 -8.57 3.42
CA GLN B 629 -3.90 -8.24 2.74
C GLN B 629 -2.66 -8.56 3.56
N LEU B 630 -2.81 -9.31 4.66
CA LEU B 630 -1.69 -9.77 5.45
C LEU B 630 -1.57 -11.29 5.50
N ILE B 631 -2.60 -12.02 5.08
CA ILE B 631 -2.54 -13.47 5.00
C ILE B 631 -2.30 -13.96 3.58
N ALA B 632 -2.32 -13.06 2.58
CA ALA B 632 -2.03 -13.48 1.21
C ALA B 632 -0.64 -14.09 1.10
N ASP B 633 0.35 -13.49 1.76
CA ASP B 633 1.66 -14.10 1.82
C ASP B 633 1.65 -15.34 2.71
N HIS B 634 2.66 -16.18 2.52
CA HIS B 634 2.76 -17.50 3.17
C HIS B 634 1.40 -18.19 3.24
N ALA B 635 0.77 -18.32 2.07
CA ALA B 635 -0.46 -19.08 1.92
C ALA B 635 -0.22 -20.44 1.28
N ASP B 636 1.02 -20.76 0.91
CA ASP B 636 1.37 -22.07 0.39
C ASP B 636 2.13 -22.93 1.38
N ILE B 637 2.68 -22.33 2.45
CA ILE B 637 3.37 -23.12 3.47
C ILE B 637 2.39 -23.73 4.45
N GLU B 638 1.16 -23.22 4.53
CA GLU B 638 0.17 -23.71 5.48
C GLU B 638 -0.82 -24.68 4.85
N TRP B 639 -0.87 -24.79 3.53
CA TRP B 639 -1.71 -25.78 2.87
C TRP B 639 -1.00 -27.12 2.70
N LYS B 640 0.30 -27.08 2.37
CA LYS B 640 1.06 -28.31 2.19
C LYS B 640 1.24 -29.04 3.52
N PHE B 641 1.38 -28.31 4.62
CA PHE B 641 1.40 -28.96 5.93
C PHE B 641 0.11 -29.72 6.18
N ALA B 642 -1.03 -29.12 5.83
CA ALA B 642 -2.32 -29.76 6.06
C ALA B 642 -2.46 -31.01 5.19
N ARG B 643 -2.12 -30.92 3.91
CA ARG B 643 -2.29 -32.10 3.06
C ARG B 643 -1.28 -33.19 3.40
N THR B 644 -0.10 -32.83 3.90
CA THR B 644 0.84 -33.84 4.37
C THR B 644 0.30 -34.56 5.60
N LYS B 645 -0.24 -33.80 6.55
CA LYS B 645 -0.87 -34.42 7.72
C LYS B 645 -2.04 -35.30 7.31
N LEU B 646 -2.72 -34.94 6.22
CA LEU B 646 -3.78 -35.79 5.69
C LEU B 646 -3.21 -37.11 5.16
N TRP B 647 -2.23 -37.01 4.26
CA TRP B 647 -1.65 -38.21 3.66
C TRP B 647 -1.07 -39.16 4.69
N MET B 648 -0.46 -38.63 5.75
CA MET B 648 0.22 -39.48 6.72
C MET B 648 -0.75 -40.34 7.53
N SER B 649 -2.06 -40.23 7.30
CA SER B 649 -3.04 -41.00 8.06
C SER B 649 -3.36 -42.35 7.45
N TYR B 650 -3.18 -42.51 6.14
CA TYR B 650 -3.46 -43.77 5.46
C TYR B 650 -2.23 -44.65 5.30
N PHE B 651 -1.03 -44.12 5.57
CA PHE B 651 0.19 -44.88 5.30
C PHE B 651 0.28 -46.14 6.16
N ASP B 652 -0.32 -46.11 7.34
CA ASP B 652 -0.21 -47.24 8.25
C ASP B 652 -1.20 -48.34 7.87
N GLU B 653 -0.82 -49.58 8.16
CA GLU B 653 -1.66 -50.74 7.82
C GLU B 653 -2.73 -50.88 8.90
N GLY B 654 -3.94 -50.44 8.58
CA GLY B 654 -5.06 -50.59 9.47
C GLY B 654 -6.15 -51.46 8.89
N GLY B 655 -6.13 -51.63 7.57
CA GLY B 655 -7.14 -52.43 6.89
C GLY B 655 -8.55 -51.93 7.12
N THR B 656 -8.74 -50.61 7.09
CA THR B 656 -10.03 -50.01 7.39
C THR B 656 -10.97 -50.23 6.20
N LEU B 657 -11.92 -51.14 6.36
CA LEU B 657 -12.94 -51.34 5.35
C LEU B 657 -13.93 -50.17 5.37
N PRO B 658 -14.68 -49.98 4.29
CA PRO B 658 -15.73 -48.96 4.27
C PRO B 658 -16.74 -49.18 5.39
N PRO B 659 -17.56 -48.18 5.71
CA PRO B 659 -18.46 -48.28 6.87
C PRO B 659 -19.40 -49.47 6.79
N PRO B 660 -20.08 -49.74 5.66
CA PRO B 660 -21.05 -50.85 5.68
C PRO B 660 -20.42 -52.20 5.99
N PHE B 661 -19.29 -52.52 5.37
CA PHE B 661 -18.61 -53.79 5.63
C PHE B 661 -17.77 -53.78 6.90
N ASN B 662 -17.82 -52.70 7.69
CA ASN B 662 -16.98 -52.57 8.87
C ASN B 662 -17.53 -53.32 10.08
N ILE B 663 -18.61 -54.08 9.92
CA ILE B 663 -19.22 -54.83 11.02
C ILE B 663 -19.33 -56.29 10.57
N ILE B 664 -18.30 -57.07 10.86
CA ILE B 664 -18.25 -58.49 10.48
C ILE B 664 -18.04 -59.34 11.72
N ARG B 702 20.57 -56.45 17.95
CA ARG B 702 20.30 -55.88 19.26
C ARG B 702 21.30 -54.77 19.58
N HIS B 703 22.57 -55.14 19.79
CA HIS B 703 23.62 -54.16 20.03
C HIS B 703 24.30 -53.72 18.74
N ALA B 704 24.76 -54.68 17.94
CA ALA B 704 25.51 -54.35 16.74
C ALA B 704 24.71 -53.46 15.80
N ASP B 705 23.39 -53.66 15.74
CA ASP B 705 22.56 -52.80 14.90
C ASP B 705 22.62 -51.35 15.35
N SER B 706 22.41 -51.11 16.65
CA SER B 706 22.47 -49.76 17.17
C SER B 706 23.84 -49.14 16.97
N LEU B 707 24.90 -49.92 17.19
CA LEU B 707 26.25 -49.41 16.97
C LEU B 707 26.46 -49.01 15.52
N ILE B 708 26.02 -49.85 14.58
CA ILE B 708 26.21 -49.54 13.16
C ILE B 708 25.43 -48.28 12.78
N GLN B 709 24.20 -48.14 13.30
CA GLN B 709 23.40 -46.97 12.97
C GLN B 709 24.04 -45.69 13.51
N ASN B 710 24.46 -45.71 14.77
CA ASN B 710 25.10 -44.53 15.34
C ASN B 710 26.41 -44.22 14.66
N GLN B 711 27.09 -45.25 14.13
CA GLN B 711 28.34 -45.00 13.42
C GLN B 711 28.07 -44.39 12.05
N HIS B 712 27.00 -44.81 11.39
CA HIS B 712 26.67 -44.26 10.07
C HIS B 712 26.12 -42.84 10.15
N TYR B 713 25.46 -42.50 11.26
CA TYR B 713 24.76 -41.22 11.33
C TYR B 713 25.68 -40.02 11.55
N GLN B 714 26.94 -40.24 11.95
CA GLN B 714 27.79 -39.11 12.32
C GLN B 714 28.53 -38.49 11.13
N GLU B 715 28.92 -39.30 10.14
CA GLU B 715 29.69 -38.79 9.01
C GLU B 715 28.88 -37.79 8.20
N VAL B 716 27.61 -38.10 7.95
CA VAL B 716 26.74 -37.17 7.22
C VAL B 716 26.66 -35.84 7.94
N ILE B 717 26.51 -35.88 9.27
CA ILE B 717 26.44 -34.65 10.06
C ILE B 717 27.73 -33.84 9.91
N ARG B 718 28.87 -34.52 9.95
CA ARG B 718 30.15 -33.82 9.82
C ARG B 718 30.25 -33.10 8.47
N ASN B 719 29.90 -33.80 7.38
CA ASN B 719 29.98 -33.19 6.06
C ASN B 719 29.03 -32.01 5.93
N LEU B 720 27.79 -32.19 6.38
CA LEU B 720 26.81 -31.11 6.31
C LEU B 720 27.28 -29.88 7.06
N VAL B 721 27.87 -30.07 8.25
CA VAL B 721 28.34 -28.94 9.03
C VAL B 721 29.47 -28.20 8.31
N LYS B 722 30.42 -28.95 7.76
CA LYS B 722 31.51 -28.33 7.00
C LYS B 722 30.97 -27.44 5.88
N ARG B 723 30.09 -28.00 5.04
CA ARG B 723 29.58 -27.24 3.90
C ARG B 723 28.82 -26.00 4.36
N TYR B 724 27.97 -26.15 5.38
CA TYR B 724 27.17 -25.01 5.83
C TYR B 724 28.06 -23.88 6.35
N VAL B 725 29.07 -24.22 7.16
CA VAL B 725 29.95 -23.21 7.71
C VAL B 725 30.67 -22.46 6.58
N ALA B 726 31.22 -23.20 5.62
CA ALA B 726 31.96 -22.55 4.55
C ALA B 726 31.05 -21.61 3.74
N ALA B 727 29.84 -22.06 3.40
CA ALA B 727 28.94 -21.21 2.62
C ALA B 727 28.56 -19.96 3.38
N MET B 728 28.29 -20.08 4.68
CA MET B 728 27.89 -18.91 5.46
C MET B 728 29.03 -17.92 5.62
N ILE B 729 30.27 -18.42 5.70
CA ILE B 729 31.41 -17.49 5.72
C ILE B 729 31.53 -16.76 4.38
N ARG B 730 31.36 -17.50 3.28
CA ARG B 730 31.53 -16.87 1.97
C ARG B 730 30.46 -15.80 1.70
N ASN B 731 29.23 -16.03 2.15
CA ASN B 731 28.15 -15.09 1.82
C ASN B 731 28.39 -13.71 2.39
N SER B 732 29.21 -13.57 3.43
CA SER B 732 29.36 -12.28 4.10
C SER B 732 30.23 -11.33 3.29
N LYS B 733 31.34 -11.81 2.75
CA LYS B 733 32.32 -10.94 2.10
C LYS B 733 31.76 -10.22 0.87
N THR B 734 30.65 -10.70 0.31
CA THR B 734 30.14 -10.15 -0.94
C THR B 734 29.01 -9.15 -0.74
N ASN B 735 28.26 -9.25 0.36
CA ASN B 735 27.07 -8.44 0.54
C ASN B 735 27.18 -7.52 1.76
N GLU B 736 28.33 -6.84 1.90
CA GLU B 736 28.53 -5.91 3.00
C GLU B 736 29.16 -4.63 2.46
N GLY B 737 28.72 -3.49 3.00
CA GLY B 737 29.19 -2.19 2.57
C GLY B 737 30.33 -1.67 3.45
N LEU B 738 30.83 -0.50 3.06
CA LEU B 738 31.93 0.15 3.75
C LEU B 738 31.39 1.20 4.72
N THR B 739 32.30 1.72 5.54
CA THR B 739 31.94 2.69 6.58
C THR B 739 33.16 3.54 6.88
N GLU B 740 33.09 4.32 7.97
CA GLU B 740 34.15 5.26 8.28
C GLU B 740 35.35 4.63 8.98
N GLU B 741 35.16 3.50 9.65
CA GLU B 741 36.28 2.84 10.32
C GLU B 741 37.40 2.47 9.35
N ASN B 742 37.06 2.20 8.10
CA ASN B 742 38.04 1.70 7.15
C ASN B 742 39.01 2.80 6.70
N PHE B 743 38.49 4.00 6.45
CA PHE B 743 39.28 5.12 5.94
C PHE B 743 40.46 5.46 6.86
N LYS B 744 40.23 5.41 8.18
CA LYS B 744 41.25 5.80 9.14
C LYS B 744 42.47 4.88 9.10
N GLU B 745 42.24 3.56 8.96
CA GLU B 745 43.35 2.63 8.94
C GLU B 745 44.25 2.87 7.73
N LEU B 746 43.67 3.15 6.57
CA LEU B 746 44.47 3.45 5.38
C LEU B 746 45.30 4.71 5.60
N LYS B 747 44.68 5.75 6.16
CA LYS B 747 45.44 6.97 6.44
C LYS B 747 46.61 6.68 7.37
N GLN B 748 46.40 5.87 8.42
CA GLN B 748 47.49 5.58 9.35
C GLN B 748 48.59 4.78 8.68
N ASP B 749 48.23 3.83 7.80
CA ASP B 749 49.24 3.07 7.07
C ASP B 749 50.16 3.99 6.29
N ILE B 750 49.58 4.87 5.49
CA ILE B 750 50.40 5.81 4.71
C ILE B 750 51.25 6.68 5.64
N SER B 751 50.67 7.11 6.77
CA SER B 751 51.40 7.97 7.69
C SER B 751 52.66 7.30 8.23
N SER B 752 52.51 6.08 8.76
CA SER B 752 53.67 5.41 9.35
C SER B 752 54.73 5.07 8.30
N PHE B 753 54.30 4.64 7.11
CA PHE B 753 55.25 4.43 6.02
C PHE B 753 56.08 5.67 5.77
N ARG B 754 55.40 6.82 5.63
CA ARG B 754 56.09 8.08 5.39
C ARG B 754 57.11 8.38 6.48
N TYR B 755 56.69 8.26 7.74
CA TYR B 755 57.57 8.63 8.85
C TYR B 755 58.85 7.80 8.84
N GLU B 756 58.71 6.48 8.69
CA GLU B 756 59.92 5.65 8.77
C GLU B 756 60.84 5.90 7.56
N VAL B 757 60.28 6.09 6.37
CA VAL B 757 61.13 6.32 5.21
C VAL B 757 61.90 7.63 5.36
N LEU B 758 61.21 8.68 5.80
CA LEU B 758 61.90 9.96 6.02
C LEU B 758 62.98 9.81 7.07
N ASP B 759 62.71 9.09 8.15
CA ASP B 759 63.71 8.86 9.19
C ASP B 759 64.97 8.23 8.60
N LEU B 760 64.81 7.15 7.82
CA LEU B 760 65.98 6.49 7.23
C LEU B 760 66.73 7.43 6.29
N LEU B 761 66.02 8.05 5.34
CA LEU B 761 66.70 8.79 4.28
C LEU B 761 67.36 10.06 4.82
N GLY B 762 66.65 10.84 5.63
CA GLY B 762 67.19 12.12 6.06
C GLY B 762 68.44 11.99 6.92
N ASN B 763 68.45 11.05 7.85
CA ASN B 763 69.61 10.84 8.71
C ASN B 763 70.49 9.74 8.11
N ARG C 15 25.34 -29.20 40.99
CA ARG C 15 25.75 -29.16 39.60
C ARG C 15 24.87 -28.20 38.81
N ASP C 16 25.20 -26.91 38.86
CA ASP C 16 24.47 -25.88 38.15
C ASP C 16 25.28 -25.26 37.02
N ARG C 17 26.30 -25.97 36.54
CA ARG C 17 27.16 -25.49 35.48
C ARG C 17 27.06 -26.41 34.27
N ILE C 18 27.41 -25.86 33.11
CA ILE C 18 27.37 -26.58 31.84
C ILE C 18 28.79 -26.62 31.28
N PRO C 19 29.41 -27.80 31.16
CA PRO C 19 30.73 -27.86 30.53
C PRO C 19 30.65 -27.79 29.02
N LEU C 20 31.78 -27.48 28.40
CA LEU C 20 31.88 -27.34 26.95
C LEU C 20 33.14 -28.04 26.46
N GLN C 21 33.03 -28.67 25.29
CA GLN C 21 34.16 -29.35 24.68
C GLN C 21 33.87 -29.58 23.21
N ILE C 22 34.89 -30.06 22.48
CA ILE C 22 34.78 -30.34 21.06
C ILE C 22 34.50 -31.82 20.86
N VAL C 23 33.49 -32.14 20.06
CA VAL C 23 33.04 -33.53 19.92
C VAL C 23 33.58 -34.15 18.63
N ARG C 24 33.75 -33.34 17.59
CA ARG C 24 34.24 -33.82 16.30
C ARG C 24 35.60 -33.16 16.05
N ALA C 25 36.67 -33.84 16.45
CA ALA C 25 38.00 -33.27 16.42
C ALA C 25 38.66 -33.48 15.07
N GLU C 26 39.68 -32.65 14.80
CA GLU C 26 40.43 -32.69 13.56
C GLU C 26 41.91 -32.48 13.86
N THR C 27 42.72 -32.50 12.82
CA THR C 27 44.16 -32.31 12.95
C THR C 27 44.49 -30.82 13.09
N GLU C 28 45.70 -30.54 13.59
CA GLU C 28 46.16 -29.18 13.80
C GLU C 28 47.54 -28.99 13.19
N LEU C 29 47.99 -27.75 13.18
CA LEU C 29 49.23 -27.36 12.52
C LEU C 29 50.33 -27.10 13.55
N SER C 30 51.56 -27.38 13.16
CA SER C 30 52.72 -27.12 14.01
C SER C 30 53.07 -25.63 14.00
N ALA C 31 54.04 -25.26 14.81
CA ALA C 31 54.47 -23.86 14.90
C ALA C 31 55.49 -23.49 13.84
N GLU C 32 55.93 -24.44 13.02
CA GLU C 32 56.83 -24.15 11.92
C GLU C 32 56.12 -24.04 10.58
N GLU C 33 54.90 -24.56 10.48
CA GLU C 33 54.10 -24.48 9.27
C GLU C 33 53.09 -23.34 9.31
N LYS C 34 53.16 -22.50 10.34
CA LYS C 34 52.26 -21.37 10.49
C LYS C 34 52.88 -20.05 10.04
N ALA C 35 54.16 -19.83 10.33
CA ALA C 35 54.83 -18.63 9.85
C ALA C 35 54.88 -18.58 8.33
N PHE C 36 54.95 -19.74 7.67
CA PHE C 36 54.91 -19.80 6.22
C PHE C 36 53.61 -19.21 5.68
N LEU C 37 52.49 -19.75 6.12
CA LEU C 37 51.19 -19.24 5.66
C LEU C 37 50.94 -17.83 6.13
N SER C 38 51.54 -17.41 7.24
CA SER C 38 51.37 -16.02 7.67
C SER C 38 52.16 -15.06 6.80
N ALA C 39 53.34 -15.48 6.32
CA ALA C 39 54.11 -14.67 5.40
C ALA C 39 53.48 -14.61 4.03
N VAL C 40 52.75 -15.66 3.63
CA VAL C 40 52.09 -15.62 2.33
C VAL C 40 50.98 -14.57 2.31
N GLU C 41 50.32 -14.32 3.44
CA GLU C 41 49.17 -13.42 3.46
C GLU C 41 49.53 -11.95 3.55
N LYS C 42 50.80 -11.59 3.63
CA LYS C 42 51.20 -10.20 3.81
C LYS C 42 51.96 -9.62 2.63
N GLY C 43 52.54 -10.45 1.76
CA GLY C 43 53.25 -9.96 0.60
C GLY C 43 54.75 -10.12 0.67
N ASP C 44 55.28 -10.58 1.81
CA ASP C 44 56.72 -10.75 1.95
C ASP C 44 57.22 -11.78 0.95
N TYR C 45 58.14 -11.35 0.08
CA TYR C 45 58.61 -12.19 -1.01
C TYR C 45 60.00 -12.77 -0.78
N ALA C 46 60.79 -12.19 0.11
CA ALA C 46 62.14 -12.66 0.36
C ALA C 46 62.22 -13.73 1.45
N THR C 47 61.21 -13.82 2.31
CA THR C 47 61.20 -14.84 3.35
C THR C 47 60.54 -16.13 2.91
N VAL C 48 59.52 -16.05 2.06
CA VAL C 48 58.90 -17.27 1.53
C VAL C 48 59.88 -17.98 0.60
N LYS C 49 60.68 -17.22 -0.16
CA LYS C 49 61.66 -17.83 -1.06
C LYS C 49 62.75 -18.57 -0.31
N GLN C 50 62.99 -18.23 0.95
CA GLN C 50 63.97 -18.94 1.76
C GLN C 50 63.39 -20.20 2.39
N ALA C 51 62.13 -20.14 2.81
CA ALA C 51 61.47 -21.34 3.32
C ALA C 51 61.25 -22.37 2.21
N LEU C 52 61.06 -21.92 0.97
CA LEU C 52 60.92 -22.87 -0.13
C LEU C 52 62.25 -23.56 -0.44
N GLN C 53 63.38 -22.94 -0.13
CA GLN C 53 64.67 -23.53 -0.43
C GLN C 53 65.22 -24.37 0.72
N GLU C 54 64.93 -23.99 1.96
CA GLU C 54 65.41 -24.79 3.09
C GLU C 54 64.71 -26.14 3.18
N ALA C 55 63.53 -26.28 2.59
CA ALA C 55 62.76 -27.51 2.65
C ALA C 55 63.13 -28.50 1.55
N GLU C 56 64.26 -28.31 0.89
CA GLU C 56 64.77 -29.26 -0.09
C GLU C 56 66.08 -29.92 0.33
N ILE C 57 66.77 -29.38 1.33
CA ILE C 57 67.97 -30.01 1.87
C ILE C 57 67.57 -30.74 3.15
N TYR C 58 66.98 -30.02 4.08
CA TYR C 58 66.33 -30.61 5.24
C TYR C 58 64.84 -30.76 4.96
N TYR C 59 64.19 -31.61 5.74
CA TYR C 59 62.77 -31.93 5.56
C TYR C 59 62.03 -31.67 6.87
N ASN C 60 61.50 -30.46 7.02
CA ASN C 60 60.73 -30.11 8.21
C ASN C 60 59.36 -29.49 7.91
N VAL C 61 59.09 -29.11 6.67
CA VAL C 61 57.81 -28.51 6.29
C VAL C 61 57.31 -29.18 5.02
N ASN C 62 56.00 -29.40 4.94
CA ASN C 62 55.35 -29.87 3.73
C ASN C 62 54.55 -28.72 3.14
N ILE C 63 54.77 -28.44 1.85
CA ILE C 63 54.23 -27.24 1.23
C ILE C 63 52.77 -27.36 0.83
N ASN C 64 52.11 -28.47 1.15
CA ASN C 64 50.71 -28.70 0.83
C ASN C 64 49.82 -28.70 2.07
N CYS C 65 50.14 -27.86 3.05
CA CYS C 65 49.34 -27.82 4.27
C CYS C 65 48.02 -27.08 4.02
N MET C 66 47.12 -27.18 4.99
CA MET C 66 45.78 -26.62 4.85
C MET C 66 45.38 -25.93 6.15
N ASP C 67 45.05 -24.64 6.05
CA ASP C 67 44.70 -23.83 7.21
C ASP C 67 43.34 -24.29 7.77
N PRO C 68 42.92 -23.75 8.92
CA PRO C 68 41.64 -24.17 9.52
C PRO C 68 40.45 -24.23 8.56
N LEU C 69 40.40 -23.38 7.53
CA LEU C 69 39.22 -23.27 6.70
C LEU C 69 39.38 -23.95 5.34
N GLY C 70 40.38 -24.81 5.20
CA GLY C 70 40.55 -25.54 3.96
C GLY C 70 41.30 -24.81 2.86
N ARG C 71 41.94 -23.69 3.17
CA ARG C 71 42.68 -22.91 2.19
C ARG C 71 44.16 -23.26 2.26
N SER C 72 44.74 -23.55 1.10
CA SER C 72 46.15 -23.89 1.00
C SER C 72 46.94 -22.66 0.58
N ALA C 73 48.21 -22.85 0.27
CA ALA C 73 49.09 -21.73 -0.05
C ALA C 73 48.86 -21.16 -1.45
N LEU C 74 48.14 -21.88 -2.32
CA LEU C 74 47.87 -21.40 -3.67
C LEU C 74 46.49 -20.80 -3.82
N LEU C 75 45.59 -21.01 -2.86
CA LEU C 75 44.27 -20.39 -2.85
C LEU C 75 44.23 -19.10 -2.04
N ILE C 76 45.30 -18.79 -1.31
CA ILE C 76 45.42 -17.48 -0.67
C ILE C 76 46.04 -16.45 -1.61
N ALA C 77 46.80 -16.87 -2.60
CA ALA C 77 47.42 -15.96 -3.55
C ALA C 77 46.53 -15.66 -4.75
N ILE C 78 45.36 -16.30 -4.86
CA ILE C 78 44.44 -16.02 -5.96
C ILE C 78 43.40 -15.00 -5.50
N GLU C 79 43.01 -15.06 -4.23
CA GLU C 79 41.99 -14.12 -3.75
C GLU C 79 42.60 -12.73 -3.52
N ASN C 80 43.83 -12.66 -3.04
CA ASN C 80 44.62 -11.43 -3.12
C ASN C 80 45.39 -11.48 -4.43
N GLU C 81 44.98 -10.68 -5.40
CA GLU C 81 45.47 -10.88 -6.75
C GLU C 81 46.95 -10.56 -6.85
N ASN C 82 47.80 -11.57 -6.69
CA ASN C 82 49.25 -11.44 -6.72
C ASN C 82 49.80 -12.40 -7.77
N LEU C 83 50.31 -11.86 -8.87
CA LEU C 83 50.80 -12.67 -9.97
C LEU C 83 52.30 -12.90 -9.93
N GLU C 84 52.96 -12.57 -8.82
CA GLU C 84 54.39 -12.77 -8.67
C GLU C 84 54.74 -13.86 -7.67
N ILE C 85 53.78 -14.33 -6.87
CA ILE C 85 54.01 -15.42 -5.94
C ILE C 85 53.43 -16.69 -6.55
N MET C 86 52.43 -16.55 -7.41
CA MET C 86 51.89 -17.70 -8.13
C MET C 86 52.94 -18.31 -9.04
N GLU C 87 53.66 -17.47 -9.79
CA GLU C 87 54.71 -17.95 -10.67
C GLU C 87 55.89 -18.50 -9.88
N LEU C 88 56.04 -18.13 -8.62
CA LEU C 88 57.10 -18.71 -7.79
C LEU C 88 56.69 -20.05 -7.22
N LEU C 89 55.42 -20.17 -6.80
CA LEU C 89 54.93 -21.44 -6.28
C LEU C 89 54.71 -22.47 -7.35
N LEU C 90 54.57 -22.06 -8.61
CA LEU C 90 54.37 -23.01 -9.70
C LEU C 90 55.69 -23.52 -10.29
N ASN C 91 56.76 -22.72 -10.22
CA ASN C 91 58.05 -23.20 -10.68
C ASN C 91 58.60 -24.31 -9.79
N HIS C 92 58.19 -24.34 -8.53
CA HIS C 92 58.35 -25.51 -7.69
C HIS C 92 57.09 -26.37 -7.83
N SER C 93 57.24 -27.67 -7.63
CA SER C 93 56.13 -28.59 -7.86
C SER C 93 55.18 -28.54 -6.67
N VAL C 94 54.02 -27.92 -6.87
CA VAL C 94 52.94 -27.98 -5.89
C VAL C 94 51.77 -28.73 -6.51
N TYR C 95 50.73 -28.98 -5.73
CA TYR C 95 49.60 -29.80 -6.16
C TYR C 95 48.48 -28.87 -6.63
N VAL C 96 48.22 -28.89 -7.93
CA VAL C 96 47.15 -28.09 -8.53
C VAL C 96 45.93 -28.98 -8.67
N GLY C 97 44.92 -28.74 -7.84
CA GLY C 97 43.72 -29.55 -7.90
C GLY C 97 42.61 -28.89 -8.68
N ASP C 98 41.55 -28.48 -7.99
CA ASP C 98 40.45 -27.75 -8.60
C ASP C 98 40.67 -26.24 -8.48
N ALA C 99 41.82 -25.80 -8.95
CA ALA C 99 42.22 -24.40 -8.83
C ALA C 99 41.89 -23.57 -10.06
N LEU C 100 41.37 -24.18 -11.12
CA LEU C 100 40.91 -23.43 -12.28
C LEU C 100 39.46 -23.02 -12.17
N LEU C 101 38.70 -23.64 -11.28
CA LEU C 101 37.31 -23.26 -11.04
C LEU C 101 37.19 -22.16 -9.99
N TYR C 102 38.24 -21.88 -9.22
CA TYR C 102 38.23 -20.78 -8.27
C TYR C 102 38.66 -19.47 -8.90
N ALA C 103 39.25 -19.50 -10.10
CA ALA C 103 39.66 -18.29 -10.79
C ALA C 103 38.68 -17.86 -11.87
N ILE C 104 37.67 -18.69 -12.18
CA ILE C 104 36.60 -18.29 -13.08
C ILE C 104 35.40 -17.73 -12.31
N ARG C 105 35.26 -18.07 -11.03
CA ARG C 105 34.19 -17.50 -10.22
C ARG C 105 34.54 -16.08 -9.79
N LYS C 106 35.81 -15.83 -9.50
CA LYS C 106 36.32 -14.48 -9.24
C LYS C 106 36.98 -14.01 -10.53
N GLU C 107 36.35 -13.06 -11.21
CA GLU C 107 36.62 -12.80 -12.62
C GLU C 107 37.92 -12.03 -12.79
N VAL C 108 39.02 -12.78 -12.89
CA VAL C 108 40.32 -12.23 -13.25
C VAL C 108 40.78 -12.90 -14.54
N VAL C 109 41.61 -12.19 -15.31
CA VAL C 109 41.99 -12.65 -16.64
C VAL C 109 43.44 -13.13 -16.69
N GLY C 110 44.35 -12.53 -15.92
CA GLY C 110 45.73 -13.00 -15.94
C GLY C 110 45.90 -14.41 -15.41
N ALA C 111 45.20 -14.71 -14.31
CA ALA C 111 45.34 -16.02 -13.67
C ALA C 111 44.88 -17.15 -14.59
N VAL C 112 43.75 -16.94 -15.29
CA VAL C 112 43.24 -17.96 -16.21
C VAL C 112 44.29 -18.32 -17.25
N GLU C 113 44.85 -17.31 -17.92
CA GLU C 113 45.86 -17.56 -18.94
C GLU C 113 47.09 -18.22 -18.35
N LEU C 114 47.56 -17.72 -17.20
CA LEU C 114 48.74 -18.29 -16.57
C LEU C 114 48.54 -19.78 -16.27
N LEU C 115 47.37 -20.14 -15.76
CA LEU C 115 47.11 -21.54 -15.42
C LEU C 115 46.97 -22.40 -16.67
N LEU C 116 46.33 -21.87 -17.72
CA LEU C 116 46.24 -22.61 -18.97
C LEU C 116 47.62 -22.87 -19.57
N SER C 117 48.54 -21.90 -19.44
CA SER C 117 49.85 -22.03 -20.07
C SER C 117 50.70 -23.11 -19.40
N TYR C 118 50.64 -23.22 -18.08
CA TYR C 118 51.45 -24.18 -17.34
C TYR C 118 50.89 -25.59 -17.35
N ARG C 119 49.86 -25.85 -18.14
CA ARG C 119 49.25 -27.18 -18.25
C ARG C 119 50.29 -28.28 -18.49
N GLN C 135 40.02 -33.89 -0.30
CA GLN C 135 38.71 -34.36 -0.72
C GLN C 135 37.60 -33.48 -0.15
N PHE C 136 37.54 -32.23 -0.59
CA PHE C 136 36.47 -31.32 -0.23
C PHE C 136 36.46 -30.18 -1.23
N SER C 137 35.28 -29.84 -1.73
CA SER C 137 35.14 -28.76 -2.69
C SER C 137 33.79 -28.09 -2.52
N GLU C 138 33.67 -26.89 -3.07
CA GLU C 138 32.42 -26.15 -3.07
C GLU C 138 31.57 -26.42 -4.31
N PHE C 139 32.04 -27.27 -5.21
CA PHE C 139 31.37 -27.51 -6.49
C PHE C 139 30.98 -28.98 -6.60
N THR C 140 29.79 -29.23 -7.14
CA THR C 140 29.31 -30.58 -7.34
C THR C 140 30.17 -31.29 -8.39
N PRO C 141 30.15 -32.63 -8.41
CA PRO C 141 31.10 -33.36 -9.27
C PRO C 141 30.81 -33.33 -10.76
N ASP C 142 29.85 -32.52 -11.22
CA ASP C 142 29.52 -32.48 -12.63
C ASP C 142 29.85 -31.16 -13.32
N ILE C 143 30.20 -30.12 -12.56
CA ILE C 143 30.50 -28.82 -13.17
C ILE C 143 31.78 -28.92 -13.99
N THR C 144 31.74 -28.36 -15.20
CA THR C 144 32.88 -28.25 -16.09
C THR C 144 33.23 -26.78 -16.33
N PRO C 145 34.43 -26.49 -16.87
CA PRO C 145 34.81 -25.07 -17.03
C PRO C 145 33.92 -24.31 -17.99
N ILE C 146 33.63 -24.86 -19.18
CA ILE C 146 32.81 -24.14 -20.15
C ILE C 146 31.38 -23.99 -19.65
N MET C 147 30.93 -24.87 -18.75
CA MET C 147 29.59 -24.74 -18.20
C MET C 147 29.55 -23.74 -17.06
N LEU C 148 30.65 -23.59 -16.31
CA LEU C 148 30.67 -22.65 -15.20
C LEU C 148 30.97 -21.23 -15.67
N ALA C 149 31.69 -21.07 -16.77
CA ALA C 149 31.97 -19.73 -17.30
C ALA C 149 30.77 -19.12 -17.99
N ALA C 150 29.69 -19.89 -18.19
CA ALA C 150 28.48 -19.37 -18.81
C ALA C 150 27.40 -18.99 -17.81
N HIS C 151 27.45 -19.55 -16.59
CA HIS C 151 26.55 -19.08 -15.54
C HIS C 151 26.84 -17.63 -15.19
N THR C 152 28.11 -17.30 -15.00
CA THR C 152 28.54 -15.91 -15.05
C THR C 152 28.46 -15.42 -16.50
N ASN C 153 28.55 -14.11 -16.68
CA ASN C 153 28.25 -13.54 -17.99
C ASN C 153 29.42 -12.69 -18.49
N ASN C 154 30.63 -13.23 -18.44
CA ASN C 154 31.78 -12.57 -19.03
C ASN C 154 31.84 -12.84 -20.53
N TYR C 155 32.34 -11.86 -21.27
CA TYR C 155 32.50 -11.98 -22.72
C TYR C 155 33.93 -12.27 -23.13
N GLU C 156 34.92 -11.82 -22.35
CA GLU C 156 36.31 -12.05 -22.71
C GLU C 156 36.80 -13.41 -22.25
N ILE C 157 36.22 -13.97 -21.19
CA ILE C 157 36.63 -15.29 -20.72
C ILE C 157 36.04 -16.39 -21.57
N ILE C 158 34.79 -16.22 -22.02
CA ILE C 158 34.17 -17.23 -22.88
C ILE C 158 34.92 -17.35 -24.19
N LYS C 159 35.39 -16.22 -24.74
CA LYS C 159 36.06 -16.26 -26.02
C LYS C 159 37.42 -16.97 -25.96
N LEU C 160 38.00 -17.13 -24.78
CA LEU C 160 39.28 -17.83 -24.67
C LEU C 160 39.12 -19.35 -24.62
N LEU C 161 37.97 -19.84 -24.19
CA LEU C 161 37.74 -21.27 -24.06
C LEU C 161 37.10 -21.88 -25.30
N VAL C 162 36.53 -21.07 -26.18
CA VAL C 162 35.93 -21.58 -27.42
C VAL C 162 36.94 -21.64 -28.55
N GLN C 163 38.08 -20.93 -28.44
CA GLN C 163 39.13 -21.06 -29.43
C GLN C 163 39.88 -22.37 -29.30
N LYS C 164 39.86 -22.99 -28.12
CA LYS C 164 40.15 -24.40 -27.96
C LYS C 164 38.84 -25.17 -28.06
N ARG C 165 38.93 -26.45 -28.42
CA ARG C 165 37.73 -27.20 -28.74
C ARG C 165 37.03 -27.67 -27.46
N VAL C 166 35.73 -27.38 -27.37
CA VAL C 166 34.90 -27.73 -26.22
C VAL C 166 33.58 -28.29 -26.72
N THR C 167 32.71 -28.67 -25.79
CA THR C 167 31.48 -29.36 -26.12
C THR C 167 30.52 -29.31 -24.93
N ILE C 168 29.23 -29.23 -25.22
CA ILE C 168 28.18 -29.28 -24.20
C ILE C 168 27.21 -30.41 -24.56
N PRO C 169 26.78 -31.23 -23.59
CA PRO C 169 25.86 -32.34 -23.90
C PRO C 169 24.50 -31.86 -24.40
N ARG C 170 23.64 -32.82 -24.77
CA ARG C 170 22.33 -32.53 -25.33
C ARG C 170 21.23 -33.15 -24.48
N PRO C 171 20.24 -32.38 -24.04
CA PRO C 171 19.17 -32.96 -23.22
C PRO C 171 18.07 -33.58 -24.08
N HIS C 172 17.52 -34.69 -23.60
CA HIS C 172 16.48 -35.39 -24.32
C HIS C 172 15.16 -34.62 -24.28
N GLN C 173 14.27 -34.97 -25.18
CA GLN C 173 12.96 -34.32 -25.25
C GLN C 173 12.11 -34.72 -24.05
N ILE C 174 11.00 -33.99 -23.88
CA ILE C 174 10.10 -34.26 -22.77
C ILE C 174 9.42 -35.61 -22.98
N ARG C 175 9.08 -36.26 -21.86
CA ARG C 175 8.35 -37.53 -21.85
C ARG C 175 9.09 -38.64 -22.59
N CYS C 176 10.41 -38.56 -22.65
CA CYS C 176 11.20 -39.59 -23.29
C CYS C 176 11.16 -40.87 -22.45
N ASN C 177 11.24 -42.01 -23.13
CA ASN C 177 11.02 -43.30 -22.48
C ASN C 177 12.10 -44.32 -22.83
N CYS C 178 13.33 -43.86 -23.10
CA CYS C 178 14.40 -44.80 -23.35
C CYS C 178 14.77 -45.54 -22.06
N VAL C 179 15.59 -46.59 -22.20
CA VAL C 179 15.94 -47.38 -21.02
C VAL C 179 16.80 -46.57 -20.05
N GLU C 180 17.60 -45.63 -20.56
CA GLU C 180 18.43 -44.84 -19.66
C GLU C 180 17.59 -43.87 -18.84
N CYS C 181 16.64 -43.18 -19.48
CA CYS C 181 15.83 -42.20 -18.75
C CYS C 181 14.94 -42.83 -17.69
N VAL C 182 14.64 -44.13 -17.82
CA VAL C 182 13.82 -44.80 -16.82
C VAL C 182 14.64 -45.65 -15.85
N SER C 183 15.87 -46.00 -16.21
CA SER C 183 16.76 -46.72 -15.32
C SER C 183 17.45 -45.79 -14.34
N SER C 184 17.99 -44.68 -14.85
CA SER C 184 18.70 -43.74 -13.96
C SER C 184 17.73 -43.01 -13.04
N SER C 185 16.48 -42.86 -13.45
CA SER C 185 15.51 -42.11 -12.65
C SER C 185 14.96 -42.90 -11.47
N GLU C 186 15.52 -44.08 -11.22
CA GLU C 186 15.08 -44.90 -10.08
C GLU C 186 16.23 -45.46 -9.28
N VAL C 187 17.43 -45.11 -9.65
CA VAL C 187 18.60 -45.45 -8.85
C VAL C 187 19.07 -44.25 -8.03
N ASP C 188 19.06 -43.06 -8.63
CA ASP C 188 19.31 -41.81 -7.92
C ASP C 188 18.40 -40.76 -8.55
N SER C 189 17.41 -40.30 -7.79
CA SER C 189 16.41 -39.39 -8.30
C SER C 189 16.61 -37.94 -7.88
N LEU C 190 17.57 -37.67 -7.00
CA LEU C 190 17.89 -36.30 -6.62
C LEU C 190 19.12 -35.78 -7.36
N ARG C 191 19.89 -36.66 -7.99
CA ARG C 191 21.00 -36.25 -8.83
C ARG C 191 20.62 -36.13 -10.30
N HIS C 192 19.62 -36.88 -10.75
CA HIS C 192 19.14 -36.79 -12.12
C HIS C 192 18.30 -35.55 -12.38
N SER C 193 17.77 -34.92 -11.34
CA SER C 193 16.96 -33.73 -11.48
C SER C 193 17.75 -32.45 -11.27
N ARG C 194 19.06 -32.55 -11.14
CA ARG C 194 19.95 -31.40 -10.98
C ARG C 194 20.73 -31.08 -12.24
N SER C 195 21.07 -32.08 -13.05
CA SER C 195 21.88 -31.85 -14.23
C SER C 195 21.11 -31.09 -15.31
N ARG C 196 19.82 -31.38 -15.46
CA ARG C 196 19.04 -30.71 -16.49
C ARG C 196 18.93 -29.22 -16.23
N LEU C 197 18.75 -28.82 -14.96
CA LEU C 197 18.69 -27.40 -14.64
C LEU C 197 20.01 -26.71 -14.96
N ASN C 198 21.14 -27.38 -14.68
CA ASN C 198 22.44 -26.81 -14.99
C ASN C 198 22.62 -26.60 -16.48
N ILE C 199 22.26 -27.62 -17.28
CA ILE C 199 22.42 -27.50 -18.73
C ILE C 199 21.53 -26.39 -19.27
N TYR C 200 20.29 -26.29 -18.79
CA TYR C 200 19.39 -25.27 -19.30
C TYR C 200 19.78 -23.87 -18.84
N LYS C 201 20.44 -23.74 -17.68
CA LYS C 201 20.98 -22.44 -17.29
C LYS C 201 22.20 -22.08 -18.11
N ALA C 202 22.95 -23.08 -18.58
CA ALA C 202 24.10 -22.80 -19.44
C ALA C 202 23.65 -22.33 -20.82
N LEU C 203 22.67 -23.01 -21.41
CA LEU C 203 22.30 -22.73 -22.80
C LEU C 203 21.63 -21.38 -23.00
N ALA C 204 21.06 -20.78 -21.96
CA ALA C 204 20.21 -19.61 -22.09
C ALA C 204 20.91 -18.30 -21.73
N SER C 205 22.21 -18.18 -22.02
CA SER C 205 22.87 -16.92 -21.67
C SER C 205 23.04 -16.03 -22.90
N PRO C 206 22.87 -14.71 -22.75
CA PRO C 206 22.94 -13.83 -23.93
C PRO C 206 24.26 -13.87 -24.69
N SER C 207 25.40 -13.94 -23.99
CA SER C 207 26.69 -13.92 -24.68
C SER C 207 26.89 -15.16 -25.53
N LEU C 208 26.56 -16.33 -25.00
CA LEU C 208 26.71 -17.57 -25.77
C LEU C 208 25.76 -17.59 -26.95
N ILE C 209 24.57 -17.00 -26.80
CA ILE C 209 23.64 -16.94 -27.93
C ILE C 209 24.15 -15.98 -28.99
N ALA C 210 24.76 -14.88 -28.59
CA ALA C 210 25.22 -13.86 -29.54
C ALA C 210 26.58 -14.17 -30.14
N LEU C 211 27.29 -15.16 -29.62
CA LEU C 211 28.63 -15.45 -30.09
C LEU C 211 28.70 -16.61 -31.08
N SER C 212 27.82 -17.61 -30.96
CA SER C 212 27.95 -18.83 -31.75
C SER C 212 26.67 -19.26 -32.46
N SER C 213 25.70 -18.37 -32.63
CA SER C 213 24.46 -18.70 -33.31
C SER C 213 24.42 -18.07 -34.70
N GLU C 214 23.67 -18.71 -35.60
CA GLU C 214 23.54 -18.19 -36.96
C GLU C 214 22.45 -17.14 -37.08
N ASP C 215 21.39 -17.24 -36.29
CA ASP C 215 20.30 -16.26 -36.32
C ASP C 215 19.91 -15.99 -34.88
N PRO C 216 20.45 -14.93 -34.27
CA PRO C 216 20.24 -14.72 -32.83
C PRO C 216 18.84 -14.27 -32.44
N ILE C 217 17.97 -13.95 -33.40
CA ILE C 217 16.64 -13.46 -33.08
C ILE C 217 15.66 -14.62 -33.08
N LEU C 218 15.85 -15.58 -33.98
CA LEU C 218 14.95 -16.70 -34.11
C LEU C 218 15.29 -17.84 -33.17
N THR C 219 16.40 -17.75 -32.44
CA THR C 219 16.77 -18.75 -31.44
C THR C 219 16.28 -18.39 -30.05
N ALA C 220 15.96 -17.12 -29.80
CA ALA C 220 15.33 -16.71 -28.56
C ALA C 220 13.81 -16.81 -28.62
N PHE C 221 13.23 -17.09 -29.79
CA PHE C 221 11.81 -17.35 -29.88
C PHE C 221 11.48 -18.80 -29.57
N ARG C 222 12.28 -19.73 -30.10
CA ARG C 222 12.02 -21.16 -29.96
C ARG C 222 12.52 -21.73 -28.65
N LEU C 223 13.25 -20.97 -27.85
CA LEU C 223 13.79 -21.46 -26.59
C LEU C 223 13.13 -20.81 -25.38
N GLY C 224 12.48 -19.67 -25.55
CA GLY C 224 11.67 -19.08 -24.51
C GLY C 224 10.23 -19.53 -24.51
N TRP C 225 9.90 -20.49 -25.36
CA TRP C 225 8.56 -21.07 -25.44
C TRP C 225 8.50 -22.48 -24.87
N GLU C 226 9.59 -23.23 -24.90
CA GLU C 226 9.63 -24.57 -24.33
C GLU C 226 10.40 -24.62 -23.02
N LEU C 227 10.74 -23.47 -22.45
CA LEU C 227 11.11 -23.36 -21.05
C LEU C 227 9.93 -23.03 -20.16
N LYS C 228 8.76 -22.79 -20.75
CA LYS C 228 7.53 -22.56 -20.01
C LYS C 228 6.68 -23.83 -19.90
N GLU C 229 6.72 -24.70 -20.92
CA GLU C 229 6.06 -26.00 -20.79
C GLU C 229 6.68 -26.82 -19.68
N LEU C 230 8.00 -26.83 -19.59
CA LEU C 230 8.70 -27.53 -18.52
C LEU C 230 8.34 -26.99 -17.14
N SER C 231 7.72 -25.81 -17.06
CA SER C 231 7.30 -25.24 -15.79
C SER C 231 6.02 -25.87 -15.26
N LYS C 232 5.41 -26.80 -15.99
CA LYS C 232 4.17 -27.42 -15.56
C LYS C 232 4.33 -28.87 -15.10
N VAL C 233 5.26 -29.61 -15.71
CA VAL C 233 5.43 -31.01 -15.32
C VAL C 233 6.37 -31.12 -14.13
N GLU C 234 7.23 -30.13 -13.90
CA GLU C 234 8.17 -30.13 -12.78
C GLU C 234 7.69 -29.11 -11.76
N ASN C 235 6.90 -29.56 -10.79
CA ASN C 235 6.33 -28.67 -9.79
C ASN C 235 7.37 -28.16 -8.80
N GLU C 236 8.53 -28.80 -8.71
CA GLU C 236 9.52 -28.42 -7.70
C GLU C 236 10.28 -27.15 -8.09
N PHE C 237 10.61 -26.99 -9.36
CA PHE C 237 11.46 -25.89 -9.82
C PHE C 237 10.68 -24.93 -10.73
N LYS C 238 9.42 -24.68 -10.37
CA LYS C 238 8.54 -23.85 -11.16
C LYS C 238 9.07 -22.42 -11.25
N ALA C 239 9.33 -21.79 -10.11
CA ALA C 239 9.86 -20.44 -10.08
C ALA C 239 11.14 -20.31 -10.90
N GLU C 240 12.07 -21.25 -10.71
CA GLU C 240 13.33 -21.24 -11.45
C GLU C 240 13.11 -21.25 -12.96
N TYR C 241 12.37 -22.23 -13.47
CA TYR C 241 12.14 -22.30 -14.90
C TYR C 241 11.42 -21.05 -15.39
N GLU C 242 10.45 -20.57 -14.62
CA GLU C 242 9.73 -19.36 -15.00
C GLU C 242 10.68 -18.19 -15.18
N GLU C 243 11.60 -17.99 -14.23
CA GLU C 243 12.48 -16.83 -14.33
C GLU C 243 13.51 -17.01 -15.44
N LEU C 244 13.95 -18.24 -15.71
CA LEU C 244 14.81 -18.44 -16.86
C LEU C 244 14.09 -18.13 -18.17
N SER C 245 12.76 -18.27 -18.19
CA SER C 245 12.00 -17.96 -19.40
C SER C 245 11.90 -16.47 -19.69
N GLN C 246 12.34 -15.60 -18.77
CA GLN C 246 12.24 -14.16 -18.99
C GLN C 246 13.51 -13.54 -19.57
N GLN C 247 14.67 -14.16 -19.36
CA GLN C 247 15.90 -13.62 -19.95
C GLN C 247 15.93 -13.75 -21.45
N CYS C 248 14.96 -14.43 -22.06
CA CYS C 248 14.92 -14.63 -23.50
C CYS C 248 13.94 -13.70 -24.19
N LYS C 249 13.28 -12.81 -23.46
CA LYS C 249 12.33 -11.87 -24.04
C LYS C 249 12.82 -10.44 -24.07
N LEU C 250 13.80 -10.08 -23.23
CA LEU C 250 14.38 -8.74 -23.28
C LEU C 250 15.51 -8.65 -24.30
N PHE C 251 16.21 -9.77 -24.53
CA PHE C 251 17.34 -9.80 -25.44
C PHE C 251 16.93 -9.32 -26.83
N ALA C 252 15.87 -9.89 -27.39
CA ALA C 252 15.45 -9.53 -28.74
C ALA C 252 14.96 -8.08 -28.80
N LYS C 253 14.27 -7.62 -27.76
CA LYS C 253 13.78 -6.25 -27.73
C LYS C 253 14.94 -5.24 -27.79
N ASP C 254 15.98 -5.48 -26.98
CA ASP C 254 17.12 -4.58 -26.99
C ASP C 254 17.87 -4.65 -28.33
N LEU C 255 18.16 -5.87 -28.79
CA LEU C 255 18.82 -6.03 -30.07
C LEU C 255 18.06 -5.33 -31.19
N LEU C 256 16.73 -5.21 -31.06
CA LEU C 256 15.97 -4.48 -32.06
C LEU C 256 16.08 -2.97 -31.86
N ASP C 257 15.95 -2.49 -30.63
CA ASP C 257 15.96 -1.03 -30.44
C ASP C 257 17.37 -0.44 -30.48
N GLN C 258 18.37 -1.22 -30.87
CA GLN C 258 19.69 -0.67 -31.18
C GLN C 258 19.85 -0.26 -32.65
N ALA C 259 18.77 0.16 -33.32
CA ALA C 259 18.82 0.52 -34.73
C ALA C 259 18.89 2.03 -34.92
N ARG C 260 19.48 2.45 -36.05
CA ARG C 260 19.80 3.86 -36.27
C ARG C 260 19.24 4.42 -37.58
N SER C 261 18.35 3.70 -38.25
CA SER C 261 17.84 4.16 -39.54
C SER C 261 16.60 3.34 -39.90
N SER C 262 16.04 3.62 -41.08
CA SER C 262 14.82 2.99 -41.55
C SER C 262 15.06 1.83 -42.50
N ARG C 263 16.08 1.93 -43.35
CA ARG C 263 16.42 0.83 -44.24
C ARG C 263 16.75 -0.43 -43.44
N GLU C 264 17.36 -0.27 -42.26
CA GLU C 264 17.67 -1.42 -41.43
C GLU C 264 16.41 -2.10 -40.90
N LEU C 265 15.43 -1.32 -40.44
CA LEU C 265 14.16 -1.91 -40.03
C LEU C 265 13.48 -2.63 -41.19
N GLU C 266 13.48 -2.01 -42.37
CA GLU C 266 12.84 -2.65 -43.51
C GLU C 266 13.54 -3.93 -43.91
N ILE C 267 14.86 -3.99 -43.74
CA ILE C 267 15.58 -5.23 -44.05
C ILE C 267 15.28 -6.30 -43.01
N ILE C 268 15.23 -5.93 -41.73
CA ILE C 268 15.06 -6.92 -40.67
C ILE C 268 13.65 -7.51 -40.72
N LEU C 269 12.62 -6.66 -40.71
CA LEU C 269 11.27 -7.18 -40.55
C LEU C 269 10.75 -7.92 -41.78
N ASN C 270 11.51 -8.04 -42.86
CA ASN C 270 11.04 -8.69 -44.08
C ASN C 270 11.97 -9.84 -44.49
N HIS C 271 12.52 -10.56 -43.53
CA HIS C 271 13.43 -11.67 -43.81
C HIS C 271 12.67 -12.98 -43.76
N ARG C 272 12.77 -13.76 -44.84
CA ARG C 272 12.11 -15.05 -44.95
C ARG C 272 13.15 -16.10 -45.31
N ASP C 273 13.33 -17.08 -44.43
CA ASP C 273 14.30 -18.15 -44.64
C ASP C 273 13.65 -19.32 -45.35
N ASP C 274 14.29 -19.79 -46.42
CA ASP C 274 13.79 -20.90 -47.22
C ASP C 274 12.38 -20.63 -47.75
N TYR C 284 7.24 -12.72 -50.22
CA TYR C 284 7.87 -11.73 -51.09
C TYR C 284 8.30 -10.49 -50.30
N HIS C 285 7.40 -9.51 -50.22
CA HIS C 285 7.68 -8.25 -49.53
C HIS C 285 6.66 -7.95 -48.44
N ASP C 286 5.88 -8.94 -48.01
CA ASP C 286 5.02 -8.75 -46.86
C ASP C 286 5.83 -8.92 -45.57
N LEU C 287 5.23 -8.52 -44.45
CA LEU C 287 5.93 -8.57 -43.16
C LEU C 287 6.03 -10.02 -42.73
N ALA C 288 7.00 -10.72 -43.29
CA ALA C 288 7.16 -12.16 -43.10
C ALA C 288 7.87 -12.52 -41.82
N LYS C 289 8.19 -11.56 -40.97
CA LYS C 289 8.78 -11.84 -39.66
C LYS C 289 8.03 -11.18 -38.52
N LEU C 290 7.05 -10.33 -38.80
CA LEU C 290 6.16 -9.80 -37.78
C LEU C 290 4.95 -10.70 -37.56
N LYS C 291 4.75 -11.69 -38.42
CA LYS C 291 3.69 -12.68 -38.23
C LYS C 291 4.13 -13.86 -37.38
N VAL C 292 5.44 -14.14 -37.33
CA VAL C 292 5.95 -15.22 -36.50
C VAL C 292 6.01 -14.81 -35.03
N ALA C 293 6.14 -13.52 -34.74
CA ALA C 293 6.17 -13.06 -33.36
C ALA C 293 4.79 -12.98 -32.73
N ILE C 294 3.72 -13.13 -33.51
CA ILE C 294 2.38 -13.12 -32.96
C ILE C 294 1.90 -14.52 -32.62
N LYS C 295 2.38 -15.55 -33.33
CA LYS C 295 2.05 -16.93 -33.01
C LYS C 295 2.93 -17.51 -31.91
N TYR C 296 3.74 -16.68 -31.26
CA TYR C 296 4.52 -17.08 -30.10
C TYR C 296 4.20 -16.24 -28.87
N HIS C 297 3.31 -15.25 -29.01
CA HIS C 297 2.87 -14.39 -27.91
C HIS C 297 4.03 -13.61 -27.31
N GLN C 298 4.67 -12.81 -28.15
CA GLN C 298 5.73 -11.90 -27.74
C GLN C 298 5.13 -10.50 -27.69
N LYS C 299 4.78 -10.04 -26.48
CA LYS C 299 4.04 -8.81 -26.32
C LYS C 299 4.93 -7.57 -26.19
N GLU C 300 6.24 -7.75 -26.06
CA GLU C 300 7.15 -6.62 -25.99
C GLU C 300 7.86 -6.34 -27.31
N PHE C 301 7.81 -7.26 -28.26
CA PHE C 301 8.44 -7.10 -29.56
C PHE C 301 7.54 -6.41 -30.57
N VAL C 302 6.23 -6.34 -30.31
CA VAL C 302 5.28 -5.75 -31.25
C VAL C 302 4.57 -4.54 -30.63
N ALA C 303 5.09 -4.02 -29.52
CA ALA C 303 4.53 -2.87 -28.83
C ALA C 303 5.59 -1.82 -28.57
N GLN C 304 6.38 -1.53 -29.60
CA GLN C 304 7.51 -0.62 -29.56
C GLN C 304 7.28 0.58 -30.48
N PRO C 305 7.80 1.76 -30.11
CA PRO C 305 7.59 2.96 -30.95
C PRO C 305 7.85 2.79 -32.44
N ASN C 306 8.97 2.19 -32.83
CA ASN C 306 9.30 2.11 -34.25
C ASN C 306 8.37 1.15 -34.98
N CYS C 307 8.06 0.00 -34.37
CA CYS C 307 7.14 -0.94 -35.00
C CYS C 307 5.73 -0.39 -35.05
N GLN C 308 5.35 0.43 -34.08
CA GLN C 308 4.03 1.04 -34.05
C GLN C 308 3.97 2.34 -34.83
N GLN C 309 5.09 2.80 -35.37
CA GLN C 309 5.11 3.94 -36.27
C GLN C 309 5.27 3.54 -37.73
N LEU C 310 5.85 2.38 -38.00
CA LEU C 310 5.88 1.90 -39.38
C LEU C 310 4.50 1.48 -39.86
N LEU C 311 3.63 1.06 -38.94
CA LEU C 311 2.30 0.56 -39.31
C LEU C 311 1.31 1.69 -39.52
N ALA C 312 1.35 2.71 -38.66
CA ALA C 312 0.41 3.83 -38.76
C ALA C 312 0.57 4.58 -40.07
N THR C 313 1.67 4.41 -40.79
CA THR C 313 1.86 5.00 -42.11
C THR C 313 1.31 4.08 -43.20
N LEU C 314 0.69 2.99 -42.82
CA LEU C 314 -0.03 2.13 -43.75
C LEU C 314 -1.51 1.96 -43.40
N TRP C 315 -1.90 2.18 -42.14
CA TRP C 315 -3.31 2.15 -41.78
C TRP C 315 -4.02 3.45 -42.13
N TYR C 316 -3.29 4.51 -42.45
CA TYR C 316 -3.87 5.81 -42.80
C TYR C 316 -3.42 6.20 -44.20
N ASP C 317 -3.55 5.28 -45.14
CA ASP C 317 -3.14 5.53 -46.51
C ASP C 317 -4.28 6.23 -47.25
N GLY C 318 -3.95 7.34 -47.91
CA GLY C 318 -4.94 8.17 -48.56
C GLY C 318 -5.38 9.38 -47.78
N PHE C 319 -4.95 9.49 -46.52
CA PHE C 319 -5.25 10.65 -45.67
C PHE C 319 -3.91 11.22 -45.26
N PRO C 320 -3.27 12.04 -46.11
CA PRO C 320 -1.88 12.42 -45.86
C PRO C 320 -1.66 13.14 -44.55
N GLY C 321 -2.67 13.80 -44.00
CA GLY C 321 -2.51 14.49 -42.73
C GLY C 321 -3.64 14.24 -41.76
N TRP C 322 -3.31 13.75 -40.56
CA TRP C 322 -4.27 13.60 -39.49
C TRP C 322 -4.08 14.65 -38.39
N ARG C 323 -3.44 15.77 -38.73
CA ARG C 323 -3.24 16.87 -37.79
C ARG C 323 -4.33 17.93 -38.03
N ARG C 324 -5.53 17.57 -37.58
CA ARG C 324 -6.72 18.40 -37.80
C ARG C 324 -7.41 18.63 -36.46
N LYS C 325 -8.43 19.49 -36.50
CA LYS C 325 -9.21 19.78 -35.29
C LYS C 325 -9.83 18.49 -34.75
N HIS C 326 -9.64 18.26 -33.45
CA HIS C 326 -9.89 16.94 -32.88
C HIS C 326 -11.37 16.59 -32.89
N TRP C 327 -12.25 17.56 -32.69
CA TRP C 327 -13.64 17.28 -32.39
C TRP C 327 -14.62 17.67 -33.48
N VAL C 328 -14.18 18.29 -34.57
CA VAL C 328 -15.13 18.74 -35.58
C VAL C 328 -14.83 18.18 -36.97
N VAL C 329 -13.67 18.51 -37.53
CA VAL C 329 -13.42 18.19 -38.94
C VAL C 329 -13.19 16.70 -39.14
N LYS C 330 -12.32 16.10 -38.33
CA LYS C 330 -12.10 14.66 -38.42
C LYS C 330 -13.32 13.88 -37.93
N LEU C 331 -14.19 14.52 -37.14
CA LEU C 331 -15.44 13.89 -36.75
C LEU C 331 -16.45 13.91 -37.89
N LEU C 332 -16.42 14.93 -38.73
CA LEU C 332 -17.39 15.07 -39.81
C LEU C 332 -16.99 14.33 -41.07
N THR C 333 -15.70 14.25 -41.37
CA THR C 333 -15.28 13.59 -42.60
C THR C 333 -15.67 12.11 -42.61
N CYS C 334 -15.67 11.47 -41.44
CA CYS C 334 -16.03 10.05 -41.39
C CYS C 334 -17.53 9.85 -41.57
N MET C 335 -18.34 10.68 -40.92
CA MET C 335 -19.78 10.66 -41.18
C MET C 335 -20.07 10.91 -42.65
N THR C 336 -19.29 11.78 -43.29
CA THR C 336 -19.47 12.02 -44.72
C THR C 336 -19.15 10.76 -45.53
N ILE C 337 -18.06 10.08 -45.19
CA ILE C 337 -17.69 8.87 -45.93
C ILE C 337 -18.70 7.74 -45.68
N GLY C 338 -19.36 7.75 -44.51
CA GLY C 338 -20.19 6.63 -44.13
C GLY C 338 -21.32 6.35 -45.11
N PHE C 339 -22.01 7.41 -45.54
CA PHE C 339 -23.21 7.24 -46.37
C PHE C 339 -22.91 6.65 -47.74
N LEU C 340 -21.66 6.71 -48.20
CA LEU C 340 -21.33 6.34 -49.57
C LEU C 340 -21.05 4.86 -49.77
N PHE C 341 -21.30 4.02 -48.76
CA PHE C 341 -20.92 2.62 -48.89
C PHE C 341 -21.70 1.86 -49.97
N PRO C 342 -22.99 2.11 -50.22
CA PRO C 342 -23.65 1.35 -51.31
C PRO C 342 -23.09 1.68 -52.69
N MET C 343 -22.91 2.97 -52.99
CA MET C 343 -22.37 3.34 -54.29
C MET C 343 -20.92 2.88 -54.43
N LEU C 344 -20.14 2.96 -53.35
CA LEU C 344 -18.77 2.44 -53.41
C LEU C 344 -18.77 0.94 -53.70
N SER C 345 -19.64 0.18 -53.04
CA SER C 345 -19.71 -1.25 -53.25
C SER C 345 -20.09 -1.58 -54.69
N ILE C 346 -21.13 -0.93 -55.21
CA ILE C 346 -21.55 -1.26 -56.58
C ILE C 346 -20.52 -0.80 -57.59
N ALA C 347 -19.81 0.31 -57.32
CA ALA C 347 -18.76 0.75 -58.22
C ALA C 347 -17.63 -0.26 -58.27
N TYR C 348 -17.22 -0.78 -57.11
CA TYR C 348 -16.22 -1.85 -57.10
C TYR C 348 -16.74 -3.09 -57.81
N LEU C 349 -18.05 -3.34 -57.71
CA LEU C 349 -18.62 -4.54 -58.32
C LEU C 349 -18.61 -4.46 -59.84
N ILE C 350 -18.94 -3.29 -60.41
CA ILE C 350 -19.07 -3.19 -61.86
C ILE C 350 -17.71 -3.06 -62.53
N SER C 351 -16.80 -2.31 -61.92
CA SER C 351 -15.48 -2.10 -62.51
C SER C 351 -14.43 -1.97 -61.41
N PRO C 352 -13.51 -2.93 -61.31
CA PRO C 352 -12.50 -2.89 -60.24
C PRO C 352 -11.18 -2.23 -60.59
N ARG C 353 -11.04 -1.66 -61.79
CA ARG C 353 -9.79 -1.02 -62.19
C ARG C 353 -9.98 0.43 -62.62
N SER C 354 -11.12 1.04 -62.32
CA SER C 354 -11.33 2.44 -62.65
C SER C 354 -10.71 3.34 -61.58
N ASN C 355 -10.96 4.64 -61.69
CA ASN C 355 -10.49 5.58 -60.68
C ASN C 355 -11.46 5.74 -59.53
N LEU C 356 -12.71 5.29 -59.68
CA LEU C 356 -13.62 5.20 -58.54
C LEU C 356 -13.46 3.87 -57.82
N GLY C 357 -13.31 2.79 -58.58
CA GLY C 357 -12.78 1.57 -58.02
C GLY C 357 -11.34 1.76 -57.58
N LEU C 358 -10.82 0.75 -56.89
CA LEU C 358 -9.48 0.75 -56.30
C LEU C 358 -9.38 1.75 -55.14
N PHE C 359 -10.44 2.53 -54.89
CA PHE C 359 -10.49 3.46 -53.78
C PHE C 359 -11.10 2.84 -52.53
N ILE C 360 -11.62 1.62 -52.62
CA ILE C 360 -12.12 0.91 -51.45
C ILE C 360 -11.07 -0.03 -50.87
N LYS C 361 -10.00 -0.33 -51.60
CA LYS C 361 -8.97 -1.25 -51.12
C LYS C 361 -7.93 -0.51 -50.28
N LYS C 362 -8.42 0.09 -49.20
CA LYS C 362 -7.58 0.81 -48.26
C LYS C 362 -8.01 0.37 -46.87
N PRO C 363 -7.05 0.08 -45.97
CA PRO C 363 -7.42 -0.51 -44.67
C PRO C 363 -8.42 0.30 -43.86
N PHE C 364 -8.58 1.58 -44.12
CA PHE C 364 -9.50 2.40 -43.33
C PHE C 364 -10.91 2.41 -43.91
N ILE C 365 -11.02 2.49 -45.24
CA ILE C 365 -12.33 2.57 -45.88
C ILE C 365 -13.11 1.28 -45.67
N LYS C 366 -12.43 0.13 -45.74
CA LYS C 366 -13.11 -1.14 -45.52
C LYS C 366 -13.67 -1.21 -44.11
N PHE C 367 -12.88 -0.80 -43.11
CA PHE C 367 -13.37 -0.77 -41.74
C PHE C 367 -14.59 0.14 -41.61
N ILE C 368 -14.54 1.33 -42.21
CA ILE C 368 -15.66 2.26 -42.10
C ILE C 368 -16.92 1.66 -42.72
N CYS C 369 -16.78 1.08 -43.92
CA CYS C 369 -17.95 0.51 -44.59
C CYS C 369 -18.53 -0.66 -43.81
N HIS C 370 -17.68 -1.54 -43.27
CA HIS C 370 -18.20 -2.68 -42.54
C HIS C 370 -18.85 -2.26 -41.23
N THR C 371 -18.31 -1.23 -40.57
CA THR C 371 -18.95 -0.74 -39.36
C THR C 371 -20.28 -0.04 -39.68
N ALA C 372 -20.38 0.61 -40.83
CA ALA C 372 -21.62 1.29 -41.18
C ALA C 372 -22.69 0.34 -41.66
N SER C 373 -22.32 -0.80 -42.25
CA SER C 373 -23.30 -1.77 -42.71
C SER C 373 -24.03 -2.48 -41.57
N TYR C 374 -23.66 -2.23 -40.32
CA TYR C 374 -24.24 -2.91 -39.17
C TYR C 374 -25.28 -2.08 -38.44
N LEU C 375 -25.09 -0.77 -38.36
CA LEU C 375 -26.05 0.08 -37.68
C LEU C 375 -27.38 0.13 -38.42
N THR C 376 -27.37 -0.02 -39.74
CA THR C 376 -28.61 -0.07 -40.50
C THR C 376 -29.41 -1.32 -40.13
N PHE C 377 -28.74 -2.46 -40.05
CA PHE C 377 -29.41 -3.69 -39.60
C PHE C 377 -29.94 -3.53 -38.18
N LEU C 378 -29.13 -2.96 -37.29
CA LEU C 378 -29.57 -2.77 -35.91
C LEU C 378 -30.63 -1.69 -35.75
N PHE C 379 -30.88 -0.89 -36.78
CA PHE C 379 -31.94 0.11 -36.75
C PHE C 379 -33.18 -0.33 -37.51
N MET C 380 -33.06 -1.32 -38.40
CA MET C 380 -34.20 -1.89 -39.10
C MET C 380 -34.87 -2.98 -38.29
N LEU C 381 -34.53 -3.12 -37.02
CA LEU C 381 -35.17 -4.05 -36.10
C LEU C 381 -36.09 -3.37 -35.10
N LEU C 382 -35.77 -2.15 -34.68
CA LEU C 382 -36.65 -1.40 -33.80
C LEU C 382 -37.99 -1.09 -34.45
N LEU C 383 -38.05 -1.10 -35.79
CA LEU C 383 -39.34 -0.91 -36.47
C LEU C 383 -40.21 -2.14 -36.35
N ALA C 384 -39.61 -3.33 -36.26
CA ALA C 384 -40.38 -4.56 -36.13
C ALA C 384 -40.84 -4.82 -34.70
N SER C 385 -40.19 -4.20 -33.71
CA SER C 385 -40.61 -4.38 -32.33
C SER C 385 -41.90 -3.62 -32.05
N GLN C 386 -41.89 -2.30 -32.23
CA GLN C 386 -43.07 -1.47 -32.13
C GLN C 386 -43.63 -1.25 -33.53
N HIS C 387 -44.85 -1.72 -33.78
CA HIS C 387 -45.41 -1.67 -35.11
C HIS C 387 -45.62 -0.24 -35.56
N ILE C 388 -45.07 0.10 -36.73
CA ILE C 388 -45.37 1.38 -37.35
C ILE C 388 -46.79 1.36 -37.92
N VAL C 389 -47.10 0.36 -38.74
CA VAL C 389 -48.44 0.08 -39.24
C VAL C 389 -48.52 -1.41 -39.54
N ARG C 390 -49.58 -2.06 -39.06
CA ARG C 390 -49.74 -3.50 -39.23
C ARG C 390 -51.23 -3.82 -39.28
N THR C 391 -51.54 -5.11 -39.22
CA THR C 391 -52.92 -5.60 -39.18
C THR C 391 -53.22 -6.18 -37.80
N ASP C 392 -54.51 -6.35 -37.52
CA ASP C 392 -54.92 -6.90 -36.24
C ASP C 392 -54.49 -8.36 -36.12
N LEU C 393 -54.51 -8.84 -34.89
CA LEU C 393 -53.86 -10.11 -34.51
C LEU C 393 -54.91 -11.11 -34.05
N HIS C 394 -55.50 -11.83 -35.01
CA HIS C 394 -56.38 -12.94 -34.68
C HIS C 394 -56.18 -14.17 -35.56
N VAL C 395 -55.41 -14.07 -36.64
CA VAL C 395 -55.18 -15.22 -37.52
C VAL C 395 -54.08 -16.09 -36.94
N GLN C 396 -54.16 -17.40 -37.20
CA GLN C 396 -53.12 -18.32 -36.76
C GLN C 396 -51.77 -17.95 -37.36
N GLY C 397 -51.68 -17.94 -38.68
CA GLY C 397 -50.47 -17.58 -39.35
C GLY C 397 -50.70 -16.59 -40.49
N PRO C 398 -50.15 -15.38 -40.35
CA PRO C 398 -50.29 -14.38 -41.40
C PRO C 398 -49.10 -14.43 -42.35
N PRO C 399 -49.23 -13.85 -43.54
CA PRO C 399 -48.08 -13.74 -44.43
C PRO C 399 -47.06 -12.77 -43.89
N PRO C 400 -45.80 -12.88 -44.30
CA PRO C 400 -44.78 -11.94 -43.82
C PRO C 400 -45.04 -10.54 -44.35
N THR C 401 -44.77 -9.55 -43.51
CA THR C 401 -44.97 -8.15 -43.88
C THR C 401 -43.72 -7.61 -44.56
N VAL C 402 -43.83 -6.36 -45.04
CA VAL C 402 -42.78 -5.77 -45.87
C VAL C 402 -41.48 -5.67 -45.11
N VAL C 403 -41.54 -5.33 -43.82
CA VAL C 403 -40.31 -5.15 -43.04
C VAL C 403 -39.54 -6.47 -42.94
N GLU C 404 -40.25 -7.60 -42.89
CA GLU C 404 -39.57 -8.89 -42.78
C GLU C 404 -39.00 -9.37 -44.11
N TRP C 405 -39.57 -8.92 -45.24
CA TRP C 405 -39.11 -9.40 -46.54
C TRP C 405 -37.68 -9.00 -46.83
N MET C 406 -37.19 -7.92 -46.21
CA MET C 406 -35.88 -7.37 -46.53
C MET C 406 -34.80 -7.71 -45.51
N ILE C 407 -35.10 -8.56 -44.53
CA ILE C 407 -34.10 -8.91 -43.52
C ILE C 407 -33.35 -10.20 -43.87
N LEU C 408 -33.97 -11.10 -44.65
CA LEU C 408 -33.31 -12.34 -45.02
C LEU C 408 -31.97 -12.16 -45.74
N PRO C 409 -31.77 -11.16 -46.60
CA PRO C 409 -30.44 -10.99 -47.22
C PRO C 409 -29.31 -10.84 -46.22
N TRP C 410 -29.50 -10.04 -45.17
CA TRP C 410 -28.45 -9.90 -44.15
C TRP C 410 -28.11 -11.23 -43.51
N VAL C 411 -29.13 -12.03 -43.17
CA VAL C 411 -28.88 -13.31 -42.50
C VAL C 411 -28.14 -14.26 -43.44
N LEU C 412 -28.57 -14.32 -44.70
CA LEU C 412 -27.90 -15.19 -45.67
C LEU C 412 -26.45 -14.76 -45.87
N GLY C 413 -26.21 -13.45 -45.93
CA GLY C 413 -24.84 -12.97 -46.08
C GLY C 413 -23.98 -13.30 -44.87
N PHE C 414 -24.53 -13.16 -43.67
CA PHE C 414 -23.78 -13.52 -42.46
C PHE C 414 -23.42 -15.01 -42.46
N ILE C 415 -24.39 -15.86 -42.81
CA ILE C 415 -24.12 -17.30 -42.84
C ILE C 415 -23.06 -17.64 -43.88
N TRP C 416 -23.15 -17.02 -45.07
CA TRP C 416 -22.17 -17.29 -46.11
C TRP C 416 -20.78 -16.82 -45.70
N GLY C 417 -20.69 -15.65 -45.07
CA GLY C 417 -19.41 -15.18 -44.58
C GLY C 417 -18.81 -16.11 -43.54
N GLU C 418 -19.65 -16.57 -42.61
CA GLU C 418 -19.17 -17.49 -41.57
C GLU C 418 -18.66 -18.80 -42.18
N ILE C 419 -19.42 -19.35 -43.13
CA ILE C 419 -19.00 -20.64 -43.71
C ILE C 419 -17.76 -20.45 -44.59
N LYS C 420 -17.60 -19.28 -45.22
CA LYS C 420 -16.43 -19.05 -46.05
C LYS C 420 -15.18 -18.83 -45.21
N GLU C 421 -15.32 -18.14 -44.06
CA GLU C 421 -14.16 -17.87 -43.22
C GLU C 421 -13.54 -19.15 -42.69
N MET C 422 -14.34 -20.21 -42.53
CA MET C 422 -13.82 -21.48 -42.03
C MET C 422 -13.03 -22.25 -43.09
N TRP C 423 -13.02 -21.79 -44.34
CA TRP C 423 -12.36 -22.53 -45.42
C TRP C 423 -10.88 -22.17 -45.53
N ASP C 424 -10.59 -20.89 -45.75
CA ASP C 424 -9.20 -20.43 -45.87
C ASP C 424 -8.60 -20.09 -44.51
N GLY C 425 -8.70 -21.05 -43.58
CA GLY C 425 -8.20 -20.88 -42.23
C GLY C 425 -8.25 -22.15 -41.43
N GLY C 426 -7.40 -22.25 -40.41
CA GLY C 426 -7.35 -23.46 -39.61
C GLY C 426 -8.60 -23.62 -38.77
N PHE C 427 -9.19 -24.83 -38.82
CA PHE C 427 -10.33 -25.12 -37.97
C PHE C 427 -9.97 -25.01 -36.50
N THR C 428 -8.77 -25.48 -36.14
CA THR C 428 -8.28 -25.28 -34.77
C THR C 428 -8.14 -23.80 -34.45
N GLU C 429 -7.63 -23.02 -35.41
CA GLU C 429 -7.56 -21.58 -35.21
C GLU C 429 -8.95 -20.96 -35.08
N TYR C 430 -9.93 -21.52 -35.77
CA TYR C 430 -11.29 -21.00 -35.70
C TYR C 430 -11.90 -21.25 -34.32
N ILE C 431 -11.77 -22.47 -33.81
CA ILE C 431 -12.45 -22.85 -32.57
C ILE C 431 -11.78 -22.21 -31.36
N HIS C 432 -10.67 -21.49 -31.59
CA HIS C 432 -9.93 -20.87 -30.52
C HIS C 432 -10.35 -19.43 -30.22
N ASP C 433 -11.35 -18.91 -30.92
CA ASP C 433 -11.88 -17.59 -30.64
C ASP C 433 -13.22 -17.72 -29.93
N TRP C 434 -13.41 -16.92 -28.89
CA TRP C 434 -14.57 -17.05 -28.00
C TRP C 434 -15.78 -16.25 -28.48
N TRP C 435 -15.65 -15.46 -29.53
CA TRP C 435 -16.80 -14.76 -30.10
C TRP C 435 -17.55 -15.59 -31.12
N ASN C 436 -17.05 -16.78 -31.47
CA ASN C 436 -17.68 -17.59 -32.51
C ASN C 436 -18.93 -18.30 -32.00
N LEU C 437 -18.93 -18.72 -30.73
CA LEU C 437 -20.11 -19.39 -30.18
C LEU C 437 -21.31 -18.46 -30.13
N MET C 438 -21.08 -17.16 -29.91
CA MET C 438 -22.16 -16.19 -29.96
C MET C 438 -22.81 -16.16 -31.34
N ASP C 439 -21.98 -16.09 -32.38
CA ASP C 439 -22.50 -16.09 -33.75
C ASP C 439 -23.22 -17.40 -34.06
N PHE C 440 -22.70 -18.52 -33.55
CA PHE C 440 -23.34 -19.81 -33.77
C PHE C 440 -24.74 -19.83 -33.16
N ALA C 441 -24.85 -19.41 -31.89
CA ALA C 441 -26.16 -19.39 -31.23
C ALA C 441 -27.12 -18.43 -31.94
N MET C 442 -26.63 -17.24 -32.32
CA MET C 442 -27.48 -16.29 -33.02
C MET C 442 -28.00 -16.87 -34.33
N ASN C 443 -27.13 -17.52 -35.09
CA ASN C 443 -27.56 -18.08 -36.37
C ASN C 443 -28.54 -19.21 -36.18
N SER C 444 -28.34 -20.05 -35.17
CA SER C 444 -29.28 -21.14 -34.91
C SER C 444 -30.66 -20.60 -34.54
N LEU C 445 -30.71 -19.62 -33.63
CA LEU C 445 -31.99 -19.05 -33.21
C LEU C 445 -32.65 -18.26 -34.34
N TYR C 446 -31.87 -17.72 -35.28
CA TYR C 446 -32.47 -17.08 -36.44
C TYR C 446 -32.98 -18.10 -37.44
N LEU C 447 -32.34 -19.25 -37.54
CA LEU C 447 -32.74 -20.26 -38.52
C LEU C 447 -33.98 -21.03 -38.09
N ALA C 448 -34.17 -21.25 -36.79
CA ALA C 448 -35.36 -21.99 -36.35
C ALA C 448 -36.66 -21.27 -36.69
N THR C 449 -36.64 -19.94 -36.70
CA THR C 449 -37.87 -19.17 -36.84
C THR C 449 -38.54 -19.40 -38.18
N ILE C 450 -37.77 -19.58 -39.25
CA ILE C 450 -38.36 -19.75 -40.58
C ILE C 450 -39.22 -21.01 -40.62
N SER C 451 -38.66 -22.13 -40.19
CA SER C 451 -39.43 -23.37 -40.18
C SER C 451 -40.62 -23.27 -39.23
N LEU C 452 -40.41 -22.68 -38.05
CA LEU C 452 -41.52 -22.58 -37.10
C LEU C 452 -42.63 -21.69 -37.62
N LYS C 453 -42.31 -20.75 -38.53
CA LYS C 453 -43.32 -19.87 -39.08
C LYS C 453 -43.97 -20.41 -40.35
N ILE C 454 -43.31 -21.33 -41.06
CA ILE C 454 -43.91 -21.90 -42.26
C ILE C 454 -44.78 -23.09 -41.90
N VAL C 455 -44.42 -23.82 -40.83
CA VAL C 455 -45.25 -24.94 -40.41
C VAL C 455 -46.65 -24.46 -40.04
N ALA C 456 -46.74 -23.36 -39.30
CA ALA C 456 -48.04 -22.85 -38.90
C ALA C 456 -48.79 -22.23 -40.08
N TYR C 457 -48.07 -21.73 -41.09
CA TYR C 457 -48.73 -21.17 -42.26
C TYR C 457 -49.31 -22.25 -43.14
N VAL C 458 -48.68 -23.44 -43.16
CA VAL C 458 -49.17 -24.50 -44.02
C VAL C 458 -50.20 -25.38 -43.30
N LYS C 459 -50.05 -25.60 -41.99
CA LYS C 459 -50.97 -26.48 -41.28
C LYS C 459 -52.31 -25.79 -41.01
N TYR C 460 -52.28 -24.65 -40.31
CA TYR C 460 -53.48 -24.03 -39.80
C TYR C 460 -54.15 -23.15 -40.86
N ASN C 461 -55.37 -22.72 -40.53
CA ASN C 461 -56.19 -21.87 -41.39
C ASN C 461 -57.36 -21.36 -40.58
N GLY C 462 -57.82 -20.16 -40.92
CA GLY C 462 -58.95 -19.55 -40.25
C GLY C 462 -58.54 -18.51 -39.23
N SER C 463 -59.48 -18.20 -38.34
CA SER C 463 -59.26 -17.20 -37.31
C SER C 463 -60.06 -17.57 -36.07
N ARG C 464 -59.50 -17.25 -34.90
CA ARG C 464 -60.16 -17.47 -33.63
C ARG C 464 -59.54 -16.53 -32.61
N PRO C 465 -60.29 -16.14 -31.57
CA PRO C 465 -59.75 -15.21 -30.58
C PRO C 465 -58.49 -15.74 -29.90
N ARG C 466 -57.73 -14.82 -29.31
CA ARG C 466 -56.44 -15.15 -28.72
C ARG C 466 -56.56 -15.77 -27.34
N GLU C 467 -57.71 -15.62 -26.68
CA GLU C 467 -57.87 -16.11 -25.31
C GLU C 467 -58.19 -17.60 -25.24
N GLU C 468 -58.20 -18.31 -26.37
CA GLU C 468 -58.53 -19.72 -26.37
C GLU C 468 -57.42 -20.60 -26.96
N TRP C 469 -56.26 -20.05 -27.30
CA TRP C 469 -55.19 -20.84 -27.85
C TRP C 469 -54.58 -21.75 -26.78
N GLU C 470 -53.72 -22.66 -27.22
CA GLU C 470 -53.07 -23.61 -26.33
C GLU C 470 -51.74 -23.06 -25.85
N MET C 471 -51.20 -23.63 -24.80
CA MET C 471 -49.94 -23.18 -24.29
C MET C 471 -48.76 -23.56 -25.21
N TRP C 472 -48.94 -24.54 -26.09
CA TRP C 472 -47.86 -24.98 -26.97
C TRP C 472 -48.23 -24.78 -28.42
N HIS C 473 -48.74 -23.61 -28.76
CA HIS C 473 -49.12 -23.31 -30.13
C HIS C 473 -47.91 -22.80 -30.91
N PRO C 474 -47.74 -23.25 -32.16
CA PRO C 474 -46.54 -22.87 -32.92
C PRO C 474 -46.34 -21.37 -33.05
N THR C 475 -47.42 -20.58 -33.18
CA THR C 475 -47.28 -19.14 -33.33
C THR C 475 -46.80 -18.48 -32.05
N LEU C 476 -46.97 -19.13 -30.90
CA LEU C 476 -46.53 -18.54 -29.63
C LEU C 476 -45.07 -18.88 -29.33
N ILE C 477 -44.62 -20.08 -29.69
CA ILE C 477 -43.23 -20.45 -29.47
C ILE C 477 -42.30 -19.83 -30.49
N ALA C 478 -42.84 -19.31 -31.60
CA ALA C 478 -42.04 -18.67 -32.63
C ALA C 478 -41.86 -17.18 -32.40
N GLU C 479 -42.34 -16.65 -31.27
CA GLU C 479 -42.14 -15.25 -30.92
C GLU C 479 -41.24 -15.05 -29.71
N ALA C 480 -41.00 -16.09 -28.91
CA ALA C 480 -40.07 -15.96 -27.79
C ALA C 480 -38.63 -15.96 -28.26
N LEU C 481 -38.29 -16.85 -29.19
CA LEU C 481 -36.92 -16.92 -29.70
C LEU C 481 -36.54 -15.64 -30.44
N PHE C 482 -37.48 -15.07 -31.20
CA PHE C 482 -37.20 -13.83 -31.91
C PHE C 482 -36.96 -12.68 -30.93
N ALA C 483 -37.58 -12.73 -29.76
CA ALA C 483 -37.31 -11.71 -28.74
C ALA C 483 -35.97 -11.95 -28.07
N ILE C 484 -35.63 -13.21 -27.78
CA ILE C 484 -34.37 -13.51 -27.12
C ILE C 484 -33.19 -13.16 -28.01
N SER C 485 -33.33 -13.36 -29.32
CA SER C 485 -32.19 -13.19 -30.21
C SER C 485 -31.72 -11.74 -30.29
N ASN C 486 -32.63 -10.78 -30.10
CA ASN C 486 -32.24 -9.37 -30.22
C ASN C 486 -31.24 -8.99 -29.14
N ILE C 487 -31.33 -9.60 -27.96
CA ILE C 487 -30.40 -9.27 -26.88
C ILE C 487 -29.00 -9.75 -27.24
N LEU C 488 -28.87 -11.00 -27.67
CA LEU C 488 -27.57 -11.50 -28.08
C LEU C 488 -27.06 -10.86 -29.37
N SER C 489 -27.94 -10.18 -30.11
CA SER C 489 -27.50 -9.45 -31.30
C SER C 489 -27.17 -7.99 -31.04
N SER C 490 -27.57 -7.44 -29.89
CA SER C 490 -27.28 -6.06 -29.58
C SER C 490 -26.09 -5.87 -28.64
N LEU C 491 -25.69 -6.89 -27.90
CA LEU C 491 -24.59 -6.79 -26.95
C LEU C 491 -23.23 -7.07 -27.59
N ARG C 492 -23.13 -7.05 -28.91
CA ARG C 492 -21.87 -7.34 -29.58
C ARG C 492 -21.14 -6.06 -29.99
N LEU C 493 -21.64 -4.90 -29.59
CA LEU C 493 -20.98 -3.63 -29.85
C LEU C 493 -19.95 -3.29 -28.79
N ILE C 494 -19.57 -4.26 -27.97
CA ILE C 494 -18.48 -4.08 -27.01
C ILE C 494 -17.16 -4.61 -27.54
N SER C 495 -17.17 -5.26 -28.69
CA SER C 495 -15.94 -5.71 -29.35
C SER C 495 -15.33 -4.63 -30.22
N LEU C 496 -15.85 -3.41 -30.17
CA LEU C 496 -15.30 -2.28 -30.91
C LEU C 496 -14.56 -1.30 -30.01
N PHE C 497 -14.48 -1.58 -28.71
CA PHE C 497 -13.84 -0.68 -27.76
C PHE C 497 -12.32 -0.72 -27.81
N THR C 498 -11.74 -1.65 -28.55
CA THR C 498 -10.28 -1.77 -28.60
C THR C 498 -9.63 -0.78 -29.55
N ALA C 499 -10.41 -0.08 -30.37
CA ALA C 499 -9.87 0.86 -31.34
C ALA C 499 -9.84 2.30 -30.84
N ASN C 500 -10.16 2.51 -29.56
CA ASN C 500 -10.17 3.85 -28.98
C ASN C 500 -9.27 3.86 -27.75
N SER C 501 -8.69 5.03 -27.47
CA SER C 501 -7.71 5.15 -26.40
C SER C 501 -8.34 5.26 -25.02
N HIS C 502 -9.59 5.73 -24.93
CA HIS C 502 -10.21 5.91 -23.62
C HIS C 502 -10.97 4.67 -23.15
N LEU C 503 -11.73 4.04 -24.04
CA LEU C 503 -12.47 2.83 -23.70
C LEU C 503 -11.65 1.57 -23.86
N GLY C 504 -10.44 1.66 -24.42
CA GLY C 504 -9.59 0.51 -24.62
C GLY C 504 -9.16 -0.16 -23.33
N PRO C 505 -8.40 0.55 -22.50
CA PRO C 505 -7.88 -0.05 -21.26
C PRO C 505 -8.93 -0.40 -20.23
N LEU C 506 -10.22 -0.23 -20.52
CA LEU C 506 -11.27 -0.61 -19.56
C LEU C 506 -11.73 -2.05 -19.78
N GLN C 507 -11.81 -2.50 -21.03
CA GLN C 507 -12.17 -3.89 -21.29
C GLN C 507 -11.10 -4.85 -20.78
N ILE C 508 -9.83 -4.44 -20.83
CA ILE C 508 -8.76 -5.32 -20.38
C ILE C 508 -8.76 -5.44 -18.86
N SER C 509 -9.16 -4.38 -18.16
CA SER C 509 -9.29 -4.44 -16.71
C SER C 509 -10.58 -5.12 -16.27
N LEU C 510 -11.63 -5.07 -17.10
CA LEU C 510 -12.85 -5.80 -16.79
C LEU C 510 -12.69 -7.30 -17.00
N GLY C 511 -11.83 -7.70 -17.95
CA GLY C 511 -11.63 -9.11 -18.20
C GLY C 511 -11.08 -9.87 -17.00
N ARG C 512 -10.38 -9.18 -16.10
CA ARG C 512 -9.81 -9.84 -14.94
C ARG C 512 -10.83 -10.05 -13.82
N MET C 513 -11.84 -9.17 -13.73
CA MET C 513 -12.83 -9.29 -12.67
C MET C 513 -13.65 -10.57 -12.78
N LEU C 514 -13.80 -11.11 -13.98
CA LEU C 514 -14.61 -12.29 -14.19
C LEU C 514 -13.88 -13.59 -13.87
N LEU C 515 -12.63 -13.53 -13.43
CA LEU C 515 -11.92 -14.70 -12.94
C LEU C 515 -11.91 -14.78 -11.42
N ASP C 516 -12.76 -14.01 -10.76
CA ASP C 516 -12.83 -13.98 -9.30
C ASP C 516 -14.13 -14.54 -8.76
N ILE C 517 -15.22 -14.46 -9.53
CA ILE C 517 -16.52 -14.87 -9.04
C ILE C 517 -16.71 -16.38 -9.10
N LEU C 518 -15.83 -17.10 -9.81
CA LEU C 518 -16.05 -18.53 -10.04
C LEU C 518 -15.97 -19.34 -8.76
N LYS C 519 -14.94 -19.10 -7.94
CA LYS C 519 -14.75 -19.91 -6.74
C LYS C 519 -15.81 -19.61 -5.68
N PHE C 520 -16.14 -18.32 -5.50
N PHE C 520 -16.17 -18.32 -5.58
CA PHE C 520 -17.22 -17.97 -4.59
CA PHE C 520 -17.21 -17.94 -4.65
C PHE C 520 -18.55 -18.52 -5.08
C PHE C 520 -18.50 -18.58 -5.10
N LEU C 521 -18.73 -18.57 -6.40
CA LEU C 521 -19.92 -19.23 -6.95
C LEU C 521 -19.93 -20.72 -6.66
N PHE C 522 -18.76 -21.36 -6.69
CA PHE C 522 -18.65 -22.77 -6.34
C PHE C 522 -19.09 -23.00 -4.90
N ILE C 523 -18.63 -22.15 -3.99
CA ILE C 523 -19.02 -22.31 -2.59
C ILE C 523 -20.52 -22.00 -2.40
N TYR C 524 -21.02 -20.99 -3.10
CA TYR C 524 -22.41 -20.58 -2.94
C TYR C 524 -23.37 -21.66 -3.46
N CYS C 525 -22.99 -22.35 -4.53
CA CYS C 525 -23.88 -23.39 -5.05
C CYS C 525 -24.02 -24.54 -4.07
N LEU C 526 -22.95 -24.86 -3.33
CA LEU C 526 -23.06 -25.90 -2.31
C LEU C 526 -23.85 -25.42 -1.10
N VAL C 527 -23.64 -24.17 -0.69
CA VAL C 527 -24.40 -23.65 0.44
C VAL C 527 -25.88 -23.54 0.10
N LEU C 528 -26.23 -23.43 -1.18
CA LEU C 528 -27.64 -23.38 -1.56
C LEU C 528 -28.24 -24.78 -1.73
N LEU C 529 -27.49 -25.72 -2.33
CA LEU C 529 -27.99 -27.09 -2.43
C LEU C 529 -28.13 -27.74 -1.07
N ALA C 530 -27.35 -27.30 -0.07
CA ALA C 530 -27.50 -27.86 1.27
C ALA C 530 -28.85 -27.48 1.86
N PHE C 531 -29.21 -26.20 1.82
CA PHE C 531 -30.44 -25.74 2.43
C PHE C 531 -31.67 -26.04 1.59
N ALA C 532 -31.52 -26.30 0.29
CA ALA C 532 -32.69 -26.55 -0.56
C ALA C 532 -33.41 -27.86 -0.22
N ASN C 533 -32.85 -28.69 0.65
CA ASN C 533 -33.46 -29.98 0.99
C ASN C 533 -34.18 -29.96 2.33
N GLY C 534 -33.58 -29.36 3.36
CA GLY C 534 -34.19 -29.37 4.68
C GLY C 534 -35.57 -28.74 4.70
N LEU C 535 -35.69 -27.56 4.10
CA LEU C 535 -36.99 -26.88 4.09
C LEU C 535 -38.02 -27.66 3.28
N ASN C 536 -37.60 -28.23 2.15
CA ASN C 536 -38.52 -29.01 1.33
C ASN C 536 -39.02 -30.25 2.07
N GLN C 537 -38.17 -30.84 2.92
CA GLN C 537 -38.56 -32.05 3.63
C GLN C 537 -39.58 -31.77 4.74
N LEU C 538 -39.68 -30.53 5.19
CA LEU C 538 -40.52 -30.21 6.33
C LEU C 538 -41.92 -29.75 5.97
N TYR C 539 -42.11 -29.12 4.81
CA TYR C 539 -43.37 -28.50 4.45
C TYR C 539 -44.16 -29.28 3.40
N PHE C 540 -43.71 -30.48 3.03
CA PHE C 540 -44.34 -31.22 1.94
C PHE C 540 -45.54 -32.05 2.41
N TYR C 541 -46.11 -31.72 3.57
CA TYR C 541 -47.32 -32.38 4.04
C TYR C 541 -48.56 -31.51 3.91
N TYR C 542 -48.41 -30.19 3.74
CA TYR C 542 -49.52 -29.26 3.73
C TYR C 542 -49.73 -28.62 2.36
N GLU C 543 -49.50 -29.38 1.30
CA GLU C 543 -49.65 -28.85 -0.06
C GLU C 543 -51.12 -28.86 -0.44
N THR C 544 -51.72 -27.68 -0.56
CA THR C 544 -53.12 -27.54 -0.94
C THR C 544 -53.22 -27.56 -2.47
N ARG C 545 -54.40 -27.21 -2.99
CA ARG C 545 -54.65 -27.18 -4.41
C ARG C 545 -54.89 -25.75 -4.87
N ALA C 546 -55.19 -25.59 -6.16
CA ALA C 546 -55.40 -24.27 -6.74
C ALA C 546 -56.83 -23.80 -6.61
N ILE C 547 -57.80 -24.69 -6.84
CA ILE C 547 -59.21 -24.29 -6.80
C ILE C 547 -59.62 -23.81 -5.41
N ASP C 548 -59.01 -24.38 -4.36
CA ASP C 548 -59.33 -23.98 -2.99
C ASP C 548 -58.59 -22.73 -2.54
N GLU C 549 -58.06 -21.94 -3.47
CA GLU C 549 -57.32 -20.73 -3.12
C GLU C 549 -57.92 -19.54 -3.86
N PRO C 550 -57.83 -18.35 -3.27
CA PRO C 550 -58.46 -17.18 -3.89
C PRO C 550 -57.86 -16.86 -5.25
N ASN C 551 -58.74 -16.52 -6.19
CA ASN C 551 -58.40 -16.09 -7.56
C ASN C 551 -57.74 -17.17 -8.39
N ASN C 552 -57.72 -18.42 -7.90
CA ASN C 552 -57.16 -19.56 -8.64
C ASN C 552 -55.72 -19.30 -9.05
N CYS C 553 -54.90 -18.88 -8.08
CA CYS C 553 -53.48 -18.67 -8.30
C CYS C 553 -52.71 -19.49 -7.29
N LYS C 554 -51.68 -20.20 -7.76
CA LYS C 554 -50.92 -21.13 -6.92
C LYS C 554 -49.44 -20.87 -7.11
N GLY C 555 -48.74 -20.59 -6.02
CA GLY C 555 -47.32 -20.32 -6.04
C GLY C 555 -47.02 -18.85 -5.79
N ILE C 556 -45.72 -18.54 -5.82
CA ILE C 556 -45.27 -17.15 -5.76
C ILE C 556 -45.62 -16.50 -7.09
N ARG C 557 -45.46 -15.17 -7.15
CA ARG C 557 -45.81 -14.28 -8.27
C ARG C 557 -47.31 -13.97 -8.31
N CYS C 558 -48.10 -14.47 -7.38
CA CYS C 558 -49.49 -14.02 -7.24
C CYS C 558 -49.51 -12.69 -6.52
N GLU C 559 -50.69 -12.19 -6.16
CA GLU C 559 -50.75 -11.01 -5.30
C GLU C 559 -50.53 -11.38 -3.84
N LYS C 560 -51.12 -12.48 -3.40
CA LYS C 560 -50.91 -13.03 -2.06
C LYS C 560 -50.13 -14.34 -2.22
N GLN C 561 -48.87 -14.32 -1.81
CA GLN C 561 -47.99 -15.44 -2.08
C GLN C 561 -48.32 -16.63 -1.19
N ASN C 562 -48.22 -17.83 -1.76
CA ASN C 562 -48.55 -19.06 -1.05
C ASN C 562 -47.84 -20.22 -1.72
N ASN C 563 -47.70 -21.31 -0.96
CA ASN C 563 -47.10 -22.56 -1.46
C ASN C 563 -45.70 -22.32 -2.01
N ALA C 564 -44.83 -21.81 -1.14
CA ALA C 564 -43.47 -21.45 -1.54
C ALA C 564 -42.43 -22.51 -1.22
N PHE C 565 -42.77 -23.50 -0.39
CA PHE C 565 -41.81 -24.53 0.01
C PHE C 565 -42.39 -25.93 -0.19
N SER C 566 -43.18 -26.14 -1.24
CA SER C 566 -43.81 -27.43 -1.45
C SER C 566 -42.88 -28.41 -2.16
N THR C 567 -42.47 -28.09 -3.38
CA THR C 567 -41.65 -28.98 -4.19
C THR C 567 -40.21 -28.47 -4.25
N LEU C 568 -39.37 -29.26 -4.92
CA LEU C 568 -37.96 -28.93 -5.03
C LEU C 568 -37.67 -27.86 -6.08
N PHE C 569 -38.58 -27.66 -7.04
CA PHE C 569 -38.35 -26.65 -8.06
C PHE C 569 -38.72 -25.26 -7.58
N GLU C 570 -39.68 -25.15 -6.66
CA GLU C 570 -40.07 -23.84 -6.15
C GLU C 570 -39.15 -23.37 -5.02
N THR C 571 -38.66 -24.31 -4.20
CA THR C 571 -37.75 -23.98 -3.13
C THR C 571 -36.41 -23.48 -3.65
N LEU C 572 -36.11 -23.66 -4.93
CA LEU C 572 -34.89 -23.13 -5.51
C LEU C 572 -35.08 -21.73 -6.08
N GLN C 573 -36.29 -21.39 -6.50
CA GLN C 573 -36.56 -20.03 -6.96
C GLN C 573 -36.84 -19.08 -5.81
N SER C 574 -37.48 -19.57 -4.73
CA SER C 574 -37.77 -18.71 -3.60
C SER C 574 -36.48 -18.25 -2.91
N LEU C 575 -35.54 -19.18 -2.71
CA LEU C 575 -34.28 -18.80 -2.07
C LEU C 575 -33.46 -17.85 -2.93
N PHE C 576 -33.62 -17.91 -4.27
CA PHE C 576 -32.96 -16.94 -5.12
C PHE C 576 -33.60 -15.57 -5.01
N TRP C 577 -34.94 -15.51 -5.16
CA TRP C 577 -35.63 -14.23 -5.08
C TRP C 577 -35.53 -13.59 -3.70
N SER C 578 -35.20 -14.38 -2.67
CA SER C 578 -35.06 -13.82 -1.33
C SER C 578 -33.71 -13.16 -1.09
N VAL C 579 -32.85 -13.07 -2.11
CA VAL C 579 -31.57 -12.38 -1.96
C VAL C 579 -31.73 -10.88 -2.19
N PHE C 580 -32.65 -10.47 -3.06
CA PHE C 580 -32.84 -9.07 -3.38
C PHE C 580 -33.83 -8.40 -2.43
N GLY C 581 -34.78 -9.15 -1.88
CA GLY C 581 -35.69 -8.60 -0.88
C GLY C 581 -37.14 -8.61 -1.30
N LEU C 582 -37.47 -9.36 -2.35
CA LEU C 582 -38.82 -9.39 -2.89
C LEU C 582 -39.65 -10.55 -2.36
N LEU C 583 -39.30 -11.09 -1.20
CA LEU C 583 -40.05 -12.18 -0.58
C LEU C 583 -40.47 -11.75 0.83
N ASN C 584 -41.75 -11.99 1.15
CA ASN C 584 -42.32 -11.54 2.41
C ASN C 584 -42.09 -12.58 3.49
N LEU C 585 -42.54 -12.27 4.71
CA LEU C 585 -42.29 -13.11 5.87
C LEU C 585 -43.47 -14.00 6.24
N TYR C 586 -44.66 -13.74 5.73
CA TYR C 586 -45.84 -14.52 6.10
C TYR C 586 -45.99 -15.79 5.26
N VAL C 587 -44.93 -16.23 4.59
CA VAL C 587 -44.97 -17.50 3.87
C VAL C 587 -44.52 -18.67 4.73
N THR C 588 -44.08 -18.42 5.95
CA THR C 588 -43.63 -19.45 6.87
C THR C 588 -44.70 -19.81 7.89
N ASN C 589 -45.90 -19.25 7.78
CA ASN C 589 -47.00 -19.55 8.68
C ASN C 589 -47.87 -20.63 8.06
N VAL C 590 -47.96 -21.77 8.73
CA VAL C 590 -48.67 -22.93 8.21
C VAL C 590 -50.04 -23.03 8.88
N LYS C 591 -50.97 -23.66 8.18
CA LYS C 591 -52.29 -23.94 8.73
C LYS C 591 -52.18 -25.12 9.71
N ALA C 592 -53.33 -25.55 10.23
CA ALA C 592 -53.53 -26.72 11.10
C ALA C 592 -53.08 -26.49 12.54
N ARG C 593 -52.83 -25.25 12.94
CA ARG C 593 -52.62 -24.83 14.32
C ARG C 593 -51.32 -25.34 14.94
N HIS C 594 -50.52 -26.12 14.22
CA HIS C 594 -49.28 -26.64 14.78
C HIS C 594 -48.27 -25.52 14.93
N GLU C 595 -47.74 -25.34 16.14
CA GLU C 595 -46.92 -24.19 16.48
C GLU C 595 -45.43 -24.50 16.59
N PHE C 596 -45.06 -25.74 16.90
CA PHE C 596 -43.64 -26.07 17.04
C PHE C 596 -42.93 -26.10 15.70
N THR C 597 -43.65 -26.41 14.62
CA THR C 597 -43.02 -26.50 13.30
C THR C 597 -42.67 -25.11 12.76
N GLU C 598 -43.55 -24.14 12.96
CA GLU C 598 -43.32 -22.80 12.43
C GLU C 598 -42.05 -22.19 12.98
N PHE C 599 -41.74 -22.47 14.26
CA PHE C 599 -40.53 -21.91 14.85
C PHE C 599 -39.28 -22.48 14.20
N VAL C 600 -39.26 -23.79 13.95
CA VAL C 600 -38.11 -24.41 13.31
C VAL C 600 -37.97 -23.89 11.88
N GLY C 601 -39.09 -23.71 11.18
CA GLY C 601 -39.03 -23.14 9.84
C GLY C 601 -38.47 -21.73 9.82
N ALA C 602 -38.94 -20.89 10.75
CA ALA C 602 -38.43 -19.52 10.82
C ALA C 602 -36.95 -19.49 11.17
N THR C 603 -36.52 -20.39 12.06
CA THR C 603 -35.10 -20.44 12.41
C THR C 603 -34.25 -20.88 11.22
N MET C 604 -34.69 -21.89 10.48
CA MET C 604 -33.95 -22.32 9.30
C MET C 604 -33.90 -21.23 8.24
N PHE C 605 -34.97 -20.44 8.12
CA PHE C 605 -34.97 -19.36 7.15
C PHE C 605 -34.10 -18.19 7.59
N GLY C 606 -34.03 -17.93 8.90
CA GLY C 606 -33.23 -16.82 9.39
C GLY C 606 -31.74 -17.12 9.47
N THR C 607 -31.38 -18.40 9.62
CA THR C 607 -29.97 -18.75 9.66
C THR C 607 -29.33 -18.64 8.28
N TYR C 608 -30.10 -18.82 7.21
CA TYR C 608 -29.55 -18.80 5.86
C TYR C 608 -29.19 -17.39 5.40
N ASN C 609 -29.78 -16.36 6.01
CA ASN C 609 -29.55 -15.00 5.55
C ASN C 609 -28.23 -14.45 6.05
N VAL C 610 -27.85 -14.78 7.29
CA VAL C 610 -26.61 -14.27 7.86
C VAL C 610 -25.40 -14.82 7.10
N ILE C 611 -25.49 -16.06 6.61
CA ILE C 611 -24.34 -16.67 5.95
C ILE C 611 -24.15 -16.12 4.54
N SER C 612 -25.23 -15.66 3.90
CA SER C 612 -25.16 -15.22 2.51
C SER C 612 -25.05 -13.71 2.35
N LEU C 613 -25.69 -12.92 3.21
CA LEU C 613 -25.73 -11.48 3.05
C LEU C 613 -24.71 -10.73 3.90
N VAL C 614 -24.10 -11.39 4.89
CA VAL C 614 -23.21 -10.70 5.81
C VAL C 614 -21.78 -11.25 5.78
N VAL C 615 -21.57 -12.51 5.38
CA VAL C 615 -20.25 -13.11 5.46
C VAL C 615 -19.63 -13.32 4.08
N LEU C 616 -20.42 -13.39 3.01
CA LEU C 616 -19.88 -13.63 1.67
C LEU C 616 -19.72 -12.35 0.86
N LEU C 617 -20.73 -11.48 0.86
CA LEU C 617 -20.62 -10.24 0.10
C LEU C 617 -19.60 -9.28 0.69
N ASN C 618 -19.18 -9.50 1.94
CA ASN C 618 -18.10 -8.71 2.52
C ASN C 618 -16.73 -9.27 2.18
N MET C 619 -16.65 -10.35 1.41
CA MET C 619 -15.39 -10.93 0.96
C MET C 619 -15.13 -10.71 -0.53
N LEU C 620 -16.18 -10.72 -1.35
CA LEU C 620 -16.00 -10.37 -2.76
C LEU C 620 -15.41 -8.99 -2.93
N ILE C 621 -15.91 -8.02 -2.16
CA ILE C 621 -15.39 -6.66 -2.25
C ILE C 621 -13.92 -6.63 -1.86
N ALA C 622 -13.58 -7.25 -0.73
CA ALA C 622 -12.21 -7.22 -0.22
C ALA C 622 -11.24 -8.01 -1.09
N MET C 623 -11.73 -8.94 -1.90
CA MET C 623 -10.83 -9.64 -2.81
C MET C 623 -10.70 -8.92 -4.16
N MET C 624 -11.81 -8.36 -4.67
CA MET C 624 -11.74 -7.62 -5.92
C MET C 624 -10.93 -6.34 -5.77
N ASN C 625 -10.98 -5.72 -4.59
CA ASN C 625 -10.16 -4.54 -4.35
C ASN C 625 -8.68 -4.85 -4.49
N ASN C 626 -8.24 -6.00 -3.97
CA ASN C 626 -6.85 -6.40 -4.12
C ASN C 626 -6.54 -6.82 -5.54
N SER C 627 -7.48 -7.52 -6.19
CA SER C 627 -7.24 -7.99 -7.55
C SER C 627 -7.13 -6.84 -8.54
N TYR C 628 -7.80 -5.71 -8.27
CA TYR C 628 -7.73 -4.59 -9.20
C TYR C 628 -6.40 -3.85 -9.14
N GLN C 629 -5.74 -3.85 -7.98
CA GLN C 629 -4.53 -3.07 -7.80
C GLN C 629 -3.27 -3.81 -8.24
N LEU C 630 -3.42 -4.92 -8.97
CA LEU C 630 -2.29 -5.64 -9.55
C LEU C 630 -2.33 -5.68 -11.07
N ILE C 631 -3.47 -5.34 -11.69
CA ILE C 631 -3.57 -5.27 -13.14
C ILE C 631 -3.49 -3.84 -13.66
N ALA C 632 -3.48 -2.84 -12.76
CA ALA C 632 -3.33 -1.46 -13.19
C ALA C 632 -2.04 -1.24 -13.96
N ASP C 633 -0.94 -1.83 -13.47
CA ASP C 633 0.31 -1.79 -14.21
C ASP C 633 0.22 -2.69 -15.44
N HIS C 634 1.11 -2.44 -16.39
CA HIS C 634 1.13 -3.08 -17.71
C HIS C 634 -0.29 -3.27 -18.25
N ALA C 635 -1.00 -2.15 -18.31
CA ALA C 635 -2.31 -2.09 -18.94
C ALA C 635 -2.28 -1.45 -20.31
N ASP C 636 -1.11 -1.00 -20.76
CA ASP C 636 -0.94 -0.46 -22.10
C ASP C 636 -0.20 -1.40 -23.03
N ILE C 637 0.49 -2.41 -22.50
CA ILE C 637 1.16 -3.39 -23.35
C ILE C 637 0.19 -4.45 -23.86
N GLU C 638 -0.96 -4.61 -23.22
CA GLU C 638 -1.92 -5.63 -23.61
C GLU C 638 -3.05 -5.09 -24.47
N TRP C 639 -3.21 -3.77 -24.57
CA TRP C 639 -4.21 -3.19 -25.47
C TRP C 639 -3.65 -2.98 -26.87
N LYS C 640 -2.39 -2.56 -26.97
CA LYS C 640 -1.77 -2.33 -28.27
C LYS C 640 -1.57 -3.64 -29.02
N PHE C 641 -1.27 -4.73 -28.31
CA PHE C 641 -1.22 -6.04 -28.95
C PHE C 641 -2.57 -6.39 -29.58
N ALA C 642 -3.66 -6.13 -28.85
CA ALA C 642 -4.99 -6.45 -29.36
C ALA C 642 -5.34 -5.60 -30.59
N ARG C 643 -5.07 -4.30 -30.53
CA ARG C 643 -5.43 -3.48 -31.68
C ARG C 643 -4.52 -3.74 -32.88
N THR C 644 -3.27 -4.16 -32.64
CA THR C 644 -2.41 -4.57 -33.74
C THR C 644 -2.94 -5.84 -34.41
N LYS C 645 -3.33 -6.82 -33.59
CA LYS C 645 -3.92 -8.03 -34.14
C LYS C 645 -5.21 -7.72 -34.88
N LEU C 646 -5.93 -6.68 -34.46
CA LEU C 646 -7.11 -6.24 -35.20
C LEU C 646 -6.72 -5.68 -36.56
N TRP C 647 -5.80 -4.70 -36.58
CA TRP C 647 -5.40 -4.07 -37.84
C TRP C 647 -4.85 -5.07 -38.84
N MET C 648 -4.10 -6.08 -38.36
CA MET C 648 -3.46 -7.00 -39.29
C MET C 648 -4.45 -7.89 -40.03
N SER C 649 -5.75 -7.74 -39.80
CA SER C 649 -6.74 -8.59 -40.45
C SER C 649 -7.25 -8.01 -41.77
N TYR C 650 -7.19 -6.70 -41.94
CA TYR C 650 -7.65 -6.05 -43.17
C TYR C 650 -6.53 -5.81 -44.17
N PHE C 651 -5.26 -5.98 -43.78
CA PHE C 651 -4.15 -5.63 -44.65
C PHE C 651 -4.14 -6.49 -45.92
N ASP C 652 -4.65 -7.71 -45.83
CA ASP C 652 -4.59 -8.62 -46.97
C ASP C 652 -5.72 -8.32 -47.95
N GLU C 653 -5.46 -8.58 -49.22
CA GLU C 653 -6.42 -8.33 -50.28
C GLU C 653 -7.42 -9.48 -50.32
N GLY C 654 -8.60 -9.24 -49.75
CA GLY C 654 -9.67 -10.23 -49.77
C GLY C 654 -10.88 -9.73 -50.53
N GLY C 655 -10.97 -8.41 -50.70
CA GLY C 655 -12.11 -7.82 -51.39
C GLY C 655 -13.44 -8.14 -50.74
N THR C 656 -13.49 -8.12 -49.41
CA THR C 656 -14.68 -8.50 -48.68
C THR C 656 -15.72 -7.39 -48.79
N LEU C 657 -16.75 -7.62 -49.60
CA LEU C 657 -17.87 -6.70 -49.69
C LEU C 657 -18.71 -6.78 -48.42
N PRO C 658 -19.52 -5.76 -48.15
CA PRO C 658 -20.46 -5.81 -47.02
C PRO C 658 -21.39 -7.00 -47.14
N PRO C 659 -22.08 -7.37 -46.06
CA PRO C 659 -22.90 -8.58 -46.05
C PRO C 659 -23.97 -8.60 -47.14
N PRO C 660 -24.74 -7.52 -47.33
CA PRO C 660 -25.83 -7.61 -48.34
C PRO C 660 -25.32 -7.89 -49.74
N PHE C 661 -24.28 -7.20 -50.19
CA PHE C 661 -23.73 -7.41 -51.51
C PHE C 661 -22.80 -8.62 -51.59
N ASN C 662 -22.68 -9.39 -50.53
CA ASN C 662 -21.74 -10.51 -50.48
C ASN C 662 -22.27 -11.76 -51.17
N ILE C 663 -23.44 -11.70 -51.80
CA ILE C 663 -24.03 -12.85 -52.49
C ILE C 663 -24.34 -12.41 -53.92
N ILE C 664 -23.37 -12.62 -54.82
CA ILE C 664 -23.51 -12.26 -56.22
C ILE C 664 -23.29 -13.49 -57.10
N ARG C 702 15.75 -16.84 -58.34
CA ARG C 702 15.66 -18.16 -57.73
C ARG C 702 16.79 -18.39 -56.73
N HIS C 703 18.01 -18.51 -57.24
CA HIS C 703 19.18 -18.67 -56.38
C HIS C 703 19.80 -17.33 -56.00
N ALA C 704 20.10 -16.51 -57.01
CA ALA C 704 20.79 -15.24 -56.77
C ALA C 704 20.02 -14.37 -55.80
N ASP C 705 18.68 -14.40 -55.84
CA ASP C 705 17.89 -13.62 -54.92
C ASP C 705 18.14 -14.05 -53.47
N SER C 706 18.06 -15.36 -53.22
CA SER C 706 18.29 -15.86 -51.87
C SER C 706 19.71 -15.55 -51.40
N LEU C 707 20.69 -15.70 -52.30
CA LEU C 707 22.07 -15.38 -51.93
C LEU C 707 22.21 -13.91 -51.55
N ILE C 708 21.62 -13.02 -52.34
CA ILE C 708 21.72 -11.59 -52.05
C ILE C 708 21.05 -11.26 -50.72
N GLN C 709 19.90 -11.86 -50.45
CA GLN C 709 19.20 -11.57 -49.20
C GLN C 709 20.00 -12.05 -48.00
N ASN C 710 20.52 -13.29 -48.07
CA ASN C 710 21.31 -13.80 -46.96
C ASN C 710 22.61 -13.03 -46.80
N GLN C 711 23.14 -12.46 -47.88
CA GLN C 711 24.34 -11.65 -47.77
C GLN C 711 24.04 -10.30 -47.13
N HIS C 712 22.87 -9.72 -47.43
CA HIS C 712 22.52 -8.43 -46.85
C HIS C 712 22.13 -8.55 -45.39
N TYR C 713 21.59 -9.69 -44.97
CA TYR C 713 21.03 -9.80 -43.62
C TYR C 713 22.10 -9.94 -42.54
N GLN C 714 23.35 -10.25 -42.88
CA GLN C 714 24.34 -10.55 -41.85
C GLN C 714 25.04 -9.30 -41.31
N GLU C 715 25.27 -8.30 -42.17
CA GLU C 715 26.00 -7.11 -41.74
C GLU C 715 25.26 -6.34 -40.65
N VAL C 716 23.94 -6.19 -40.82
CA VAL C 716 23.13 -5.52 -39.82
C VAL C 716 23.24 -6.25 -38.48
N ILE C 717 23.20 -7.58 -38.51
CA ILE C 717 23.31 -8.35 -37.27
C ILE C 717 24.66 -8.10 -36.61
N ARG C 718 25.73 -8.07 -37.41
CA ARG C 718 27.05 -7.83 -36.85
C ARG C 718 27.13 -6.48 -36.14
N ASN C 719 26.63 -5.43 -36.80
CA ASN C 719 26.68 -4.10 -36.20
C ASN C 719 25.84 -4.03 -34.92
N LEU C 720 24.63 -4.58 -34.97
CA LEU C 720 23.76 -4.56 -33.80
C LEU C 720 24.42 -5.27 -32.62
N VAL C 721 25.08 -6.40 -32.87
CA VAL C 721 25.73 -7.15 -31.80
C VAL C 721 26.86 -6.33 -31.19
N LYS C 722 27.69 -5.72 -32.04
CA LYS C 722 28.77 -4.88 -31.53
C LYS C 722 28.24 -3.81 -30.59
N ARG C 723 27.26 -3.04 -31.05
CA ARG C 723 26.75 -1.93 -30.25
C ARG C 723 26.16 -2.43 -28.93
N TYR C 724 25.37 -3.50 -28.98
CA TYR C 724 24.73 -4.02 -27.77
C TYR C 724 25.77 -4.45 -26.74
N VAL C 725 26.80 -5.19 -27.19
CA VAL C 725 27.83 -5.66 -26.27
C VAL C 725 28.54 -4.48 -25.61
N ALA C 726 28.92 -3.49 -26.40
CA ALA C 726 29.64 -2.35 -25.83
C ALA C 726 28.80 -1.61 -24.81
N ALA C 727 27.53 -1.37 -25.12
CA ALA C 727 26.66 -0.64 -24.18
C ALA C 727 26.46 -1.42 -22.89
N MET C 728 26.28 -2.74 -22.99
CA MET C 728 26.06 -3.53 -21.78
C MET C 728 27.32 -3.59 -20.92
N ILE C 729 28.50 -3.60 -21.54
CA ILE C 729 29.72 -3.53 -20.74
C ILE C 729 29.82 -2.18 -20.03
N ARG C 730 29.49 -1.09 -20.74
CA ARG C 730 29.63 0.23 -20.14
C ARG C 730 28.67 0.42 -18.96
N ASN C 731 27.45 -0.12 -19.06
CA ASN C 731 26.46 0.14 -18.02
C ASN C 731 26.88 -0.40 -16.66
N SER C 732 27.80 -1.37 -16.61
CA SER C 732 28.13 -2.01 -15.35
C SER C 732 29.02 -1.13 -14.48
N LYS C 733 30.04 -0.53 -15.09
CA LYS C 733 31.05 0.22 -14.33
C LYS C 733 30.49 1.39 -13.56
N THR C 734 29.30 1.87 -13.91
CA THR C 734 28.75 3.08 -13.31
C THR C 734 27.75 2.80 -12.20
N ASN C 735 27.08 1.65 -12.21
CA ASN C 735 26.00 1.39 -11.28
C ASN C 735 26.31 0.20 -10.37
N GLU C 736 27.52 0.15 -9.82
CA GLU C 736 27.91 -0.92 -8.92
C GLU C 736 28.62 -0.34 -7.72
N GLY C 737 28.35 -0.90 -6.54
CA GLY C 737 28.93 -0.43 -5.30
C GLY C 737 30.17 -1.21 -4.89
N LEU C 738 30.76 -0.77 -3.78
CA LEU C 738 31.97 -1.38 -3.26
C LEU C 738 31.63 -2.38 -2.16
N THR C 739 32.63 -3.13 -1.73
CA THR C 739 32.45 -4.17 -0.73
C THR C 739 33.78 -4.39 -0.01
N GLU C 740 33.87 -5.47 0.76
CA GLU C 740 35.05 -5.70 1.59
C GLU C 740 36.22 -6.30 0.83
N GLU C 741 35.97 -7.00 -0.27
CA GLU C 741 37.06 -7.59 -1.04
C GLU C 741 38.06 -6.55 -1.53
N ASN C 742 37.59 -5.32 -1.75
CA ASN C 742 38.45 -4.30 -2.37
C ASN C 742 39.49 -3.78 -1.37
N PHE C 743 39.08 -3.56 -0.13
CA PHE C 743 39.94 -2.98 0.90
C PHE C 743 41.22 -3.81 1.11
N LYS C 744 41.09 -5.14 1.09
CA LYS C 744 42.22 -6.02 1.37
C LYS C 744 43.31 -5.90 0.32
N GLU C 745 42.94 -5.79 -0.95
CA GLU C 745 43.95 -5.69 -2.01
C GLU C 745 44.78 -4.42 -1.86
N LEU C 746 44.13 -3.30 -1.52
CA LEU C 746 44.88 -2.07 -1.32
C LEU C 746 45.84 -2.20 -0.14
N LYS C 747 45.38 -2.80 0.96
CA LYS C 747 46.28 -3.01 2.09
C LYS C 747 47.50 -3.85 1.68
N GLN C 748 47.27 -4.92 0.90
CA GLN C 748 48.38 -5.77 0.49
C GLN C 748 49.35 -5.03 -0.43
N ASP C 749 48.83 -4.20 -1.33
CA ASP C 749 49.68 -3.40 -2.20
C ASP C 749 50.64 -2.53 -1.38
N ILE C 750 50.10 -1.77 -0.44
CA ILE C 750 50.96 -0.93 0.41
C ILE C 750 51.96 -1.79 1.17
N SER C 751 51.52 -2.95 1.67
CA SER C 751 52.40 -3.81 2.45
C SER C 751 53.61 -4.26 1.65
N SER C 752 53.38 -4.81 0.45
CA SER C 752 54.50 -5.32 -0.34
C SER C 752 55.43 -4.20 -0.79
N PHE C 753 54.87 -3.05 -1.17
CA PHE C 753 55.71 -1.89 -1.49
C PHE C 753 56.65 -1.58 -0.33
N ARG C 754 56.10 -1.47 0.89
CA ARG C 754 56.89 -1.17 2.07
C ARG C 754 58.01 -2.18 2.25
N TYR C 755 57.67 -3.47 2.18
CA TYR C 755 58.67 -4.50 2.46
C TYR C 755 59.85 -4.42 1.50
N GLU C 756 59.56 -4.28 0.20
CA GLU C 756 60.68 -4.28 -0.75
C GLU C 756 61.52 -3.01 -0.62
N VAL C 757 60.90 -1.85 -0.37
CA VAL C 757 61.69 -0.63 -0.22
C VAL C 757 62.60 -0.72 0.99
N LEU C 758 62.06 -1.20 2.12
CA LEU C 758 62.89 -1.37 3.31
C LEU C 758 64.04 -2.33 3.05
N ASP C 759 63.76 -3.44 2.37
CA ASP C 759 64.80 -4.39 2.02
C ASP C 759 65.95 -3.71 1.27
N LEU C 760 65.61 -2.96 0.21
CA LEU C 760 66.66 -2.29 -0.56
C LEU C 760 67.44 -1.28 0.28
N LEU C 761 66.72 -0.40 0.98
CA LEU C 761 67.40 0.72 1.64
C LEU C 761 68.23 0.25 2.83
N GLY C 762 67.67 -0.62 3.68
CA GLY C 762 68.37 -0.99 4.90
C GLY C 762 69.66 -1.75 4.64
N ASN C 763 69.64 -2.69 3.70
CA ASN C 763 70.83 -3.46 3.36
C ASN C 763 71.54 -2.82 2.18
N ARG D 15 25.06 -39.26 -31.72
CA ARG D 15 25.38 -37.84 -31.71
C ARG D 15 24.53 -37.11 -30.67
N ASP D 16 25.01 -37.13 -29.42
CA ASP D 16 24.33 -36.46 -28.32
C ASP D 16 25.13 -35.27 -27.79
N ARG D 17 26.03 -34.71 -28.61
CA ARG D 17 26.86 -33.59 -28.22
C ARG D 17 26.57 -32.39 -29.12
N ILE D 18 26.87 -31.21 -28.61
CA ILE D 18 26.68 -29.95 -29.33
C ILE D 18 28.03 -29.30 -29.52
N PRO D 19 28.52 -29.13 -30.75
CA PRO D 19 29.78 -28.42 -30.96
C PRO D 19 29.58 -26.90 -30.87
N LEU D 20 30.71 -26.20 -30.69
CA LEU D 20 30.71 -24.77 -30.56
C LEU D 20 31.84 -24.18 -31.38
N GLN D 21 31.58 -23.03 -32.01
CA GLN D 21 32.59 -22.34 -32.80
C GLN D 21 32.16 -20.89 -32.99
N ILE D 22 33.06 -20.11 -33.58
CA ILE D 22 32.82 -18.69 -33.85
C ILE D 22 32.37 -18.53 -35.30
N VAL D 23 31.27 -17.81 -35.51
CA VAL D 23 30.68 -17.71 -36.83
C VAL D 23 31.05 -16.39 -37.51
N ARG D 24 31.22 -15.33 -36.73
CA ARG D 24 31.57 -14.01 -37.25
C ARG D 24 32.96 -13.66 -36.75
N ALA D 25 33.98 -13.99 -37.54
CA ALA D 25 35.37 -13.86 -37.11
C ALA D 25 35.90 -12.45 -37.39
N GLU D 26 36.97 -12.10 -36.67
CA GLU D 26 37.62 -10.80 -36.80
C GLU D 26 39.13 -11.01 -36.74
N THR D 27 39.86 -9.90 -36.84
CA THR D 27 41.32 -9.92 -36.81
C THR D 27 41.81 -10.02 -35.37
N GLU D 28 43.08 -10.43 -35.22
CA GLU D 28 43.70 -10.61 -33.91
C GLU D 28 45.03 -9.88 -33.87
N LEU D 29 45.62 -9.83 -32.67
CA LEU D 29 46.84 -9.08 -32.42
C LEU D 29 48.03 -10.03 -32.28
N SER D 30 49.20 -9.54 -32.69
CA SER D 30 50.42 -10.31 -32.55
C SER D 30 50.92 -10.25 -31.12
N ALA D 31 52.00 -10.99 -30.84
CA ALA D 31 52.57 -11.04 -29.50
C ALA D 31 53.54 -9.91 -29.23
N GLU D 32 53.82 -9.06 -30.23
CA GLU D 32 54.67 -7.90 -30.03
C GLU D 32 53.88 -6.61 -29.85
N GLU D 33 52.60 -6.60 -30.24
CA GLU D 33 51.73 -5.46 -30.08
C GLU D 33 50.86 -5.57 -28.85
N LYS D 34 51.09 -6.57 -28.01
CA LYS D 34 50.32 -6.78 -26.78
C LYS D 34 51.03 -6.28 -25.54
N ALA D 35 52.36 -6.47 -25.46
CA ALA D 35 53.11 -5.93 -24.33
C ALA D 35 53.04 -4.42 -24.29
N PHE D 36 52.96 -3.77 -25.45
CA PHE D 36 52.80 -2.31 -25.51
C PHE D 36 51.54 -1.87 -24.78
N LEU D 37 50.39 -2.40 -25.19
CA LEU D 37 49.13 -2.02 -24.57
C LEU D 37 49.05 -2.50 -23.12
N SER D 38 49.78 -3.56 -22.77
CA SER D 38 49.79 -4.00 -21.37
C SER D 38 50.61 -3.05 -20.51
N ALA D 39 51.70 -2.50 -21.06
CA ALA D 39 52.48 -1.52 -20.32
C ALA D 39 51.77 -0.19 -20.20
N VAL D 40 50.90 0.14 -21.16
CA VAL D 40 50.15 1.38 -21.06
C VAL D 40 49.16 1.34 -19.90
N GLU D 41 48.62 0.16 -19.57
CA GLU D 41 47.57 0.05 -18.56
C GLU D 41 48.09 0.01 -17.13
N LYS D 42 49.41 0.03 -16.91
CA LYS D 42 49.95 -0.11 -15.57
C LYS D 42 50.68 1.12 -15.07
N GLY D 43 51.10 2.03 -15.95
CA GLY D 43 51.77 3.24 -15.55
C GLY D 43 53.24 3.28 -15.87
N ASP D 44 53.81 2.19 -16.38
CA ASP D 44 55.23 2.15 -16.70
C ASP D 44 55.54 3.18 -17.77
N TYR D 45 56.44 4.12 -17.46
CA TYR D 45 56.74 5.23 -18.33
C TYR D 45 58.07 5.09 -19.07
N ALA D 46 58.98 4.27 -18.57
CA ALA D 46 60.29 4.12 -19.18
C ALA D 46 60.34 3.03 -20.25
N THR D 47 59.38 2.10 -20.24
CA THR D 47 59.36 1.05 -21.25
C THR D 47 58.52 1.43 -22.46
N VAL D 48 57.45 2.20 -22.27
CA VAL D 48 56.68 2.68 -23.41
C VAL D 48 57.50 3.67 -24.23
N LYS D 49 58.31 4.49 -23.56
CA LYS D 49 59.16 5.45 -24.27
C LYS D 49 60.22 4.78 -25.11
N GLN D 50 60.58 3.54 -24.81
CA GLN D 50 61.55 2.81 -25.61
C GLN D 50 60.89 2.13 -26.81
N ALA D 51 59.67 1.62 -26.62
CA ALA D 51 58.92 1.05 -27.73
C ALA D 51 58.51 2.12 -28.73
N LEU D 52 58.27 3.35 -28.27
CA LEU D 52 57.97 4.42 -29.21
C LEU D 52 59.18 4.84 -30.03
N GLN D 53 60.39 4.62 -29.53
CA GLN D 53 61.59 5.00 -30.26
C GLN D 53 62.13 3.88 -31.14
N GLU D 54 61.98 2.63 -30.74
CA GLU D 54 62.45 1.53 -31.59
C GLU D 54 61.62 1.37 -32.85
N ALA D 55 60.39 1.89 -32.87
CA ALA D 55 59.50 1.76 -34.01
C ALA D 55 59.68 2.87 -35.04
N GLU D 56 60.78 3.62 -34.96
CA GLU D 56 61.10 4.62 -35.97
C GLU D 56 62.37 4.30 -36.76
N ILE D 57 63.18 3.36 -36.30
CA ILE D 57 64.35 2.91 -37.05
C ILE D 57 63.97 1.60 -37.73
N TYR D 58 63.53 0.62 -36.95
CA TYR D 58 62.91 -0.58 -37.47
C TYR D 58 61.40 -0.41 -37.46
N TYR D 59 60.72 -1.25 -38.24
CA TYR D 59 59.26 -1.18 -38.40
C TYR D 59 58.66 -2.54 -38.06
N ASN D 60 58.26 -2.72 -36.81
CA ASN D 60 57.63 -3.95 -36.37
C ASN D 60 56.32 -3.75 -35.63
N VAL D 61 55.98 -2.53 -35.20
CA VAL D 61 54.76 -2.24 -34.48
C VAL D 61 54.10 -1.02 -35.10
N ASN D 62 52.77 -1.04 -35.17
CA ASN D 62 51.99 0.12 -35.56
C ASN D 62 51.27 0.65 -34.33
N ILE D 63 51.42 1.96 -34.08
CA ILE D 63 50.97 2.55 -32.83
C ILE D 63 49.48 2.85 -32.81
N ASN D 64 48.73 2.45 -33.84
CA ASN D 64 47.29 2.68 -33.92
C ASN D 64 46.50 1.38 -33.82
N CYS D 65 46.97 0.42 -33.02
CA CYS D 65 46.28 -0.84 -32.90
C CYS D 65 45.04 -0.69 -32.02
N MET D 66 44.19 -1.72 -32.03
CA MET D 66 42.91 -1.69 -31.32
C MET D 66 42.69 -3.00 -30.59
N ASP D 67 42.50 -2.92 -29.27
CA ASP D 67 42.31 -4.09 -28.44
C ASP D 67 40.97 -4.76 -28.75
N PRO D 68 40.70 -5.92 -28.17
CA PRO D 68 39.42 -6.62 -28.44
C PRO D 68 38.17 -5.77 -28.37
N LEU D 69 38.13 -4.73 -27.53
CA LEU D 69 36.90 -3.98 -27.30
C LEU D 69 36.88 -2.63 -27.99
N GLY D 70 37.78 -2.41 -28.95
CA GLY D 70 37.79 -1.17 -29.70
C GLY D 70 38.53 -0.02 -29.05
N ARG D 71 39.30 -0.27 -28.01
CA ARG D 71 40.04 0.77 -27.30
C ARG D 71 41.48 0.81 -27.80
N SER D 72 41.93 2.01 -28.16
CA SER D 72 43.28 2.20 -28.65
C SER D 72 44.17 2.70 -27.51
N ALA D 73 45.40 3.10 -27.84
CA ALA D 73 46.36 3.50 -26.82
C ALA D 73 46.08 4.87 -26.23
N LEU D 74 45.23 5.68 -26.86
CA LEU D 74 44.91 7.02 -26.36
C LEU D 74 43.59 7.06 -25.61
N LEU D 75 42.75 6.03 -25.74
CA LEU D 75 41.52 5.94 -24.97
C LEU D 75 41.67 5.15 -23.69
N ILE D 76 42.82 4.50 -23.49
CA ILE D 76 43.12 3.88 -22.20
C ILE D 76 43.77 4.86 -21.23
N ALA D 77 44.41 5.90 -21.74
CA ALA D 77 45.04 6.91 -20.90
C ALA D 77 44.10 8.03 -20.50
N ILE D 78 42.87 8.05 -21.01
CA ILE D 78 41.91 9.08 -20.65
C ILE D 78 41.02 8.56 -19.53
N GLU D 79 40.71 7.26 -19.54
CA GLU D 79 39.86 6.72 -18.49
C GLU D 79 40.61 6.55 -17.18
N ASN D 80 41.87 6.16 -17.24
CA ASN D 80 42.78 6.30 -16.11
C ASN D 80 43.44 7.66 -16.24
N GLU D 81 43.06 8.61 -15.39
CA GLU D 81 43.41 10.00 -15.65
C GLU D 81 44.91 10.21 -15.47
N ASN D 82 45.66 10.10 -16.58
CA ASN D 82 47.11 10.24 -16.60
C ASN D 82 47.47 11.31 -17.62
N LEU D 83 47.95 12.45 -17.13
CA LEU D 83 48.27 13.58 -17.99
C LEU D 83 49.74 13.65 -18.37
N GLU D 84 50.51 12.59 -18.11
CA GLU D 84 51.92 12.55 -18.48
C GLU D 84 52.22 11.57 -19.59
N ILE D 85 51.28 10.69 -19.95
CA ILE D 85 51.46 9.78 -21.06
C ILE D 85 50.71 10.33 -22.26
N MET D 86 49.66 11.12 -22.02
CA MET D 86 48.96 11.78 -23.12
C MET D 86 49.88 12.77 -23.82
N GLU D 87 50.61 13.57 -23.06
CA GLU D 87 51.54 14.52 -23.65
C GLU D 87 52.71 13.83 -24.33
N LEU D 88 52.99 12.58 -23.97
CA LEU D 88 54.04 11.83 -24.66
C LEU D 88 53.53 11.22 -25.95
N LEU D 89 52.30 10.71 -25.94
CA LEU D 89 51.72 10.13 -27.14
C LEU D 89 51.32 11.19 -28.16
N LEU D 90 51.12 12.43 -27.73
CA LEU D 90 50.75 13.49 -28.65
C LEU D 90 51.94 14.17 -29.30
N ASN D 91 53.09 14.19 -28.61
CA ASN D 91 54.30 14.74 -29.22
C ASN D 91 54.79 13.88 -30.38
N HIS D 92 54.48 12.59 -30.37
CA HIS D 92 54.57 11.77 -31.56
C HIS D 92 53.22 11.80 -32.27
N SER D 93 53.25 11.61 -33.59
CA SER D 93 52.04 11.74 -34.38
C SER D 93 51.18 10.49 -34.23
N VAL D 94 50.08 10.60 -33.50
CA VAL D 94 49.08 9.54 -33.43
C VAL D 94 47.80 10.08 -34.05
N TYR D 95 46.80 9.22 -34.19
CA TYR D 95 45.56 9.55 -34.89
C TYR D 95 44.51 9.95 -33.86
N VAL D 96 44.15 11.23 -33.84
CA VAL D 96 43.13 11.76 -32.93
C VAL D 96 41.82 11.79 -33.69
N GLY D 97 40.90 10.90 -33.35
CA GLY D 97 39.62 10.85 -34.02
C GLY D 97 38.54 11.56 -33.24
N ASP D 98 37.58 10.79 -32.73
CA ASP D 98 36.51 11.34 -31.88
C ASP D 98 36.90 11.24 -30.41
N ALA D 99 38.06 11.80 -30.09
CA ALA D 99 38.61 11.72 -28.75
C ALA D 99 38.28 12.93 -27.88
N LEU D 100 37.61 13.94 -28.44
CA LEU D 100 37.16 15.08 -27.64
C LEU D 100 35.77 14.86 -27.08
N LEU D 101 35.01 13.90 -27.62
CA LEU D 101 33.70 13.56 -27.09
C LEU D 101 33.77 12.52 -25.98
N TYR D 102 34.89 11.84 -25.81
CA TYR D 102 35.08 10.89 -24.72
C TYR D 102 35.60 11.56 -23.46
N ALA D 103 36.08 12.81 -23.55
CA ALA D 103 36.57 13.54 -22.40
C ALA D 103 35.56 14.55 -21.86
N ILE D 104 34.46 14.77 -22.58
CA ILE D 104 33.36 15.58 -22.08
C ILE D 104 32.30 14.74 -21.38
N ARG D 105 32.20 13.45 -21.72
CA ARG D 105 31.27 12.57 -21.03
C ARG D 105 31.80 12.17 -19.66
N LYS D 106 33.11 11.98 -19.54
CA LYS D 106 33.78 11.78 -18.26
C LYS D 106 34.40 13.11 -17.86
N GLU D 107 33.82 13.75 -16.84
CA GLU D 107 34.00 15.18 -16.61
C GLU D 107 35.37 15.46 -15.99
N VAL D 108 36.36 15.63 -16.84
CA VAL D 108 37.69 16.09 -16.44
C VAL D 108 37.97 17.41 -17.15
N VAL D 109 38.81 18.24 -16.54
CA VAL D 109 39.04 19.57 -17.05
C VAL D 109 40.43 19.75 -17.67
N GLY D 110 41.45 19.04 -17.18
CA GLY D 110 42.77 19.16 -17.78
C GLY D 110 42.82 18.63 -19.19
N ALA D 111 42.18 17.47 -19.44
CA ALA D 111 42.23 16.84 -20.74
C ALA D 111 41.58 17.72 -21.81
N VAL D 112 40.43 18.33 -21.49
CA VAL D 112 39.75 19.20 -22.44
C VAL D 112 40.68 20.31 -22.92
N GLU D 113 41.28 21.03 -21.98
CA GLU D 113 42.18 22.12 -22.33
C GLU D 113 43.39 21.62 -23.12
N LEU D 114 43.98 20.51 -22.67
CA LEU D 114 45.14 19.97 -23.37
C LEU D 114 44.82 19.64 -24.82
N LEU D 115 43.65 19.04 -25.06
CA LEU D 115 43.27 18.68 -26.42
C LEU D 115 42.94 19.90 -27.26
N LEU D 116 42.29 20.91 -26.66
CA LEU D 116 42.04 22.15 -27.40
C LEU D 116 43.33 22.84 -27.79
N SER D 117 44.36 22.79 -26.93
CA SER D 117 45.59 23.51 -27.21
C SER D 117 46.37 22.90 -28.37
N TYR D 118 46.40 21.57 -28.46
CA TYR D 118 47.16 20.89 -29.50
C TYR D 118 46.45 20.85 -30.85
N ARG D 119 45.34 21.55 -31.00
CA ARG D 119 44.59 21.60 -32.26
C ARG D 119 45.48 21.91 -33.45
N GLN D 135 36.06 2.97 -37.94
CA GLN D 135 34.68 3.29 -38.27
C GLN D 135 33.71 2.64 -37.28
N PHE D 136 33.76 3.10 -36.03
CA PHE D 136 32.82 2.66 -35.01
C PHE D 136 32.85 3.66 -33.87
N SER D 137 31.68 4.08 -33.41
CA SER D 137 31.58 5.04 -32.32
C SER D 137 30.33 4.76 -31.51
N GLU D 138 30.29 5.32 -30.32
CA GLU D 138 29.13 5.24 -29.44
C GLU D 138 28.18 6.40 -29.62
N PHE D 139 28.48 7.34 -30.51
CA PHE D 139 27.69 8.55 -30.69
C PHE D 139 27.15 8.62 -32.11
N THR D 140 25.90 9.07 -32.23
CA THR D 140 25.27 9.24 -33.52
C THR D 140 25.97 10.34 -34.32
N PRO D 141 25.80 10.34 -35.65
CA PRO D 141 26.60 11.26 -36.48
C PRO D 141 26.21 12.73 -36.41
N ASP D 142 25.30 13.11 -35.51
CA ASP D 142 24.87 14.51 -35.43
C ASP D 142 25.29 15.22 -34.15
N ILE D 143 25.81 14.51 -33.15
CA ILE D 143 26.20 15.14 -31.89
C ILE D 143 27.40 16.06 -32.13
N THR D 144 27.33 17.26 -31.57
CA THR D 144 28.41 18.24 -31.58
C THR D 144 28.89 18.51 -30.16
N PRO D 145 30.06 19.13 -30.00
CA PRO D 145 30.57 19.35 -28.63
C PRO D 145 29.71 20.25 -27.77
N ILE D 146 29.28 21.40 -28.29
CA ILE D 146 28.46 22.31 -27.49
C ILE D 146 27.10 21.71 -27.19
N MET D 147 26.63 20.78 -28.01
CA MET D 147 25.35 20.13 -27.74
C MET D 147 25.50 18.99 -26.74
N LEU D 148 26.67 18.33 -26.71
CA LEU D 148 26.87 17.24 -25.78
C LEU D 148 27.28 17.72 -24.40
N ALA D 149 27.93 18.89 -24.31
CA ALA D 149 28.30 19.44 -23.02
C ALA D 149 27.13 20.05 -22.28
N ALA D 150 25.96 20.17 -22.93
CA ALA D 150 24.77 20.69 -22.29
C ALA D 150 23.81 19.62 -21.81
N HIS D 151 23.89 18.40 -22.35
CA HIS D 151 23.13 17.29 -21.80
C HIS D 151 23.60 16.98 -20.38
N THR D 152 24.92 16.88 -20.19
CA THR D 152 25.47 16.98 -18.85
C THR D 152 25.35 18.42 -18.35
N ASN D 153 25.55 18.62 -17.06
CA ASN D 153 25.24 19.91 -16.46
C ASN D 153 26.44 20.49 -15.74
N ASN D 154 27.58 20.53 -16.41
CA ASN D 154 28.74 21.22 -15.87
C ASN D 154 28.67 22.72 -16.15
N TYR D 155 29.21 23.50 -15.22
CA TYR D 155 29.25 24.95 -15.35
C TYR D 155 30.61 25.46 -15.81
N GLU D 156 31.69 24.77 -15.46
CA GLU D 156 33.03 25.21 -15.84
C GLU D 156 33.41 24.79 -17.25
N ILE D 157 32.84 23.68 -17.74
CA ILE D 157 33.16 23.22 -19.09
C ILE D 157 32.37 24.03 -20.13
N ILE D 158 31.13 24.39 -19.82
CA ILE D 158 30.34 25.19 -20.77
C ILE D 158 30.98 26.56 -20.96
N LYS D 159 31.52 27.14 -19.89
CA LYS D 159 32.09 28.48 -20.00
C LYS D 159 33.35 28.51 -20.85
N LEU D 160 34.01 27.37 -21.07
CA LEU D 160 35.21 27.35 -21.90
C LEU D 160 34.90 27.28 -23.39
N LEU D 161 33.74 26.75 -23.76
CA LEU D 161 33.37 26.60 -25.15
C LEU D 161 32.58 27.78 -25.71
N VAL D 162 32.03 28.63 -24.83
CA VAL D 162 31.29 29.82 -25.28
C VAL D 162 32.21 31.01 -25.45
N GLN D 163 33.40 30.99 -24.87
CA GLN D 163 34.37 32.06 -25.10
C GLN D 163 34.99 31.97 -26.49
N LYS D 164 34.99 30.79 -27.08
CA LYS D 164 35.13 30.65 -28.53
C LYS D 164 33.75 30.64 -29.15
N ARG D 165 33.68 30.99 -30.43
CA ARG D 165 32.38 31.21 -31.06
C ARG D 165 31.73 29.89 -31.44
N VAL D 166 30.48 29.70 -31.01
CA VAL D 166 29.71 28.49 -31.28
C VAL D 166 28.30 28.89 -31.70
N THR D 167 27.47 27.88 -31.98
CA THR D 167 26.15 28.13 -32.54
C THR D 167 25.29 26.87 -32.38
N ILE D 168 23.99 27.07 -32.17
CA ILE D 168 23.03 25.98 -32.12
C ILE D 168 21.92 26.24 -33.13
N PRO D 169 21.48 25.23 -33.90
CA PRO D 169 20.43 25.47 -34.90
C PRO D 169 19.08 25.87 -34.30
N ARG D 170 18.11 26.17 -35.15
CA ARG D 170 16.80 26.64 -34.71
C ARG D 170 15.71 25.69 -35.22
N PRO D 171 14.84 25.19 -34.36
CA PRO D 171 13.78 24.29 -34.81
C PRO D 171 12.56 25.07 -35.31
N HIS D 172 11.93 24.53 -36.36
CA HIS D 172 10.77 25.18 -36.95
C HIS D 172 9.55 25.04 -36.03
N GLN D 173 8.56 25.88 -36.30
CA GLN D 173 7.33 25.85 -35.51
C GLN D 173 6.53 24.59 -35.81
N ILE D 174 5.53 24.33 -34.97
CA ILE D 174 4.68 23.16 -35.14
C ILE D 174 3.85 23.30 -36.41
N ARG D 175 3.53 22.17 -37.03
CA ARG D 175 2.66 22.09 -38.21
C ARG D 175 3.23 22.87 -39.40
N CYS D 176 4.55 23.04 -39.45
CA CYS D 176 5.17 23.72 -40.57
C CYS D 176 5.06 22.87 -41.83
N ASN D 177 4.97 23.54 -42.98
CA ASN D 177 4.66 22.87 -44.24
C ASN D 177 5.60 23.30 -45.36
N CYS D 178 6.84 23.65 -45.04
CA CYS D 178 7.80 23.97 -46.09
C CYS D 178 8.17 22.71 -46.86
N VAL D 179 8.86 22.90 -47.99
CA VAL D 179 9.22 21.74 -48.80
C VAL D 179 10.23 20.85 -48.09
N GLU D 180 11.08 21.42 -47.24
CA GLU D 180 12.05 20.60 -46.54
C GLU D 180 11.39 19.72 -45.49
N CYS D 181 10.46 20.28 -44.70
CA CYS D 181 9.83 19.51 -43.65
C CYS D 181 8.95 18.39 -44.19
N VAL D 182 8.51 18.48 -45.43
CA VAL D 182 7.69 17.42 -46.02
C VAL D 182 8.49 16.52 -46.95
N SER D 183 9.66 16.97 -47.43
CA SER D 183 10.51 16.12 -48.24
C SER D 183 11.37 15.21 -47.38
N SER D 184 11.99 15.76 -46.34
CA SER D 184 12.86 14.94 -45.48
C SER D 184 12.04 13.95 -44.65
N SER D 185 10.79 14.27 -44.37
CA SER D 185 9.96 13.41 -43.52
C SER D 185 9.43 12.19 -44.24
N GLU D 186 9.87 11.97 -45.49
CA GLU D 186 9.43 10.79 -46.24
C GLU D 186 10.57 10.08 -46.93
N VAL D 187 11.79 10.54 -46.71
CA VAL D 187 12.96 9.82 -47.17
C VAL D 187 13.62 9.05 -46.03
N ASP D 188 13.69 9.65 -44.84
CA ASP D 188 14.12 8.98 -43.62
C ASP D 188 13.28 9.53 -42.49
N SER D 189 12.41 8.72 -41.92
CA SER D 189 11.46 9.17 -40.91
C SER D 189 11.85 8.78 -39.50
N LEU D 190 12.90 7.96 -39.33
CA LEU D 190 13.40 7.63 -38.00
C LEU D 190 14.61 8.45 -37.61
N ARG D 191 15.23 9.13 -38.57
CA ARG D 191 16.32 10.05 -38.27
C ARG D 191 15.84 11.49 -38.11
N HIS D 192 14.74 11.86 -38.76
CA HIS D 192 14.17 13.19 -38.62
C HIS D 192 13.45 13.40 -37.29
N SER D 193 13.07 12.32 -36.61
CA SER D 193 12.37 12.42 -35.34
C SER D 193 13.31 12.28 -34.15
N ARG D 194 14.61 12.24 -34.39
CA ARG D 194 15.62 12.17 -33.35
C ARG D 194 16.34 13.48 -33.10
N SER D 195 16.51 14.30 -34.15
CA SER D 195 17.25 15.54 -34.00
C SER D 195 16.49 16.56 -33.16
N ARG D 196 15.17 16.61 -33.31
CA ARG D 196 14.39 17.59 -32.56
C ARG D 196 14.46 17.33 -31.06
N LEU D 197 14.42 16.06 -30.66
CA LEU D 197 14.53 15.75 -29.24
C LEU D 197 15.89 16.16 -28.69
N ASN D 198 16.95 15.96 -29.47
CA ASN D 198 18.28 16.37 -29.04
C ASN D 198 18.36 17.89 -28.86
N ILE D 199 17.85 18.65 -29.83
CA ILE D 199 17.91 20.10 -29.72
C ILE D 199 17.11 20.59 -28.53
N TYR D 200 15.93 20.00 -28.30
CA TYR D 200 15.10 20.46 -27.19
C TYR D 200 15.67 20.04 -25.84
N LYS D 201 16.43 18.94 -25.79
CA LYS D 201 17.13 18.60 -24.55
C LYS D 201 18.31 19.52 -24.32
N ALA D 202 18.92 20.02 -25.39
CA ALA D 202 20.02 20.96 -25.23
C ALA D 202 19.53 22.31 -24.72
N LEU D 203 18.43 22.83 -25.29
CA LEU D 203 18.00 24.19 -24.98
C LEU D 203 17.47 24.35 -23.56
N ALA D 204 17.04 23.27 -22.90
CA ALA D 204 16.31 23.35 -21.64
C ALA D 204 17.17 23.06 -20.42
N SER D 205 18.44 23.44 -20.44
CA SER D 205 19.26 23.15 -19.25
C SER D 205 19.42 24.40 -18.39
N PRO D 206 19.41 24.26 -17.06
CA PRO D 206 19.50 25.44 -16.19
C PRO D 206 20.74 26.29 -16.38
N SER D 207 21.91 25.68 -16.57
CA SER D 207 23.14 26.47 -16.68
C SER D 207 23.15 27.31 -17.94
N LEU D 208 22.74 26.74 -19.07
CA LEU D 208 22.70 27.51 -20.31
C LEU D 208 21.66 28.63 -20.23
N ILE D 209 20.55 28.40 -19.51
CA ILE D 209 19.55 29.46 -19.36
C ILE D 209 20.08 30.56 -18.46
N ALA D 210 20.84 30.22 -17.43
CA ALA D 210 21.32 31.19 -16.47
C ALA D 210 22.59 31.90 -16.91
N LEU D 211 23.24 31.42 -17.98
CA LEU D 211 24.51 31.99 -18.41
C LEU D 211 24.38 32.98 -19.57
N SER D 212 23.41 32.78 -20.46
CA SER D 212 23.35 33.57 -21.69
C SER D 212 21.98 34.18 -21.98
N SER D 213 21.10 34.28 -21.00
CA SER D 213 19.78 34.86 -21.19
C SER D 213 19.70 36.25 -20.58
N GLU D 214 18.82 37.09 -21.13
CA GLU D 214 18.66 38.44 -20.60
C GLU D 214 17.68 38.49 -19.44
N ASP D 215 16.67 37.62 -19.43
CA ASP D 215 15.69 37.57 -18.34
C ASP D 215 15.44 36.10 -18.02
N PRO D 216 16.13 35.55 -17.02
CA PRO D 216 16.05 34.10 -16.79
C PRO D 216 14.74 33.62 -16.20
N ILE D 217 13.85 34.52 -15.79
CA ILE D 217 12.60 34.10 -15.16
C ILE D 217 11.51 34.01 -16.21
N LEU D 218 11.53 34.92 -17.17
CA LEU D 218 10.50 34.97 -18.21
C LEU D 218 10.79 34.05 -19.38
N THR D 219 11.95 33.40 -19.40
CA THR D 219 12.29 32.43 -20.44
C THR D 219 11.95 31.01 -20.02
N ALA D 220 11.77 30.75 -18.73
CA ALA D 220 11.28 29.47 -18.26
C ALA D 220 9.76 29.41 -18.19
N PHE D 221 9.09 30.53 -18.40
CA PHE D 221 7.63 30.52 -18.51
C PHE D 221 7.19 30.17 -19.92
N ARG D 222 7.84 30.75 -20.93
CA ARG D 222 7.44 30.59 -22.32
C ARG D 222 7.97 29.31 -22.95
N LEU D 223 8.84 28.57 -22.27
CA LEU D 223 9.40 27.35 -22.81
C LEU D 223 8.92 26.10 -22.09
N GLY D 224 8.37 26.24 -20.89
CA GLY D 224 7.72 25.14 -20.21
C GLY D 224 6.25 25.04 -20.51
N TRP D 225 5.75 25.85 -21.44
CA TRP D 225 4.36 25.82 -21.88
C TRP D 225 4.18 25.23 -23.27
N GLU D 226 5.19 25.34 -24.13
CA GLU D 226 5.13 24.77 -25.46
C GLU D 226 5.97 23.51 -25.59
N LEU D 227 6.48 22.98 -24.49
CA LEU D 227 6.97 21.61 -24.42
C LEU D 227 5.89 20.65 -23.95
N LYS D 228 4.71 21.16 -23.60
CA LYS D 228 3.58 20.32 -23.25
C LYS D 228 2.60 20.15 -24.41
N GLU D 229 2.49 21.15 -25.28
CA GLU D 229 1.69 20.96 -26.49
C GLU D 229 2.30 19.89 -27.39
N LEU D 230 3.63 19.91 -27.54
CA LEU D 230 4.32 18.87 -28.30
C LEU D 230 4.11 17.48 -27.73
N SER D 231 3.64 17.36 -26.49
CA SER D 231 3.38 16.07 -25.88
C SER D 231 2.08 15.44 -26.37
N LYS D 232 1.32 16.11 -27.23
CA LYS D 232 0.06 15.59 -27.71
C LYS D 232 0.11 15.14 -29.17
N VAL D 233 0.90 15.80 -30.01
CA VAL D 233 0.95 15.41 -31.42
C VAL D 233 1.96 14.30 -31.63
N GLU D 234 2.92 14.14 -30.74
CA GLU D 234 3.95 13.09 -30.83
C GLU D 234 3.66 12.05 -29.76
N ASN D 235 2.89 11.02 -30.14
CA ASN D 235 2.50 9.99 -29.18
C ASN D 235 3.65 9.08 -28.79
N GLU D 236 4.75 9.08 -29.55
CA GLU D 236 5.84 8.15 -29.27
C GLU D 236 6.69 8.60 -28.09
N PHE D 237 6.96 9.90 -27.97
CA PHE D 237 7.87 10.43 -26.96
C PHE D 237 7.14 11.27 -25.92
N LYS D 238 5.94 10.82 -25.55
CA LYS D 238 5.10 11.56 -24.61
C LYS D 238 5.76 11.71 -23.26
N ALA D 239 6.17 10.58 -22.67
CA ALA D 239 6.85 10.61 -21.37
C ALA D 239 8.06 11.52 -21.39
N GLU D 240 8.91 11.39 -22.42
CA GLU D 240 10.10 12.22 -22.54
C GLU D 240 9.77 13.71 -22.52
N TYR D 241 8.89 14.15 -23.43
CA TYR D 241 8.55 15.57 -23.47
C TYR D 241 7.93 16.02 -22.14
N GLU D 242 7.07 15.18 -21.57
CA GLU D 242 6.46 15.51 -20.29
C GLU D 242 7.52 15.77 -19.22
N GLU D 243 8.52 14.88 -19.12
CA GLU D 243 9.51 15.06 -18.07
C GLU D 243 10.43 16.25 -18.35
N LEU D 244 10.72 16.54 -19.62
CA LEU D 244 11.47 17.76 -19.91
C LEU D 244 10.69 19.00 -19.53
N SER D 245 9.35 18.92 -19.53
CA SER D 245 8.55 20.07 -19.14
C SER D 245 8.58 20.37 -17.64
N GLN D 246 9.17 19.50 -16.82
CA GLN D 246 9.21 19.72 -15.38
C GLN D 246 10.48 20.39 -14.90
N GLN D 247 11.59 20.26 -15.64
CA GLN D 247 12.82 20.94 -15.24
C GLN D 247 12.73 22.45 -15.38
N CYS D 248 11.65 22.98 -15.94
CA CYS D 248 11.48 24.40 -16.13
C CYS D 248 10.55 25.04 -15.11
N LYS D 249 10.04 24.26 -14.16
CA LYS D 249 9.16 24.78 -13.12
C LYS D 249 9.80 24.86 -11.74
N LEU D 250 10.87 24.10 -11.49
CA LEU D 250 11.58 24.20 -10.23
C LEU D 250 12.64 25.29 -10.26
N PHE D 251 13.19 25.56 -11.44
CA PHE D 251 14.25 26.56 -11.58
C PHE D 251 13.80 27.92 -11.06
N ALA D 252 12.63 28.39 -11.53
CA ALA D 252 12.16 29.71 -11.12
C ALA D 252 11.82 29.75 -9.64
N LYS D 253 11.26 28.66 -9.10
CA LYS D 253 10.93 28.62 -7.69
C LYS D 253 12.17 28.76 -6.81
N ASP D 254 13.24 28.03 -7.16
CA ASP D 254 14.47 28.14 -6.38
C ASP D 254 15.10 29.52 -6.53
N LEU D 255 15.22 29.99 -7.77
CA LEU D 255 15.77 31.32 -8.00
C LEU D 255 15.00 32.38 -7.23
N LEU D 256 13.71 32.16 -6.97
CA LEU D 256 12.96 33.11 -6.15
C LEU D 256 13.24 32.93 -4.67
N ASP D 257 13.26 31.70 -4.17
CA ASP D 257 13.44 31.53 -2.73
C ASP D 257 14.89 31.66 -2.29
N GLN D 258 15.77 32.13 -3.17
CA GLN D 258 17.12 32.53 -2.76
C GLN D 258 17.21 34.02 -2.37
N ALA D 259 16.13 34.61 -1.84
CA ALA D 259 16.11 36.02 -1.49
C ALA D 259 16.33 36.22 0.00
N ARG D 260 16.87 37.40 0.36
CA ARG D 260 17.33 37.66 1.72
C ARG D 260 16.73 38.92 2.34
N SER D 261 15.72 39.53 1.72
CA SER D 261 15.17 40.78 2.22
C SER D 261 13.83 41.03 1.55
N SER D 262 13.22 42.17 1.89
CA SER D 262 11.89 42.54 1.39
C SER D 262 11.95 43.50 0.21
N ARG D 263 12.91 44.43 0.21
CA ARG D 263 13.06 45.32 -0.93
C ARG D 263 13.32 44.54 -2.22
N GLU D 264 14.02 43.42 -2.12
CA GLU D 264 14.27 42.60 -3.31
C GLU D 264 12.99 41.98 -3.84
N LEU D 265 12.14 41.45 -2.96
CA LEU D 265 10.84 40.95 -3.41
C LEU D 265 10.01 42.04 -4.06
N GLU D 266 9.98 43.23 -3.45
CA GLU D 266 9.19 44.32 -4.00
C GLU D 266 9.72 44.74 -5.36
N ILE D 267 11.04 44.68 -5.57
CA ILE D 267 11.60 45.03 -6.87
C ILE D 267 11.27 43.95 -7.90
N ILE D 268 11.36 42.68 -7.52
CA ILE D 268 11.15 41.61 -8.50
C ILE D 268 9.70 41.54 -8.93
N LEU D 269 8.77 41.46 -7.97
CA LEU D 269 7.39 41.20 -8.35
C LEU D 269 6.70 42.38 -9.03
N ASN D 270 7.36 43.52 -9.22
CA ASN D 270 6.75 44.69 -9.83
C ASN D 270 7.50 45.16 -11.07
N HIS D 271 8.04 44.24 -11.85
CA HIS D 271 8.80 44.58 -13.03
C HIS D 271 7.92 44.46 -14.27
N ARG D 272 7.85 45.54 -15.05
CA ARG D 272 7.05 45.59 -16.27
C ARG D 272 7.96 46.01 -17.41
N ASP D 273 8.08 45.14 -18.42
CA ASP D 273 8.92 45.41 -19.58
C ASP D 273 8.10 46.06 -20.68
N ASP D 274 8.61 47.18 -21.20
CA ASP D 274 7.94 47.93 -22.26
C ASP D 274 6.53 48.35 -21.85
N TYR D 284 2.09 50.50 -13.43
CA TYR D 284 2.75 51.42 -12.51
C TYR D 284 3.35 50.69 -11.32
N HIS D 285 2.57 50.54 -10.25
CA HIS D 285 3.04 49.88 -9.04
C HIS D 285 2.14 48.72 -8.63
N ASP D 286 1.30 48.23 -9.53
CA ASP D 286 0.55 47.02 -9.25
C ASP D 286 1.43 45.79 -9.51
N LEU D 287 0.96 44.63 -9.05
CA LEU D 287 1.74 43.41 -9.16
C LEU D 287 1.72 42.96 -10.62
N ALA D 288 2.57 43.59 -11.42
CA ALA D 288 2.58 43.41 -12.86
C ALA D 288 3.35 42.17 -13.30
N LYS D 289 3.84 41.36 -12.38
CA LYS D 289 4.48 40.10 -12.72
C LYS D 289 3.90 38.90 -11.98
N LEU D 290 2.99 39.13 -11.03
CA LEU D 290 2.25 38.04 -10.42
C LEU D 290 0.97 37.73 -11.18
N LYS D 291 0.60 38.56 -12.15
CA LYS D 291 -0.55 38.28 -13.01
C LYS D 291 -0.16 37.46 -14.24
N VAL D 292 1.10 37.51 -14.65
CA VAL D 292 1.56 36.70 -15.78
C VAL D 292 1.77 35.25 -15.37
N ALA D 293 2.05 34.98 -14.10
CA ALA D 293 2.24 33.61 -13.65
C ALA D 293 0.92 32.88 -13.42
N ILE D 294 -0.21 33.59 -13.46
CA ILE D 294 -1.50 32.93 -13.31
C ILE D 294 -2.10 32.55 -14.65
N LYS D 295 -1.77 33.28 -15.73
CA LYS D 295 -2.23 32.92 -17.06
C LYS D 295 -1.34 31.89 -17.73
N TYR D 296 -0.39 31.31 -16.99
CA TYR D 296 0.42 30.21 -17.47
C TYR D 296 0.28 28.97 -16.60
N HIS D 297 -0.50 29.04 -15.53
CA HIS D 297 -0.78 27.91 -14.63
C HIS D 297 0.50 27.41 -13.97
N GLN D 298 1.17 28.31 -13.24
CA GLN D 298 2.34 27.98 -12.45
C GLN D 298 1.89 27.90 -10.99
N LYS D 299 1.69 26.67 -10.50
CA LYS D 299 1.10 26.47 -9.19
C LYS D 299 2.12 26.41 -8.07
N GLU D 300 3.41 26.38 -8.37
CA GLU D 300 4.44 26.40 -7.35
C GLU D 300 5.07 27.76 -7.15
N PHE D 301 4.85 28.69 -8.06
CA PHE D 301 5.40 30.03 -7.97
C PHE D 301 4.51 30.98 -7.19
N VAL D 302 3.24 30.63 -6.98
CA VAL D 302 2.29 31.49 -6.29
C VAL D 302 1.75 30.83 -5.02
N ALA D 303 2.41 29.77 -4.55
CA ALA D 303 2.02 29.05 -3.34
C ALA D 303 3.21 28.89 -2.41
N GLN D 304 3.95 29.97 -2.21
CA GLN D 304 5.17 30.03 -1.42
C GLN D 304 4.99 30.92 -0.20
N PRO D 305 5.66 30.61 0.92
CA PRO D 305 5.51 31.43 2.13
C PRO D 305 5.64 32.94 1.93
N ASN D 306 6.67 33.41 1.21
CA ASN D 306 6.88 34.85 1.10
C ASN D 306 5.80 35.50 0.24
N CYS D 307 5.42 34.87 -0.87
CA CYS D 307 4.36 35.42 -1.71
C CYS D 307 3.01 35.37 -1.01
N GLN D 308 2.80 34.38 -0.15
CA GLN D 308 1.55 34.26 0.60
C GLN D 308 1.57 35.04 1.90
N GLN D 309 2.70 35.67 2.23
CA GLN D 309 2.76 36.58 3.37
C GLN D 309 2.77 38.04 2.95
N LEU D 310 3.21 38.34 1.73
CA LEU D 310 3.09 39.71 1.25
C LEU D 310 1.63 40.09 0.98
N LEU D 311 0.79 39.10 0.66
CA LEU D 311 -0.60 39.36 0.30
C LEU D 311 -1.48 39.52 1.54
N ALA D 312 -1.27 38.66 2.54
CA ALA D 312 -2.08 38.71 3.75
C ALA D 312 -1.96 40.04 4.49
N THR D 313 -0.92 40.82 4.19
CA THR D 313 -0.78 42.16 4.76
C THR D 313 -1.50 43.21 3.91
N LEU D 314 -2.21 42.77 2.88
CA LEU D 314 -3.09 43.64 2.11
C LEU D 314 -4.53 43.17 2.09
N TRP D 315 -4.81 41.90 2.35
CA TRP D 315 -6.19 41.43 2.47
C TRP D 315 -6.79 41.74 3.84
N TYR D 316 -5.96 42.12 4.82
CA TYR D 316 -6.42 42.44 6.16
C TYR D 316 -6.05 43.86 6.52
N ASP D 317 -6.33 44.79 5.60
CA ASP D 317 -6.00 46.19 5.82
C ASP D 317 -7.11 46.85 6.64
N GLY D 318 -6.73 47.54 7.71
CA GLY D 318 -7.67 48.13 8.63
C GLY D 318 -7.92 47.31 9.89
N PHE D 319 -7.39 46.10 9.95
CA PHE D 319 -7.50 45.23 11.13
C PHE D 319 -6.07 44.92 11.56
N PRO D 320 -5.42 45.83 12.29
CA PRO D 320 -3.97 45.69 12.53
C PRO D 320 -3.58 44.40 13.23
N GLY D 321 -4.49 43.79 13.98
CA GLY D 321 -4.16 42.55 14.66
C GLY D 321 -5.23 41.48 14.53
N TRP D 322 -4.85 40.31 14.01
CA TRP D 322 -5.76 39.16 13.96
C TRP D 322 -5.36 38.10 14.99
N ARG D 323 -4.64 38.49 16.03
CA ARG D 323 -4.27 37.58 17.11
C ARG D 323 -5.25 37.74 18.27
N ARG D 324 -6.45 37.20 18.05
CA ARG D 324 -7.55 37.34 18.99
C ARG D 324 -8.11 35.95 19.30
N LYS D 325 -9.04 35.92 20.26
CA LYS D 325 -9.69 34.67 20.63
C LYS D 325 -10.39 34.08 19.42
N HIS D 326 -10.13 32.78 19.17
CA HIS D 326 -10.47 32.19 17.89
C HIS D 326 -11.98 32.08 17.69
N TRP D 327 -12.74 31.84 18.76
CA TRP D 327 -14.13 31.42 18.61
C TRP D 327 -15.15 32.44 19.11
N VAL D 328 -14.72 33.57 19.68
CA VAL D 328 -15.69 34.52 20.23
C VAL D 328 -15.55 35.91 19.64
N VAL D 329 -14.40 36.56 19.83
CA VAL D 329 -14.31 37.99 19.51
C VAL D 329 -14.25 38.19 17.99
N LYS D 330 -13.38 37.45 17.30
CA LYS D 330 -13.33 37.53 15.85
C LYS D 330 -14.58 36.95 15.21
N LEU D 331 -15.31 36.11 15.93
CA LEU D 331 -16.60 35.61 15.43
C LEU D 331 -17.69 36.67 15.57
N LEU D 332 -17.60 37.53 16.59
CA LEU D 332 -18.63 38.53 16.82
C LEU D 332 -18.40 39.81 16.05
N THR D 333 -17.15 40.21 15.82
CA THR D 333 -16.90 41.47 15.12
C THR D 333 -17.44 41.42 13.69
N CYS D 334 -17.43 40.26 13.04
CA CYS D 334 -17.92 40.17 11.68
C CYS D 334 -19.45 40.23 11.65
N MET D 335 -20.12 39.53 12.56
CA MET D 335 -21.56 39.68 12.69
C MET D 335 -21.94 41.13 12.96
N THR D 336 -21.12 41.84 13.75
CA THR D 336 -21.38 43.25 14.00
C THR D 336 -21.26 44.07 12.72
N ILE D 337 -20.23 43.80 11.92
CA ILE D 337 -20.05 44.56 10.68
C ILE D 337 -21.14 44.22 9.67
N GLY D 338 -21.70 43.02 9.74
CA GLY D 338 -22.63 42.57 8.71
C GLY D 338 -23.85 43.46 8.56
N PHE D 339 -24.46 43.84 9.68
CA PHE D 339 -25.72 44.58 9.65
C PHE D 339 -25.58 45.97 9.02
N LEU D 340 -24.38 46.52 8.95
CA LEU D 340 -24.19 47.91 8.55
C LEU D 340 -24.08 48.11 7.05
N PHE D 341 -24.33 47.08 6.24
CA PHE D 341 -24.13 47.23 4.80
C PHE D 341 -25.06 48.24 4.14
N PRO D 342 -26.34 48.39 4.52
CA PRO D 342 -27.15 49.42 3.83
C PRO D 342 -26.66 50.84 4.10
N MET D 343 -26.37 51.17 5.36
CA MET D 343 -25.88 52.51 5.67
C MET D 343 -24.51 52.75 5.07
N LEU D 344 -23.64 51.73 5.05
CA LEU D 344 -22.35 51.89 4.39
C LEU D 344 -22.52 52.17 2.90
N SER D 345 -23.42 51.43 2.26
CA SER D 345 -23.66 51.63 0.83
C SER D 345 -24.17 53.03 0.54
N ILE D 346 -25.18 53.49 1.30
CA ILE D 346 -25.73 54.81 1.02
C ILE D 346 -24.74 55.91 1.36
N ALA D 347 -23.90 55.69 2.38
CA ALA D 347 -22.87 56.67 2.71
C ALA D 347 -21.86 56.80 1.59
N TYR D 348 -21.42 55.67 1.03
CA TYR D 348 -20.55 55.72 -0.14
C TYR D 348 -21.24 56.38 -1.32
N LEU D 349 -22.56 56.18 -1.43
CA LEU D 349 -23.29 56.75 -2.56
C LEU D 349 -23.39 58.26 -2.48
N ILE D 350 -23.64 58.81 -1.29
CA ILE D 350 -23.87 60.24 -1.18
C ILE D 350 -22.55 61.02 -1.18
N SER D 351 -21.52 60.48 -0.54
CA SER D 351 -20.24 61.17 -0.47
C SER D 351 -19.10 60.15 -0.45
N PRO D 352 -18.28 60.11 -1.50
CA PRO D 352 -17.20 59.12 -1.58
C PRO D 352 -15.84 59.57 -1.05
N ARG D 353 -15.73 60.78 -0.49
CA ARG D 353 -14.46 61.28 0.00
C ARG D 353 -14.52 61.70 1.47
N SER D 354 -15.57 61.33 2.19
CA SER D 354 -15.66 61.66 3.61
C SER D 354 -14.87 60.64 4.43
N ASN D 355 -14.98 60.74 5.75
CA ASN D 355 -14.34 59.78 6.64
C ASN D 355 -15.20 58.55 6.91
N LEU D 356 -16.50 58.61 6.60
CA LEU D 356 -17.32 57.40 6.60
C LEU D 356 -17.27 56.69 5.26
N GLY D 357 -17.27 57.44 4.17
CA GLY D 357 -16.83 56.92 2.89
C GLY D 357 -15.36 56.60 2.93
N LEU D 358 -14.89 55.93 1.88
CA LEU D 358 -13.53 55.44 1.73
C LEU D 358 -13.25 54.30 2.72
N PHE D 359 -14.19 53.98 3.60
CA PHE D 359 -14.05 52.88 4.54
C PHE D 359 -14.63 51.58 3.98
N ILE D 360 -15.28 51.62 2.83
CA ILE D 360 -15.76 50.41 2.17
C ILE D 360 -14.78 49.90 1.12
N LYS D 361 -13.81 50.71 0.71
CA LYS D 361 -12.85 50.30 -0.32
C LYS D 361 -11.68 49.55 0.31
N LYS D 362 -12.02 48.43 0.96
CA LYS D 362 -11.04 47.56 1.59
C LYS D 362 -11.41 46.14 1.21
N PRO D 363 -10.43 45.32 0.82
CA PRO D 363 -10.75 43.99 0.27
C PRO D 363 -11.59 43.11 1.17
N PHE D 364 -11.64 43.37 2.47
CA PHE D 364 -12.41 42.52 3.37
C PHE D 364 -13.84 43.00 3.54
N ILE D 365 -14.05 44.31 3.64
CA ILE D 365 -15.38 44.85 3.85
C ILE D 365 -16.28 44.58 2.64
N LYS D 366 -15.73 44.70 1.44
CA LYS D 366 -16.53 44.41 0.25
C LYS D 366 -16.98 42.96 0.23
N PHE D 367 -16.08 42.03 0.56
CA PHE D 367 -16.47 40.62 0.64
C PHE D 367 -17.57 40.42 1.67
N ILE D 368 -17.43 41.02 2.85
CA ILE D 368 -18.44 40.84 3.89
C ILE D 368 -19.79 41.36 3.42
N CYS D 369 -19.81 42.57 2.83
CA CYS D 369 -21.08 43.14 2.40
C CYS D 369 -21.72 42.31 1.29
N HIS D 370 -20.93 41.83 0.33
CA HIS D 370 -21.51 41.05 -0.75
C HIS D 370 -22.01 39.69 -0.26
N THR D 371 -21.32 39.08 0.71
CA THR D 371 -21.82 37.84 1.27
C THR D 371 -23.08 38.06 2.09
N ALA D 372 -23.20 39.21 2.75
CA ALA D 372 -24.38 39.47 3.57
C ALA D 372 -25.59 39.86 2.73
N SER D 373 -25.38 40.46 1.56
CA SER D 373 -26.50 40.84 0.70
C SER D 373 -27.20 39.66 0.07
N TYR D 374 -26.72 38.43 0.27
CA TYR D 374 -27.27 37.24 -0.34
C TYR D 374 -28.17 36.44 0.59
N LEU D 375 -27.83 36.39 1.88
CA LEU D 375 -28.65 35.64 2.83
C LEU D 375 -30.01 36.28 3.02
N THR D 376 -30.12 37.60 2.87
CA THR D 376 -31.41 38.26 2.95
C THR D 376 -32.31 37.83 1.80
N PHE D 377 -31.76 37.79 0.58
CA PHE D 377 -32.51 37.29 -0.57
C PHE D 377 -32.92 35.83 -0.35
N LEU D 378 -31.99 35.01 0.13
CA LEU D 378 -32.30 33.60 0.37
C LEU D 378 -33.23 33.37 1.56
N PHE D 379 -33.47 34.39 2.38
CA PHE D 379 -34.41 34.28 3.48
C PHE D 379 -35.75 34.95 3.18
N MET D 380 -35.79 35.84 2.18
CA MET D 380 -37.04 36.44 1.73
C MET D 380 -37.76 35.58 0.72
N LEU D 381 -37.34 34.32 0.54
CA LEU D 381 -38.02 33.37 -0.31
C LEU D 381 -38.77 32.30 0.46
N LEU D 382 -38.30 31.92 1.65
CA LEU D 382 -39.03 30.98 2.48
C LEU D 382 -40.37 31.54 2.93
N LEU D 383 -40.54 32.86 2.93
CA LEU D 383 -41.83 33.44 3.25
C LEU D 383 -42.83 33.26 2.12
N ALA D 384 -42.34 33.20 0.87
CA ALA D 384 -43.23 33.01 -0.27
C ALA D 384 -43.61 31.54 -0.47
N SER D 385 -42.83 30.61 0.08
CA SER D 385 -43.16 29.19 -0.06
C SER D 385 -44.35 28.83 0.84
N GLN D 386 -44.19 29.02 2.14
CA GLN D 386 -45.27 28.84 3.10
C GLN D 386 -45.91 30.20 3.38
N HIS D 387 -47.18 30.34 3.03
CA HIS D 387 -47.84 31.64 3.13
C HIS D 387 -47.94 32.09 4.59
N ILE D 388 -47.43 33.29 4.85
CA ILE D 388 -47.64 33.90 6.17
C ILE D 388 -49.09 34.36 6.31
N VAL D 389 -49.57 35.14 5.34
CA VAL D 389 -50.96 35.55 5.21
C VAL D 389 -51.22 35.83 3.73
N ARG D 390 -52.30 35.26 3.19
CA ARG D 390 -52.63 35.42 1.78
C ARG D 390 -54.14 35.34 1.62
N THR D 391 -54.59 35.25 0.37
CA THR D 391 -56.00 35.11 0.03
C THR D 391 -56.26 33.71 -0.53
N ASP D 392 -57.53 33.33 -0.55
CA ASP D 392 -57.90 32.02 -1.05
C ASP D 392 -57.63 31.93 -2.55
N LEU D 393 -57.59 30.68 -3.03
CA LEU D 393 -57.06 30.36 -4.35
C LEU D 393 -58.18 29.80 -5.24
N HIS D 394 -58.91 30.71 -5.90
CA HIS D 394 -59.87 30.31 -6.91
C HIS D 394 -59.86 31.19 -8.15
N VAL D 395 -59.18 32.32 -8.14
CA VAL D 395 -59.14 33.21 -9.30
C VAL D 395 -58.08 32.71 -10.28
N GLN D 396 -58.33 32.94 -11.57
CA GLN D 396 -57.36 32.57 -12.59
C GLN D 396 -56.03 33.28 -12.38
N GLY D 397 -56.04 34.60 -12.38
CA GLY D 397 -54.84 35.37 -12.13
C GLY D 397 -55.06 36.48 -11.14
N PRO D 398 -54.38 36.39 -10.00
CA PRO D 398 -54.48 37.44 -8.99
C PRO D 398 -53.39 38.47 -9.16
N PRO D 399 -53.54 39.65 -8.56
CA PRO D 399 -52.46 40.65 -8.58
C PRO D 399 -51.30 40.18 -7.71
N PRO D 400 -50.09 40.68 -7.98
CA PRO D 400 -48.95 40.29 -7.14
C PRO D 400 -49.09 40.81 -5.72
N THR D 401 -48.66 40.00 -4.76
CA THR D 401 -48.73 40.37 -3.36
C THR D 401 -47.49 41.14 -2.94
N VAL D 402 -47.50 41.61 -1.69
CA VAL D 402 -46.47 42.53 -1.21
C VAL D 402 -45.10 41.87 -1.26
N VAL D 403 -45.03 40.58 -0.91
CA VAL D 403 -43.74 39.89 -0.88
C VAL D 403 -43.11 39.84 -2.25
N GLU D 404 -43.92 39.74 -3.31
CA GLU D 404 -43.38 39.67 -4.66
C GLU D 404 -42.96 41.02 -5.19
N TRP D 405 -43.56 42.10 -4.69
CA TRP D 405 -43.26 43.43 -5.22
C TRP D 405 -41.81 43.84 -4.96
N MET D 406 -41.16 43.27 -3.95
CA MET D 406 -39.84 43.69 -3.54
C MET D 406 -38.73 42.75 -4.00
N ILE D 407 -39.04 41.73 -4.80
CA ILE D 407 -38.01 40.80 -5.26
C ILE D 407 -37.43 41.20 -6.62
N LEU D 408 -38.20 41.92 -7.44
CA LEU D 408 -37.70 42.32 -8.75
C LEU D 408 -36.41 43.14 -8.72
N PRO D 409 -36.17 44.03 -7.74
CA PRO D 409 -34.88 44.75 -7.73
C PRO D 409 -33.66 43.83 -7.69
N TRP D 410 -33.69 42.77 -6.88
CA TRP D 410 -32.57 41.84 -6.84
C TRP D 410 -32.32 41.21 -8.21
N VAL D 411 -33.39 40.79 -8.89
CA VAL D 411 -33.23 40.14 -10.19
C VAL D 411 -32.66 41.12 -11.21
N LEU D 412 -33.19 42.34 -11.23
CA LEU D 412 -32.69 43.35 -12.16
C LEU D 412 -31.23 43.66 -11.88
N GLY D 413 -30.84 43.75 -10.61
CA GLY D 413 -29.45 44.00 -10.27
C GLY D 413 -28.54 42.86 -10.70
N PHE D 414 -28.98 41.62 -10.50
CA PHE D 414 -28.19 40.47 -10.94
C PHE D 414 -27.99 40.49 -12.45
N ILE D 415 -29.06 40.76 -13.21
CA ILE D 415 -28.94 40.78 -14.67
C ILE D 415 -28.01 41.91 -15.11
N TRP D 416 -28.12 43.08 -14.48
CA TRP D 416 -27.26 44.19 -14.86
C TRP D 416 -25.81 43.89 -14.54
N GLY D 417 -25.54 43.28 -13.38
CA GLY D 417 -24.17 42.89 -13.06
C GLY D 417 -23.62 41.89 -14.04
N GLU D 418 -24.43 40.90 -14.41
CA GLU D 418 -23.97 39.90 -15.38
C GLU D 418 -23.65 40.53 -16.73
N ILE D 419 -24.52 41.42 -17.20
CA ILE D 419 -24.28 42.01 -18.52
C ILE D 419 -23.12 42.98 -18.47
N LYS D 420 -22.87 43.63 -17.32
CA LYS D 420 -21.74 44.55 -17.22
C LYS D 420 -20.43 43.80 -17.12
N GLU D 421 -20.41 42.66 -16.43
CA GLU D 421 -19.17 41.90 -16.29
C GLU D 421 -18.64 41.40 -17.62
N MET D 422 -19.53 41.18 -18.59
CA MET D 422 -19.12 40.72 -19.91
C MET D 422 -18.49 41.82 -20.76
N TRP D 423 -18.52 43.07 -20.30
CA TRP D 423 -18.03 44.18 -21.11
C TRP D 423 -16.55 44.41 -20.91
N ASP D 424 -16.13 44.67 -19.67
CA ASP D 424 -14.72 44.89 -19.35
C ASP D 424 -13.98 43.58 -19.09
N GLY D 425 -14.11 42.64 -20.02
CA GLY D 425 -13.49 41.34 -19.90
C GLY D 425 -13.63 40.51 -21.16
N GLY D 426 -12.71 39.56 -21.35
CA GLY D 426 -12.73 38.76 -22.56
C GLY D 426 -13.94 37.83 -22.59
N PHE D 427 -14.64 37.82 -23.72
CA PHE D 427 -15.75 36.89 -23.89
C PHE D 427 -15.26 35.45 -23.82
N THR D 428 -14.10 35.17 -24.41
CA THR D 428 -13.48 33.85 -24.28
C THR D 428 -13.16 33.56 -22.82
N GLU D 429 -12.66 34.55 -22.09
CA GLU D 429 -12.42 34.37 -20.66
C GLU D 429 -13.71 34.14 -19.90
N TYR D 430 -14.81 34.76 -20.36
CA TYR D 430 -16.09 34.59 -19.70
C TYR D 430 -16.61 33.17 -19.88
N ILE D 431 -16.59 32.66 -21.11
CA ILE D 431 -17.20 31.37 -21.41
C ILE D 431 -16.37 30.22 -20.85
N HIS D 432 -15.23 30.53 -20.25
CA HIS D 432 -14.33 29.52 -19.71
C HIS D 432 -14.59 29.20 -18.25
N ASP D 433 -15.57 29.84 -17.62
CA ASP D 433 -15.94 29.53 -16.24
C ASP D 433 -17.24 28.72 -16.23
N TRP D 434 -17.26 27.67 -15.41
CA TRP D 434 -18.36 26.71 -15.42
C TRP D 434 -19.50 27.09 -14.50
N TRP D 435 -19.36 28.16 -13.72
CA TRP D 435 -20.48 28.64 -12.91
C TRP D 435 -21.39 29.61 -13.66
N ASN D 436 -21.04 29.98 -14.89
CA ASN D 436 -21.83 30.96 -15.63
C ASN D 436 -23.10 30.36 -16.20
N LEU D 437 -23.06 29.08 -16.61
CA LEU D 437 -24.25 28.45 -17.16
C LEU D 437 -25.34 28.32 -16.11
N MET D 438 -24.95 28.13 -14.84
CA MET D 438 -25.94 28.10 -13.76
C MET D 438 -26.67 29.43 -13.67
N ASP D 439 -25.93 30.53 -13.69
CA ASP D 439 -26.54 31.86 -13.63
C ASP D 439 -27.42 32.10 -14.85
N PHE D 440 -26.98 31.63 -16.02
CA PHE D 440 -27.77 31.79 -17.24
C PHE D 440 -29.11 31.07 -17.11
N ALA D 441 -29.09 29.80 -16.68
CA ALA D 441 -30.33 29.05 -16.51
C ALA D 441 -31.23 29.68 -15.47
N MET D 442 -30.66 30.11 -14.33
CA MET D 442 -31.45 30.76 -13.29
C MET D 442 -32.13 32.01 -13.82
N ASN D 443 -31.39 32.84 -14.56
CA ASN D 443 -31.95 34.08 -15.07
C ASN D 443 -33.05 33.81 -16.09
N SER D 444 -32.86 32.81 -16.94
CA SER D 444 -33.89 32.47 -17.92
C SER D 444 -35.18 32.01 -17.25
N LEU D 445 -35.05 31.09 -16.27
CA LEU D 445 -36.22 30.60 -15.57
C LEU D 445 -36.87 31.67 -14.71
N TYR D 446 -36.11 32.67 -14.26
CA TYR D 446 -36.72 33.80 -13.55
C TYR D 446 -37.43 34.75 -14.51
N LEU D 447 -36.92 34.88 -15.73
CA LEU D 447 -37.49 35.82 -16.68
C LEU D 447 -38.77 35.30 -17.32
N ALA D 448 -38.88 33.98 -17.52
CA ALA D 448 -40.10 33.45 -18.14
C ALA D 448 -41.35 33.71 -17.29
N THR D 449 -41.18 33.72 -15.95
CA THR D 449 -42.33 33.78 -15.05
C THR D 449 -43.13 35.06 -15.22
N ILE D 450 -42.45 36.18 -15.48
CA ILE D 450 -43.16 37.46 -15.58
C ILE D 450 -44.15 37.44 -16.74
N SER D 451 -43.69 37.04 -17.92
CA SER D 451 -44.57 36.96 -19.07
C SER D 451 -45.67 35.93 -18.84
N LEU D 452 -45.31 34.77 -18.29
CA LEU D 452 -46.33 33.75 -18.07
C LEU D 452 -47.38 34.19 -17.05
N LYS D 453 -47.04 35.11 -16.16
CA LYS D 453 -47.99 35.60 -15.17
C LYS D 453 -48.77 36.81 -15.65
N ILE D 454 -48.28 37.55 -16.63
CA ILE D 454 -49.02 38.71 -17.13
C ILE D 454 -49.98 38.28 -18.23
N VAL D 455 -49.62 37.25 -18.99
CA VAL D 455 -50.53 36.74 -20.02
C VAL D 455 -51.84 36.28 -19.40
N ALA D 456 -51.76 35.54 -18.29
CA ALA D 456 -52.97 35.05 -17.64
C ALA D 456 -53.73 36.17 -16.95
N TYR D 457 -53.03 37.23 -16.52
CA TYR D 457 -53.73 38.35 -15.90
C TYR D 457 -54.48 39.19 -16.92
N VAL D 458 -53.98 39.25 -18.15
CA VAL D 458 -54.65 40.06 -19.17
C VAL D 458 -55.70 39.27 -19.93
N LYS D 459 -55.49 37.97 -20.16
CA LYS D 459 -56.44 37.17 -20.94
C LYS D 459 -57.67 36.81 -20.11
N TYR D 460 -57.46 36.13 -18.98
CA TYR D 460 -58.56 35.54 -18.24
C TYR D 460 -59.21 36.55 -17.30
N ASN D 461 -60.34 36.13 -16.73
CA ASN D 461 -61.12 36.94 -15.80
C ASN D 461 -62.18 36.05 -15.17
N GLY D 462 -62.53 36.37 -13.93
CA GLY D 462 -63.54 35.61 -13.21
C GLY D 462 -62.95 34.64 -12.22
N SER D 463 -63.78 33.69 -11.80
CA SER D 463 -63.38 32.68 -10.84
C SER D 463 -64.12 31.38 -11.11
N ARG D 464 -63.44 30.27 -10.86
CA ARG D 464 -64.03 28.94 -11.01
C ARG D 464 -63.24 27.98 -10.14
N PRO D 465 -63.85 26.89 -9.67
CA PRO D 465 -63.15 25.95 -8.81
C PRO D 465 -61.90 25.37 -9.46
N ARG D 466 -61.02 24.84 -8.62
CA ARG D 466 -59.73 24.35 -9.09
C ARG D 466 -59.81 22.95 -9.70
N GLU D 467 -60.87 22.21 -9.43
CA GLU D 467 -61.00 20.83 -9.90
C GLU D 467 -61.46 20.73 -11.34
N GLU D 468 -61.64 21.84 -12.04
CA GLU D 468 -62.10 21.81 -13.42
C GLU D 468 -61.15 22.48 -14.41
N TRP D 469 -59.97 22.91 -13.98
CA TRP D 469 -59.01 23.53 -14.89
C TRP D 469 -58.43 22.50 -15.85
N GLU D 470 -57.71 22.99 -16.85
CA GLU D 470 -57.11 22.14 -17.86
C GLU D 470 -55.69 21.76 -17.45
N MET D 471 -55.13 20.74 -18.08
CA MET D 471 -53.79 20.34 -17.75
C MET D 471 -52.74 21.35 -18.25
N TRP D 472 -53.08 22.20 -19.23
CA TRP D 472 -52.12 23.15 -19.78
C TRP D 472 -52.57 24.58 -19.54
N HIS D 473 -52.99 24.88 -18.32
CA HIS D 473 -53.43 26.22 -17.97
C HIS D 473 -52.24 27.09 -17.61
N PRO D 474 -52.21 28.34 -18.07
CA PRO D 474 -51.04 29.20 -17.82
C PRO D 474 -50.69 29.36 -16.34
N THR D 475 -51.68 29.41 -15.46
CA THR D 475 -51.40 29.58 -14.04
C THR D 475 -50.76 28.34 -13.42
N LEU D 476 -50.91 27.18 -14.05
CA LEU D 476 -50.32 25.96 -13.52
C LEU D 476 -48.89 25.76 -14.00
N ILE D 477 -48.59 26.14 -15.24
CA ILE D 477 -47.23 26.02 -15.76
C ILE D 477 -46.33 27.12 -15.24
N ALA D 478 -46.89 28.18 -14.67
CA ALA D 478 -46.11 29.27 -14.11
C ALA D 478 -45.76 29.07 -12.65
N GLU D 479 -46.09 27.90 -12.07
CA GLU D 479 -45.72 27.59 -10.71
C GLU D 479 -44.72 26.44 -10.61
N ALA D 480 -44.52 25.67 -11.66
CA ALA D 480 -43.51 24.62 -11.64
C ALA D 480 -42.11 25.19 -11.78
N LEU D 481 -41.94 26.15 -12.71
CA LEU D 481 -40.62 26.74 -12.92
C LEU D 481 -40.17 27.52 -11.69
N PHE D 482 -41.10 28.22 -11.02
CA PHE D 482 -40.74 28.94 -9.82
C PHE D 482 -40.31 28.01 -8.70
N ALA D 483 -40.84 26.79 -8.68
CA ALA D 483 -40.39 25.81 -7.70
C ALA D 483 -39.04 25.22 -8.08
N ILE D 484 -38.82 24.96 -9.36
CA ILE D 484 -37.55 24.38 -9.80
C ILE D 484 -36.41 25.36 -9.59
N SER D 485 -36.67 26.67 -9.77
CA SER D 485 -35.58 27.64 -9.71
C SER D 485 -34.97 27.76 -8.32
N ASN D 486 -35.75 27.52 -7.27
CA ASN D 486 -35.23 27.66 -5.92
C ASN D 486 -34.11 26.67 -5.64
N ILE D 487 -34.18 25.48 -6.23
CA ILE D 487 -33.15 24.48 -6.00
C ILE D 487 -31.83 24.92 -6.64
N LEU D 488 -31.87 25.37 -7.89
CA LEU D 488 -30.66 25.87 -8.53
C LEU D 488 -30.19 27.19 -7.94
N SER D 489 -31.04 27.88 -7.17
CA SER D 489 -30.62 29.10 -6.49
C SER D 489 -30.12 28.88 -5.08
N SER D 490 -30.37 27.71 -4.49
CA SER D 490 -29.91 27.42 -3.13
C SER D 490 -28.65 26.58 -3.07
N LEU D 491 -28.30 25.87 -4.14
CA LEU D 491 -27.13 25.00 -4.16
C LEU D 491 -25.85 25.72 -4.57
N ARG D 492 -25.85 27.06 -4.57
CA ARG D 492 -24.69 27.82 -4.98
C ARG D 492 -23.86 28.29 -3.79
N LEU D 493 -24.20 27.86 -2.58
CA LEU D 493 -23.43 28.19 -1.39
C LEU D 493 -22.29 27.20 -1.16
N ILE D 494 -21.95 26.40 -2.18
CA ILE D 494 -20.80 25.53 -2.12
C ILE D 494 -19.57 26.15 -2.77
N SER D 495 -19.73 27.29 -3.42
CA SER D 495 -18.61 28.03 -4.00
C SER D 495 -17.96 28.97 -2.99
N LEU D 496 -18.34 28.89 -1.72
CA LEU D 496 -17.73 29.67 -0.65
C LEU D 496 -16.83 28.84 0.24
N PHE D 497 -16.68 27.54 -0.05
CA PHE D 497 -15.89 26.64 0.78
C PHE D 497 -14.39 26.81 0.58
N THR D 498 -13.96 27.59 -0.41
CA THR D 498 -12.53 27.74 -0.69
C THR D 498 -11.85 28.74 0.24
N ALA D 499 -12.61 29.51 1.01
CA ALA D 499 -12.05 30.54 1.89
C ALA D 499 -11.83 30.04 3.31
N ASN D 500 -12.03 28.74 3.56
CA ASN D 500 -11.85 28.17 4.90
C ASN D 500 -10.87 27.01 4.82
N SER D 501 -10.15 26.79 5.91
CA SER D 501 -9.08 25.79 5.93
C SER D 501 -9.59 24.37 6.11
N HIS D 502 -10.77 24.18 6.71
CA HIS D 502 -11.28 22.84 6.95
C HIS D 502 -12.12 22.31 5.79
N LEU D 503 -13.01 23.14 5.26
CA LEU D 503 -13.85 22.74 4.13
C LEU D 503 -13.18 22.94 2.79
N GLY D 504 -12.01 23.58 2.75
CA GLY D 504 -11.30 23.84 1.52
C GLY D 504 -10.85 22.58 0.81
N PRO D 505 -9.96 21.81 1.43
CA PRO D 505 -9.42 20.61 0.78
C PRO D 505 -10.43 19.50 0.54
N LEU D 506 -11.71 19.69 0.85
CA LEU D 506 -12.71 18.67 0.58
C LEU D 506 -13.34 18.83 -0.80
N GLN D 507 -13.56 20.07 -1.24
CA GLN D 507 -14.08 20.29 -2.58
C GLN D 507 -13.09 19.85 -3.65
N ILE D 508 -11.79 20.01 -3.39
CA ILE D 508 -10.79 19.62 -4.37
C ILE D 508 -10.68 18.11 -4.48
N SER D 509 -10.92 17.39 -3.39
CA SER D 509 -10.95 15.93 -3.44
C SER D 509 -12.26 15.39 -3.97
N LEU D 510 -13.36 16.15 -3.82
CA LEU D 510 -14.63 15.74 -4.42
C LEU D 510 -14.63 15.95 -5.92
N GLY D 511 -13.90 16.95 -6.41
CA GLY D 511 -13.87 17.21 -7.84
C GLY D 511 -13.31 16.05 -8.65
N ARG D 512 -12.48 15.20 -8.03
CA ARG D 512 -11.90 14.08 -8.75
C ARG D 512 -12.85 12.90 -8.84
N MET D 513 -13.75 12.74 -7.88
CA MET D 513 -14.66 11.60 -7.88
C MET D 513 -15.62 11.64 -9.07
N LEU D 514 -15.91 12.82 -9.58
CA LEU D 514 -16.86 12.97 -10.67
C LEU D 514 -16.26 12.69 -12.05
N LEU D 515 -14.97 12.34 -12.12
CA LEU D 515 -14.36 11.89 -13.36
C LEU D 515 -14.23 10.38 -13.44
N ASP D 516 -14.95 9.66 -12.58
CA ASP D 516 -14.91 8.21 -12.53
C ASP D 516 -16.22 7.56 -12.96
N ILE D 517 -17.34 8.25 -12.77
CA ILE D 517 -18.65 7.66 -13.05
C ILE D 517 -19.00 7.70 -14.53
N LEU D 518 -18.26 8.46 -15.34
CA LEU D 518 -18.65 8.67 -16.73
C LEU D 518 -18.55 7.38 -17.55
N LYS D 519 -17.44 6.65 -17.42
CA LYS D 519 -17.26 5.46 -18.24
C LYS D 519 -18.20 4.33 -17.82
N PHE D 520 -18.36 4.14 -16.51
N PHE D 520 -18.40 4.21 -16.52
CA PHE D 520 -19.33 3.15 -16.05
CA PHE D 520 -19.33 3.21 -16.01
C PHE D 520 -20.75 3.54 -16.44
C PHE D 520 -20.70 3.57 -16.52
N LEU D 521 -21.04 4.84 -16.49
CA LEU D 521 -22.32 5.29 -17.00
C LEU D 521 -22.46 4.99 -18.48
N PHE D 522 -21.38 5.11 -19.24
CA PHE D 522 -21.40 4.75 -20.67
C PHE D 522 -21.75 3.28 -20.85
N ILE D 523 -21.13 2.41 -20.05
CA ILE D 523 -21.44 0.98 -20.16
C ILE D 523 -22.87 0.70 -19.71
N TYR D 524 -23.31 1.36 -18.64
CA TYR D 524 -24.64 1.11 -18.10
C TYR D 524 -25.73 1.54 -19.07
N CYS D 525 -25.52 2.63 -19.79
CA CYS D 525 -26.54 3.07 -20.73
C CYS D 525 -26.73 2.08 -21.86
N LEU D 526 -25.66 1.41 -22.30
CA LEU D 526 -25.80 0.38 -23.32
C LEU D 526 -26.44 -0.87 -22.75
N VAL D 527 -26.07 -1.27 -21.53
CA VAL D 527 -26.69 -2.44 -20.93
C VAL D 527 -28.17 -2.22 -20.67
N LEU D 528 -28.60 -0.96 -20.52
CA LEU D 528 -30.01 -0.68 -20.33
C LEU D 528 -30.77 -0.57 -21.65
N LEU D 529 -30.18 0.07 -22.65
CA LEU D 529 -30.82 0.13 -23.97
C LEU D 529 -30.93 -1.25 -24.60
N ALA D 530 -30.04 -2.18 -24.25
CA ALA D 530 -30.14 -3.53 -24.79
C ALA D 530 -31.40 -4.22 -24.27
N PHE D 531 -31.61 -4.20 -22.96
CA PHE D 531 -32.75 -4.90 -22.37
C PHE D 531 -34.07 -4.14 -22.54
N ALA D 532 -34.03 -2.84 -22.81
CA ALA D 532 -35.28 -2.09 -22.94
C ALA D 532 -36.11 -2.48 -24.16
N ASN D 533 -35.59 -3.32 -25.05
CA ASN D 533 -36.29 -3.72 -26.27
C ASN D 533 -36.91 -5.11 -26.18
N GLY D 534 -36.17 -6.07 -25.63
CA GLY D 534 -36.68 -7.44 -25.59
C GLY D 534 -37.98 -7.56 -24.80
N LEU D 535 -38.03 -6.95 -23.62
CA LEU D 535 -39.24 -7.03 -22.80
C LEU D 535 -40.40 -6.31 -23.47
N ASN D 536 -40.13 -5.16 -24.09
CA ASN D 536 -41.19 -4.42 -24.76
C ASN D 536 -41.75 -5.21 -25.95
N GLN D 537 -40.91 -5.99 -26.62
CA GLN D 537 -41.38 -6.73 -27.78
C GLN D 537 -42.27 -7.91 -27.39
N LEU D 538 -42.21 -8.36 -26.15
CA LEU D 538 -42.93 -9.57 -25.75
C LEU D 538 -44.30 -9.30 -25.13
N TYR D 539 -44.49 -8.15 -24.49
CA TYR D 539 -45.72 -7.88 -23.74
C TYR D 539 -46.65 -6.89 -24.43
N PHE D 540 -46.36 -6.50 -25.68
CA PHE D 540 -47.15 -5.47 -26.34
C PHE D 540 -48.38 -6.03 -27.04
N TYR D 541 -48.83 -7.24 -26.67
CA TYR D 541 -50.07 -7.79 -27.17
C TYR D 541 -51.22 -7.74 -26.18
N TYR D 542 -50.94 -7.56 -24.90
CA TYR D 542 -51.95 -7.63 -23.85
C TYR D 542 -52.19 -6.27 -23.19
N GLU D 543 -52.12 -5.20 -23.96
CA GLU D 543 -52.31 -3.85 -23.43
C GLU D 543 -53.81 -3.58 -23.28
N THR D 544 -54.28 -3.50 -22.04
CA THR D 544 -55.67 -3.22 -21.76
C THR D 544 -55.90 -1.71 -21.77
N ARG D 545 -57.07 -1.27 -21.30
CA ARG D 545 -57.42 0.13 -21.24
C ARG D 545 -57.53 0.58 -19.79
N ALA D 546 -57.90 1.85 -19.61
CA ALA D 546 -58.02 2.42 -18.27
C ALA D 546 -59.39 2.19 -17.65
N ILE D 547 -60.46 2.35 -18.42
CA ILE D 547 -61.81 2.20 -17.88
C ILE D 547 -62.06 0.79 -17.37
N ASP D 548 -61.45 -0.22 -17.98
CA ASP D 548 -61.62 -1.61 -17.56
C ASP D 548 -60.71 -1.99 -16.39
N GLU D 549 -60.17 -1.02 -15.67
CA GLU D 549 -59.29 -1.29 -14.54
C GLU D 549 -59.81 -0.60 -13.30
N PRO D 550 -59.55 -1.16 -12.12
CA PRO D 550 -60.09 -0.58 -10.88
C PRO D 550 -59.57 0.82 -10.63
N ASN D 551 -60.48 1.70 -10.20
CA ASN D 551 -60.20 3.08 -9.81
C ASN D 551 -59.70 3.95 -10.96
N ASN D 552 -59.79 3.47 -12.20
CA ASN D 552 -59.42 4.23 -13.39
C ASN D 552 -57.98 4.75 -13.29
N CYS D 553 -57.06 3.84 -12.96
CA CYS D 553 -55.65 4.17 -12.90
C CYS D 553 -54.88 3.21 -13.81
N LYS D 554 -53.97 3.75 -14.61
CA LYS D 554 -53.26 2.97 -15.61
C LYS D 554 -51.77 3.27 -15.52
N GLY D 555 -50.98 2.23 -15.30
CA GLY D 555 -49.53 2.36 -15.19
C GLY D 555 -49.07 2.14 -13.77
N ILE D 556 -47.75 2.26 -13.59
CA ILE D 556 -47.16 2.25 -12.25
C ILE D 556 -47.54 3.55 -11.57
N ARG D 557 -47.24 3.65 -10.27
CA ARG D 557 -47.58 4.74 -9.35
C ARG D 557 -49.03 4.68 -8.88
N CYS D 558 -49.80 3.68 -9.29
CA CYS D 558 -51.12 3.45 -8.71
C CYS D 558 -50.94 2.73 -7.37
N GLU D 559 -52.03 2.30 -6.76
CA GLU D 559 -51.91 1.44 -5.58
C GLU D 559 -51.61 0.00 -5.96
N LYS D 560 -52.29 -0.50 -7.00
CA LYS D 560 -52.04 -1.82 -7.56
C LYS D 560 -51.41 -1.61 -8.94
N GLN D 561 -50.13 -1.93 -9.06
CA GLN D 561 -49.39 -1.60 -10.27
C GLN D 561 -49.78 -2.52 -11.42
N ASN D 562 -49.85 -1.95 -12.62
CA ASN D 562 -50.26 -2.70 -13.80
C ASN D 562 -49.73 -1.99 -15.03
N ASN D 563 -49.65 -2.74 -16.14
CA ASN D 563 -49.22 -2.23 -17.44
C ASN D 563 -47.84 -1.57 -17.35
N ALA D 564 -46.85 -2.36 -16.93
CA ALA D 564 -45.51 -1.85 -16.72
C ALA D 564 -44.57 -2.10 -17.90
N PHE D 565 -44.94 -2.97 -18.85
CA PHE D 565 -44.08 -3.31 -19.97
C PHE D 565 -44.80 -3.16 -21.30
N SER D 566 -45.70 -2.18 -21.41
CA SER D 566 -46.47 -2.03 -22.64
C SER D 566 -45.71 -1.26 -23.71
N THR D 567 -45.37 0.00 -23.43
CA THR D 567 -44.70 0.86 -24.40
C THR D 567 -43.22 1.03 -24.06
N LEU D 568 -42.52 1.76 -24.92
CA LEU D 568 -41.09 1.97 -24.75
C LEU D 568 -40.78 3.05 -23.71
N PHE D 569 -41.72 3.94 -23.42
CA PHE D 569 -41.46 4.98 -22.44
C PHE D 569 -41.66 4.49 -21.01
N GLU D 570 -42.52 3.50 -20.80
CA GLU D 570 -42.74 2.97 -19.45
C GLU D 570 -41.69 1.92 -19.09
N THR D 571 -41.25 1.13 -20.07
CA THR D 571 -40.22 0.12 -19.85
C THR D 571 -38.87 0.74 -19.49
N LEU D 572 -38.70 2.04 -19.71
CA LEU D 572 -37.47 2.72 -19.30
C LEU D 572 -37.56 3.28 -17.90
N GLN D 573 -38.76 3.62 -17.42
CA GLN D 573 -38.92 4.07 -16.05
C GLN D 573 -39.01 2.90 -15.07
N SER D 574 -39.61 1.79 -15.49
CA SER D 574 -39.72 0.64 -14.60
C SER D 574 -38.34 0.05 -14.28
N LEU D 575 -37.48 -0.09 -15.30
CA LEU D 575 -36.16 -0.63 -15.07
C LEU D 575 -35.30 0.30 -14.21
N PHE D 576 -35.57 1.61 -14.25
CA PHE D 576 -34.87 2.52 -13.36
C PHE D 576 -35.36 2.38 -11.92
N TRP D 577 -36.68 2.43 -11.73
CA TRP D 577 -37.23 2.32 -10.37
C TRP D 577 -36.96 0.95 -9.76
N SER D 578 -36.65 -0.06 -10.56
CA SER D 578 -36.35 -1.38 -10.03
C SER D 578 -34.92 -1.51 -9.52
N VAL D 579 -34.14 -0.44 -9.52
CA VAL D 579 -32.79 -0.50 -8.97
C VAL D 579 -32.79 -0.25 -7.45
N PHE D 580 -33.73 0.55 -6.96
CA PHE D 580 -33.81 0.86 -5.54
C PHE D 580 -34.64 -0.14 -4.77
N GLY D 581 -35.62 -0.77 -5.41
CA GLY D 581 -36.38 -1.83 -4.77
C GLY D 581 -37.85 -1.53 -4.62
N LEU D 582 -38.35 -0.52 -5.34
CA LEU D 582 -39.72 -0.07 -5.22
C LEU D 582 -40.63 -0.67 -6.29
N LEU D 583 -40.26 -1.81 -6.86
CA LEU D 583 -41.06 -2.50 -7.87
C LEU D 583 -41.34 -3.91 -7.40
N ASN D 584 -42.61 -4.33 -7.49
CA ASN D 584 -43.02 -5.63 -6.99
C ASN D 584 -42.83 -6.71 -8.05
N LEU D 585 -43.16 -7.95 -7.69
CA LEU D 585 -42.91 -9.09 -8.55
C LEU D 585 -44.14 -9.56 -9.32
N TYR D 586 -45.34 -9.13 -8.93
CA TYR D 586 -46.56 -9.60 -9.58
C TYR D 586 -46.91 -8.79 -10.82
N VAL D 587 -45.95 -8.03 -11.38
CA VAL D 587 -46.17 -7.32 -12.63
C VAL D 587 -45.80 -8.16 -13.84
N THR D 588 -45.23 -9.35 -13.63
CA THR D 588 -44.84 -10.24 -14.72
C THR D 588 -45.86 -11.35 -14.97
N ASN D 589 -46.99 -11.31 -14.27
CA ASN D 589 -48.05 -12.29 -14.45
C ASN D 589 -49.06 -11.75 -15.44
N VAL D 590 -49.23 -12.44 -16.56
CA VAL D 590 -50.09 -11.98 -17.65
C VAL D 590 -51.41 -12.74 -17.60
N LYS D 591 -52.46 -12.13 -18.13
CA LYS D 591 -53.75 -12.77 -18.27
C LYS D 591 -53.70 -13.76 -19.44
N ALA D 592 -54.85 -14.36 -19.76
CA ALA D 592 -55.11 -15.25 -20.90
C ALA D 592 -54.52 -16.64 -20.71
N ARG D 593 -54.11 -17.02 -19.50
CA ARG D 593 -53.76 -18.38 -19.11
C ARG D 593 -52.48 -18.90 -19.75
N HIS D 594 -51.82 -18.14 -20.62
CA HIS D 594 -50.60 -18.62 -21.26
C HIS D 594 -49.47 -18.66 -20.26
N GLU D 595 -48.84 -19.85 -20.13
CA GLU D 595 -47.88 -20.10 -19.08
C GLU D 595 -46.43 -20.11 -19.54
N PHE D 596 -46.17 -20.40 -20.81
CA PHE D 596 -44.79 -20.44 -21.29
C PHE D 596 -44.19 -19.04 -21.40
N THR D 597 -45.02 -18.02 -21.63
CA THR D 597 -44.49 -16.67 -21.79
C THR D 597 -44.04 -16.09 -20.44
N GLU D 598 -44.80 -16.35 -19.38
CA GLU D 598 -44.47 -15.79 -18.07
C GLU D 598 -43.10 -16.25 -17.60
N PHE D 599 -42.73 -17.49 -17.91
CA PHE D 599 -41.42 -17.99 -17.48
C PHE D 599 -40.29 -17.26 -18.18
N VAL D 600 -40.43 -17.02 -19.50
CA VAL D 600 -39.41 -16.29 -20.23
C VAL D 600 -39.32 -14.85 -19.72
N GLY D 601 -40.46 -14.24 -19.43
CA GLY D 601 -40.44 -12.89 -18.88
C GLY D 601 -39.74 -12.82 -17.53
N ALA D 602 -40.04 -13.77 -16.64
CA ALA D 602 -39.39 -13.80 -15.34
C ALA D 602 -37.90 -14.05 -15.46
N THR D 603 -37.48 -14.90 -16.40
CA THR D 603 -36.06 -15.15 -16.61
C THR D 603 -35.35 -13.90 -17.12
N MET D 604 -35.96 -13.20 -18.09
CA MET D 604 -35.36 -11.97 -18.59
C MET D 604 -35.27 -10.91 -17.52
N PHE D 605 -36.26 -10.85 -16.62
CA PHE D 605 -36.22 -9.88 -15.54
C PHE D 605 -35.19 -10.26 -14.47
N GLY D 606 -35.00 -11.54 -14.22
CA GLY D 606 -34.05 -11.96 -13.20
C GLY D 606 -32.61 -11.93 -13.66
N THR D 607 -32.36 -12.08 -14.96
CA THR D 607 -31.00 -12.01 -15.47
C THR D 607 -30.45 -10.59 -15.42
N TYR D 608 -31.32 -9.58 -15.53
CA TYR D 608 -30.88 -8.19 -15.55
C TYR D 608 -30.41 -7.70 -14.20
N ASN D 609 -30.84 -8.33 -13.11
CA ASN D 609 -30.50 -7.84 -11.79
C ASN D 609 -29.09 -8.24 -11.37
N VAL D 610 -28.66 -9.46 -11.74
CA VAL D 610 -27.33 -9.92 -11.37
C VAL D 610 -26.25 -9.08 -12.04
N ILE D 611 -26.51 -8.62 -13.26
CA ILE D 611 -25.48 -7.87 -14.00
C ILE D 611 -25.34 -6.45 -13.46
N SER D 612 -26.41 -5.89 -12.90
CA SER D 612 -26.39 -4.49 -12.47
C SER D 612 -26.14 -4.31 -10.98
N LEU D 613 -26.62 -5.22 -10.13
CA LEU D 613 -26.52 -5.05 -8.69
C LEU D 613 -25.37 -5.80 -8.06
N VAL D 614 -24.75 -6.75 -8.77
CA VAL D 614 -23.73 -7.60 -8.18
C VAL D 614 -22.38 -7.48 -8.88
N VAL D 615 -22.34 -7.07 -10.14
CA VAL D 615 -21.09 -7.05 -10.90
C VAL D 615 -20.60 -5.62 -11.17
N LEU D 616 -21.46 -4.62 -11.16
CA LEU D 616 -21.06 -3.25 -11.45
C LEU D 616 -20.82 -2.42 -10.20
N LEU D 617 -21.73 -2.48 -9.22
CA LEU D 617 -21.54 -1.71 -8.00
C LEU D 617 -20.39 -2.22 -7.15
N ASN D 618 -19.90 -3.43 -7.41
CA ASN D 618 -18.70 -3.93 -6.75
C ASN D 618 -17.43 -3.49 -7.45
N MET D 619 -17.52 -2.72 -8.53
CA MET D 619 -16.37 -2.18 -9.24
C MET D 619 -16.20 -0.69 -9.04
N LEU D 620 -17.30 0.06 -8.95
CA LEU D 620 -17.19 1.48 -8.63
C LEU D 620 -16.46 1.70 -7.30
N ILE D 621 -16.80 0.90 -6.29
CA ILE D 621 -16.15 1.05 -5.00
C ILE D 621 -14.66 0.76 -5.11
N ALA D 622 -14.31 -0.34 -5.78
CA ALA D 622 -12.91 -0.75 -5.89
C ALA D 622 -12.09 0.18 -6.77
N MET D 623 -12.73 0.95 -7.64
CA MET D 623 -11.98 1.92 -8.43
C MET D 623 -11.89 3.29 -7.74
N MET D 624 -12.96 3.71 -7.07
CA MET D 624 -12.91 4.97 -6.34
C MET D 624 -11.96 4.89 -5.15
N ASN D 625 -11.86 3.71 -4.52
CA ASN D 625 -10.90 3.54 -3.44
C ASN D 625 -9.47 3.80 -3.91
N ASN D 626 -9.13 3.29 -5.09
CA ASN D 626 -7.79 3.54 -5.64
C ASN D 626 -7.64 4.98 -6.09
N SER D 627 -8.69 5.55 -6.68
CA SER D 627 -8.61 6.92 -7.19
C SER D 627 -8.45 7.93 -6.04
N TYR D 628 -8.97 7.61 -4.86
CA TYR D 628 -8.86 8.56 -3.75
C TYR D 628 -7.46 8.60 -3.16
N GLN D 629 -6.72 7.50 -3.22
CA GLN D 629 -5.41 7.41 -2.58
C GLN D 629 -4.28 7.94 -3.45
N LEU D 630 -4.60 8.64 -4.54
CA LEU D 630 -3.60 9.30 -5.36
C LEU D 630 -3.76 10.81 -5.41
N ILE D 631 -4.89 11.35 -4.95
CA ILE D 631 -5.09 12.79 -4.87
C ILE D 631 -4.90 13.32 -3.45
N ALA D 632 -4.72 12.44 -2.47
CA ALA D 632 -4.47 12.89 -1.10
C ALA D 632 -3.21 13.75 -1.03
N ASP D 633 -2.15 13.34 -1.73
CA ASP D 633 -0.96 14.17 -1.82
C ASP D 633 -1.24 15.38 -2.71
N HIS D 634 -0.39 16.40 -2.55
CA HIS D 634 -0.54 17.71 -3.20
C HIS D 634 -2.01 18.14 -3.23
N ALA D 635 -2.60 18.16 -2.04
CA ALA D 635 -3.94 18.70 -1.85
C ALA D 635 -3.95 20.07 -1.21
N ASP D 636 -2.77 20.60 -0.88
CA ASP D 636 -2.65 21.96 -0.36
C ASP D 636 -2.08 22.93 -1.38
N ILE D 637 -1.46 22.45 -2.46
CA ILE D 637 -0.97 23.34 -3.50
C ILE D 637 -2.08 23.77 -4.45
N GLU D 638 -3.19 23.04 -4.49
CA GLU D 638 -4.27 23.34 -5.40
C GLU D 638 -5.41 24.13 -4.75
N TRP D 639 -5.42 24.23 -3.42
CA TRP D 639 -6.42 25.05 -2.73
C TRP D 639 -5.95 26.50 -2.58
N LYS D 640 -4.67 26.69 -2.30
CA LYS D 640 -4.12 28.04 -2.14
C LYS D 640 -4.12 28.79 -3.46
N PHE D 641 -3.90 28.09 -4.58
CA PHE D 641 -4.02 28.72 -5.89
C PHE D 641 -5.44 29.25 -6.09
N ALA D 642 -6.45 28.44 -5.72
CA ALA D 642 -7.83 28.85 -5.89
C ALA D 642 -8.17 30.06 -5.02
N ARG D 643 -7.77 30.03 -3.74
CA ARG D 643 -8.12 31.16 -2.89
C ARG D 643 -7.34 32.41 -3.25
N THR D 644 -6.13 32.26 -3.80
CA THR D 644 -5.40 33.42 -4.30
C THR D 644 -6.11 34.04 -5.50
N LYS D 645 -6.54 33.19 -6.44
CA LYS D 645 -7.29 33.69 -7.58
C LYS D 645 -8.60 34.33 -7.14
N LEU D 646 -9.17 33.86 -6.03
CA LEU D 646 -10.35 34.52 -5.47
C LEU D 646 -10.00 35.91 -4.95
N TRP D 647 -8.98 36.01 -4.08
CA TRP D 647 -8.62 37.29 -3.49
C TRP D 647 -8.25 38.32 -4.54
N MET D 648 -7.58 37.90 -5.62
CA MET D 648 -7.11 38.86 -6.61
C MET D 648 -8.24 39.53 -7.38
N SER D 649 -9.49 39.20 -7.10
CA SER D 649 -10.62 39.76 -7.84
C SER D 649 -11.16 41.04 -7.21
N TYR D 650 -10.97 41.23 -5.91
CA TYR D 650 -11.45 42.42 -5.22
C TYR D 650 -10.39 43.51 -5.09
N PHE D 651 -9.13 43.21 -5.40
CA PHE D 651 -8.06 44.17 -5.17
C PHE D 651 -8.22 45.42 -6.03
N ASP D 652 -8.85 45.29 -7.19
CA ASP D 652 -8.98 46.42 -8.09
C ASP D 652 -10.14 47.31 -7.68
N GLU D 653 -9.99 48.61 -7.98
CA GLU D 653 -11.01 49.60 -7.62
C GLU D 653 -12.12 49.55 -8.65
N GLY D 654 -13.22 48.89 -8.29
CA GLY D 654 -14.39 48.84 -9.16
C GLY D 654 -15.59 49.49 -8.53
N GLY D 655 -15.56 49.68 -7.22
CA GLY D 655 -16.68 50.29 -6.51
C GLY D 655 -17.98 49.53 -6.69
N THR D 656 -17.93 48.20 -6.65
CA THR D 656 -19.10 47.38 -6.91
C THR D 656 -20.02 47.41 -5.70
N LEU D 657 -21.12 48.16 -5.82
CA LEU D 657 -22.14 48.16 -4.78
C LEU D 657 -22.89 46.84 -4.77
N PRO D 658 -23.57 46.52 -3.66
CA PRO D 658 -24.41 45.33 -3.63
C PRO D 658 -25.48 45.37 -4.70
N PRO D 659 -26.11 44.23 -4.99
CA PRO D 659 -27.06 44.15 -6.12
C PRO D 659 -28.19 45.16 -6.03
N PRO D 660 -28.87 45.30 -4.87
CA PRO D 660 -30.03 46.23 -4.85
C PRO D 660 -29.66 47.67 -5.18
N PHE D 661 -28.59 48.19 -4.60
CA PHE D 661 -28.16 49.55 -4.87
C PHE D 661 -27.37 49.69 -6.17
N ASN D 662 -27.25 48.62 -6.95
CA ASN D 662 -26.44 48.64 -8.16
C ASN D 662 -27.15 49.27 -9.35
N ILE D 663 -28.35 49.82 -9.16
CA ILE D 663 -29.11 50.46 -10.23
C ILE D 663 -29.47 51.87 -9.78
N ILE D 664 -28.60 52.83 -10.09
CA ILE D 664 -28.81 54.22 -9.72
C ILE D 664 -28.78 55.11 -10.96
N ARG D 702 9.49 59.19 -18.43
CA ARG D 702 9.29 58.57 -19.74
C ARG D 702 10.46 57.66 -20.08
N HIS D 703 11.63 58.25 -20.34
CA HIS D 703 12.83 57.47 -20.61
C HIS D 703 13.62 57.16 -19.35
N ALA D 704 13.93 58.19 -18.56
CA ALA D 704 14.76 58.01 -17.38
C ALA D 704 14.17 56.99 -16.42
N ASP D 705 12.84 56.95 -16.32
CA ASP D 705 12.20 55.96 -15.45
C ASP D 705 12.50 54.55 -15.91
N SER D 706 12.30 54.27 -17.20
CA SER D 706 12.59 52.94 -17.73
C SER D 706 14.06 52.58 -17.58
N LEU D 707 14.95 53.54 -17.82
CA LEU D 707 16.37 53.28 -17.65
C LEU D 707 16.70 52.92 -16.20
N ILE D 708 16.15 53.68 -15.24
CA ILE D 708 16.43 53.40 -13.85
C ILE D 708 15.89 52.04 -13.44
N GLN D 709 14.70 51.68 -13.92
CA GLN D 709 14.14 50.38 -13.57
C GLN D 709 14.97 49.24 -14.13
N ASN D 710 15.34 49.33 -15.40
CA ASN D 710 16.16 48.28 -16.00
C ASN D 710 17.54 48.22 -15.37
N GLN D 711 18.04 49.34 -14.86
CA GLN D 711 19.33 49.32 -14.17
C GLN D 711 19.23 48.69 -12.80
N HIS D 712 18.11 48.90 -12.11
CA HIS D 712 17.94 48.31 -10.78
C HIS D 712 17.64 46.82 -10.85
N TYR D 713 17.01 46.36 -11.94
CA TYR D 713 16.57 44.98 -11.99
C TYR D 713 17.68 43.96 -12.24
N GLN D 714 18.87 44.40 -12.67
CA GLN D 714 19.89 43.44 -13.08
C GLN D 714 20.77 42.97 -11.91
N GLU D 715 21.02 43.84 -10.94
CA GLU D 715 21.92 43.48 -9.84
C GLU D 715 21.33 42.35 -9.00
N VAL D 716 20.02 42.42 -8.72
CA VAL D 716 19.37 41.37 -7.96
C VAL D 716 19.50 40.03 -8.68
N ILE D 717 19.32 40.04 -10.00
CA ILE D 717 19.44 38.82 -10.78
C ILE D 717 20.85 38.26 -10.68
N ARG D 718 21.86 39.13 -10.77
CA ARG D 718 23.24 38.68 -10.67
C ARG D 718 23.51 37.98 -9.33
N ASN D 719 23.08 38.61 -8.23
CA ASN D 719 23.31 38.03 -6.91
C ASN D 719 22.59 36.70 -6.76
N LEU D 720 21.32 36.65 -7.17
CA LEU D 720 20.55 35.41 -7.07
C LEU D 720 21.22 34.28 -7.83
N VAL D 721 21.72 34.58 -9.04
CA VAL D 721 22.37 33.54 -9.85
C VAL D 721 23.62 33.03 -9.16
N LYS D 722 24.45 33.94 -8.64
CA LYS D 722 25.65 33.52 -7.91
C LYS D 722 25.31 32.55 -6.79
N ARG D 723 24.38 32.95 -5.92
CA ARG D 723 24.06 32.11 -4.77
C ARG D 723 23.51 30.75 -5.19
N TYR D 724 22.61 30.73 -6.18
CA TYR D 724 22.02 29.47 -6.63
C TYR D 724 23.08 28.53 -7.16
N VAL D 725 23.98 29.04 -8.00
CA VAL D 725 25.02 28.19 -8.59
C VAL D 725 25.90 27.59 -7.50
N ALA D 726 26.33 28.43 -6.54
CA ALA D 726 27.21 27.92 -5.49
C ALA D 726 26.52 26.84 -4.66
N ALA D 727 25.25 27.07 -4.28
CA ALA D 727 24.55 26.07 -3.48
C ALA D 727 24.37 24.76 -4.23
N MET D 728 24.04 24.83 -5.52
CA MET D 728 23.84 23.61 -6.29
C MET D 728 25.13 22.84 -6.48
N ILE D 729 26.26 23.54 -6.61
CA ILE D 729 27.54 22.84 -6.67
C ILE D 729 27.83 22.16 -5.34
N ARG D 730 27.57 22.84 -4.23
CA ARG D 730 27.89 22.26 -2.92
C ARG D 730 27.04 21.03 -2.63
N ASN D 731 25.77 21.03 -3.03
CA ASN D 731 24.89 19.91 -2.67
C ASN D 731 25.36 18.58 -3.26
N SER D 732 26.16 18.60 -4.31
CA SER D 732 26.52 17.35 -4.99
C SER D 732 27.56 16.56 -4.21
N LYS D 733 28.59 17.25 -3.71
CA LYS D 733 29.73 16.58 -3.08
C LYS D 733 29.35 15.78 -1.85
N THR D 734 28.19 16.05 -1.25
CA THR D 734 27.83 15.42 0.02
C THR D 734 26.89 14.23 -0.16
N ASN D 735 26.10 14.19 -1.24
CA ASN D 735 25.07 13.17 -1.38
C ASN D 735 25.32 12.28 -2.59
N GLU D 736 26.55 11.82 -2.77
CA GLU D 736 26.89 10.95 -3.88
C GLU D 736 27.75 9.80 -3.37
N GLY D 737 27.51 8.60 -3.91
CA GLY D 737 28.22 7.41 -3.49
C GLY D 737 29.40 7.09 -4.41
N LEU D 738 30.12 6.03 -4.03
CA LEU D 738 31.29 5.58 -4.77
C LEU D 738 30.93 4.46 -5.72
N THR D 739 31.88 4.10 -6.57
CA THR D 739 31.66 3.08 -7.59
C THR D 739 33.01 2.46 -7.95
N GLU D 740 33.04 1.69 -9.03
CA GLU D 740 34.25 0.94 -9.39
C GLU D 740 35.30 1.79 -10.11
N GLU D 741 34.89 2.87 -10.77
CA GLU D 741 35.84 3.70 -11.48
C GLU D 741 36.91 4.27 -10.54
N ASN D 742 36.56 4.48 -9.28
CA ASN D 742 37.48 5.15 -8.35
C ASN D 742 38.63 4.25 -7.95
N PHE D 743 38.34 2.98 -7.68
CA PHE D 743 39.34 2.02 -7.20
C PHE D 743 40.53 1.90 -8.16
N LYS D 744 40.26 1.90 -9.47
CA LYS D 744 41.30 1.70 -10.46
C LYS D 744 42.33 2.82 -10.46
N GLU D 745 41.88 4.07 -10.32
CA GLU D 745 42.81 5.20 -10.32
C GLU D 745 43.78 5.12 -9.15
N LEU D 746 43.28 4.74 -7.96
CA LEU D 746 44.16 4.59 -6.81
C LEU D 746 45.19 3.50 -7.05
N LYS D 747 44.76 2.36 -7.59
CA LYS D 747 45.71 1.31 -7.91
C LYS D 747 46.78 1.79 -8.86
N GLN D 748 46.40 2.55 -9.90
CA GLN D 748 47.38 3.03 -10.86
C GLN D 748 48.35 4.02 -10.23
N ASP D 749 47.85 4.89 -9.35
CA ASP D 749 48.72 5.82 -8.64
C ASP D 749 49.83 5.09 -7.89
N ILE D 750 49.44 4.11 -7.07
CA ILE D 750 50.44 3.34 -6.33
C ILE D 750 51.40 2.64 -7.29
N SER D 751 50.87 2.11 -8.39
CA SER D 751 51.72 1.38 -9.35
C SER D 751 52.81 2.26 -9.93
N SER D 752 52.44 3.44 -10.44
CA SER D 752 53.43 4.31 -11.08
C SER D 752 54.44 4.84 -10.06
N PHE D 753 53.98 5.19 -8.85
CA PHE D 753 54.91 5.58 -7.79
C PHE D 753 55.96 4.49 -7.57
N ARG D 754 55.51 3.24 -7.41
CA ARG D 754 56.42 2.12 -7.20
C ARG D 754 57.44 2.01 -8.32
N TYR D 755 56.96 2.05 -9.56
CA TYR D 755 57.86 1.83 -10.70
C TYR D 755 58.97 2.88 -10.74
N GLU D 756 58.61 4.16 -10.58
CA GLU D 756 59.64 5.19 -10.69
C GLU D 756 60.62 5.13 -9.52
N VAL D 757 60.14 4.84 -8.30
CA VAL D 757 61.06 4.76 -7.17
C VAL D 757 62.05 3.62 -7.35
N LEU D 758 61.55 2.45 -7.78
CA LEU D 758 62.45 1.33 -8.02
C LEU D 758 63.46 1.66 -9.11
N ASP D 759 63.01 2.31 -10.18
CA ASP D 759 63.92 2.73 -11.24
C ASP D 759 65.07 3.57 -10.68
N LEU D 760 64.74 4.60 -9.90
CA LEU D 760 65.80 5.46 -9.35
C LEU D 760 66.73 4.68 -8.43
N LEU D 761 66.18 3.94 -7.46
CA LEU D 761 67.01 3.33 -6.43
C LEU D 761 67.89 2.21 -6.98
N GLY D 762 67.29 1.31 -7.79
CA GLY D 762 68.03 0.15 -8.23
C GLY D 762 69.21 0.50 -9.12
N ASN D 763 69.02 1.43 -10.05
CA ASN D 763 70.10 1.84 -10.95
C ASN D 763 70.79 3.07 -10.38
ZN ZN E . 8.62 40.13 19.07
CA CA F . -18.09 11.68 37.41
CL23 A1EH7 G . -36.75 19.05 12.50
N01 A1EH7 G . -35.70 10.93 13.30
C02 A1EH7 G . -34.66 10.71 14.11
N03 A1EH7 G . -33.47 11.30 13.95
C04 A1EH7 G . -33.27 12.19 12.93
C05 A1EH7 G . -34.31 12.45 12.05
C06 A1EH7 G . -35.57 11.80 12.27
N07 A1EH7 G . -32.21 12.95 12.51
C08 A1EH7 G . -32.57 13.65 11.42
N09 A1EH7 G . -33.83 13.35 11.14
O10 A1EH7 G . -34.82 9.81 15.18
O11 A1EH7 G . -36.65 12.04 11.40
C12 A1EH7 G . -34.59 13.95 10.02
C13 A1EH7 G . -35.14 15.24 10.64
C14 A1EH7 G . -36.97 10.24 13.52
C15 A1EH7 G . -38.13 11.19 13.90
C16 A1EH7 G . -39.48 10.61 13.47
O17 A1EH7 G . -40.39 11.66 13.29
C18 A1EH7 G . -36.33 15.22 11.33
C19 A1EH7 G . -36.83 16.38 11.91
C20 A1EH7 G . -36.12 17.56 11.77
C21 A1EH7 G . -34.93 17.58 11.09
C22 A1EH7 G . -34.43 16.42 10.53
O24 A1EH7 G . -31.79 14.55 10.65
C25 A1EH7 G . -30.49 14.81 11.12
C26 A1EH7 G . -29.63 13.79 11.52
C27 A1EH7 G . -28.35 14.08 11.97
C28 A1EH7 G . -27.91 15.39 11.99
C29 A1EH7 G . -28.75 16.41 11.57
C30 A1EH7 G . -30.03 16.13 11.13
C31 A1EH7 G . -27.44 11.50 14.27
C32 A1EH7 G . -27.41 12.97 13.80
O33 A1EH7 G . -27.51 13.03 12.40
C34 A1EH7 G . -32.38 11.02 14.89
C35 A1EH7 G . -28.68 10.74 13.80
C36 A1EH7 G . -31.18 10.37 14.17
C37 A1EH7 G . -29.83 10.75 14.82
F38 A1EH7 G . -26.65 15.69 12.43
ZN ZN H . 14.22 -18.05 39.00
CA CA I . -13.93 -38.53 13.56
CL23 A1EH7 J . -33.50 -15.01 22.89
N01 A1EH7 J . -33.26 -15.80 14.70
C02 A1EH7 J . -32.19 -16.54 14.35
N03 A1EH7 J . -30.96 -16.28 14.82
C04 A1EH7 J . -30.74 -15.24 15.68
C05 A1EH7 J . -31.81 -14.45 16.06
C06 A1EH7 J . -33.11 -14.75 15.53
N07 A1EH7 J . -29.64 -14.72 16.33
C08 A1EH7 J . -30.00 -13.67 17.06
N09 A1EH7 J . -31.30 -13.48 16.90
O10 A1EH7 J . -32.37 -17.62 13.48
O11 A1EH7 J . -34.22 -13.96 15.89
C12 A1EH7 J . -32.08 -12.42 17.57
C13 A1EH7 J . -32.44 -13.07 18.92
C14 A1EH7 J . -34.58 -16.11 14.15
C15 A1EH7 J . -35.59 -16.58 15.21
C16 A1EH7 J . -37.03 -16.25 14.77
O17 A1EH7 J . -37.84 -16.12 15.92
C18 A1EH7 J . -33.57 -13.85 19.02
C19 A1EH7 J . -33.90 -14.44 20.23
C20 A1EH7 J . -33.09 -14.25 21.32
C21 A1EH7 J . -31.94 -13.48 21.23
C22 A1EH7 J . -31.62 -12.88 20.01
O24 A1EH7 J . -29.19 -12.84 17.87
C25 A1EH7 J . -27.83 -13.20 17.99
C26 A1EH7 J . -27.07 -13.55 16.89
C27 A1EH7 J . -25.74 -13.90 17.04
C28 A1EH7 J . -25.16 -13.88 18.29
C29 A1EH7 J . -25.92 -13.51 19.40
C30 A1EH7 J . -27.24 -13.17 19.25
C31 A1EH7 J . -24.93 -16.15 14.37
C32 A1EH7 J . -24.79 -15.67 15.83
O33 A1EH7 J . -24.99 -14.28 15.91
C34 A1EH7 J . -29.83 -17.14 14.42
C35 A1EH7 J . -26.28 -15.78 13.75
C36 A1EH7 J . -28.76 -16.34 13.65
C37 A1EH7 J . -27.35 -16.89 13.88
F38 A1EH7 J . -23.85 -14.22 18.46
ZN ZN K . 15.09 -37.98 -19.46
CA CA L . -16.87 -14.86 -36.85
CL23 A1EH7 M . -33.11 -25.40 -11.38
N01 A1EH7 M . -33.55 -17.22 -12.19
C02 A1EH7 M . -32.60 -16.82 -13.03
N03 A1EH7 M . -31.32 -17.19 -12.91
C04 A1EH7 M . -30.92 -18.02 -11.89
C05 A1EH7 M . -31.87 -18.46 -10.99
C06 A1EH7 M . -33.23 -18.04 -11.16
N07 A1EH7 M . -29.73 -18.57 -11.50
C08 A1EH7 M . -29.92 -19.32 -10.41
N09 A1EH7 M . -31.20 -19.26 -10.10
O10 A1EH7 M . -32.95 -15.97 -14.09
O11 A1EH7 M . -34.22 -18.47 -10.26
C12 A1EH7 M . -31.81 -19.98 -8.95
C13 A1EH7 M . -32.14 -21.36 -9.56
C14 A1EH7 M . -34.94 -16.77 -12.36
C15 A1EH7 M . -35.91 -17.92 -12.71
C16 A1EH7 M . -37.33 -17.57 -12.23
O17 A1EH7 M . -38.03 -18.78 -12.02
C18 A1EH7 M . -33.34 -21.54 -10.21
C19 A1EH7 M . -33.64 -22.78 -10.77
C20 A1EH7 M . -32.73 -23.82 -10.67
C21 A1EH7 M . -31.52 -23.61 -10.02
C22 A1EH7 M . -31.22 -22.38 -9.47
O24 A1EH7 M . -28.97 -20.07 -9.67
C25 A1EH7 M . -27.65 -20.09 -10.18
C26 A1EH7 M . -27.01 -18.93 -10.62
C27 A1EH7 M . -25.72 -18.99 -11.10
C28 A1EH7 M . -25.05 -20.20 -11.14
C29 A1EH7 M . -25.68 -21.36 -10.69
C30 A1EH7 M . -26.97 -21.30 -10.21
C31 A1EH7 M . -25.36 -16.30 -13.42
C32 A1EH7 M . -25.05 -17.73 -12.97
O33 A1EH7 M . -25.10 -17.81 -11.56
C34 A1EH7 M . -30.32 -16.71 -13.88
C35 A1EH7 M . -26.70 -15.76 -12.90
C36 A1EH7 M . -29.23 -15.86 -13.20
C37 A1EH7 M . -27.87 -15.98 -13.89
F38 A1EH7 M . -23.77 -20.27 -11.61
ZN ZN N . 9.48 20.20 -39.38
CA CA O . -21.06 35.37 -12.99
CL23 A1EH7 P . -36.38 8.68 -21.76
N01 A1EH7 P . -36.02 9.53 -13.57
C02 A1EH7 P . -35.09 10.45 -13.27
N03 A1EH7 P . -33.85 10.41 -13.77
C04 A1EH7 P . -33.48 9.42 -14.64
C05 A1EH7 P . -34.40 8.45 -14.99
C06 A1EH7 P . -35.71 8.52 -14.42
N07 A1EH7 P . -32.32 9.11 -15.32
C08 A1EH7 P . -32.51 8.01 -16.05
N09 A1EH7 P . -33.75 7.59 -15.85
O10 A1EH7 P . -35.42 11.48 -12.39
O11 A1EH7 P . -36.67 7.55 -14.75
C12 A1EH7 P . -34.35 6.41 -16.50
C13 A1EH7 P . -34.86 6.98 -17.83
C14 A1EH7 P . -37.35 9.60 -12.98
C15 A1EH7 P . -38.47 9.87 -14.01
C16 A1EH7 P . -39.80 9.29 -13.53
O17 A1EH7 P . -40.61 9.01 -14.65
C18 A1EH7 P . -36.12 7.54 -17.89
C19 A1EH7 P . -36.59 8.06 -19.09
C20 A1EH7 P . -35.78 8.02 -20.22
C21 A1EH7 P . -34.52 7.46 -20.14
C22 A1EH7 P . -34.05 6.94 -18.95
O24 A1EH7 P . -31.59 7.34 -16.89
C25 A1EH7 P . -30.33 7.94 -17.05
C26 A1EH7 P . -29.60 8.42 -15.97
C27 A1EH7 P . -28.35 9.01 -16.16
C28 A1EH7 P . -27.83 9.09 -17.44
C29 A1EH7 P . -28.53 8.59 -18.52
C30 A1EH7 P . -29.78 8.01 -18.32
C31 A1EH7 P . -27.89 11.37 -13.52
C32 A1EH7 P . -27.70 10.92 -14.98
O33 A1EH7 P . -27.65 9.52 -15.06
C34 A1EH7 P . -32.89 11.46 -13.41
C35 A1EH7 P . -29.12 10.76 -12.85
C36 A1EH7 P . -31.67 10.87 -12.67
C37 A1EH7 P . -30.38 11.66 -12.94
F38 A1EH7 P . -26.60 9.66 -17.64
#